data_2RLQ
#
_entry.id   2RLQ
#
_entity_poly.entity_id   1
_entity_poly.type   'polypeptide(L)'
_entity_poly.pdbx_seq_one_letter_code
;EAEAAGPCGHPGDTPFGTFTLTGGNVFEYGVKAVYTCNEGYQLLGEINYRECDTDGWTNDIPICEVVKCLPVTAPENGKI
VSSAMEPDREYHFGQAVRFVCNSGYKIEGDEEMHCSDDGFWSKEKPKCV
;
_entity_poly.pdbx_strand_id   A
#
# COMPACT_ATOMS: atom_id res chain seq x y z
N PRO A 7 -19.61 -6.85 -24.17
CA PRO A 7 -19.09 -6.64 -25.54
C PRO A 7 -17.60 -6.22 -25.53
N CYS A 8 -17.18 -5.61 -24.45
CA CYS A 8 -15.81 -5.21 -24.27
C CYS A 8 -15.03 -6.39 -23.72
N GLY A 9 -15.69 -7.12 -22.85
CA GLY A 9 -15.15 -8.32 -22.34
C GLY A 9 -15.07 -8.26 -20.88
N HIS A 10 -13.95 -7.85 -20.45
CA HIS A 10 -13.57 -7.74 -19.07
C HIS A 10 -12.20 -7.15 -19.10
N PRO A 11 -11.97 -6.03 -18.44
CA PRO A 11 -10.68 -5.36 -18.48
C PRO A 11 -9.61 -6.22 -17.80
N GLY A 12 -9.93 -6.64 -16.64
CA GLY A 12 -9.06 -7.40 -15.85
C GLY A 12 -9.39 -7.11 -14.45
N ASP A 13 -8.86 -7.84 -13.56
CA ASP A 13 -9.12 -7.63 -12.18
C ASP A 13 -7.86 -7.72 -11.41
N THR A 14 -7.73 -6.87 -10.47
CA THR A 14 -6.52 -6.74 -9.76
C THR A 14 -6.58 -7.46 -8.40
N PRO A 15 -5.58 -8.32 -8.12
CA PRO A 15 -5.47 -9.01 -6.82
C PRO A 15 -5.13 -8.01 -5.71
N PHE A 16 -4.54 -6.93 -6.14
CA PHE A 16 -4.07 -5.88 -5.27
C PHE A 16 -5.22 -5.06 -4.77
N GLY A 17 -6.26 -4.98 -5.52
CA GLY A 17 -7.35 -4.19 -5.12
C GLY A 17 -8.65 -4.69 -5.63
N THR A 18 -9.39 -3.78 -6.14
CA THR A 18 -10.69 -4.02 -6.71
C THR A 18 -10.88 -3.09 -7.91
N PHE A 19 -11.91 -3.29 -8.66
CA PHE A 19 -12.25 -2.37 -9.70
C PHE A 19 -13.74 -2.23 -9.71
N THR A 20 -14.19 -1.12 -10.17
CA THR A 20 -15.59 -0.86 -10.24
C THR A 20 -15.93 -0.44 -11.67
N LEU A 21 -17.17 -0.53 -12.02
CA LEU A 21 -17.59 -0.20 -13.34
C LEU A 21 -18.54 0.96 -13.29
N THR A 22 -18.15 2.03 -13.91
CA THR A 22 -18.89 3.26 -13.86
C THR A 22 -19.49 3.55 -15.23
N GLY A 23 -20.74 3.92 -15.25
CA GLY A 23 -21.40 4.24 -16.49
C GLY A 23 -22.44 3.22 -16.84
N GLY A 24 -22.05 1.97 -16.84
CA GLY A 24 -22.97 0.92 -17.19
C GLY A 24 -22.96 -0.23 -16.21
N ASN A 25 -22.01 -0.20 -15.26
CA ASN A 25 -21.86 -1.23 -14.20
C ASN A 25 -21.56 -2.63 -14.75
N VAL A 26 -21.13 -2.68 -16.00
CA VAL A 26 -20.85 -3.94 -16.71
C VAL A 26 -19.75 -3.68 -17.69
N PHE A 27 -19.47 -4.61 -18.57
CA PHE A 27 -18.38 -4.43 -19.53
C PHE A 27 -18.94 -4.09 -20.90
N GLU A 28 -19.89 -3.18 -20.89
CA GLU A 28 -20.53 -2.68 -22.10
C GLU A 28 -19.74 -1.53 -22.73
N TYR A 29 -20.18 -1.06 -23.85
CA TYR A 29 -19.52 0.05 -24.49
C TYR A 29 -19.77 1.35 -23.76
N GLY A 30 -18.73 2.09 -23.55
CA GLY A 30 -18.85 3.36 -22.90
C GLY A 30 -18.60 3.30 -21.41
N VAL A 31 -18.47 2.10 -20.86
CA VAL A 31 -18.30 1.95 -19.42
C VAL A 31 -16.83 2.19 -19.05
N LYS A 32 -16.61 2.72 -17.89
CA LYS A 32 -15.29 2.97 -17.41
C LYS A 32 -15.03 2.04 -16.24
N ALA A 33 -14.04 1.22 -16.39
CA ALA A 33 -13.61 0.32 -15.37
C ALA A 33 -12.61 1.04 -14.51
N VAL A 34 -13.07 1.57 -13.45
CA VAL A 34 -12.25 2.36 -12.56
C VAL A 34 -11.73 1.48 -11.44
N TYR A 35 -10.47 1.34 -11.41
CA TYR A 35 -9.79 0.53 -10.45
C TYR A 35 -9.59 1.31 -9.16
N THR A 36 -9.68 0.60 -8.07
CA THR A 36 -9.50 1.17 -6.77
C THR A 36 -8.79 0.14 -5.89
N CYS A 37 -7.73 0.55 -5.29
CA CYS A 37 -6.93 -0.32 -4.48
C CYS A 37 -7.59 -0.64 -3.14
N ASN A 38 -7.10 -1.68 -2.49
CA ASN A 38 -7.67 -2.11 -1.22
C ASN A 38 -6.92 -1.53 -0.09
N GLU A 39 -7.35 -1.88 1.10
CA GLU A 39 -6.72 -1.47 2.32
C GLU A 39 -5.37 -2.13 2.45
N GLY A 40 -4.43 -1.43 2.00
CA GLY A 40 -3.06 -1.84 2.06
C GLY A 40 -2.36 -1.61 0.75
N TYR A 41 -3.08 -1.06 -0.20
CA TYR A 41 -2.56 -0.84 -1.52
C TYR A 41 -2.89 0.55 -1.95
N GLN A 42 -2.17 1.06 -2.90
CA GLN A 42 -2.35 2.40 -3.37
C GLN A 42 -2.15 2.39 -4.84
N LEU A 43 -2.68 3.35 -5.51
CA LEU A 43 -2.55 3.38 -6.92
C LEU A 43 -1.22 3.98 -7.28
N LEU A 44 -0.65 3.52 -8.33
CA LEU A 44 0.57 4.01 -8.81
C LEU A 44 0.33 4.51 -10.22
N GLY A 45 0.60 5.75 -10.41
CA GLY A 45 0.33 6.38 -11.68
C GLY A 45 -0.96 7.19 -11.61
N GLU A 46 -1.26 7.89 -12.67
CA GLU A 46 -2.44 8.75 -12.73
C GLU A 46 -3.64 7.95 -13.19
N ILE A 47 -3.39 7.06 -14.13
CA ILE A 47 -4.43 6.25 -14.73
C ILE A 47 -5.00 5.29 -13.70
N ASN A 48 -6.31 5.34 -13.51
CA ASN A 48 -6.95 4.44 -12.55
C ASN A 48 -8.08 3.71 -13.20
N TYR A 49 -8.35 4.02 -14.43
CA TYR A 49 -9.54 3.51 -15.06
C TYR A 49 -9.23 3.06 -16.48
N ARG A 50 -10.11 2.26 -17.02
CA ARG A 50 -10.08 1.87 -18.41
C ARG A 50 -11.43 2.21 -18.96
N GLU A 51 -11.49 2.76 -20.10
CA GLU A 51 -12.75 3.16 -20.66
C GLU A 51 -13.02 2.36 -21.90
N CYS A 52 -14.17 1.80 -22.00
CA CYS A 52 -14.47 1.01 -23.17
C CYS A 52 -14.99 1.87 -24.27
N ASP A 53 -14.22 1.99 -25.31
CA ASP A 53 -14.64 2.71 -26.48
C ASP A 53 -15.00 1.65 -27.50
N THR A 54 -15.24 2.04 -28.72
CA THR A 54 -15.69 1.14 -29.75
C THR A 54 -14.56 0.20 -30.17
N ASP A 55 -13.35 0.59 -29.83
CA ASP A 55 -12.16 -0.17 -30.12
C ASP A 55 -11.90 -1.18 -29.00
N GLY A 56 -12.66 -1.05 -27.93
CA GLY A 56 -12.49 -1.87 -26.78
C GLY A 56 -12.01 -1.02 -25.64
N TRP A 57 -11.51 -1.64 -24.60
CA TRP A 57 -10.94 -0.91 -23.48
C TRP A 57 -9.74 -0.06 -23.95
N THR A 58 -9.81 1.23 -23.70
CA THR A 58 -8.81 2.20 -24.10
C THR A 58 -7.47 1.94 -23.38
N ASN A 59 -7.45 2.24 -22.11
CA ASN A 59 -6.25 2.06 -21.29
C ASN A 59 -6.12 0.65 -20.84
N ASP A 60 -5.04 0.39 -20.14
CA ASP A 60 -4.72 -0.93 -19.62
C ASP A 60 -4.95 -0.95 -18.14
N ILE A 61 -4.76 -2.10 -17.52
CA ILE A 61 -4.88 -2.22 -16.06
C ILE A 61 -3.85 -1.30 -15.42
N PRO A 62 -4.28 -0.35 -14.60
CA PRO A 62 -3.40 0.58 -13.92
C PRO A 62 -2.54 -0.13 -12.88
N ILE A 63 -1.55 0.54 -12.42
CA ILE A 63 -0.65 -0.03 -11.48
C ILE A 63 -1.16 0.26 -10.09
N CYS A 64 -1.27 -0.76 -9.34
CA CYS A 64 -1.64 -0.64 -7.96
C CYS A 64 -0.51 -1.25 -7.19
N GLU A 65 0.15 -0.47 -6.43
CA GLU A 65 1.27 -0.92 -5.69
C GLU A 65 0.91 -1.08 -4.26
N VAL A 66 1.58 -1.97 -3.61
CA VAL A 66 1.36 -2.19 -2.21
C VAL A 66 1.85 -0.98 -1.43
N VAL A 67 1.08 -0.56 -0.45
CA VAL A 67 1.46 0.55 0.38
C VAL A 67 2.72 0.22 1.14
N LYS A 68 3.70 1.07 1.01
CA LYS A 68 4.95 0.89 1.66
C LYS A 68 5.18 2.05 2.58
N CYS A 69 5.58 1.77 3.74
CA CYS A 69 5.91 2.78 4.66
C CYS A 69 7.42 2.93 4.66
N LEU A 70 7.89 4.15 4.76
CA LEU A 70 9.29 4.44 4.67
C LEU A 70 10.12 3.74 5.71
N PRO A 71 11.27 3.22 5.29
CA PRO A 71 12.20 2.52 6.15
C PRO A 71 12.64 3.40 7.32
N VAL A 72 12.14 3.09 8.49
CA VAL A 72 12.50 3.80 9.69
C VAL A 72 13.96 3.50 10.04
N THR A 73 14.69 4.51 10.49
CA THR A 73 16.08 4.34 10.82
C THR A 73 16.26 3.52 12.09
N ALA A 74 15.92 4.13 13.22
CA ALA A 74 15.96 3.55 14.56
C ALA A 74 15.73 4.68 15.53
N PRO A 75 15.36 4.38 16.79
CA PRO A 75 15.33 5.39 17.83
C PRO A 75 16.77 5.71 18.27
N GLU A 76 16.93 6.73 19.07
CA GLU A 76 18.25 7.23 19.44
C GLU A 76 19.12 6.20 20.18
N ASN A 77 18.57 5.56 21.18
CA ASN A 77 19.33 4.60 21.96
C ASN A 77 18.72 3.23 21.83
N GLY A 78 18.17 2.98 20.67
CA GLY A 78 17.56 1.70 20.42
C GLY A 78 17.76 1.26 19.01
N LYS A 79 17.20 0.14 18.64
CA LYS A 79 17.35 -0.40 17.33
C LYS A 79 16.06 -1.08 16.91
N ILE A 80 16.00 -1.51 15.69
CA ILE A 80 14.84 -2.16 15.14
C ILE A 80 14.89 -3.67 15.38
N VAL A 81 13.76 -4.22 15.74
CA VAL A 81 13.58 -5.64 15.96
C VAL A 81 13.17 -6.31 14.64
N SER A 82 12.33 -5.62 13.89
CA SER A 82 11.80 -6.12 12.62
C SER A 82 12.77 -5.81 11.45
N SER A 83 14.04 -6.06 11.67
CA SER A 83 15.04 -5.78 10.67
C SER A 83 15.03 -6.85 9.56
N ALA A 84 14.68 -8.05 9.91
CA ALA A 84 14.64 -9.14 8.97
C ALA A 84 13.25 -9.75 8.92
N MET A 85 12.94 -10.40 7.79
CA MET A 85 11.63 -11.01 7.49
C MET A 85 11.67 -11.52 6.06
N GLU A 86 12.39 -10.78 5.25
CA GLU A 86 12.62 -11.05 3.86
C GLU A 86 14.01 -10.57 3.55
N PRO A 87 14.65 -11.05 2.47
CA PRO A 87 15.93 -10.51 2.01
C PRO A 87 15.71 -9.24 1.16
N ASP A 88 14.45 -8.99 0.90
CA ASP A 88 13.99 -7.85 0.12
C ASP A 88 13.59 -6.74 1.07
N ARG A 89 12.80 -7.14 2.04
CA ARG A 89 12.27 -6.35 3.12
C ARG A 89 11.90 -4.89 2.87
N GLU A 90 10.79 -4.70 2.20
CA GLU A 90 10.17 -3.42 2.10
C GLU A 90 9.16 -3.40 3.21
N TYR A 91 8.89 -2.29 3.77
CA TYR A 91 7.91 -2.25 4.81
C TYR A 91 6.52 -2.06 4.23
N HIS A 92 5.87 -3.18 3.98
CA HIS A 92 4.53 -3.19 3.41
C HIS A 92 3.50 -3.03 4.52
N PHE A 93 2.28 -2.70 4.11
CA PHE A 93 1.13 -2.63 5.01
C PHE A 93 0.96 -3.93 5.80
N GLY A 94 0.73 -3.79 7.09
CA GLY A 94 0.55 -4.95 7.93
C GLY A 94 1.77 -5.27 8.75
N GLN A 95 2.91 -4.82 8.28
CA GLN A 95 4.16 -5.05 8.95
C GLN A 95 4.29 -4.22 10.19
N ALA A 96 4.71 -4.86 11.23
CA ALA A 96 4.94 -4.25 12.50
C ALA A 96 6.40 -4.12 12.73
N VAL A 97 6.85 -2.92 12.81
CA VAL A 97 8.21 -2.63 13.11
C VAL A 97 8.30 -2.48 14.59
N ARG A 98 8.91 -3.43 15.20
CA ARG A 98 9.10 -3.36 16.60
C ARG A 98 10.50 -2.90 16.87
N PHE A 99 10.71 -2.30 18.01
CA PHE A 99 11.96 -1.69 18.36
C PHE A 99 12.41 -2.20 19.70
N VAL A 100 13.68 -2.09 19.97
CA VAL A 100 14.24 -2.50 21.21
C VAL A 100 15.29 -1.50 21.64
N CYS A 101 15.32 -1.23 22.89
CA CYS A 101 16.26 -0.30 23.44
C CYS A 101 17.51 -1.01 23.85
N ASN A 102 18.62 -0.30 23.80
CA ASN A 102 19.90 -0.89 24.14
C ASN A 102 20.04 -1.01 25.64
N SER A 103 21.16 -1.54 26.06
CA SER A 103 21.44 -1.82 27.44
C SER A 103 21.26 -0.58 28.33
N GLY A 104 20.25 -0.63 29.18
CA GLY A 104 20.01 0.43 30.11
C GLY A 104 18.99 1.43 29.66
N TYR A 105 18.39 1.22 28.50
CA TYR A 105 17.41 2.14 28.04
C TYR A 105 16.06 1.54 28.04
N LYS A 106 15.09 2.37 28.26
CA LYS A 106 13.73 1.90 28.32
C LYS A 106 12.95 2.65 27.27
N ILE A 107 11.99 2.01 26.68
CA ILE A 107 11.25 2.63 25.63
C ILE A 107 10.23 3.64 26.18
N GLU A 108 10.17 4.75 25.53
CA GLU A 108 9.33 5.84 25.95
C GLU A 108 7.91 5.64 25.44
N GLY A 109 7.80 5.34 24.18
CA GLY A 109 6.51 5.08 23.60
C GLY A 109 6.16 3.61 23.65
N ASP A 110 5.64 3.10 22.58
CA ASP A 110 5.29 1.70 22.48
C ASP A 110 6.39 1.04 21.66
N GLU A 111 6.50 -0.26 21.69
CA GLU A 111 7.59 -0.92 21.02
C GLU A 111 7.27 -1.28 19.58
N GLU A 112 6.01 -1.26 19.21
CA GLU A 112 5.63 -1.67 17.87
C GLU A 112 4.95 -0.56 17.08
N MET A 113 5.21 -0.55 15.80
CA MET A 113 4.68 0.40 14.87
C MET A 113 4.24 -0.34 13.62
N HIS A 114 3.02 -0.17 13.26
CA HIS A 114 2.49 -0.82 12.06
C HIS A 114 2.48 0.10 10.87
N CYS A 115 2.50 -0.47 9.70
CA CYS A 115 2.36 0.27 8.47
C CYS A 115 0.91 0.23 8.07
N SER A 116 0.27 1.38 8.02
CA SER A 116 -1.11 1.48 7.65
C SER A 116 -1.27 1.92 6.18
N ASP A 117 -2.51 1.86 5.66
CA ASP A 117 -2.81 2.15 4.23
C ASP A 117 -2.43 3.57 3.84
N ASP A 118 -2.32 4.43 4.83
CA ASP A 118 -1.95 5.82 4.62
C ASP A 118 -0.54 5.96 4.08
N GLY A 119 0.25 4.91 4.21
CA GLY A 119 1.64 4.95 3.77
C GLY A 119 2.46 5.61 4.81
N PHE A 120 1.92 5.61 5.98
CA PHE A 120 2.47 6.26 7.10
C PHE A 120 2.48 5.29 8.25
N TRP A 121 3.38 5.47 9.15
CA TRP A 121 3.53 4.61 10.27
C TRP A 121 2.46 4.89 11.31
N SER A 122 1.83 3.82 11.78
CA SER A 122 0.76 3.89 12.74
C SER A 122 1.24 4.33 14.12
N LYS A 123 2.42 3.88 14.55
CA LYS A 123 2.88 4.32 15.84
C LYS A 123 3.95 5.36 15.57
N GLU A 124 4.17 6.20 16.51
CA GLU A 124 5.19 7.21 16.40
C GLU A 124 6.51 6.52 16.70
N LYS A 125 7.61 7.09 16.24
CA LYS A 125 8.90 6.52 16.59
C LYS A 125 9.12 6.72 18.07
N PRO A 126 9.21 5.64 18.82
CA PRO A 126 9.40 5.72 20.25
C PRO A 126 10.83 6.06 20.59
N LYS A 127 11.05 6.51 21.78
CA LYS A 127 12.37 6.84 22.20
C LYS A 127 12.89 5.77 23.12
N CYS A 128 14.16 5.75 23.28
CA CYS A 128 14.81 4.91 24.23
C CYS A 128 15.60 5.82 25.11
N VAL A 129 15.14 5.95 26.31
CA VAL A 129 15.66 6.88 27.27
C VAL A 129 16.12 6.11 28.48
N PRO A 7 -20.16 -6.43 -24.28
CA PRO A 7 -19.66 -6.18 -25.64
C PRO A 7 -18.16 -5.87 -25.67
N CYS A 8 -17.69 -5.21 -24.63
CA CYS A 8 -16.30 -4.83 -24.50
C CYS A 8 -15.41 -6.04 -24.21
N GLY A 9 -15.84 -6.91 -23.31
CA GLY A 9 -15.04 -8.05 -23.00
C GLY A 9 -14.27 -7.74 -21.78
N HIS A 10 -14.59 -8.44 -20.74
CA HIS A 10 -14.09 -8.26 -19.35
C HIS A 10 -12.61 -7.81 -19.33
N PRO A 11 -12.35 -6.62 -18.74
CA PRO A 11 -11.01 -5.98 -18.78
C PRO A 11 -9.92 -6.82 -18.12
N GLY A 12 -10.24 -7.38 -17.01
CA GLY A 12 -9.31 -8.18 -16.28
C GLY A 12 -9.48 -7.87 -14.82
N ASP A 13 -8.64 -8.43 -14.01
CA ASP A 13 -8.73 -8.24 -12.57
C ASP A 13 -7.36 -7.93 -12.01
N THR A 14 -7.32 -7.29 -10.87
CA THR A 14 -6.08 -6.95 -10.22
C THR A 14 -5.97 -7.70 -8.89
N PRO A 15 -4.86 -8.43 -8.68
CA PRO A 15 -4.65 -9.21 -7.43
C PRO A 15 -4.50 -8.31 -6.20
N PHE A 16 -4.19 -7.06 -6.45
CA PHE A 16 -3.91 -6.11 -5.38
C PHE A 16 -5.17 -5.44 -4.91
N GLY A 17 -6.21 -5.55 -5.65
CA GLY A 17 -7.40 -4.90 -5.26
C GLY A 17 -8.60 -5.40 -5.97
N THR A 18 -9.36 -4.48 -6.43
CA THR A 18 -10.63 -4.76 -7.09
C THR A 18 -10.84 -3.76 -8.22
N PHE A 19 -11.92 -3.88 -8.92
CA PHE A 19 -12.27 -2.89 -9.89
C PHE A 19 -13.76 -2.67 -9.85
N THR A 20 -14.18 -1.55 -10.32
CA THR A 20 -15.55 -1.17 -10.35
C THR A 20 -15.86 -0.74 -11.78
N LEU A 21 -17.08 -0.68 -12.11
CA LEU A 21 -17.51 -0.29 -13.41
C LEU A 21 -18.35 0.95 -13.32
N THR A 22 -17.88 1.99 -13.90
CA THR A 22 -18.49 3.28 -13.75
C THR A 22 -19.16 3.69 -15.04
N GLY A 23 -20.41 4.05 -14.95
CA GLY A 23 -21.13 4.47 -16.12
C GLY A 23 -22.25 3.53 -16.47
N GLY A 24 -22.00 2.24 -16.28
CA GLY A 24 -23.01 1.26 -16.62
C GLY A 24 -23.04 0.07 -15.69
N ASN A 25 -22.06 -0.01 -14.77
CA ASN A 25 -21.94 -1.13 -13.78
C ASN A 25 -21.76 -2.50 -14.43
N VAL A 26 -21.42 -2.50 -15.72
CA VAL A 26 -21.29 -3.73 -16.52
C VAL A 26 -20.18 -3.50 -17.53
N PHE A 27 -20.03 -4.38 -18.49
CA PHE A 27 -18.96 -4.26 -19.46
C PHE A 27 -19.51 -3.81 -20.81
N GLU A 28 -20.47 -2.89 -20.76
CA GLU A 28 -21.10 -2.32 -21.95
C GLU A 28 -20.26 -1.21 -22.54
N TYR A 29 -20.67 -0.67 -23.64
CA TYR A 29 -19.94 0.43 -24.24
C TYR A 29 -20.15 1.70 -23.45
N GLY A 30 -19.05 2.39 -23.19
CA GLY A 30 -19.12 3.63 -22.49
C GLY A 30 -18.92 3.48 -21.01
N VAL A 31 -18.61 2.29 -20.56
CA VAL A 31 -18.36 2.08 -19.15
C VAL A 31 -16.87 2.17 -18.90
N LYS A 32 -16.52 2.66 -17.75
CA LYS A 32 -15.14 2.77 -17.37
C LYS A 32 -14.86 1.78 -16.26
N ALA A 33 -13.96 0.87 -16.51
CA ALA A 33 -13.56 -0.09 -15.54
C ALA A 33 -12.52 0.54 -14.67
N VAL A 34 -12.94 1.12 -13.60
CA VAL A 34 -12.05 1.78 -12.70
C VAL A 34 -11.53 0.80 -11.66
N TYR A 35 -10.29 0.61 -11.69
CA TYR A 35 -9.62 -0.26 -10.79
C TYR A 35 -9.31 0.49 -9.54
N THR A 36 -9.48 -0.17 -8.44
CA THR A 36 -9.26 0.43 -7.18
C THR A 36 -8.55 -0.57 -6.27
N CYS A 37 -7.44 -0.15 -5.76
CA CYS A 37 -6.64 -0.97 -4.91
C CYS A 37 -7.27 -1.16 -3.54
N ASN A 38 -6.81 -2.17 -2.85
CA ASN A 38 -7.29 -2.46 -1.53
C ASN A 38 -6.53 -1.67 -0.48
N GLU A 39 -6.88 -1.95 0.75
CA GLU A 39 -6.36 -1.32 1.96
C GLU A 39 -4.83 -1.20 1.99
N GLY A 40 -4.13 -2.27 1.74
CA GLY A 40 -2.69 -2.23 1.81
C GLY A 40 -2.05 -1.89 0.48
N TYR A 41 -2.76 -1.16 -0.35
CA TYR A 41 -2.30 -0.89 -1.71
C TYR A 41 -2.82 0.47 -2.15
N GLN A 42 -2.31 0.98 -3.24
CA GLN A 42 -2.73 2.23 -3.79
C GLN A 42 -2.46 2.20 -5.27
N LEU A 43 -3.15 3.00 -6.02
CA LEU A 43 -3.01 2.94 -7.45
C LEU A 43 -1.85 3.84 -7.84
N LEU A 44 -0.95 3.30 -8.61
CA LEU A 44 0.24 3.99 -8.98
C LEU A 44 0.06 4.49 -10.40
N GLY A 45 0.34 5.75 -10.61
CA GLY A 45 0.21 6.30 -11.93
C GLY A 45 -0.94 7.25 -12.04
N GLU A 46 -1.39 7.49 -13.25
CA GLU A 46 -2.47 8.40 -13.51
C GLU A 46 -3.72 7.62 -13.85
N ILE A 47 -3.52 6.60 -14.64
CA ILE A 47 -4.58 5.78 -15.14
C ILE A 47 -4.93 4.73 -14.14
N ASN A 48 -6.17 4.70 -13.73
CA ASN A 48 -6.67 3.69 -12.81
C ASN A 48 -7.90 3.06 -13.40
N TYR A 49 -8.21 3.40 -14.61
CA TYR A 49 -9.45 2.99 -15.19
C TYR A 49 -9.19 2.46 -16.59
N ARG A 50 -10.17 1.83 -17.16
CA ARG A 50 -10.15 1.46 -18.55
C ARG A 50 -11.45 1.91 -19.13
N GLU A 51 -11.41 2.75 -20.11
CA GLU A 51 -12.65 3.24 -20.71
C GLU A 51 -13.02 2.38 -21.89
N CYS A 52 -14.23 1.87 -21.91
CA CYS A 52 -14.67 1.14 -23.05
C CYS A 52 -15.20 2.11 -24.08
N ASP A 53 -14.46 2.28 -25.11
CA ASP A 53 -14.84 3.13 -26.22
C ASP A 53 -15.33 2.19 -27.30
N THR A 54 -15.57 2.70 -28.47
CA THR A 54 -16.08 1.91 -29.58
C THR A 54 -15.04 0.84 -30.01
N ASP A 55 -13.81 1.02 -29.54
CA ASP A 55 -12.71 0.13 -29.85
C ASP A 55 -12.50 -0.88 -28.71
N GLY A 56 -13.29 -0.75 -27.68
CA GLY A 56 -13.15 -1.62 -26.53
C GLY A 56 -12.48 -0.90 -25.39
N TRP A 57 -11.91 -1.66 -24.47
CA TRP A 57 -11.18 -1.07 -23.34
C TRP A 57 -9.91 -0.43 -23.86
N THR A 58 -9.90 0.88 -23.84
CA THR A 58 -8.81 1.67 -24.37
C THR A 58 -7.52 1.53 -23.56
N ASN A 59 -7.63 1.85 -22.30
CA ASN A 59 -6.52 1.81 -21.36
C ASN A 59 -6.15 0.38 -21.06
N ASP A 60 -5.04 0.20 -20.37
CA ASP A 60 -4.61 -1.13 -19.95
C ASP A 60 -4.97 -1.31 -18.51
N ILE A 61 -4.71 -2.48 -17.95
CA ILE A 61 -4.91 -2.71 -16.53
C ILE A 61 -3.89 -1.84 -15.80
N PRO A 62 -4.37 -0.92 -14.97
CA PRO A 62 -3.51 0.01 -14.24
C PRO A 62 -2.61 -0.70 -13.25
N ILE A 63 -1.61 0.01 -12.80
CA ILE A 63 -0.63 -0.55 -11.94
C ILE A 63 -0.97 -0.22 -10.51
N CYS A 64 -1.07 -1.22 -9.74
CA CYS A 64 -1.34 -1.06 -8.36
C CYS A 64 -0.07 -1.32 -7.61
N GLU A 65 0.20 -0.49 -6.66
CA GLU A 65 1.41 -0.62 -5.93
C GLU A 65 1.08 -0.71 -4.47
N VAL A 66 1.80 -1.51 -3.78
CA VAL A 66 1.60 -1.72 -2.37
C VAL A 66 2.00 -0.44 -1.61
N VAL A 67 1.22 -0.07 -0.61
CA VAL A 67 1.54 1.11 0.17
C VAL A 67 2.83 0.90 0.94
N LYS A 68 3.73 1.85 0.81
CA LYS A 68 5.02 1.78 1.45
C LYS A 68 5.13 2.87 2.48
N CYS A 69 6.12 2.80 3.33
CA CYS A 69 6.22 3.75 4.40
C CYS A 69 7.61 4.37 4.48
N LEU A 70 7.84 5.16 5.49
CA LEU A 70 9.13 5.77 5.71
C LEU A 70 10.11 4.78 6.30
N PRO A 71 11.32 4.78 5.81
CA PRO A 71 12.37 3.95 6.34
C PRO A 71 12.80 4.48 7.70
N VAL A 72 12.52 3.73 8.73
CA VAL A 72 12.86 4.13 10.06
C VAL A 72 14.32 3.78 10.30
N THR A 73 15.04 4.68 10.91
CA THR A 73 16.42 4.46 11.22
C THR A 73 16.59 3.55 12.43
N ALA A 74 16.31 4.11 13.61
CA ALA A 74 16.40 3.45 14.92
C ALA A 74 16.28 4.55 15.98
N PRO A 75 15.93 4.22 17.24
CA PRO A 75 15.99 5.17 18.33
C PRO A 75 17.46 5.35 18.79
N GLU A 76 17.69 6.33 19.63
CA GLU A 76 19.01 6.68 20.10
C GLU A 76 19.69 5.56 20.90
N ASN A 77 19.01 5.06 21.91
CA ASN A 77 19.57 4.01 22.76
C ASN A 77 18.89 2.71 22.45
N GLY A 78 18.54 2.53 21.21
CA GLY A 78 17.93 1.31 20.81
C GLY A 78 18.21 0.99 19.37
N LYS A 79 17.48 0.04 18.87
CA LYS A 79 17.60 -0.42 17.50
C LYS A 79 16.25 -1.02 17.10
N ILE A 80 16.11 -1.44 15.88
CA ILE A 80 14.87 -2.01 15.40
C ILE A 80 14.96 -3.56 15.44
N VAL A 81 13.85 -4.24 15.73
CA VAL A 81 13.84 -5.71 15.73
C VAL A 81 13.47 -6.18 14.30
N SER A 82 12.66 -5.37 13.65
CA SER A 82 12.10 -5.64 12.34
C SER A 82 12.98 -5.04 11.23
N SER A 83 14.28 -5.21 11.32
CA SER A 83 15.22 -4.63 10.38
C SER A 83 15.35 -5.46 9.09
N ALA A 84 14.55 -6.51 8.98
CA ALA A 84 14.57 -7.36 7.82
C ALA A 84 13.16 -7.67 7.37
N MET A 85 12.95 -7.56 6.08
CA MET A 85 11.70 -7.83 5.37
C MET A 85 11.99 -7.64 3.91
N GLU A 86 12.73 -6.58 3.65
CA GLU A 86 13.38 -6.34 2.38
C GLU A 86 14.76 -5.87 2.75
N PRO A 87 15.80 -6.15 1.95
CA PRO A 87 17.15 -5.62 2.23
C PRO A 87 17.21 -4.10 2.00
N ASP A 88 16.13 -3.58 1.47
CA ASP A 88 15.97 -2.19 1.16
C ASP A 88 15.11 -1.57 2.18
N ARG A 89 14.38 -2.45 2.88
CA ARG A 89 13.39 -2.10 3.85
C ARG A 89 12.58 -0.84 3.52
N GLU A 90 11.69 -1.03 2.60
CA GLU A 90 10.83 0.03 2.10
C GLU A 90 9.57 0.08 2.88
N TYR A 91 9.26 -1.04 3.47
CA TYR A 91 8.11 -1.26 4.34
C TYR A 91 6.80 -1.29 3.57
N HIS A 92 5.83 -2.01 4.09
CA HIS A 92 4.55 -2.18 3.44
C HIS A 92 3.46 -2.15 4.49
N PHE A 93 2.22 -1.94 4.09
CA PHE A 93 1.06 -2.00 5.01
C PHE A 93 1.08 -3.24 5.88
N GLY A 94 0.73 -3.07 7.13
CA GLY A 94 0.63 -4.17 8.01
C GLY A 94 1.92 -4.53 8.70
N GLN A 95 3.06 -4.03 8.19
CA GLN A 95 4.33 -4.38 8.79
C GLN A 95 4.43 -3.85 10.19
N ALA A 96 4.91 -4.69 11.04
CA ALA A 96 5.08 -4.37 12.42
C ALA A 96 6.53 -4.14 12.67
N VAL A 97 6.86 -2.94 13.00
CA VAL A 97 8.21 -2.58 13.27
C VAL A 97 8.36 -2.40 14.75
N ARG A 98 8.93 -3.38 15.37
CA ARG A 98 9.16 -3.36 16.77
C ARG A 98 10.56 -2.90 17.05
N PHE A 99 10.74 -2.22 18.15
CA PHE A 99 12.01 -1.66 18.50
C PHE A 99 12.51 -2.28 19.77
N VAL A 100 13.78 -2.23 19.94
CA VAL A 100 14.41 -2.74 21.12
C VAL A 100 15.28 -1.69 21.69
N CYS A 101 15.20 -1.53 22.94
CA CYS A 101 16.05 -0.68 23.63
C CYS A 101 17.21 -1.47 24.12
N ASN A 102 18.36 -0.91 24.02
CA ASN A 102 19.58 -1.50 24.52
C ASN A 102 19.44 -1.84 25.98
N SER A 103 20.25 -2.76 26.41
CA SER A 103 20.22 -3.30 27.75
C SER A 103 20.25 -2.20 28.82
N GLY A 104 19.15 -2.03 29.51
CA GLY A 104 19.10 -1.07 30.56
C GLY A 104 18.29 0.15 30.19
N TYR A 105 17.72 0.18 29.00
CA TYR A 105 16.88 1.29 28.63
C TYR A 105 15.46 0.82 28.48
N LYS A 106 14.54 1.75 28.56
CA LYS A 106 13.15 1.40 28.42
C LYS A 106 12.63 2.18 27.26
N ILE A 107 11.63 1.68 26.64
CA ILE A 107 11.05 2.40 25.58
C ILE A 107 10.04 3.39 26.13
N GLU A 108 10.16 4.60 25.69
CA GLU A 108 9.35 5.70 26.16
C GLU A 108 8.02 5.70 25.46
N GLY A 109 8.08 5.58 24.15
CA GLY A 109 6.89 5.50 23.36
C GLY A 109 6.38 4.06 23.31
N ASP A 110 5.71 3.71 22.25
CA ASP A 110 5.27 2.33 22.08
C ASP A 110 6.42 1.49 21.58
N GLU A 111 6.30 0.19 21.67
CA GLU A 111 7.44 -0.66 21.35
C GLU A 111 7.46 -1.01 19.89
N GLU A 112 6.46 -0.57 19.18
CA GLU A 112 6.30 -0.89 17.80
C GLU A 112 5.43 0.11 17.09
N MET A 113 5.53 0.10 15.80
CA MET A 113 4.73 0.92 14.92
C MET A 113 4.29 0.06 13.75
N HIS A 114 3.19 0.40 13.15
CA HIS A 114 2.65 -0.33 12.02
C HIS A 114 2.42 0.58 10.86
N CYS A 115 2.50 0.04 9.68
CA CYS A 115 2.11 0.78 8.50
C CYS A 115 0.62 0.82 8.43
N SER A 116 0.08 1.99 8.60
CA SER A 116 -1.32 2.21 8.64
C SER A 116 -1.86 2.32 7.20
N ASP A 117 -3.20 2.35 7.09
CA ASP A 117 -3.96 2.42 5.81
C ASP A 117 -3.47 3.54 4.91
N ASP A 118 -3.07 4.61 5.53
CA ASP A 118 -2.60 5.83 4.85
C ASP A 118 -1.25 5.65 4.14
N GLY A 119 -0.53 4.57 4.45
CA GLY A 119 0.80 4.40 3.91
C GLY A 119 1.82 5.15 4.75
N PHE A 120 1.53 5.29 6.02
CA PHE A 120 2.38 5.97 6.96
C PHE A 120 2.42 5.19 8.26
N TRP A 121 3.28 5.60 9.17
CA TRP A 121 3.41 4.92 10.43
C TRP A 121 2.32 5.34 11.40
N SER A 122 1.76 4.37 12.07
CA SER A 122 0.70 4.58 13.04
C SER A 122 1.25 5.21 14.32
N LYS A 123 2.54 5.03 14.55
CA LYS A 123 3.17 5.55 15.73
C LYS A 123 4.32 6.46 15.38
N GLU A 124 4.75 7.18 16.37
CA GLU A 124 5.84 8.10 16.26
C GLU A 124 7.07 7.31 16.58
N LYS A 125 8.24 7.84 16.27
CA LYS A 125 9.45 7.16 16.66
C LYS A 125 9.59 7.18 18.16
N PRO A 126 9.71 6.00 18.77
CA PRO A 126 9.87 5.90 20.20
C PRO A 126 11.29 6.21 20.61
N LYS A 127 11.46 6.47 21.86
CA LYS A 127 12.73 6.83 22.39
C LYS A 127 13.09 5.80 23.44
N CYS A 128 14.36 5.59 23.64
CA CYS A 128 14.84 4.68 24.67
C CYS A 128 15.57 5.49 25.69
N VAL A 129 15.03 5.50 26.87
CA VAL A 129 15.53 6.29 27.96
C VAL A 129 15.80 5.39 29.14
N PRO A 7 -19.47 -6.85 -24.66
CA PRO A 7 -18.99 -6.56 -26.01
C PRO A 7 -17.54 -6.04 -25.96
N CYS A 8 -17.17 -5.49 -24.83
CA CYS A 8 -15.83 -5.02 -24.61
C CYS A 8 -15.01 -6.17 -24.09
N GLY A 9 -15.65 -6.98 -23.28
CA GLY A 9 -15.07 -8.18 -22.83
C GLY A 9 -14.98 -8.19 -21.38
N HIS A 10 -13.87 -7.74 -20.94
CA HIS A 10 -13.51 -7.71 -19.55
C HIS A 10 -12.15 -6.99 -19.52
N PRO A 11 -12.00 -5.96 -18.70
CA PRO A 11 -10.78 -5.15 -18.67
C PRO A 11 -9.58 -5.83 -18.01
N GLY A 12 -9.85 -6.86 -17.26
CA GLY A 12 -8.82 -7.52 -16.54
C GLY A 12 -9.24 -7.69 -15.13
N ASP A 13 -8.37 -8.17 -14.30
CA ASP A 13 -8.64 -8.42 -12.90
C ASP A 13 -7.34 -8.16 -12.15
N THR A 14 -7.41 -7.63 -10.96
CA THR A 14 -6.22 -7.32 -10.22
C THR A 14 -6.23 -8.03 -8.85
N PRO A 15 -5.14 -8.74 -8.51
CA PRO A 15 -5.00 -9.42 -7.22
C PRO A 15 -4.77 -8.43 -6.07
N PHE A 16 -4.48 -7.19 -6.44
CA PHE A 16 -4.15 -6.14 -5.48
C PHE A 16 -5.37 -5.33 -5.13
N GLY A 17 -6.52 -5.83 -5.49
CA GLY A 17 -7.74 -5.15 -5.19
C GLY A 17 -8.84 -5.64 -6.05
N THR A 18 -9.44 -4.73 -6.77
CA THR A 18 -10.57 -5.02 -7.62
C THR A 18 -10.89 -3.77 -8.46
N PHE A 19 -12.02 -3.77 -9.11
CA PHE A 19 -12.45 -2.67 -9.89
C PHE A 19 -13.95 -2.59 -9.84
N THR A 20 -14.50 -1.54 -10.33
CA THR A 20 -15.92 -1.39 -10.43
C THR A 20 -16.20 -0.76 -11.77
N LEU A 21 -17.37 -0.94 -12.26
CA LEU A 21 -17.71 -0.46 -13.55
C LEU A 21 -18.64 0.74 -13.42
N THR A 22 -18.33 1.75 -14.16
CA THR A 22 -19.06 2.98 -14.10
C THR A 22 -19.64 3.31 -15.47
N GLY A 23 -20.93 3.33 -15.56
CA GLY A 23 -21.59 3.62 -16.80
C GLY A 23 -22.67 2.61 -17.07
N GLY A 24 -22.29 1.37 -17.14
CA GLY A 24 -23.25 0.34 -17.40
C GLY A 24 -23.20 -0.76 -16.38
N ASN A 25 -22.23 -0.67 -15.46
CA ASN A 25 -21.98 -1.69 -14.40
C ASN A 25 -21.59 -3.05 -14.97
N VAL A 26 -21.28 -3.06 -16.25
CA VAL A 26 -20.95 -4.27 -17.00
C VAL A 26 -19.89 -3.90 -17.99
N PHE A 27 -19.55 -4.79 -18.90
CA PHE A 27 -18.47 -4.53 -19.83
C PHE A 27 -19.04 -4.12 -21.18
N GLU A 28 -20.04 -3.24 -21.12
CA GLU A 28 -20.71 -2.69 -22.30
C GLU A 28 -19.96 -1.46 -22.86
N TYR A 29 -20.47 -0.90 -23.91
CA TYR A 29 -19.86 0.27 -24.49
C TYR A 29 -20.19 1.51 -23.72
N GLY A 30 -19.18 2.28 -23.43
CA GLY A 30 -19.34 3.51 -22.72
C GLY A 30 -18.96 3.38 -21.26
N VAL A 31 -18.71 2.15 -20.82
CA VAL A 31 -18.46 1.92 -19.42
C VAL A 31 -16.98 2.13 -19.10
N LYS A 32 -16.73 2.65 -17.94
CA LYS A 32 -15.41 2.89 -17.47
C LYS A 32 -15.13 1.92 -16.34
N ALA A 33 -14.14 1.10 -16.53
CA ALA A 33 -13.70 0.16 -15.55
C ALA A 33 -12.73 0.85 -14.63
N VAL A 34 -13.23 1.34 -13.53
CA VAL A 34 -12.46 2.05 -12.59
C VAL A 34 -11.90 1.07 -11.58
N TYR A 35 -10.61 0.97 -11.57
CA TYR A 35 -9.92 0.10 -10.69
C TYR A 35 -9.69 0.76 -9.35
N THR A 36 -9.88 0.00 -8.32
CA THR A 36 -9.71 0.46 -6.99
C THR A 36 -8.89 -0.57 -6.20
N CYS A 37 -7.74 -0.16 -5.76
CA CYS A 37 -6.82 -1.04 -5.10
C CYS A 37 -7.31 -1.39 -3.71
N ASN A 38 -6.80 -2.47 -3.16
CA ASN A 38 -7.20 -2.96 -1.86
C ASN A 38 -6.75 -2.02 -0.75
N GLU A 39 -7.07 -2.38 0.46
CA GLU A 39 -6.77 -1.59 1.65
C GLU A 39 -5.26 -1.36 1.80
N GLY A 40 -4.50 -2.42 1.73
CA GLY A 40 -3.07 -2.32 1.86
C GLY A 40 -2.36 -2.03 0.54
N TYR A 41 -3.04 -1.34 -0.33
CA TYR A 41 -2.54 -1.04 -1.65
C TYR A 41 -3.03 0.32 -2.01
N GLN A 42 -2.42 0.90 -2.96
CA GLN A 42 -2.76 2.21 -3.42
C GLN A 42 -2.60 2.19 -4.89
N LEU A 43 -2.98 3.23 -5.53
CA LEU A 43 -2.82 3.26 -6.93
C LEU A 43 -1.49 3.91 -7.26
N LEU A 44 -0.91 3.52 -8.34
CA LEU A 44 0.32 4.07 -8.77
C LEU A 44 0.19 4.42 -10.25
N GLY A 45 0.56 5.60 -10.60
CA GLY A 45 0.50 6.01 -11.98
C GLY A 45 -0.47 7.16 -12.16
N GLU A 46 -1.02 7.26 -13.33
CA GLU A 46 -1.94 8.33 -13.67
C GLU A 46 -3.33 7.76 -13.90
N ILE A 47 -3.36 6.64 -14.57
CA ILE A 47 -4.59 6.03 -14.99
C ILE A 47 -5.14 5.16 -13.87
N ASN A 48 -6.45 5.10 -13.72
CA ASN A 48 -7.07 4.21 -12.75
C ASN A 48 -8.25 3.50 -13.37
N TYR A 49 -8.46 3.69 -14.62
CA TYR A 49 -9.65 3.17 -15.23
C TYR A 49 -9.37 2.76 -16.65
N ARG A 50 -10.27 2.03 -17.21
CA ARG A 50 -10.25 1.69 -18.60
C ARG A 50 -11.58 2.04 -19.14
N GLU A 51 -11.66 2.83 -20.16
CA GLU A 51 -12.96 3.14 -20.67
C GLU A 51 -13.23 2.37 -21.93
N CYS A 52 -14.40 1.83 -22.06
CA CYS A 52 -14.75 1.17 -23.27
C CYS A 52 -15.31 2.17 -24.25
N ASP A 53 -14.54 2.50 -25.24
CA ASP A 53 -14.96 3.37 -26.32
C ASP A 53 -15.25 2.45 -27.46
N THR A 54 -15.41 2.94 -28.65
CA THR A 54 -15.80 2.13 -29.78
C THR A 54 -14.76 1.01 -30.10
N ASP A 55 -13.49 1.25 -29.80
CA ASP A 55 -12.43 0.23 -30.00
C ASP A 55 -12.45 -0.80 -28.87
N GLY A 56 -13.11 -0.46 -27.81
CA GLY A 56 -13.11 -1.29 -26.66
C GLY A 56 -12.45 -0.58 -25.54
N TRP A 57 -11.79 -1.30 -24.66
CA TRP A 57 -11.11 -0.71 -23.55
C TRP A 57 -9.91 0.11 -24.06
N THR A 58 -10.03 1.41 -23.95
CA THR A 58 -9.06 2.36 -24.43
C THR A 58 -7.74 2.25 -23.69
N ASN A 59 -7.78 2.64 -22.46
CA ASN A 59 -6.67 2.64 -21.56
C ASN A 59 -6.40 1.23 -21.12
N ASP A 60 -5.28 1.03 -20.49
CA ASP A 60 -4.91 -0.28 -19.98
C ASP A 60 -5.09 -0.34 -18.49
N ILE A 61 -4.82 -1.49 -17.93
CA ILE A 61 -4.97 -1.74 -16.50
C ILE A 61 -3.98 -0.85 -15.72
N PRO A 62 -4.48 -0.07 -14.75
CA PRO A 62 -3.64 0.78 -13.92
C PRO A 62 -2.78 -0.02 -12.96
N ILE A 63 -1.86 0.65 -12.32
CA ILE A 63 -0.96 0.01 -11.41
C ILE A 63 -1.47 0.16 -10.00
N CYS A 64 -1.57 -0.90 -9.32
CA CYS A 64 -1.83 -0.84 -7.90
C CYS A 64 -0.54 -1.24 -7.24
N GLU A 65 -0.06 -0.40 -6.41
CA GLU A 65 1.16 -0.66 -5.72
C GLU A 65 0.82 -0.87 -4.26
N VAL A 66 1.60 -1.63 -3.59
CA VAL A 66 1.39 -1.88 -2.20
C VAL A 66 1.73 -0.61 -1.43
N VAL A 67 0.98 -0.31 -0.40
CA VAL A 67 1.28 0.84 0.40
C VAL A 67 2.59 0.60 1.16
N LYS A 68 3.59 1.38 0.81
CA LYS A 68 4.90 1.25 1.38
C LYS A 68 5.13 2.37 2.35
N CYS A 69 5.64 2.06 3.49
CA CYS A 69 5.94 3.05 4.49
C CYS A 69 7.39 3.41 4.40
N LEU A 70 7.71 4.64 4.75
CA LEU A 70 9.06 5.10 4.77
C LEU A 70 9.95 4.29 5.69
N PRO A 71 11.21 4.11 5.26
CA PRO A 71 12.21 3.37 6.02
C PRO A 71 12.42 3.98 7.40
N VAL A 72 12.06 3.22 8.41
CA VAL A 72 12.21 3.67 9.75
C VAL A 72 13.58 3.30 10.27
N THR A 73 14.18 4.21 10.95
CA THR A 73 15.44 4.01 11.56
C THR A 73 15.23 3.56 13.02
N ALA A 74 16.21 3.73 13.85
CA ALA A 74 16.19 3.25 15.18
C ALA A 74 16.39 4.43 16.07
N PRO A 75 16.03 4.36 17.35
CA PRO A 75 16.28 5.45 18.26
C PRO A 75 17.79 5.57 18.57
N GLU A 76 18.16 6.39 19.52
CA GLU A 76 19.56 6.69 19.78
C GLU A 76 20.28 5.58 20.56
N ASN A 77 19.65 5.10 21.63
CA ASN A 77 20.27 4.04 22.46
C ASN A 77 19.53 2.75 22.30
N GLY A 78 18.70 2.71 21.29
CA GLY A 78 17.93 1.54 21.03
C GLY A 78 18.09 1.09 19.61
N LYS A 79 17.36 0.09 19.25
CA LYS A 79 17.46 -0.53 17.95
C LYS A 79 16.11 -1.14 17.58
N ILE A 80 16.00 -1.77 16.44
CA ILE A 80 14.74 -2.32 15.98
C ILE A 80 14.68 -3.85 16.16
N VAL A 81 13.56 -4.37 16.67
CA VAL A 81 13.39 -5.81 16.85
C VAL A 81 13.03 -6.43 15.49
N SER A 82 12.33 -5.65 14.69
CA SER A 82 11.81 -6.04 13.40
C SER A 82 12.78 -5.59 12.29
N SER A 83 14.07 -5.77 12.51
CA SER A 83 15.08 -5.31 11.58
C SER A 83 15.15 -6.21 10.34
N ALA A 84 14.35 -5.90 9.35
CA ALA A 84 14.38 -6.59 8.09
C ALA A 84 13.78 -5.73 7.01
N MET A 85 14.50 -4.75 6.65
CA MET A 85 14.16 -3.94 5.54
C MET A 85 14.98 -4.48 4.40
N GLU A 86 14.34 -5.08 3.47
CA GLU A 86 15.01 -5.73 2.38
C GLU A 86 14.49 -5.16 1.07
N PRO A 87 15.23 -5.34 -0.05
CA PRO A 87 14.82 -4.82 -1.38
C PRO A 87 13.67 -5.61 -2.01
N ASP A 88 13.08 -6.47 -1.24
CA ASP A 88 11.96 -7.26 -1.68
C ASP A 88 10.87 -7.04 -0.70
N ARG A 89 11.12 -7.42 0.53
CA ARG A 89 10.18 -7.18 1.56
C ARG A 89 10.48 -5.84 2.22
N GLU A 90 9.72 -4.89 1.81
CA GLU A 90 9.85 -3.54 2.26
C GLU A 90 8.84 -3.32 3.36
N TYR A 91 8.76 -2.13 3.86
CA TYR A 91 7.77 -1.79 4.83
C TYR A 91 6.46 -1.61 4.12
N HIS A 92 5.60 -2.58 4.27
CA HIS A 92 4.32 -2.61 3.61
C HIS A 92 3.24 -2.66 4.67
N PHE A 93 2.01 -2.36 4.27
CA PHE A 93 0.83 -2.52 5.13
C PHE A 93 0.88 -3.88 5.81
N GLY A 94 0.77 -3.88 7.10
CA GLY A 94 0.84 -5.10 7.83
C GLY A 94 2.03 -5.15 8.73
N GLN A 95 3.15 -4.55 8.29
CA GLN A 95 4.36 -4.56 9.06
C GLN A 95 4.23 -3.75 10.33
N ALA A 96 4.70 -4.33 11.39
CA ALA A 96 4.70 -3.74 12.70
C ALA A 96 6.11 -3.76 13.23
N VAL A 97 6.71 -2.62 13.26
CA VAL A 97 8.08 -2.47 13.66
C VAL A 97 8.15 -2.19 15.12
N ARG A 98 8.75 -3.08 15.86
CA ARG A 98 8.95 -2.89 17.26
C ARG A 98 10.41 -2.57 17.52
N PHE A 99 10.66 -1.78 18.52
CA PHE A 99 11.97 -1.34 18.87
C PHE A 99 12.40 -1.93 20.19
N VAL A 100 13.68 -1.93 20.42
CA VAL A 100 14.27 -2.43 21.64
C VAL A 100 15.24 -1.46 22.14
N CYS A 101 15.47 -1.52 23.39
CA CYS A 101 16.48 -0.77 24.00
C CYS A 101 17.54 -1.66 24.49
N ASN A 102 18.75 -1.17 24.41
CA ASN A 102 19.90 -1.91 24.84
C ASN A 102 19.88 -2.19 26.32
N SER A 103 20.81 -2.98 26.74
CA SER A 103 20.89 -3.58 28.06
C SER A 103 20.70 -2.63 29.28
N GLY A 104 20.98 -1.37 29.10
CA GLY A 104 20.85 -0.44 30.20
C GLY A 104 19.73 0.56 30.01
N TYR A 105 18.92 0.39 28.99
CA TYR A 105 17.87 1.35 28.67
C TYR A 105 16.52 0.68 28.55
N LYS A 106 15.51 1.49 28.30
CA LYS A 106 14.16 0.99 28.15
C LYS A 106 13.46 1.93 27.20
N ILE A 107 12.32 1.53 26.68
CA ILE A 107 11.61 2.38 25.75
C ILE A 107 11.00 3.57 26.51
N GLU A 108 10.82 4.67 25.83
CA GLU A 108 10.21 5.82 26.40
C GLU A 108 8.69 5.67 26.39
N GLY A 109 8.09 5.78 25.24
CA GLY A 109 6.65 5.70 25.15
C GLY A 109 6.19 4.37 24.66
N ASP A 110 5.86 4.33 23.42
CA ASP A 110 5.44 3.12 22.72
C ASP A 110 6.69 2.42 22.22
N GLU A 111 6.61 1.12 22.04
CA GLU A 111 7.77 0.37 21.59
C GLU A 111 7.59 -0.09 20.15
N GLU A 112 6.50 0.29 19.51
CA GLU A 112 6.20 -0.22 18.19
C GLU A 112 5.35 0.72 17.34
N MET A 113 5.44 0.51 16.05
CA MET A 113 4.69 1.26 15.05
C MET A 113 4.14 0.29 14.02
N HIS A 114 3.08 0.67 13.33
CA HIS A 114 2.43 -0.21 12.39
C HIS A 114 2.05 0.55 11.11
N CYS A 115 2.20 -0.12 9.98
CA CYS A 115 1.79 0.42 8.68
C CYS A 115 0.30 0.26 8.48
N SER A 116 -0.37 1.37 8.23
CA SER A 116 -1.79 1.35 7.92
C SER A 116 -1.98 1.78 6.44
N ASP A 117 -3.25 1.91 5.98
CA ASP A 117 -3.57 2.17 4.53
C ASP A 117 -2.96 3.48 4.06
N ASP A 118 -2.60 4.33 5.01
CA ASP A 118 -1.97 5.63 4.78
C ASP A 118 -0.71 5.48 3.95
N GLY A 119 0.01 4.39 4.18
CA GLY A 119 1.31 4.22 3.56
C GLY A 119 2.36 4.87 4.42
N PHE A 120 1.97 5.11 5.64
CA PHE A 120 2.81 5.70 6.64
C PHE A 120 2.60 4.95 7.91
N TRP A 121 3.49 5.16 8.85
CA TRP A 121 3.40 4.55 10.12
C TRP A 121 2.35 5.27 10.95
N SER A 122 1.61 4.52 11.70
CA SER A 122 0.56 5.07 12.54
C SER A 122 1.13 5.62 13.85
N LYS A 123 2.40 5.41 14.06
CA LYS A 123 3.08 5.85 15.24
C LYS A 123 4.42 6.42 14.79
N GLU A 124 5.05 7.21 15.63
CA GLU A 124 6.31 7.84 15.27
C GLU A 124 7.48 7.15 15.95
N LYS A 125 8.70 7.62 15.67
CA LYS A 125 9.91 7.09 16.29
C LYS A 125 9.88 7.34 17.80
N PRO A 126 9.88 6.29 18.62
CA PRO A 126 9.92 6.44 20.06
C PRO A 126 11.34 6.77 20.51
N LYS A 127 11.57 6.72 21.78
CA LYS A 127 12.86 7.07 22.29
C LYS A 127 13.32 5.98 23.24
N CYS A 128 14.59 5.93 23.48
CA CYS A 128 15.18 5.02 24.40
C CYS A 128 15.66 5.87 25.55
N VAL A 129 15.32 5.49 26.75
CA VAL A 129 15.61 6.26 27.92
C VAL A 129 16.21 5.41 29.01
N PRO A 7 -19.56 -6.42 -24.57
CA PRO A 7 -18.96 -6.21 -25.92
C PRO A 7 -17.46 -5.84 -25.84
N CYS A 8 -17.08 -5.23 -24.76
CA CYS A 8 -15.71 -4.78 -24.52
C CYS A 8 -14.76 -5.94 -24.27
N GLY A 9 -15.32 -7.03 -23.81
CA GLY A 9 -14.59 -8.28 -23.70
C GLY A 9 -14.00 -8.55 -22.33
N HIS A 10 -14.47 -7.80 -21.31
CA HIS A 10 -14.00 -7.92 -19.90
C HIS A 10 -12.54 -7.41 -19.79
N PRO A 11 -12.32 -6.32 -19.03
CA PRO A 11 -11.00 -5.68 -18.96
C PRO A 11 -9.96 -6.56 -18.26
N GLY A 12 -10.38 -7.16 -17.19
CA GLY A 12 -9.53 -7.98 -16.39
C GLY A 12 -9.80 -7.65 -14.97
N ASP A 13 -9.21 -8.34 -14.07
CA ASP A 13 -9.45 -8.13 -12.66
C ASP A 13 -8.10 -8.10 -11.97
N THR A 14 -8.07 -7.71 -10.74
CA THR A 14 -6.82 -7.60 -10.05
C THR A 14 -6.90 -8.27 -8.68
N PRO A 15 -5.97 -9.20 -8.38
CA PRO A 15 -5.91 -9.90 -7.08
C PRO A 15 -5.48 -8.94 -5.96
N PHE A 16 -5.02 -7.78 -6.35
CA PHE A 16 -4.53 -6.77 -5.43
C PHE A 16 -5.66 -5.83 -5.06
N GLY A 17 -6.82 -6.12 -5.52
CA GLY A 17 -7.92 -5.31 -5.21
C GLY A 17 -9.14 -5.71 -5.92
N THR A 18 -9.76 -4.74 -6.51
CA THR A 18 -11.01 -4.90 -7.23
C THR A 18 -11.12 -3.81 -8.29
N PHE A 19 -12.21 -3.80 -9.02
CA PHE A 19 -12.50 -2.73 -9.92
C PHE A 19 -13.99 -2.51 -9.94
N THR A 20 -14.40 -1.38 -10.38
CA THR A 20 -15.77 -1.03 -10.45
C THR A 20 -16.06 -0.60 -11.89
N LEU A 21 -17.28 -0.62 -12.27
CA LEU A 21 -17.68 -0.24 -13.58
C LEU A 21 -18.56 0.96 -13.48
N THR A 22 -18.10 2.02 -14.02
CA THR A 22 -18.77 3.26 -13.88
C THR A 22 -19.44 3.64 -15.19
N GLY A 23 -20.68 4.04 -15.11
CA GLY A 23 -21.41 4.41 -16.28
C GLY A 23 -22.44 3.37 -16.59
N GLY A 24 -22.00 2.21 -16.97
CA GLY A 24 -22.92 1.16 -17.37
C GLY A 24 -23.03 0.07 -16.33
N ASN A 25 -22.08 0.04 -15.39
CA ASN A 25 -22.00 -0.98 -14.31
C ASN A 25 -21.84 -2.39 -14.87
N VAL A 26 -21.42 -2.48 -16.10
CA VAL A 26 -21.27 -3.73 -16.83
C VAL A 26 -20.14 -3.52 -17.82
N PHE A 27 -19.91 -4.44 -18.70
CA PHE A 27 -18.80 -4.32 -19.62
C PHE A 27 -19.28 -3.86 -21.01
N GLU A 28 -20.21 -2.91 -20.99
CA GLU A 28 -20.79 -2.31 -22.20
C GLU A 28 -19.94 -1.15 -22.76
N TYR A 29 -20.39 -0.56 -23.83
CA TYR A 29 -19.71 0.57 -24.40
C TYR A 29 -19.97 1.82 -23.59
N GLY A 30 -18.91 2.54 -23.31
CA GLY A 30 -19.03 3.76 -22.57
C GLY A 30 -18.77 3.60 -21.10
N VAL A 31 -18.57 2.37 -20.67
CA VAL A 31 -18.33 2.12 -19.28
C VAL A 31 -16.86 2.29 -18.98
N LYS A 32 -16.58 2.78 -17.81
CA LYS A 32 -15.23 2.98 -17.37
C LYS A 32 -14.96 1.98 -16.25
N ALA A 33 -14.07 1.07 -16.52
CA ALA A 33 -13.63 0.09 -15.56
C ALA A 33 -12.61 0.75 -14.68
N VAL A 34 -13.05 1.27 -13.59
CA VAL A 34 -12.20 1.95 -12.68
C VAL A 34 -11.69 0.97 -11.64
N TYR A 35 -10.44 0.83 -11.58
CA TYR A 35 -9.81 -0.09 -10.70
C TYR A 35 -9.57 0.55 -9.35
N THR A 36 -9.81 -0.21 -8.33
CA THR A 36 -9.64 0.23 -7.01
C THR A 36 -8.98 -0.88 -6.19
N CYS A 37 -7.77 -0.62 -5.84
CA CYS A 37 -6.95 -1.56 -5.12
C CYS A 37 -7.49 -1.76 -3.70
N ASN A 38 -7.12 -2.86 -3.08
CA ASN A 38 -7.58 -3.14 -1.72
C ASN A 38 -6.82 -2.33 -0.70
N GLU A 39 -7.17 -2.55 0.55
CA GLU A 39 -6.64 -1.87 1.72
C GLU A 39 -5.11 -1.75 1.75
N GLY A 40 -4.43 -2.86 1.58
CA GLY A 40 -2.97 -2.84 1.67
C GLY A 40 -2.30 -2.40 0.40
N TYR A 41 -3.09 -1.97 -0.55
CA TYR A 41 -2.56 -1.59 -1.83
C TYR A 41 -3.06 -0.22 -2.18
N GLN A 42 -2.48 0.36 -3.17
CA GLN A 42 -2.89 1.63 -3.66
C GLN A 42 -2.69 1.67 -5.14
N LEU A 43 -3.27 2.62 -5.77
CA LEU A 43 -3.18 2.75 -7.18
C LEU A 43 -1.88 3.45 -7.50
N LEU A 44 -1.08 2.82 -8.29
CA LEU A 44 0.15 3.37 -8.71
C LEU A 44 -0.01 3.79 -10.17
N GLY A 45 0.29 5.02 -10.46
CA GLY A 45 0.11 5.55 -11.78
C GLY A 45 -1.02 6.56 -11.81
N GLU A 46 -1.22 7.21 -12.95
CA GLU A 46 -2.23 8.23 -13.06
C GLU A 46 -3.52 7.55 -13.39
N ILE A 47 -3.43 6.62 -14.30
CA ILE A 47 -4.55 5.88 -14.80
C ILE A 47 -5.03 4.91 -13.76
N ASN A 48 -6.30 4.97 -13.44
CA ASN A 48 -6.88 4.00 -12.53
C ASN A 48 -8.07 3.35 -13.18
N TYR A 49 -8.32 3.67 -14.42
CA TYR A 49 -9.53 3.23 -15.05
C TYR A 49 -9.27 2.88 -16.51
N ARG A 50 -10.18 2.16 -17.09
CA ARG A 50 -10.16 1.84 -18.51
C ARG A 50 -11.49 2.24 -19.05
N GLU A 51 -11.53 2.97 -20.12
CA GLU A 51 -12.80 3.38 -20.67
C GLU A 51 -13.09 2.58 -21.91
N CYS A 52 -14.25 2.01 -22.00
CA CYS A 52 -14.58 1.25 -23.17
C CYS A 52 -15.09 2.16 -24.26
N ASP A 53 -14.29 2.34 -25.28
CA ASP A 53 -14.63 3.14 -26.42
C ASP A 53 -14.88 2.17 -27.57
N THR A 54 -14.96 2.65 -28.77
CA THR A 54 -15.21 1.81 -29.92
C THR A 54 -13.93 1.01 -30.28
N ASP A 55 -12.83 1.41 -29.66
CA ASP A 55 -11.54 0.74 -29.77
C ASP A 55 -11.47 -0.37 -28.72
N GLY A 56 -12.44 -0.38 -27.84
CA GLY A 56 -12.45 -1.29 -26.75
C GLY A 56 -12.00 -0.58 -25.52
N TRP A 57 -11.45 -1.29 -24.58
CA TRP A 57 -10.90 -0.66 -23.39
C TRP A 57 -9.66 0.18 -23.77
N THR A 58 -9.81 1.48 -23.67
CA THR A 58 -8.80 2.47 -24.04
C THR A 58 -7.46 2.22 -23.34
N ASN A 59 -7.49 2.22 -22.04
CA ASN A 59 -6.31 1.99 -21.23
C ASN A 59 -6.21 0.55 -20.91
N ASP A 60 -5.24 0.22 -20.11
CA ASP A 60 -5.05 -1.14 -19.65
C ASP A 60 -5.21 -1.15 -18.15
N ILE A 61 -5.12 -2.30 -17.59
CA ILE A 61 -5.17 -2.56 -16.19
C ILE A 61 -4.07 -1.74 -15.47
N PRO A 62 -4.47 -0.84 -14.57
CA PRO A 62 -3.53 -0.02 -13.81
C PRO A 62 -2.79 -0.82 -12.74
N ILE A 63 -1.97 -0.17 -11.98
CA ILE A 63 -1.11 -0.85 -11.05
C ILE A 63 -1.59 -0.71 -9.62
N CYS A 64 -1.62 -1.80 -8.92
CA CYS A 64 -1.94 -1.80 -7.53
C CYS A 64 -0.70 -2.18 -6.75
N GLU A 65 0.03 -1.18 -6.37
CA GLU A 65 1.25 -1.37 -5.68
C GLU A 65 0.94 -1.47 -4.21
N VAL A 66 1.70 -2.23 -3.51
CA VAL A 66 1.51 -2.36 -2.10
C VAL A 66 1.91 -1.03 -1.44
N VAL A 67 1.12 -0.59 -0.49
CA VAL A 67 1.40 0.66 0.19
C VAL A 67 2.71 0.53 0.97
N LYS A 68 3.61 1.44 0.71
CA LYS A 68 4.92 1.41 1.30
C LYS A 68 5.12 2.60 2.20
N CYS A 69 5.81 2.38 3.26
CA CYS A 69 6.13 3.42 4.19
C CYS A 69 7.64 3.56 4.32
N LEU A 70 8.08 4.71 4.79
CA LEU A 70 9.46 5.03 4.87
C LEU A 70 10.23 4.21 5.90
N PRO A 71 11.51 3.95 5.59
CA PRO A 71 12.39 3.22 6.47
C PRO A 71 12.75 4.07 7.68
N VAL A 72 12.35 3.62 8.84
CA VAL A 72 12.63 4.31 10.07
C VAL A 72 14.10 4.12 10.44
N THR A 73 14.70 5.14 11.02
CA THR A 73 16.05 5.07 11.47
C THR A 73 16.23 4.09 12.64
N ALA A 74 15.97 4.58 13.84
CA ALA A 74 16.04 3.84 15.11
C ALA A 74 15.96 4.88 16.21
N PRO A 75 15.65 4.49 17.45
CA PRO A 75 15.74 5.40 18.57
C PRO A 75 17.20 5.59 18.98
N GLU A 76 17.45 6.55 19.81
CA GLU A 76 18.80 6.91 20.25
C GLU A 76 19.55 5.76 20.96
N ASN A 77 18.93 5.18 21.94
CA ASN A 77 19.57 4.12 22.70
C ASN A 77 18.92 2.81 22.40
N GLY A 78 18.47 2.67 21.20
CA GLY A 78 17.84 1.45 20.80
C GLY A 78 18.04 1.19 19.34
N LYS A 79 17.46 0.13 18.87
CA LYS A 79 17.58 -0.27 17.49
C LYS A 79 16.27 -0.87 17.03
N ILE A 80 16.14 -1.09 15.76
CA ILE A 80 14.91 -1.65 15.24
C ILE A 80 15.08 -3.16 15.03
N VAL A 81 14.08 -3.92 15.40
CA VAL A 81 14.11 -5.36 15.26
C VAL A 81 13.66 -5.72 13.83
N SER A 82 12.85 -4.86 13.28
CA SER A 82 12.25 -5.04 11.98
C SER A 82 13.10 -4.43 10.84
N SER A 83 14.35 -4.10 11.12
CA SER A 83 15.20 -3.56 10.07
C SER A 83 15.93 -4.66 9.33
N ALA A 84 16.98 -5.19 9.91
CA ALA A 84 17.70 -6.25 9.27
C ALA A 84 17.02 -7.56 9.46
N MET A 85 16.14 -7.85 8.55
CA MET A 85 15.47 -9.11 8.52
C MET A 85 15.83 -9.77 7.22
N GLU A 86 15.69 -8.98 6.17
CA GLU A 86 15.97 -9.37 4.80
C GLU A 86 16.20 -8.06 4.07
N PRO A 87 17.06 -8.03 3.07
CA PRO A 87 17.34 -6.79 2.31
C PRO A 87 16.27 -6.46 1.26
N ASP A 88 15.37 -7.41 0.98
CA ASP A 88 14.35 -7.22 -0.06
C ASP A 88 13.06 -6.76 0.55
N ARG A 89 12.95 -6.92 1.85
CA ARG A 89 11.75 -6.59 2.55
C ARG A 89 11.62 -5.10 2.77
N GLU A 90 10.70 -4.51 2.04
CA GLU A 90 10.40 -3.10 2.15
C GLU A 90 9.35 -2.95 3.24
N TYR A 91 9.16 -1.76 3.72
CA TYR A 91 8.15 -1.53 4.70
C TYR A 91 6.81 -1.33 4.01
N HIS A 92 5.97 -2.30 4.18
CA HIS A 92 4.68 -2.34 3.53
C HIS A 92 3.59 -2.25 4.56
N PHE A 93 2.39 -1.93 4.10
CA PHE A 93 1.19 -1.94 4.93
C PHE A 93 1.09 -3.29 5.62
N GLY A 94 0.94 -3.27 6.92
CA GLY A 94 0.83 -4.50 7.65
C GLY A 94 2.06 -4.78 8.47
N GLN A 95 3.19 -4.21 8.08
CA GLN A 95 4.41 -4.41 8.84
C GLN A 95 4.35 -3.68 10.14
N ALA A 96 4.93 -4.27 11.14
CA ALA A 96 4.98 -3.71 12.45
C ALA A 96 6.42 -3.60 12.86
N VAL A 97 6.90 -2.41 12.83
CA VAL A 97 8.27 -2.11 13.15
C VAL A 97 8.44 -2.08 14.63
N ARG A 98 9.06 -3.10 15.14
CA ARG A 98 9.31 -3.17 16.54
C ARG A 98 10.72 -2.73 16.82
N PHE A 99 10.88 -2.07 17.91
CA PHE A 99 12.13 -1.54 18.33
C PHE A 99 12.56 -2.28 19.55
N VAL A 100 13.80 -2.13 19.89
CA VAL A 100 14.33 -2.71 21.07
C VAL A 100 15.38 -1.78 21.62
N CYS A 101 15.37 -1.65 22.87
CA CYS A 101 16.29 -0.80 23.55
C CYS A 101 17.50 -1.57 23.98
N ASN A 102 18.62 -0.88 24.00
CA ASN A 102 19.88 -1.48 24.41
C ASN A 102 19.84 -1.77 25.88
N SER A 103 20.74 -2.63 26.29
CA SER A 103 20.82 -3.11 27.65
C SER A 103 20.84 -1.96 28.68
N GLY A 104 19.76 -1.84 29.41
CA GLY A 104 19.66 -0.83 30.42
C GLY A 104 18.68 0.28 30.07
N TYR A 105 18.18 0.29 28.85
CA TYR A 105 17.27 1.33 28.45
C TYR A 105 15.88 0.79 28.30
N LYS A 106 14.90 1.64 28.47
CA LYS A 106 13.53 1.21 28.35
C LYS A 106 12.94 1.95 27.18
N ILE A 107 11.88 1.44 26.64
CA ILE A 107 11.23 2.13 25.58
C ILE A 107 10.49 3.32 26.19
N GLU A 108 10.42 4.36 25.48
CA GLU A 108 9.75 5.52 25.96
C GLU A 108 8.29 5.48 25.53
N GLY A 109 8.07 5.47 24.24
CA GLY A 109 6.72 5.37 23.73
C GLY A 109 6.35 3.93 23.51
N ASP A 110 5.84 3.63 22.35
CA ASP A 110 5.52 2.26 22.01
C ASP A 110 6.73 1.63 21.42
N GLU A 111 6.84 0.34 21.54
CA GLU A 111 8.00 -0.34 21.06
C GLU A 111 7.78 -0.83 19.64
N GLU A 112 6.68 -0.42 19.06
CA GLU A 112 6.35 -0.82 17.72
C GLU A 112 5.42 0.16 17.05
N MET A 113 5.62 0.34 15.79
CA MET A 113 4.80 1.19 14.96
C MET A 113 4.29 0.39 13.76
N HIS A 114 3.05 0.58 13.43
CA HIS A 114 2.39 -0.15 12.37
C HIS A 114 2.32 0.69 11.12
N CYS A 115 2.58 0.08 9.99
CA CYS A 115 2.43 0.75 8.71
C CYS A 115 0.96 0.68 8.35
N SER A 116 0.28 1.80 8.45
CA SER A 116 -1.16 1.84 8.30
C SER A 116 -1.64 2.31 6.91
N ASP A 117 -2.99 2.39 6.75
CA ASP A 117 -3.71 2.70 5.46
C ASP A 117 -3.16 3.92 4.75
N ASP A 118 -2.74 4.89 5.51
CA ASP A 118 -2.26 6.17 4.99
C ASP A 118 -0.81 6.12 4.53
N GLY A 119 -0.14 5.02 4.79
CA GLY A 119 1.23 4.89 4.38
C GLY A 119 2.18 5.53 5.37
N PHE A 120 1.67 5.91 6.50
CA PHE A 120 2.48 6.47 7.53
C PHE A 120 2.53 5.54 8.70
N TRP A 121 3.38 5.82 9.62
CA TRP A 121 3.52 5.04 10.79
C TRP A 121 2.48 5.48 11.81
N SER A 122 1.83 4.52 12.42
CA SER A 122 0.76 4.77 13.39
C SER A 122 1.27 5.51 14.64
N LYS A 123 2.49 5.25 14.98
CA LYS A 123 3.12 5.85 16.12
C LYS A 123 4.26 6.69 15.71
N GLU A 124 4.60 7.61 16.54
CA GLU A 124 5.69 8.50 16.27
C GLU A 124 6.99 7.87 16.74
N LYS A 125 8.09 8.51 16.42
CA LYS A 125 9.41 8.05 16.82
C LYS A 125 9.51 7.88 18.32
N PRO A 126 9.80 6.66 18.77
CA PRO A 126 9.94 6.38 20.16
C PRO A 126 11.36 6.67 20.61
N LYS A 127 11.67 6.33 21.80
CA LYS A 127 12.95 6.61 22.34
C LYS A 127 13.29 5.51 23.31
N CYS A 128 14.52 5.42 23.69
CA CYS A 128 14.97 4.49 24.70
C CYS A 128 15.71 5.28 25.71
N VAL A 129 15.18 5.31 26.90
CA VAL A 129 15.69 6.10 27.99
C VAL A 129 16.09 5.19 29.12
N PRO A 7 -19.33 -7.04 -24.41
CA PRO A 7 -18.72 -6.94 -25.75
C PRO A 7 -17.25 -6.52 -25.68
N CYS A 8 -16.89 -5.88 -24.58
CA CYS A 8 -15.52 -5.44 -24.36
C CYS A 8 -14.78 -6.60 -23.78
N GLY A 9 -15.51 -7.40 -23.07
CA GLY A 9 -15.04 -8.62 -22.59
C GLY A 9 -15.07 -8.63 -21.12
N HIS A 10 -13.96 -8.36 -20.60
CA HIS A 10 -13.71 -8.37 -19.21
C HIS A 10 -12.26 -7.92 -19.05
N PRO A 11 -12.02 -6.73 -18.51
CA PRO A 11 -10.69 -6.11 -18.47
C PRO A 11 -9.70 -6.89 -17.62
N GLY A 12 -10.22 -7.53 -16.62
CA GLY A 12 -9.40 -8.25 -15.70
C GLY A 12 -9.77 -7.83 -14.32
N ASP A 13 -9.06 -8.29 -13.36
CA ASP A 13 -9.36 -8.00 -11.97
C ASP A 13 -8.04 -7.82 -11.23
N THR A 14 -8.08 -7.26 -10.06
CA THR A 14 -6.89 -7.03 -9.31
C THR A 14 -7.00 -7.67 -7.92
N PRO A 15 -6.03 -8.50 -7.52
CA PRO A 15 -6.04 -9.15 -6.20
C PRO A 15 -5.83 -8.14 -5.10
N PHE A 16 -5.24 -7.03 -5.49
CA PHE A 16 -4.86 -5.96 -4.60
C PHE A 16 -6.02 -5.05 -4.26
N GLY A 17 -7.15 -5.32 -4.82
CA GLY A 17 -8.29 -4.52 -4.55
C GLY A 17 -9.47 -4.94 -5.32
N THR A 18 -10.08 -4.00 -5.94
CA THR A 18 -11.28 -4.24 -6.72
C THR A 18 -11.33 -3.29 -7.91
N PHE A 19 -12.34 -3.40 -8.72
CA PHE A 19 -12.58 -2.44 -9.75
C PHE A 19 -14.06 -2.24 -9.88
N THR A 20 -14.45 -1.13 -10.37
CA THR A 20 -15.82 -0.79 -10.53
C THR A 20 -16.06 -0.52 -12.00
N LEU A 21 -17.28 -0.51 -12.38
CA LEU A 21 -17.66 -0.25 -13.73
C LEU A 21 -18.55 0.95 -13.75
N THR A 22 -18.18 1.92 -14.50
CA THR A 22 -18.89 3.17 -14.54
C THR A 22 -19.49 3.41 -15.92
N GLY A 23 -20.77 3.64 -15.97
CA GLY A 23 -21.43 3.91 -17.23
C GLY A 23 -22.14 2.71 -17.79
N GLY A 24 -22.29 1.69 -16.98
CA GLY A 24 -22.96 0.50 -17.46
C GLY A 24 -23.08 -0.58 -16.42
N ASN A 25 -22.12 -0.63 -15.47
CA ASN A 25 -22.07 -1.68 -14.40
C ASN A 25 -21.72 -3.04 -15.00
N VAL A 26 -21.32 -3.01 -16.24
CA VAL A 26 -21.06 -4.21 -17.02
C VAL A 26 -19.88 -3.93 -17.91
N PHE A 27 -19.59 -4.79 -18.86
CA PHE A 27 -18.42 -4.63 -19.68
C PHE A 27 -18.81 -4.28 -21.11
N GLU A 28 -19.76 -3.39 -21.20
CA GLU A 28 -20.26 -2.86 -22.49
C GLU A 28 -19.42 -1.69 -23.01
N TYR A 29 -19.84 -1.11 -24.10
CA TYR A 29 -19.16 0.03 -24.67
C TYR A 29 -19.52 1.30 -23.94
N GLY A 30 -18.52 2.06 -23.58
CA GLY A 30 -18.73 3.30 -22.89
C GLY A 30 -18.63 3.15 -21.39
N VAL A 31 -18.27 1.97 -20.94
CA VAL A 31 -18.15 1.75 -19.53
C VAL A 31 -16.68 1.80 -19.18
N LYS A 32 -16.39 2.22 -18.01
CA LYS A 32 -15.06 2.23 -17.55
C LYS A 32 -14.91 1.19 -16.52
N ALA A 33 -13.83 0.53 -16.57
CA ALA A 33 -13.46 -0.34 -15.54
C ALA A 33 -12.50 0.43 -14.69
N VAL A 34 -13.05 1.15 -13.77
CA VAL A 34 -12.26 1.99 -12.92
C VAL A 34 -11.74 1.16 -11.74
N TYR A 35 -10.46 1.03 -11.63
CA TYR A 35 -9.87 0.20 -10.60
C TYR A 35 -9.67 0.98 -9.32
N THR A 36 -9.90 0.31 -8.24
CA THR A 36 -9.76 0.90 -6.96
C THR A 36 -9.13 -0.12 -6.02
N CYS A 37 -7.94 0.18 -5.61
CA CYS A 37 -7.17 -0.70 -4.79
C CYS A 37 -7.72 -0.77 -3.36
N ASN A 38 -7.37 -1.82 -2.64
CA ASN A 38 -7.79 -2.01 -1.23
C ASN A 38 -7.11 -1.01 -0.32
N GLU A 39 -7.43 -1.09 0.97
CA GLU A 39 -6.90 -0.17 1.99
C GLU A 39 -5.36 -0.17 2.01
N GLY A 40 -4.79 -1.35 1.99
CA GLY A 40 -3.35 -1.48 2.06
C GLY A 40 -2.67 -1.29 0.73
N TYR A 41 -3.40 -0.88 -0.27
CA TYR A 41 -2.84 -0.69 -1.57
C TYR A 41 -3.21 0.66 -2.09
N GLN A 42 -2.39 1.16 -2.93
CA GLN A 42 -2.60 2.42 -3.53
C GLN A 42 -2.52 2.25 -4.99
N LEU A 43 -3.08 3.13 -5.71
CA LEU A 43 -3.04 3.00 -7.11
C LEU A 43 -1.80 3.69 -7.61
N LEU A 44 -1.07 2.98 -8.41
CA LEU A 44 0.17 3.42 -8.92
C LEU A 44 0.01 3.64 -10.41
N GLY A 45 0.40 4.80 -10.84
CA GLY A 45 0.23 5.19 -12.21
C GLY A 45 -0.70 6.37 -12.30
N GLU A 46 -0.85 6.93 -13.47
CA GLU A 46 -1.72 8.08 -13.67
C GLU A 46 -3.12 7.60 -13.94
N ILE A 47 -3.19 6.51 -14.65
CA ILE A 47 -4.45 5.94 -15.09
C ILE A 47 -5.01 5.06 -13.98
N ASN A 48 -6.30 5.14 -13.74
CA ASN A 48 -6.92 4.34 -12.68
C ASN A 48 -8.05 3.52 -13.25
N TYR A 49 -8.27 3.60 -14.52
CA TYR A 49 -9.44 3.02 -15.10
C TYR A 49 -9.13 2.49 -16.46
N ARG A 50 -10.03 1.74 -17.03
CA ARG A 50 -9.94 1.34 -18.40
C ARG A 50 -11.23 1.74 -19.04
N GLU A 51 -11.19 2.64 -19.98
CA GLU A 51 -12.42 3.07 -20.61
C GLU A 51 -12.68 2.21 -21.84
N CYS A 52 -13.83 1.57 -21.93
CA CYS A 52 -14.12 0.82 -23.13
C CYS A 52 -14.68 1.74 -24.16
N ASP A 53 -13.86 2.08 -25.10
CA ASP A 53 -14.27 2.94 -26.17
C ASP A 53 -14.59 2.02 -27.35
N THR A 54 -14.81 2.57 -28.49
CA THR A 54 -15.25 1.84 -29.68
C THR A 54 -14.20 0.77 -30.14
N ASP A 55 -13.00 0.87 -29.61
CA ASP A 55 -11.96 -0.10 -29.94
C ASP A 55 -11.86 -1.17 -28.85
N GLY A 56 -12.43 -0.89 -27.72
CA GLY A 56 -12.34 -1.78 -26.59
C GLY A 56 -11.79 -1.07 -25.39
N TRP A 57 -11.30 -1.82 -24.42
CA TRP A 57 -10.66 -1.25 -23.24
C TRP A 57 -9.39 -0.51 -23.64
N THR A 58 -9.48 0.81 -23.72
CA THR A 58 -8.41 1.68 -24.15
C THR A 58 -7.16 1.54 -23.29
N ASN A 59 -7.34 1.76 -22.01
CA ASN A 59 -6.25 1.70 -21.06
C ASN A 59 -5.99 0.28 -20.69
N ASP A 60 -5.00 0.08 -19.87
CA ASP A 60 -4.65 -1.24 -19.37
C ASP A 60 -4.97 -1.28 -17.91
N ILE A 61 -4.73 -2.39 -17.25
CA ILE A 61 -5.01 -2.53 -15.84
C ILE A 61 -3.96 -1.72 -15.04
N PRO A 62 -4.41 -0.71 -14.29
CA PRO A 62 -3.53 0.10 -13.47
C PRO A 62 -2.94 -0.72 -12.34
N ILE A 63 -1.82 -0.28 -11.82
CA ILE A 63 -1.11 -1.05 -10.85
C ILE A 63 -1.54 -0.66 -9.45
N CYS A 64 -1.87 -1.63 -8.68
CA CYS A 64 -2.10 -1.39 -7.29
C CYS A 64 -0.87 -1.77 -6.54
N GLU A 65 -0.17 -0.79 -6.12
CA GLU A 65 1.03 -1.00 -5.41
C GLU A 65 0.69 -0.99 -3.94
N VAL A 66 1.42 -1.71 -3.19
CA VAL A 66 1.20 -1.75 -1.79
C VAL A 66 1.69 -0.45 -1.18
N VAL A 67 0.84 0.16 -0.35
CA VAL A 67 1.12 1.46 0.26
C VAL A 67 2.47 1.46 0.96
N LYS A 68 3.25 2.47 0.70
CA LYS A 68 4.58 2.57 1.24
C LYS A 68 4.62 3.61 2.33
N CYS A 69 5.55 3.45 3.24
CA CYS A 69 5.70 4.34 4.37
C CYS A 69 7.11 4.92 4.41
N LEU A 70 7.26 5.98 5.20
CA LEU A 70 8.50 6.65 5.42
C LEU A 70 9.51 5.72 6.08
N PRO A 71 10.71 5.68 5.55
CA PRO A 71 11.80 4.91 6.11
C PRO A 71 12.24 5.46 7.47
N VAL A 72 11.98 4.73 8.52
CA VAL A 72 12.36 5.10 9.86
C VAL A 72 13.79 4.63 10.14
N THR A 73 14.56 5.40 10.88
CA THR A 73 15.93 5.06 11.17
C THR A 73 16.06 4.07 12.32
N ALA A 74 16.05 4.59 13.55
CA ALA A 74 16.17 3.86 14.79
C ALA A 74 16.18 4.88 15.90
N PRO A 75 15.92 4.49 17.16
CA PRO A 75 16.07 5.39 18.29
C PRO A 75 17.57 5.62 18.63
N GLU A 76 17.82 6.23 19.73
CA GLU A 76 19.16 6.61 20.12
C GLU A 76 19.91 5.50 20.90
N ASN A 77 19.21 4.76 21.75
CA ASN A 77 19.83 3.68 22.52
C ASN A 77 19.15 2.37 22.21
N GLY A 78 18.54 2.34 21.07
CA GLY A 78 17.84 1.17 20.64
C GLY A 78 17.94 1.03 19.15
N LYS A 79 17.38 -0.01 18.64
CA LYS A 79 17.42 -0.29 17.22
C LYS A 79 16.12 -0.94 16.81
N ILE A 80 16.00 -1.33 15.58
CA ILE A 80 14.80 -1.95 15.07
C ILE A 80 14.92 -3.49 15.11
N VAL A 81 13.83 -4.17 15.45
CA VAL A 81 13.79 -5.64 15.48
C VAL A 81 13.60 -6.13 14.03
N SER A 82 12.84 -5.34 13.29
CA SER A 82 12.41 -5.63 11.93
C SER A 82 13.52 -5.31 10.91
N SER A 83 14.76 -5.47 11.32
CA SER A 83 15.88 -5.13 10.48
C SER A 83 16.22 -6.25 9.49
N ALA A 84 15.42 -6.34 8.46
CA ALA A 84 15.64 -7.21 7.35
C ALA A 84 15.41 -6.38 6.12
N MET A 85 16.45 -5.75 5.70
CA MET A 85 16.36 -4.78 4.68
C MET A 85 16.72 -5.37 3.36
N GLU A 86 15.73 -5.78 2.68
CA GLU A 86 15.89 -6.23 1.36
C GLU A 86 15.46 -5.07 0.46
N PRO A 87 15.97 -4.97 -0.76
CA PRO A 87 15.59 -3.90 -1.70
C PRO A 87 14.17 -4.13 -2.24
N ASP A 88 13.62 -5.26 -1.91
CA ASP A 88 12.30 -5.65 -2.34
C ASP A 88 11.32 -5.31 -1.25
N ARG A 89 11.81 -5.38 -0.03
CA ARG A 89 10.99 -5.13 1.13
C ARG A 89 11.11 -3.69 1.52
N GLU A 90 10.26 -2.89 0.97
CA GLU A 90 10.19 -1.51 1.36
C GLU A 90 9.22 -1.45 2.52
N TYR A 91 9.10 -0.32 3.17
CA TYR A 91 8.11 -0.20 4.20
C TYR A 91 6.75 -0.15 3.57
N HIS A 92 6.05 -1.24 3.69
CA HIS A 92 4.76 -1.41 3.07
C HIS A 92 3.71 -1.59 4.12
N PHE A 93 2.48 -1.38 3.73
CA PHE A 93 1.34 -1.62 4.58
C PHE A 93 1.39 -3.07 5.04
N GLY A 94 1.35 -3.26 6.31
CA GLY A 94 1.46 -4.57 6.84
C GLY A 94 2.77 -4.78 7.55
N GLN A 95 3.74 -3.87 7.34
CA GLN A 95 4.98 -4.00 8.04
C GLN A 95 4.87 -3.31 9.38
N ALA A 96 5.44 -3.94 10.36
CA ALA A 96 5.46 -3.43 11.69
C ALA A 96 6.89 -3.26 12.12
N VAL A 97 7.27 -2.06 12.35
CA VAL A 97 8.59 -1.75 12.79
C VAL A 97 8.59 -1.78 14.28
N ARG A 98 9.16 -2.79 14.81
CA ARG A 98 9.25 -2.94 16.21
C ARG A 98 10.66 -2.63 16.61
N PHE A 99 10.81 -1.99 17.71
CA PHE A 99 12.09 -1.55 18.16
C PHE A 99 12.55 -2.38 19.35
N VAL A 100 13.84 -2.38 19.54
CA VAL A 100 14.48 -3.07 20.62
C VAL A 100 15.41 -2.13 21.28
N CYS A 101 15.35 -2.10 22.54
CA CYS A 101 16.21 -1.31 23.30
C CYS A 101 17.37 -2.15 23.74
N ASN A 102 18.53 -1.65 23.48
CA ASN A 102 19.78 -2.33 23.79
C ASN A 102 19.90 -2.59 25.26
N SER A 103 20.76 -3.52 25.57
CA SER A 103 21.00 -4.07 26.89
C SER A 103 20.94 -3.04 28.05
N GLY A 104 19.83 -3.06 28.78
CA GLY A 104 19.67 -2.19 29.91
C GLY A 104 18.62 -1.12 29.70
N TYR A 105 18.27 -0.86 28.46
CA TYR A 105 17.33 0.18 28.17
C TYR A 105 15.94 -0.37 28.01
N LYS A 106 14.97 0.48 28.23
CA LYS A 106 13.59 0.10 28.11
C LYS A 106 12.96 1.02 27.10
N ILE A 107 11.91 0.58 26.49
CA ILE A 107 11.24 1.41 25.53
C ILE A 107 10.50 2.54 26.27
N GLU A 108 10.50 3.69 25.68
CA GLU A 108 9.85 4.87 26.26
C GLU A 108 8.33 4.74 26.18
N GLY A 109 7.80 4.84 24.99
CA GLY A 109 6.39 4.73 24.80
C GLY A 109 6.02 3.37 24.32
N ASP A 110 5.69 3.26 23.07
CA ASP A 110 5.33 1.98 22.51
C ASP A 110 6.54 1.45 21.78
N GLU A 111 6.60 0.19 21.46
CA GLU A 111 7.81 -0.35 20.91
C GLU A 111 7.67 -0.61 19.44
N GLU A 112 6.53 -0.32 18.89
CA GLU A 112 6.29 -0.62 17.51
C GLU A 112 5.38 0.35 16.80
N MET A 113 5.58 0.45 15.52
CA MET A 113 4.80 1.28 14.64
C MET A 113 4.40 0.44 13.43
N HIS A 114 3.18 0.59 13.01
CA HIS A 114 2.65 -0.22 11.92
C HIS A 114 2.13 0.69 10.81
N CYS A 115 2.43 0.31 9.57
CA CYS A 115 1.93 1.04 8.41
C CYS A 115 0.42 1.02 8.32
N SER A 116 -0.17 2.17 8.47
CA SER A 116 -1.59 2.35 8.40
C SER A 116 -1.94 2.96 7.03
N ASP A 117 -3.24 3.08 6.74
CA ASP A 117 -3.76 3.66 5.48
C ASP A 117 -3.11 5.00 5.14
N ASP A 118 -2.84 5.20 3.85
CA ASP A 118 -2.24 6.42 3.25
C ASP A 118 -0.74 6.50 3.50
N GLY A 119 -0.23 5.58 4.29
CA GLY A 119 1.17 5.53 4.55
C GLY A 119 1.55 6.30 5.79
N PHE A 120 0.87 6.02 6.86
CA PHE A 120 1.18 6.65 8.12
C PHE A 120 1.61 5.61 9.11
N TRP A 121 2.58 5.95 9.91
CA TRP A 121 2.96 5.11 10.99
C TRP A 121 1.98 5.33 12.13
N SER A 122 1.49 4.25 12.69
CA SER A 122 0.52 4.30 13.77
C SER A 122 1.12 4.90 15.06
N LYS A 123 2.42 4.90 15.15
CA LYS A 123 3.11 5.46 16.27
C LYS A 123 4.26 6.31 15.80
N GLU A 124 4.84 7.00 16.72
CA GLU A 124 5.93 7.89 16.44
C GLU A 124 7.21 7.31 17.00
N LYS A 125 8.35 7.91 16.64
CA LYS A 125 9.65 7.45 17.06
C LYS A 125 9.74 7.36 18.58
N PRO A 126 9.90 6.14 19.14
CA PRO A 126 10.05 5.96 20.54
C PRO A 126 11.49 6.23 20.97
N LYS A 127 11.82 5.88 22.16
CA LYS A 127 13.09 6.17 22.71
C LYS A 127 13.45 5.01 23.61
N CYS A 128 14.71 4.85 23.93
CA CYS A 128 15.14 3.81 24.82
C CYS A 128 15.77 4.39 26.07
N VAL A 129 15.03 4.32 27.14
CA VAL A 129 15.43 4.90 28.40
C VAL A 129 15.42 3.84 29.49
N PRO A 7 -19.46 -5.96 -25.10
CA PRO A 7 -18.83 -5.69 -26.40
C PRO A 7 -17.35 -5.32 -26.24
N CYS A 8 -17.01 -4.87 -25.06
CA CYS A 8 -15.67 -4.56 -24.72
C CYS A 8 -15.03 -5.82 -24.15
N GLY A 9 -15.77 -6.53 -23.32
CA GLY A 9 -15.35 -7.81 -22.84
C GLY A 9 -15.27 -7.83 -21.37
N HIS A 10 -14.16 -7.41 -20.93
CA HIS A 10 -13.76 -7.36 -19.53
C HIS A 10 -12.35 -6.77 -19.58
N PRO A 11 -12.08 -5.71 -18.82
CA PRO A 11 -10.82 -4.93 -18.92
C PRO A 11 -9.60 -5.55 -18.27
N GLY A 12 -9.75 -6.73 -17.78
CA GLY A 12 -8.69 -7.35 -17.04
C GLY A 12 -9.13 -7.46 -15.63
N ASP A 13 -8.25 -7.78 -14.73
CA ASP A 13 -8.67 -7.95 -13.36
C ASP A 13 -7.49 -7.63 -12.46
N THR A 14 -7.65 -7.82 -11.18
CA THR A 14 -6.61 -7.53 -10.26
C THR A 14 -6.75 -8.36 -8.96
N PRO A 15 -5.68 -9.08 -8.58
CA PRO A 15 -5.66 -9.90 -7.35
C PRO A 15 -5.41 -9.05 -6.11
N PHE A 16 -5.15 -7.78 -6.33
CA PHE A 16 -4.84 -6.86 -5.25
C PHE A 16 -6.07 -6.05 -4.90
N GLY A 17 -7.15 -6.31 -5.57
CA GLY A 17 -8.32 -5.58 -5.29
C GLY A 17 -9.43 -5.89 -6.19
N THR A 18 -10.07 -4.87 -6.62
CA THR A 18 -11.27 -4.98 -7.42
C THR A 18 -11.36 -3.83 -8.43
N PHE A 19 -12.43 -3.77 -9.17
CA PHE A 19 -12.71 -2.67 -10.03
C PHE A 19 -14.21 -2.47 -10.07
N THR A 20 -14.63 -1.32 -10.48
CA THR A 20 -16.02 -1.01 -10.58
C THR A 20 -16.26 -0.39 -11.93
N LEU A 21 -17.43 -0.51 -12.42
CA LEU A 21 -17.76 -0.03 -13.72
C LEU A 21 -18.67 1.17 -13.61
N THR A 22 -18.28 2.23 -14.25
CA THR A 22 -19.03 3.47 -14.21
C THR A 22 -19.48 3.86 -15.61
N GLY A 23 -20.72 4.24 -15.74
CA GLY A 23 -21.24 4.60 -17.04
C GLY A 23 -21.90 3.43 -17.73
N GLY A 24 -22.27 2.43 -16.96
CA GLY A 24 -22.95 1.28 -17.52
C GLY A 24 -23.02 0.13 -16.56
N ASN A 25 -22.05 0.06 -15.64
CA ASN A 25 -21.93 -0.99 -14.62
C ASN A 25 -21.74 -2.38 -15.30
N VAL A 26 -21.32 -2.35 -16.55
CA VAL A 26 -21.10 -3.55 -17.37
C VAL A 26 -19.91 -3.27 -18.26
N PHE A 27 -19.64 -4.12 -19.20
CA PHE A 27 -18.49 -3.96 -20.07
C PHE A 27 -18.93 -3.50 -21.47
N GLU A 28 -19.84 -2.54 -21.49
CA GLU A 28 -20.34 -1.95 -22.74
C GLU A 28 -19.50 -0.72 -23.17
N TYR A 29 -19.87 -0.10 -24.24
CA TYR A 29 -19.16 1.08 -24.71
C TYR A 29 -19.52 2.30 -23.89
N GLY A 30 -18.51 3.04 -23.50
CA GLY A 30 -18.71 4.23 -22.73
C GLY A 30 -18.60 3.99 -21.23
N VAL A 31 -18.34 2.76 -20.84
CA VAL A 31 -18.21 2.45 -19.44
C VAL A 31 -16.74 2.53 -19.04
N LYS A 32 -16.50 2.96 -17.85
CA LYS A 32 -15.17 3.08 -17.36
C LYS A 32 -14.96 2.04 -16.29
N ALA A 33 -13.95 1.27 -16.48
CA ALA A 33 -13.53 0.27 -15.55
C ALA A 33 -12.59 0.92 -14.58
N VAL A 34 -13.14 1.41 -13.52
CA VAL A 34 -12.41 2.10 -12.54
C VAL A 34 -11.90 1.10 -11.52
N TYR A 35 -10.64 0.93 -11.49
CA TYR A 35 -10.02 -0.02 -10.60
C TYR A 35 -9.86 0.56 -9.21
N THR A 36 -10.21 -0.25 -8.25
CA THR A 36 -10.17 0.14 -6.88
C THR A 36 -9.48 -0.98 -6.07
N CYS A 37 -8.26 -0.72 -5.70
CA CYS A 37 -7.45 -1.64 -4.97
C CYS A 37 -8.01 -1.85 -3.56
N ASN A 38 -7.66 -2.97 -2.94
CA ASN A 38 -8.14 -3.28 -1.60
C ASN A 38 -7.43 -2.47 -0.54
N GLU A 39 -7.83 -2.67 0.71
CA GLU A 39 -7.31 -1.95 1.89
C GLU A 39 -5.79 -1.84 1.91
N GLY A 40 -5.11 -2.95 1.82
CA GLY A 40 -3.67 -2.94 1.91
C GLY A 40 -2.98 -2.64 0.59
N TYR A 41 -3.65 -1.95 -0.30
CA TYR A 41 -3.13 -1.66 -1.63
C TYR A 41 -3.60 -0.30 -2.09
N GLN A 42 -2.86 0.30 -2.96
CA GLN A 42 -3.23 1.56 -3.52
C GLN A 42 -3.06 1.52 -5.01
N LEU A 43 -3.68 2.43 -5.69
CA LEU A 43 -3.60 2.44 -7.12
C LEU A 43 -2.30 3.13 -7.52
N LEU A 44 -1.45 2.37 -8.13
CA LEU A 44 -0.19 2.84 -8.60
C LEU A 44 -0.35 3.14 -10.07
N GLY A 45 0.06 4.30 -10.47
CA GLY A 45 -0.10 4.70 -11.83
C GLY A 45 -0.91 5.96 -11.92
N GLU A 46 -0.90 6.59 -13.04
CA GLU A 46 -1.61 7.84 -13.22
C GLU A 46 -3.03 7.56 -13.65
N ILE A 47 -3.21 6.39 -14.18
CA ILE A 47 -4.46 5.95 -14.68
C ILE A 47 -5.02 4.90 -13.73
N ASN A 48 -6.28 5.03 -13.35
CA ASN A 48 -6.90 4.12 -12.41
C ASN A 48 -8.14 3.52 -13.02
N TYR A 49 -8.32 3.72 -14.30
CA TYR A 49 -9.51 3.27 -14.94
C TYR A 49 -9.23 2.98 -16.40
N ARG A 50 -10.07 2.24 -17.00
CA ARG A 50 -10.01 2.00 -18.42
C ARG A 50 -11.34 2.36 -18.97
N GLU A 51 -11.39 3.15 -19.98
CA GLU A 51 -12.67 3.54 -20.50
C GLU A 51 -12.91 2.83 -21.80
N CYS A 52 -14.06 2.24 -21.96
CA CYS A 52 -14.32 1.57 -23.21
C CYS A 52 -14.75 2.56 -24.25
N ASP A 53 -13.83 2.91 -25.10
CA ASP A 53 -14.08 3.85 -26.16
C ASP A 53 -14.26 3.04 -27.43
N THR A 54 -14.33 3.68 -28.57
CA THR A 54 -14.60 3.04 -29.85
C THR A 54 -13.61 1.89 -30.17
N ASP A 55 -12.38 2.01 -29.69
CA ASP A 55 -11.33 1.02 -29.93
C ASP A 55 -11.40 -0.10 -28.89
N GLY A 56 -12.12 0.14 -27.82
CA GLY A 56 -12.21 -0.81 -26.74
C GLY A 56 -11.76 -0.16 -25.46
N TRP A 57 -11.39 -0.96 -24.47
CA TRP A 57 -10.88 -0.45 -23.22
C TRP A 57 -9.60 0.33 -23.45
N THR A 58 -9.67 1.61 -23.23
CA THR A 58 -8.53 2.47 -23.36
C THR A 58 -7.58 2.22 -22.22
N ASN A 59 -6.35 2.67 -22.40
CA ASN A 59 -5.33 2.61 -21.35
C ASN A 59 -4.96 1.19 -21.03
N ASP A 60 -4.19 1.03 -19.99
CA ASP A 60 -3.80 -0.28 -19.53
C ASP A 60 -4.49 -0.58 -18.26
N ILE A 61 -4.35 -1.80 -17.82
CA ILE A 61 -4.81 -2.22 -16.53
C ILE A 61 -3.94 -1.52 -15.49
N PRO A 62 -4.54 -0.69 -14.64
CA PRO A 62 -3.82 0.00 -13.60
C PRO A 62 -3.27 -0.98 -12.57
N ILE A 63 -2.28 -0.56 -11.85
CA ILE A 63 -1.58 -1.47 -10.99
C ILE A 63 -1.88 -1.15 -9.56
N CYS A 64 -2.15 -2.15 -8.80
CA CYS A 64 -2.36 -1.96 -7.41
C CYS A 64 -1.13 -2.40 -6.67
N GLU A 65 -0.44 -1.47 -6.11
CA GLU A 65 0.71 -1.77 -5.35
C GLU A 65 0.34 -1.77 -3.94
N VAL A 66 1.04 -2.53 -3.20
CA VAL A 66 0.78 -2.67 -1.81
C VAL A 66 1.12 -1.40 -1.12
N VAL A 67 0.32 -1.05 -0.16
CA VAL A 67 0.57 0.15 0.61
C VAL A 67 1.83 -0.04 1.40
N LYS A 68 2.74 0.85 1.18
CA LYS A 68 4.03 0.74 1.73
C LYS A 68 4.37 1.92 2.56
N CYS A 69 4.78 1.62 3.75
CA CYS A 69 5.14 2.59 4.71
C CYS A 69 6.58 2.99 4.48
N LEU A 70 6.93 4.19 4.88
CA LEU A 70 8.27 4.70 4.67
C LEU A 70 9.29 3.89 5.54
N PRO A 71 10.57 3.95 5.20
CA PRO A 71 11.59 3.17 5.88
C PRO A 71 11.91 3.74 7.25
N VAL A 72 11.77 2.90 8.24
CA VAL A 72 12.01 3.29 9.62
C VAL A 72 13.50 3.39 9.87
N THR A 73 13.89 4.40 10.57
CA THR A 73 15.22 4.54 11.03
C THR A 73 15.28 4.00 12.49
N ALA A 74 16.24 4.39 13.25
CA ALA A 74 16.43 3.78 14.54
C ALA A 74 16.49 4.84 15.62
N PRO A 75 16.10 4.52 16.86
CA PRO A 75 16.18 5.47 17.95
C PRO A 75 17.63 5.77 18.36
N GLU A 76 17.80 6.86 19.04
CA GLU A 76 19.11 7.39 19.44
C GLU A 76 19.93 6.44 20.32
N ASN A 77 19.29 5.82 21.28
CA ASN A 77 20.00 4.91 22.18
C ASN A 77 19.42 3.53 22.02
N GLY A 78 18.93 3.25 20.85
CA GLY A 78 18.34 1.97 20.60
C GLY A 78 18.52 1.52 19.19
N LYS A 79 17.81 0.50 18.80
CA LYS A 79 17.88 -0.03 17.47
C LYS A 79 16.58 -0.73 17.17
N ILE A 80 16.45 -1.23 15.97
CA ILE A 80 15.26 -1.90 15.55
C ILE A 80 15.32 -3.39 15.89
N VAL A 81 14.27 -3.88 16.54
CA VAL A 81 14.13 -5.29 16.92
C VAL A 81 14.05 -6.15 15.68
N SER A 82 13.41 -5.63 14.66
CA SER A 82 13.38 -6.29 13.39
C SER A 82 14.71 -5.99 12.68
N SER A 83 15.78 -6.52 13.24
CA SER A 83 17.10 -6.37 12.72
C SER A 83 17.21 -7.16 11.42
N ALA A 84 16.40 -8.21 11.33
CA ALA A 84 16.24 -8.94 10.11
C ALA A 84 15.47 -8.04 9.17
N MET A 85 16.19 -7.40 8.30
CA MET A 85 15.64 -6.41 7.44
C MET A 85 16.50 -6.31 6.22
N GLU A 86 16.15 -7.11 5.28
CA GLU A 86 16.78 -7.13 4.00
C GLU A 86 16.15 -6.06 3.11
N PRO A 87 16.98 -5.28 2.41
CA PRO A 87 16.55 -4.08 1.63
C PRO A 87 15.80 -4.40 0.34
N ASP A 88 15.28 -5.57 0.26
CA ASP A 88 14.50 -5.98 -0.89
C ASP A 88 13.06 -6.02 -0.55
N ARG A 89 12.78 -6.16 0.71
CA ARG A 89 11.42 -6.22 1.14
C ARG A 89 10.95 -4.89 1.70
N GLU A 90 10.01 -4.30 0.99
CA GLU A 90 9.44 -3.02 1.37
C GLU A 90 8.50 -3.19 2.55
N TYR A 91 8.28 -2.13 3.29
CA TYR A 91 7.40 -2.17 4.43
C TYR A 91 5.96 -2.12 3.98
N HIS A 92 5.32 -3.24 3.96
CA HIS A 92 3.95 -3.33 3.48
C HIS A 92 3.00 -3.27 4.65
N PHE A 93 1.74 -2.93 4.38
CA PHE A 93 0.70 -3.02 5.40
C PHE A 93 0.68 -4.44 5.94
N GLY A 94 1.07 -4.58 7.17
CA GLY A 94 1.24 -5.85 7.78
C GLY A 94 2.51 -5.88 8.59
N GLN A 95 3.34 -4.86 8.41
CA GLN A 95 4.55 -4.73 9.17
C GLN A 95 4.31 -4.09 10.52
N ALA A 96 5.05 -4.56 11.48
CA ALA A 96 5.10 -3.99 12.80
C ALA A 96 6.55 -3.92 13.19
N VAL A 97 7.07 -2.74 13.28
CA VAL A 97 8.46 -2.54 13.58
C VAL A 97 8.64 -2.24 15.05
N ARG A 98 9.23 -3.17 15.74
CA ARG A 98 9.50 -3.04 17.13
C ARG A 98 10.93 -2.51 17.32
N PHE A 99 11.16 -1.85 18.42
CA PHE A 99 12.42 -1.20 18.73
C PHE A 99 12.92 -1.69 20.06
N VAL A 100 14.20 -1.64 20.24
CA VAL A 100 14.82 -2.06 21.46
C VAL A 100 15.85 -1.06 21.85
N CYS A 101 15.96 -0.84 23.10
CA CYS A 101 16.89 0.09 23.62
C CYS A 101 18.14 -0.60 24.05
N ASN A 102 19.24 0.07 23.90
CA ASN A 102 20.53 -0.48 24.20
C ASN A 102 20.85 -0.28 25.63
N SER A 103 21.88 -0.94 26.09
CA SER A 103 22.37 -0.84 27.44
C SER A 103 21.28 -1.02 28.50
N GLY A 104 21.00 0.02 29.23
CA GLY A 104 19.98 -0.05 30.22
C GLY A 104 18.90 0.92 29.90
N TYR A 105 18.80 1.28 28.64
CA TYR A 105 17.83 2.28 28.25
C TYR A 105 16.44 1.71 28.14
N LYS A 106 15.47 2.57 28.24
CA LYS A 106 14.10 2.18 28.16
C LYS A 106 13.43 2.89 27.04
N ILE A 107 12.33 2.36 26.61
CA ILE A 107 11.61 2.97 25.54
C ILE A 107 10.81 4.15 26.10
N GLU A 108 10.67 5.18 25.30
CA GLU A 108 9.91 6.35 25.67
C GLU A 108 8.42 6.03 25.74
N GLY A 109 7.83 5.74 24.60
CA GLY A 109 6.43 5.44 24.57
C GLY A 109 6.18 4.03 24.14
N ASP A 110 5.87 3.85 22.89
CA ASP A 110 5.58 2.55 22.36
C ASP A 110 6.80 2.04 21.69
N GLU A 111 7.02 0.78 21.76
CA GLU A 111 8.22 0.20 21.21
C GLU A 111 7.95 -0.47 19.90
N GLU A 112 6.78 -0.24 19.35
CA GLU A 112 6.39 -0.85 18.10
C GLU A 112 5.47 0.03 17.29
N MET A 113 5.78 0.16 16.03
CA MET A 113 4.97 0.88 15.09
C MET A 113 4.40 -0.06 14.04
N HIS A 114 3.11 -0.02 13.91
CA HIS A 114 2.38 -0.87 12.99
C HIS A 114 1.96 -0.03 11.78
N CYS A 115 1.88 -0.64 10.61
CA CYS A 115 1.46 0.07 9.41
C CYS A 115 -0.04 0.33 9.38
N SER A 116 -0.40 1.48 8.91
CA SER A 116 -1.74 1.86 8.64
C SER A 116 -1.98 1.63 7.14
N ASP A 117 -3.23 1.40 6.73
CA ASP A 117 -3.54 1.11 5.30
C ASP A 117 -3.42 2.37 4.46
N ASP A 118 -3.14 3.45 5.12
CA ASP A 118 -2.95 4.75 4.50
C ASP A 118 -1.54 4.86 3.93
N GLY A 119 -0.70 3.90 4.27
CA GLY A 119 0.66 3.88 3.76
C GLY A 119 1.67 4.53 4.68
N PHE A 120 1.39 4.55 5.96
CA PHE A 120 2.31 5.10 6.94
C PHE A 120 2.19 4.35 8.25
N TRP A 121 3.06 4.66 9.17
CA TRP A 121 3.08 4.01 10.46
C TRP A 121 2.06 4.64 11.40
N SER A 122 1.46 3.84 12.24
CA SER A 122 0.46 4.32 13.20
C SER A 122 1.11 4.90 14.45
N LYS A 123 2.42 4.89 14.50
CA LYS A 123 3.12 5.36 15.65
C LYS A 123 4.34 6.13 15.23
N GLU A 124 4.74 7.03 16.05
CA GLU A 124 5.95 7.80 15.85
C GLU A 124 7.12 7.06 16.42
N LYS A 125 8.30 7.34 15.91
CA LYS A 125 9.50 6.79 16.46
C LYS A 125 9.65 7.21 17.90
N PRO A 126 9.83 6.24 18.78
CA PRO A 126 10.05 6.51 20.17
C PRO A 126 11.51 6.83 20.44
N LYS A 127 11.86 6.84 21.67
CA LYS A 127 13.20 7.12 22.04
C LYS A 127 13.64 6.09 23.02
N CYS A 128 14.88 6.11 23.30
CA CYS A 128 15.46 5.31 24.30
C CYS A 128 16.09 6.25 25.27
N VAL A 129 15.53 6.27 26.42
CA VAL A 129 15.85 7.20 27.44
C VAL A 129 16.26 6.45 28.69
N PRO A 7 -20.04 -6.03 -24.09
CA PRO A 7 -19.56 -5.85 -25.47
C PRO A 7 -18.03 -5.56 -25.52
N CYS A 8 -17.51 -4.96 -24.46
CA CYS A 8 -16.07 -4.73 -24.34
C CYS A 8 -15.40 -5.94 -23.72
N GLY A 9 -16.20 -6.77 -23.09
CA GLY A 9 -15.72 -7.97 -22.56
C GLY A 9 -15.58 -7.82 -21.13
N HIS A 10 -14.43 -7.48 -20.75
CA HIS A 10 -14.04 -7.36 -19.41
C HIS A 10 -12.66 -6.69 -19.43
N PRO A 11 -12.41 -5.66 -18.63
CA PRO A 11 -11.16 -4.89 -18.70
C PRO A 11 -9.95 -5.64 -18.14
N GLY A 12 -10.21 -6.50 -17.20
CA GLY A 12 -9.18 -7.23 -16.55
C GLY A 12 -9.40 -7.19 -15.07
N ASP A 13 -8.98 -8.20 -14.39
CA ASP A 13 -9.16 -8.28 -12.96
C ASP A 13 -7.82 -8.18 -12.30
N THR A 14 -7.69 -7.27 -11.38
CA THR A 14 -6.45 -7.11 -10.68
C THR A 14 -6.44 -7.99 -9.43
N PRO A 15 -5.42 -8.86 -9.29
CA PRO A 15 -5.31 -9.76 -8.14
C PRO A 15 -4.99 -9.02 -6.85
N PHE A 16 -4.66 -7.75 -6.99
CA PHE A 16 -4.31 -6.92 -5.87
C PHE A 16 -5.54 -6.19 -5.34
N GLY A 17 -6.65 -6.39 -5.99
CA GLY A 17 -7.85 -5.75 -5.55
C GLY A 17 -9.00 -6.12 -6.39
N THR A 18 -9.58 -5.14 -7.01
CA THR A 18 -10.71 -5.31 -7.88
C THR A 18 -10.95 -3.96 -8.60
N PHE A 19 -12.11 -3.76 -9.18
CA PHE A 19 -12.40 -2.51 -9.85
C PHE A 19 -13.88 -2.17 -9.74
N THR A 20 -14.20 -0.99 -10.15
CA THR A 20 -15.53 -0.49 -10.17
C THR A 20 -15.81 -0.05 -11.62
N LEU A 21 -17.04 0.13 -11.95
CA LEU A 21 -17.42 0.54 -13.27
C LEU A 21 -18.20 1.82 -13.16
N THR A 22 -17.81 2.80 -13.92
CA THR A 22 -18.40 4.09 -13.88
C THR A 22 -18.92 4.44 -15.26
N GLY A 23 -20.17 4.76 -15.34
CA GLY A 23 -20.75 5.10 -16.62
C GLY A 23 -21.37 3.88 -17.27
N GLY A 24 -21.84 2.96 -16.46
CA GLY A 24 -22.51 1.80 -17.01
C GLY A 24 -22.72 0.70 -16.01
N ASN A 25 -21.80 0.56 -15.06
CA ASN A 25 -21.83 -0.50 -14.02
C ASN A 25 -21.68 -1.89 -14.59
N VAL A 26 -21.24 -1.95 -15.83
CA VAL A 26 -21.07 -3.20 -16.59
C VAL A 26 -19.96 -2.98 -17.60
N PHE A 27 -19.78 -3.86 -18.54
CA PHE A 27 -18.67 -3.74 -19.48
C PHE A 27 -19.17 -3.31 -20.85
N GLU A 28 -20.16 -2.43 -20.81
CA GLU A 28 -20.77 -1.86 -22.00
C GLU A 28 -19.90 -0.77 -22.59
N TYR A 29 -20.33 -0.20 -23.66
CA TYR A 29 -19.60 0.89 -24.28
C TYR A 29 -19.85 2.19 -23.56
N GLY A 30 -18.80 2.90 -23.30
CA GLY A 30 -18.90 4.17 -22.63
C GLY A 30 -18.68 4.06 -21.14
N VAL A 31 -18.34 2.89 -20.68
CA VAL A 31 -18.12 2.70 -19.26
C VAL A 31 -16.63 2.73 -18.95
N LYS A 32 -16.29 3.26 -17.82
CA LYS A 32 -14.93 3.29 -17.37
C LYS A 32 -14.75 2.32 -16.24
N ALA A 33 -13.81 1.45 -16.41
CA ALA A 33 -13.45 0.49 -15.41
C ALA A 33 -12.42 1.13 -14.54
N VAL A 34 -12.86 1.70 -13.47
CA VAL A 34 -11.97 2.36 -12.57
C VAL A 34 -11.56 1.38 -11.47
N TYR A 35 -10.34 1.07 -11.44
CA TYR A 35 -9.79 0.09 -10.56
C TYR A 35 -9.61 0.58 -9.17
N THR A 36 -9.89 -0.29 -8.24
CA THR A 36 -9.77 0.02 -6.86
C THR A 36 -9.04 -1.13 -6.17
N CYS A 37 -7.81 -0.85 -5.81
CA CYS A 37 -7.02 -1.80 -5.09
C CYS A 37 -7.62 -2.11 -3.74
N ASN A 38 -7.22 -3.22 -3.17
CA ASN A 38 -7.72 -3.62 -1.88
C ASN A 38 -7.11 -2.80 -0.77
N GLU A 39 -7.46 -3.12 0.45
CA GLU A 39 -7.07 -2.38 1.63
C GLU A 39 -5.55 -2.30 1.80
N GLY A 40 -4.88 -3.40 1.62
CA GLY A 40 -3.44 -3.43 1.75
C GLY A 40 -2.71 -3.00 0.48
N TYR A 41 -3.37 -2.24 -0.36
CA TYR A 41 -2.85 -1.88 -1.66
C TYR A 41 -3.32 -0.50 -2.05
N GLN A 42 -2.77 0.02 -3.11
CA GLN A 42 -3.13 1.31 -3.62
C GLN A 42 -2.86 1.31 -5.09
N LEU A 43 -3.42 2.24 -5.78
CA LEU A 43 -3.24 2.33 -7.18
C LEU A 43 -1.87 2.97 -7.40
N LEU A 44 -1.17 2.49 -8.37
CA LEU A 44 0.10 3.01 -8.68
C LEU A 44 0.05 3.54 -10.11
N GLY A 45 0.44 4.76 -10.27
CA GLY A 45 0.41 5.38 -11.56
C GLY A 45 -0.67 6.43 -11.65
N GLU A 46 -0.92 6.91 -12.84
CA GLU A 46 -1.88 7.97 -13.05
C GLU A 46 -3.17 7.35 -13.51
N ILE A 47 -3.03 6.35 -14.33
CA ILE A 47 -4.14 5.64 -14.88
C ILE A 47 -4.68 4.68 -13.86
N ASN A 48 -5.91 4.84 -13.50
CA ASN A 48 -6.56 3.97 -12.53
C ASN A 48 -7.78 3.35 -13.16
N TYR A 49 -7.98 3.59 -14.41
CA TYR A 49 -9.19 3.22 -15.06
C TYR A 49 -8.91 2.74 -16.49
N ARG A 50 -9.87 2.11 -17.07
CA ARG A 50 -9.85 1.80 -18.48
C ARG A 50 -11.17 2.27 -19.03
N GLU A 51 -11.20 2.78 -20.22
CA GLU A 51 -12.44 3.28 -20.74
C GLU A 51 -12.87 2.42 -21.93
N CYS A 52 -14.09 1.97 -21.92
CA CYS A 52 -14.60 1.22 -23.05
C CYS A 52 -15.01 2.20 -24.13
N ASP A 53 -14.08 2.50 -24.99
CA ASP A 53 -14.31 3.39 -26.10
C ASP A 53 -14.61 2.53 -27.31
N THR A 54 -14.67 3.12 -28.47
CA THR A 54 -15.09 2.46 -29.68
C THR A 54 -14.20 1.23 -30.04
N ASP A 55 -12.92 1.29 -29.71
CA ASP A 55 -12.00 0.16 -29.96
C ASP A 55 -12.23 -0.94 -28.94
N GLY A 56 -12.57 -0.54 -27.77
CA GLY A 56 -12.72 -1.42 -26.67
C GLY A 56 -12.15 -0.76 -25.47
N TRP A 57 -11.70 -1.53 -24.50
CA TRP A 57 -11.08 -0.95 -23.33
C TRP A 57 -9.77 -0.27 -23.68
N THR A 58 -9.74 1.03 -23.48
CA THR A 58 -8.57 1.81 -23.69
C THR A 58 -7.58 1.55 -22.56
N ASN A 59 -6.36 2.07 -22.70
CA ASN A 59 -5.31 1.92 -21.71
C ASN A 59 -5.05 0.44 -21.51
N ASP A 60 -4.49 0.11 -20.41
CA ASP A 60 -4.34 -1.25 -20.04
C ASP A 60 -4.71 -1.32 -18.60
N ILE A 61 -4.64 -2.46 -18.04
CA ILE A 61 -4.86 -2.69 -16.65
C ILE A 61 -3.87 -1.81 -15.85
N PRO A 62 -4.39 -0.93 -14.99
CA PRO A 62 -3.57 -0.04 -14.18
C PRO A 62 -2.69 -0.79 -13.21
N ILE A 63 -1.79 -0.09 -12.62
CA ILE A 63 -0.81 -0.69 -11.78
C ILE A 63 -1.29 -0.62 -10.36
N CYS A 64 -1.08 -1.64 -9.63
CA CYS A 64 -1.44 -1.65 -8.27
C CYS A 64 -0.24 -2.04 -7.49
N GLU A 65 -0.02 -1.36 -6.42
CA GLU A 65 1.11 -1.63 -5.60
C GLU A 65 0.62 -1.74 -4.19
N VAL A 66 1.34 -2.45 -3.39
CA VAL A 66 0.98 -2.63 -2.02
C VAL A 66 1.20 -1.28 -1.32
N VAL A 67 0.41 -0.96 -0.33
CA VAL A 67 0.65 0.28 0.40
C VAL A 67 1.97 0.19 1.17
N LYS A 68 2.96 0.91 0.68
CA LYS A 68 4.26 0.91 1.25
C LYS A 68 4.38 1.99 2.30
N CYS A 69 4.99 1.63 3.37
CA CYS A 69 5.20 2.52 4.47
C CYS A 69 6.67 2.94 4.38
N LEU A 70 6.94 4.21 4.61
CA LEU A 70 8.27 4.74 4.52
C LEU A 70 9.26 4.13 5.51
N PRO A 71 10.52 4.03 5.11
CA PRO A 71 11.59 3.57 5.98
C PRO A 71 11.74 4.49 7.19
N VAL A 72 11.61 3.92 8.36
CA VAL A 72 11.69 4.66 9.59
C VAL A 72 13.12 4.61 10.11
N THR A 73 13.54 5.61 10.83
CA THR A 73 14.83 5.60 11.45
C THR A 73 14.76 4.94 12.84
N ALA A 74 15.85 4.91 13.54
CA ALA A 74 15.95 4.16 14.78
C ALA A 74 16.04 5.10 15.99
N PRO A 75 15.70 4.61 17.21
CA PRO A 75 15.84 5.38 18.44
C PRO A 75 17.30 5.67 18.77
N GLU A 76 17.51 6.70 19.53
CA GLU A 76 18.85 7.18 19.88
C GLU A 76 19.73 6.13 20.60
N ASN A 77 19.26 5.60 21.71
CA ASN A 77 20.02 4.62 22.48
C ASN A 77 19.46 3.26 22.22
N GLY A 78 19.05 3.05 20.99
CA GLY A 78 18.52 1.79 20.63
C GLY A 78 18.75 1.51 19.18
N LYS A 79 17.91 0.69 18.62
CA LYS A 79 17.99 0.27 17.24
C LYS A 79 16.65 -0.33 16.83
N ILE A 80 16.56 -0.81 15.61
CA ILE A 80 15.34 -1.43 15.10
C ILE A 80 15.46 -2.97 15.16
N VAL A 81 14.40 -3.64 15.62
CA VAL A 81 14.40 -5.10 15.69
C VAL A 81 14.03 -5.66 14.31
N SER A 82 13.18 -4.93 13.63
CA SER A 82 12.63 -5.35 12.38
C SER A 82 13.58 -5.07 11.23
N SER A 83 14.56 -5.93 11.10
CA SER A 83 15.53 -5.84 10.05
C SER A 83 14.92 -6.35 8.74
N ALA A 84 14.09 -5.54 8.17
CA ALA A 84 13.41 -5.83 6.95
C ALA A 84 13.67 -4.72 5.96
N MET A 85 14.67 -4.94 5.15
CA MET A 85 15.02 -4.04 4.09
C MET A 85 15.80 -4.82 3.06
N GLU A 86 15.06 -5.42 2.18
CA GLU A 86 15.58 -6.22 1.13
C GLU A 86 14.60 -6.13 -0.03
N PRO A 87 14.99 -6.54 -1.26
CA PRO A 87 14.15 -6.46 -2.48
C PRO A 87 12.68 -6.90 -2.33
N ASP A 88 12.40 -7.80 -1.42
CA ASP A 88 11.03 -8.26 -1.28
C ASP A 88 10.41 -7.73 -0.03
N ARG A 89 11.17 -7.79 1.04
CA ARG A 89 10.69 -7.37 2.32
C ARG A 89 10.94 -5.89 2.50
N GLU A 90 9.96 -5.13 2.20
CA GLU A 90 9.97 -3.70 2.42
C GLU A 90 8.96 -3.46 3.53
N TYR A 91 8.75 -2.23 3.88
CA TYR A 91 7.77 -1.93 4.86
C TYR A 91 6.42 -1.80 4.19
N HIS A 92 5.61 -2.79 4.35
CA HIS A 92 4.29 -2.84 3.76
C HIS A 92 3.26 -2.79 4.87
N PHE A 93 2.04 -2.42 4.54
CA PHE A 93 0.93 -2.46 5.50
C PHE A 93 0.85 -3.88 6.08
N GLY A 94 0.96 -3.96 7.38
CA GLY A 94 0.95 -5.23 8.04
C GLY A 94 2.22 -5.43 8.82
N GLN A 95 3.27 -4.72 8.41
CA GLN A 95 4.53 -4.80 9.09
C GLN A 95 4.45 -4.13 10.44
N ALA A 96 5.16 -4.68 11.34
CA ALA A 96 5.33 -4.13 12.64
C ALA A 96 6.77 -3.79 12.76
N VAL A 97 7.09 -2.54 12.84
CA VAL A 97 8.44 -2.17 13.03
C VAL A 97 8.65 -1.96 14.51
N ARG A 98 9.42 -2.81 15.08
CA ARG A 98 9.62 -2.78 16.48
C ARG A 98 11.02 -2.34 16.80
N PHE A 99 11.16 -1.59 17.85
CA PHE A 99 12.41 -0.99 18.22
C PHE A 99 12.91 -1.57 19.51
N VAL A 100 14.18 -1.43 19.74
CA VAL A 100 14.82 -1.93 20.92
C VAL A 100 15.63 -0.89 21.56
N CYS A 101 15.80 -1.04 22.82
CA CYS A 101 16.62 -0.22 23.59
C CYS A 101 17.75 -1.03 24.12
N ASN A 102 18.89 -0.44 24.13
CA ASN A 102 20.08 -1.07 24.64
C ASN A 102 19.95 -1.24 26.15
N SER A 103 20.76 -2.10 26.70
CA SER A 103 20.67 -2.49 28.10
C SER A 103 20.75 -1.28 29.01
N GLY A 104 19.70 -1.07 29.74
CA GLY A 104 19.62 0.04 30.65
C GLY A 104 18.59 1.04 30.23
N TYR A 105 18.23 1.03 28.96
CA TYR A 105 17.28 1.99 28.46
C TYR A 105 15.93 1.37 28.25
N LYS A 106 14.93 2.20 28.25
CA LYS A 106 13.59 1.77 28.06
C LYS A 106 13.04 2.53 26.90
N ILE A 107 12.05 1.98 26.25
CA ILE A 107 11.42 2.68 25.17
C ILE A 107 10.63 3.87 25.77
N GLU A 108 10.53 4.92 25.01
CA GLU A 108 9.78 6.10 25.37
C GLU A 108 8.33 5.74 25.69
N GLY A 109 7.64 5.18 24.71
CA GLY A 109 6.26 4.81 24.91
C GLY A 109 5.99 3.44 24.40
N ASP A 110 5.75 3.33 23.12
CA ASP A 110 5.46 2.06 22.49
C ASP A 110 6.69 1.58 21.77
N GLU A 111 7.03 0.33 21.92
CA GLU A 111 8.23 -0.20 21.29
C GLU A 111 7.95 -0.65 19.87
N GLU A 112 6.73 -0.54 19.44
CA GLU A 112 6.36 -1.02 18.15
C GLU A 112 5.51 -0.02 17.42
N MET A 113 5.74 0.05 16.15
CA MET A 113 5.05 0.89 15.24
C MET A 113 4.51 0.04 14.13
N HIS A 114 3.25 -0.03 14.04
CA HIS A 114 2.58 -0.79 13.00
C HIS A 114 2.24 0.10 11.84
N CYS A 115 2.12 -0.47 10.67
CA CYS A 115 1.71 0.30 9.52
C CYS A 115 0.22 0.06 9.32
N SER A 116 -0.47 1.08 8.92
CA SER A 116 -1.90 1.03 8.83
C SER A 116 -2.41 1.29 7.39
N ASP A 117 -3.74 1.37 7.25
CA ASP A 117 -4.46 1.62 5.98
C ASP A 117 -4.01 2.92 5.32
N ASP A 118 -3.46 3.78 6.14
CA ASP A 118 -2.99 5.09 5.72
C ASP A 118 -1.83 4.98 4.73
N GLY A 119 -1.14 3.82 4.73
CA GLY A 119 0.05 3.67 3.92
C GLY A 119 1.24 4.27 4.62
N PHE A 120 1.06 4.52 5.91
CA PHE A 120 2.07 5.10 6.74
C PHE A 120 2.01 4.43 8.10
N TRP A 121 2.90 4.82 8.96
CA TRP A 121 3.02 4.23 10.25
C TRP A 121 2.01 4.77 11.23
N SER A 122 1.59 3.94 12.13
CA SER A 122 0.68 4.33 13.15
C SER A 122 1.42 4.99 14.32
N LYS A 123 2.70 4.62 14.58
CA LYS A 123 3.39 5.30 15.64
C LYS A 123 4.29 6.40 15.14
N GLU A 124 4.70 7.20 16.08
CA GLU A 124 5.70 8.21 15.89
C GLU A 124 6.98 7.56 16.37
N LYS A 125 8.11 8.10 16.04
CA LYS A 125 9.34 7.53 16.51
C LYS A 125 9.51 7.67 18.00
N PRO A 126 9.73 6.56 18.68
CA PRO A 126 10.09 6.59 20.06
C PRO A 126 11.59 6.70 20.21
N LYS A 127 12.04 6.62 21.41
CA LYS A 127 13.43 6.70 21.72
C LYS A 127 13.70 5.89 22.92
N CYS A 128 14.92 5.79 23.30
CA CYS A 128 15.31 5.01 24.43
C CYS A 128 15.82 5.90 25.49
N VAL A 129 15.08 5.93 26.55
CA VAL A 129 15.29 6.79 27.66
C VAL A 129 15.22 5.97 28.97
N PRO A 7 -20.26 -6.11 -24.16
CA PRO A 7 -19.75 -5.92 -25.53
C PRO A 7 -18.25 -5.60 -25.54
N CYS A 8 -17.80 -4.94 -24.49
CA CYS A 8 -16.40 -4.60 -24.32
C CYS A 8 -15.68 -5.84 -23.84
N GLY A 9 -16.39 -6.59 -23.07
CA GLY A 9 -15.94 -7.85 -22.64
C GLY A 9 -15.83 -7.86 -21.20
N HIS A 10 -14.68 -7.56 -20.78
CA HIS A 10 -14.27 -7.59 -19.43
C HIS A 10 -12.86 -7.02 -19.45
N PRO A 11 -12.53 -6.09 -18.57
CA PRO A 11 -11.24 -5.38 -18.60
C PRO A 11 -10.07 -6.18 -18.00
N GLY A 12 -10.36 -7.36 -17.59
CA GLY A 12 -9.38 -8.17 -16.94
C GLY A 12 -9.64 -8.16 -15.47
N ASP A 13 -8.71 -8.60 -14.69
CA ASP A 13 -8.87 -8.70 -13.26
C ASP A 13 -7.54 -8.40 -12.60
N THR A 14 -7.57 -7.88 -11.40
CA THR A 14 -6.36 -7.61 -10.69
C THR A 14 -6.36 -8.39 -9.37
N PRO A 15 -5.27 -9.11 -9.08
CA PRO A 15 -5.14 -9.88 -7.84
C PRO A 15 -4.78 -9.00 -6.65
N PHE A 16 -4.50 -7.75 -6.94
CA PHE A 16 -4.12 -6.79 -5.90
C PHE A 16 -5.32 -5.98 -5.47
N GLY A 17 -6.49 -6.47 -5.75
CA GLY A 17 -7.66 -5.77 -5.36
C GLY A 17 -8.82 -6.13 -6.20
N THR A 18 -9.37 -5.15 -6.86
CA THR A 18 -10.55 -5.32 -7.66
C THR A 18 -10.75 -4.07 -8.53
N PHE A 19 -11.87 -3.96 -9.16
CA PHE A 19 -12.17 -2.80 -9.96
C PHE A 19 -13.63 -2.48 -9.82
N THR A 20 -13.98 -1.31 -10.20
CA THR A 20 -15.33 -0.84 -10.17
C THR A 20 -15.65 -0.37 -11.59
N LEU A 21 -16.88 -0.22 -11.90
CA LEU A 21 -17.30 0.21 -13.21
C LEU A 21 -18.15 1.44 -13.05
N THR A 22 -17.78 2.48 -13.74
CA THR A 22 -18.44 3.75 -13.65
C THR A 22 -18.99 4.13 -15.01
N GLY A 23 -20.22 4.59 -15.06
CA GLY A 23 -20.79 4.98 -16.33
C GLY A 23 -21.38 3.80 -17.07
N GLY A 24 -21.76 2.79 -16.34
CA GLY A 24 -22.35 1.63 -16.94
C GLY A 24 -22.55 0.56 -15.94
N ASN A 25 -21.59 0.48 -15.01
CA ASN A 25 -21.59 -0.48 -13.90
C ASN A 25 -21.56 -1.92 -14.40
N VAL A 26 -21.15 -2.08 -15.65
CA VAL A 26 -21.06 -3.36 -16.36
C VAL A 26 -20.00 -3.18 -17.43
N PHE A 27 -19.88 -4.08 -18.37
CA PHE A 27 -18.83 -3.97 -19.37
C PHE A 27 -19.42 -3.51 -20.71
N GLU A 28 -20.31 -2.55 -20.60
CA GLU A 28 -20.98 -1.92 -21.76
C GLU A 28 -20.14 -0.77 -22.34
N TYR A 29 -20.64 -0.16 -23.37
CA TYR A 29 -19.94 0.97 -23.97
C TYR A 29 -20.10 2.20 -23.12
N GLY A 30 -19.02 2.92 -22.95
CA GLY A 30 -19.04 4.16 -22.21
C GLY A 30 -18.80 3.95 -20.72
N VAL A 31 -18.47 2.74 -20.33
CA VAL A 31 -18.20 2.47 -18.94
C VAL A 31 -16.69 2.51 -18.71
N LYS A 32 -16.31 2.96 -17.57
CA LYS A 32 -14.93 3.00 -17.19
C LYS A 32 -14.70 1.99 -16.10
N ALA A 33 -13.78 1.10 -16.36
CA ALA A 33 -13.38 0.13 -15.39
C ALA A 33 -12.33 0.74 -14.52
N VAL A 34 -12.77 1.43 -13.51
CA VAL A 34 -11.88 2.08 -12.62
C VAL A 34 -11.40 1.09 -11.56
N TYR A 35 -10.20 0.70 -11.70
CA TYR A 35 -9.56 -0.22 -10.84
C TYR A 35 -9.24 0.41 -9.52
N THR A 36 -9.54 -0.31 -8.48
CA THR A 36 -9.32 0.15 -7.17
C THR A 36 -8.56 -0.94 -6.42
N CYS A 37 -7.36 -0.64 -6.05
CA CYS A 37 -6.55 -1.58 -5.35
C CYS A 37 -7.09 -1.88 -3.96
N ASN A 38 -6.63 -2.99 -3.42
CA ASN A 38 -7.05 -3.49 -2.14
C ASN A 38 -6.55 -2.58 -1.01
N GLU A 39 -6.77 -3.01 0.20
CA GLU A 39 -6.37 -2.28 1.39
C GLU A 39 -4.87 -2.00 1.42
N GLY A 40 -4.09 -3.04 1.25
CA GLY A 40 -2.67 -2.90 1.31
C GLY A 40 -2.05 -2.54 -0.01
N TYR A 41 -2.86 -2.16 -0.97
CA TYR A 41 -2.35 -1.85 -2.29
C TYR A 41 -2.86 -0.52 -2.76
N GLN A 42 -2.19 0.05 -3.69
CA GLN A 42 -2.55 1.32 -4.21
C GLN A 42 -2.34 1.31 -5.69
N LEU A 43 -3.07 2.12 -6.36
CA LEU A 43 -2.96 2.22 -7.76
C LEU A 43 -1.74 3.08 -8.04
N LEU A 44 -0.86 2.57 -8.85
CA LEU A 44 0.34 3.25 -9.18
C LEU A 44 0.21 3.71 -10.62
N GLY A 45 0.50 4.94 -10.86
CA GLY A 45 0.39 5.48 -12.17
C GLY A 45 -0.69 6.53 -12.24
N GLU A 46 -1.02 6.93 -13.43
CA GLU A 46 -2.04 7.95 -13.61
C GLU A 46 -3.32 7.32 -14.07
N ILE A 47 -3.17 6.25 -14.80
CA ILE A 47 -4.30 5.55 -15.34
C ILE A 47 -4.74 4.51 -14.33
N ASN A 48 -5.97 4.60 -13.88
CA ASN A 48 -6.52 3.67 -12.91
C ASN A 48 -7.77 3.08 -13.46
N TYR A 49 -8.04 3.33 -14.68
CA TYR A 49 -9.31 2.99 -15.23
C TYR A 49 -9.10 2.46 -16.62
N ARG A 50 -10.11 1.89 -17.19
CA ARG A 50 -10.13 1.54 -18.58
C ARG A 50 -11.43 2.04 -19.12
N GLU A 51 -11.43 2.94 -20.04
CA GLU A 51 -12.69 3.42 -20.57
C GLU A 51 -13.08 2.60 -21.78
N CYS A 52 -14.28 2.09 -21.80
CA CYS A 52 -14.74 1.39 -22.96
C CYS A 52 -15.29 2.38 -23.95
N ASP A 53 -14.58 2.56 -25.01
CA ASP A 53 -14.97 3.42 -26.07
C ASP A 53 -15.28 2.52 -27.25
N THR A 54 -15.37 3.04 -28.43
CA THR A 54 -15.76 2.29 -29.61
C THR A 54 -14.76 1.15 -29.96
N ASP A 55 -13.51 1.26 -29.48
CA ASP A 55 -12.49 0.23 -29.72
C ASP A 55 -12.66 -0.89 -28.69
N GLY A 56 -13.29 -0.55 -27.61
CA GLY A 56 -13.37 -1.41 -26.48
C GLY A 56 -12.69 -0.73 -25.35
N TRP A 57 -12.04 -1.47 -24.50
CA TRP A 57 -11.32 -0.87 -23.41
C TRP A 57 -10.08 -0.14 -23.97
N THR A 58 -10.11 1.18 -23.88
CA THR A 58 -9.06 2.02 -24.42
C THR A 58 -7.76 1.82 -23.68
N ASN A 59 -7.82 2.04 -22.39
CA ASN A 59 -6.67 1.89 -21.53
C ASN A 59 -6.42 0.44 -21.32
N ASP A 60 -5.30 0.14 -20.73
CA ASP A 60 -4.93 -1.22 -20.40
C ASP A 60 -5.08 -1.39 -18.91
N ILE A 61 -4.76 -2.56 -18.40
CA ILE A 61 -4.82 -2.81 -16.96
C ILE A 61 -3.79 -1.92 -16.25
N PRO A 62 -4.23 -1.09 -15.28
CA PRO A 62 -3.36 -0.19 -14.55
C PRO A 62 -2.37 -0.92 -13.62
N ILE A 63 -1.48 -0.17 -13.03
CA ILE A 63 -0.44 -0.74 -12.20
C ILE A 63 -0.90 -0.68 -10.75
N CYS A 64 -0.64 -1.71 -10.01
CA CYS A 64 -1.01 -1.72 -8.64
C CYS A 64 0.19 -2.10 -7.82
N GLU A 65 0.50 -1.26 -6.88
CA GLU A 65 1.68 -1.39 -6.09
C GLU A 65 1.25 -1.51 -4.63
N VAL A 66 2.08 -2.10 -3.82
CA VAL A 66 1.76 -2.25 -2.42
C VAL A 66 1.97 -0.90 -1.70
N VAL A 67 1.00 -0.52 -0.86
CA VAL A 67 1.06 0.74 -0.11
C VAL A 67 2.29 0.71 0.78
N LYS A 68 3.13 1.69 0.64
CA LYS A 68 4.36 1.72 1.36
C LYS A 68 4.30 2.74 2.47
N CYS A 69 5.14 2.57 3.43
CA CYS A 69 5.22 3.42 4.57
C CYS A 69 6.59 4.06 4.57
N LEU A 70 6.76 5.14 5.28
CA LEU A 70 8.05 5.78 5.34
C LEU A 70 9.00 4.91 6.19
N PRO A 71 10.30 5.02 5.97
CA PRO A 71 11.27 4.19 6.65
C PRO A 71 11.54 4.63 8.07
N VAL A 72 11.39 3.69 8.95
CA VAL A 72 11.57 3.88 10.37
C VAL A 72 13.05 4.10 10.67
N THR A 73 13.32 5.06 11.51
CA THR A 73 14.64 5.25 12.01
C THR A 73 14.77 4.51 13.35
N ALA A 74 15.92 4.43 13.85
CA ALA A 74 16.21 3.66 15.03
C ALA A 74 16.12 4.58 16.23
N PRO A 75 15.87 4.05 17.42
CA PRO A 75 15.95 4.85 18.60
C PRO A 75 17.40 5.14 18.97
N GLU A 76 17.57 6.23 19.64
CA GLU A 76 18.88 6.81 19.95
C GLU A 76 19.84 5.86 20.69
N ASN A 77 19.34 5.15 21.66
CA ASN A 77 20.15 4.23 22.42
C ASN A 77 19.52 2.86 22.33
N GLY A 78 18.90 2.62 21.22
CA GLY A 78 18.25 1.38 20.98
C GLY A 78 18.48 0.95 19.56
N LYS A 79 17.69 0.04 19.09
CA LYS A 79 17.80 -0.49 17.75
C LYS A 79 16.46 -1.06 17.34
N ILE A 80 16.27 -1.27 16.05
CA ILE A 80 15.00 -1.78 15.58
C ILE A 80 15.01 -3.31 15.57
N VAL A 81 13.98 -3.90 16.09
CA VAL A 81 13.81 -5.34 16.11
C VAL A 81 13.43 -5.79 14.70
N SER A 82 12.48 -5.11 14.16
CA SER A 82 11.90 -5.43 12.87
C SER A 82 12.57 -4.63 11.75
N SER A 83 13.88 -4.53 11.78
CA SER A 83 14.63 -3.75 10.80
C SER A 83 14.57 -4.41 9.42
N ALA A 84 13.71 -3.86 8.56
CA ALA A 84 13.52 -4.29 7.15
C ALA A 84 13.46 -5.80 6.98
N MET A 85 12.31 -6.38 7.29
CA MET A 85 12.15 -7.84 7.21
C MET A 85 11.76 -8.24 5.79
N GLU A 86 11.27 -7.28 5.02
CA GLU A 86 10.87 -7.52 3.66
C GLU A 86 12.08 -7.59 2.74
N PRO A 87 11.99 -8.38 1.66
CA PRO A 87 13.09 -8.51 0.67
C PRO A 87 13.17 -7.29 -0.24
N ASP A 88 12.23 -6.41 -0.04
CA ASP A 88 12.11 -5.17 -0.76
C ASP A 88 12.82 -4.17 0.09
N ARG A 89 12.78 -4.47 1.39
CA ARG A 89 13.31 -3.70 2.49
C ARG A 89 12.56 -2.41 2.73
N GLU A 90 11.62 -2.21 1.89
CA GLU A 90 10.67 -1.14 2.02
C GLU A 90 9.79 -1.45 3.18
N TYR A 91 9.40 -0.46 3.88
CA TYR A 91 8.38 -0.65 4.83
C TYR A 91 7.10 -0.39 4.12
N HIS A 92 6.20 -1.30 4.19
CA HIS A 92 4.97 -1.17 3.49
C HIS A 92 3.87 -1.81 4.29
N PHE A 93 2.63 -1.57 3.89
CA PHE A 93 1.45 -2.03 4.61
C PHE A 93 1.56 -3.52 4.87
N GLY A 94 1.52 -3.85 6.13
CA GLY A 94 1.70 -5.20 6.56
C GLY A 94 2.84 -5.29 7.54
N GLN A 95 3.68 -4.26 7.57
CA GLN A 95 4.79 -4.21 8.49
C GLN A 95 4.36 -3.82 9.89
N ALA A 96 4.89 -4.55 10.82
CA ALA A 96 4.75 -4.29 12.22
C ALA A 96 6.16 -4.24 12.76
N VAL A 97 6.57 -3.07 13.12
CA VAL A 97 7.93 -2.82 13.53
C VAL A 97 8.04 -2.61 15.02
N ARG A 98 8.85 -3.42 15.65
CA ARG A 98 9.09 -3.30 17.05
C ARG A 98 10.55 -2.85 17.27
N PHE A 99 10.83 -2.33 18.45
CA PHE A 99 12.10 -1.74 18.80
C PHE A 99 12.60 -2.31 20.10
N VAL A 100 13.86 -2.13 20.34
CA VAL A 100 14.50 -2.53 21.55
C VAL A 100 15.40 -1.46 22.02
N CYS A 101 15.45 -1.34 23.29
CA CYS A 101 16.34 -0.48 23.91
C CYS A 101 17.41 -1.31 24.52
N ASN A 102 18.61 -0.92 24.26
CA ASN A 102 19.80 -1.57 24.79
C ASN A 102 19.74 -1.67 26.31
N SER A 103 20.60 -2.52 26.84
CA SER A 103 20.60 -3.00 28.25
C SER A 103 20.14 -2.01 29.33
N GLY A 104 20.62 -0.82 29.29
CA GLY A 104 20.33 0.12 30.36
C GLY A 104 19.31 1.19 30.01
N TYR A 105 18.57 1.02 28.92
CA TYR A 105 17.63 2.06 28.51
C TYR A 105 16.22 1.56 28.46
N LYS A 106 15.31 2.49 28.46
CA LYS A 106 13.90 2.16 28.41
C LYS A 106 13.30 2.86 27.21
N ILE A 107 12.24 2.31 26.69
CA ILE A 107 11.57 2.91 25.56
C ILE A 107 10.85 4.19 26.04
N GLU A 108 10.82 5.18 25.20
CA GLU A 108 10.14 6.40 25.54
C GLU A 108 8.63 6.28 25.28
N GLY A 109 8.24 6.24 24.03
CA GLY A 109 6.84 6.18 23.70
C GLY A 109 6.28 4.77 23.79
N ASP A 110 6.35 4.07 22.69
CA ASP A 110 5.82 2.71 22.58
C ASP A 110 6.87 1.94 21.85
N GLU A 111 6.88 0.64 21.93
CA GLU A 111 7.99 -0.09 21.38
C GLU A 111 7.65 -0.74 20.07
N GLU A 112 6.47 -0.51 19.58
CA GLU A 112 6.06 -1.11 18.33
C GLU A 112 5.07 -0.27 17.55
N MET A 113 5.21 -0.30 16.25
CA MET A 113 4.41 0.49 15.32
C MET A 113 3.92 -0.36 14.16
N HIS A 114 2.73 -0.08 13.70
CA HIS A 114 2.13 -0.83 12.61
C HIS A 114 1.69 0.12 11.49
N CYS A 115 1.89 -0.31 10.24
CA CYS A 115 1.45 0.47 9.08
C CYS A 115 -0.05 0.59 8.99
N SER A 116 -0.53 1.79 8.81
CA SER A 116 -1.93 2.06 8.67
C SER A 116 -2.26 2.36 7.18
N ASP A 117 -3.56 2.37 6.85
CA ASP A 117 -4.11 2.55 5.47
C ASP A 117 -3.50 3.72 4.74
N ASP A 118 -3.23 4.79 5.45
CA ASP A 118 -2.72 6.03 4.86
C ASP A 118 -1.30 5.91 4.34
N GLY A 119 -0.59 4.88 4.75
CA GLY A 119 0.75 4.67 4.27
C GLY A 119 1.81 5.14 5.24
N PHE A 120 1.50 5.13 6.51
CA PHE A 120 2.45 5.49 7.52
C PHE A 120 2.16 4.75 8.80
N TRP A 121 2.98 4.98 9.79
CA TRP A 121 2.89 4.31 11.05
C TRP A 121 1.89 4.99 11.97
N SER A 122 1.07 4.20 12.62
CA SER A 122 0.06 4.69 13.55
C SER A 122 0.71 5.18 14.85
N LYS A 123 1.87 4.65 15.12
CA LYS A 123 2.59 4.95 16.32
C LYS A 123 3.60 6.04 16.14
N GLU A 124 4.26 6.31 17.21
CA GLU A 124 5.29 7.32 17.27
C GLU A 124 6.69 6.67 17.21
N LYS A 125 7.63 7.40 16.63
CA LYS A 125 9.04 7.02 16.56
C LYS A 125 9.62 7.24 17.96
N PRO A 126 9.91 6.15 18.68
CA PRO A 126 10.32 6.22 20.06
C PRO A 126 11.80 6.36 20.28
N LYS A 127 12.15 6.54 21.52
CA LYS A 127 13.50 6.76 21.92
C LYS A 127 13.85 5.72 22.94
N CYS A 128 15.07 5.70 23.34
CA CYS A 128 15.54 4.84 24.39
C CYS A 128 16.26 5.69 25.36
N VAL A 129 15.59 6.01 26.41
CA VAL A 129 16.05 6.92 27.40
C VAL A 129 15.94 6.26 28.77
N PRO A 7 -19.75 -7.22 -23.98
CA PRO A 7 -19.29 -7.05 -25.36
C PRO A 7 -17.82 -6.57 -25.42
N CYS A 8 -17.39 -5.87 -24.39
CA CYS A 8 -16.02 -5.40 -24.27
C CYS A 8 -15.18 -6.54 -23.71
N GLY A 9 -15.83 -7.34 -22.93
CA GLY A 9 -15.27 -8.52 -22.42
C GLY A 9 -15.12 -8.38 -20.98
N HIS A 10 -14.01 -7.91 -20.63
CA HIS A 10 -13.60 -7.76 -19.27
C HIS A 10 -12.25 -7.05 -19.36
N PRO A 11 -12.01 -6.03 -18.55
CA PRO A 11 -10.77 -5.23 -18.64
C PRO A 11 -9.58 -5.89 -17.95
N GLY A 12 -9.80 -7.05 -17.43
CA GLY A 12 -8.81 -7.70 -16.64
C GLY A 12 -9.08 -7.38 -15.20
N ASP A 13 -8.33 -7.95 -14.33
CA ASP A 13 -8.55 -7.75 -12.90
C ASP A 13 -7.24 -7.72 -12.19
N THR A 14 -7.22 -7.14 -11.03
CA THR A 14 -6.02 -7.00 -10.28
C THR A 14 -6.14 -7.72 -8.93
N PRO A 15 -5.14 -8.54 -8.56
CA PRO A 15 -5.13 -9.23 -7.26
C PRO A 15 -4.85 -8.24 -6.13
N PHE A 16 -4.30 -7.10 -6.52
CA PHE A 16 -3.86 -6.07 -5.60
C PHE A 16 -5.00 -5.15 -5.26
N GLY A 17 -6.18 -5.57 -5.54
CA GLY A 17 -7.29 -4.78 -5.23
C GLY A 17 -8.49 -5.25 -5.94
N THR A 18 -9.16 -4.32 -6.53
CA THR A 18 -10.44 -4.53 -7.17
C THR A 18 -10.65 -3.47 -8.26
N PHE A 19 -11.72 -3.58 -8.98
CA PHE A 19 -12.12 -2.56 -9.90
C PHE A 19 -13.62 -2.52 -9.89
N THR A 20 -14.17 -1.42 -10.21
CA THR A 20 -15.58 -1.25 -10.24
C THR A 20 -15.96 -0.72 -11.61
N LEU A 21 -17.20 -0.84 -11.95
CA LEU A 21 -17.65 -0.41 -13.23
C LEU A 21 -18.56 0.76 -13.06
N THR A 22 -18.37 1.73 -13.89
CA THR A 22 -19.13 2.95 -13.86
C THR A 22 -19.66 3.24 -15.24
N GLY A 23 -20.94 3.46 -15.34
CA GLY A 23 -21.53 3.74 -16.63
C GLY A 23 -21.98 2.49 -17.33
N GLY A 24 -22.34 1.49 -16.55
CA GLY A 24 -22.81 0.28 -17.13
C GLY A 24 -23.00 -0.81 -16.12
N ASN A 25 -22.11 -0.87 -15.11
CA ASN A 25 -22.11 -1.92 -14.02
C ASN A 25 -21.70 -3.28 -14.59
N VAL A 26 -21.39 -3.27 -15.84
CA VAL A 26 -21.10 -4.47 -16.61
C VAL A 26 -20.01 -4.12 -17.58
N PHE A 27 -19.70 -5.00 -18.51
CA PHE A 27 -18.61 -4.75 -19.42
C PHE A 27 -19.15 -4.38 -20.79
N GLU A 28 -20.14 -3.51 -20.78
CA GLU A 28 -20.79 -2.98 -21.99
C GLU A 28 -20.00 -1.82 -22.57
N TYR A 29 -20.46 -1.32 -23.68
CA TYR A 29 -19.83 -0.18 -24.29
C TYR A 29 -20.21 1.08 -23.56
N GLY A 30 -19.22 1.87 -23.24
CA GLY A 30 -19.46 3.12 -22.55
C GLY A 30 -19.25 3.00 -21.08
N VAL A 31 -18.83 1.83 -20.62
CA VAL A 31 -18.60 1.64 -19.22
C VAL A 31 -17.13 1.88 -18.93
N LYS A 32 -16.87 2.42 -17.79
CA LYS A 32 -15.54 2.70 -17.38
C LYS A 32 -15.19 1.77 -16.23
N ALA A 33 -14.18 0.99 -16.42
CA ALA A 33 -13.68 0.10 -15.41
C ALA A 33 -12.71 0.85 -14.56
N VAL A 34 -13.19 1.42 -13.50
CA VAL A 34 -12.40 2.19 -12.62
C VAL A 34 -11.75 1.26 -11.61
N TYR A 35 -10.46 1.22 -11.62
CA TYR A 35 -9.74 0.36 -10.73
C TYR A 35 -9.53 1.04 -9.40
N THR A 36 -9.56 0.25 -8.39
CA THR A 36 -9.39 0.73 -7.07
C THR A 36 -8.60 -0.32 -6.26
N CYS A 37 -7.39 0.03 -5.92
CA CYS A 37 -6.47 -0.88 -5.30
C CYS A 37 -6.87 -1.18 -3.85
N ASN A 38 -6.37 -2.29 -3.35
CA ASN A 38 -6.66 -2.82 -2.01
C ASN A 38 -6.22 -1.83 -0.94
N GLU A 39 -6.60 -2.16 0.27
CA GLU A 39 -6.23 -1.43 1.45
C GLU A 39 -4.70 -1.39 1.60
N GLY A 40 -4.08 -2.53 1.33
CA GLY A 40 -2.64 -2.66 1.43
C GLY A 40 -1.90 -2.25 0.15
N TYR A 41 -2.55 -1.47 -0.69
CA TYR A 41 -1.96 -1.01 -1.95
C TYR A 41 -2.50 0.37 -2.27
N GLN A 42 -1.98 0.95 -3.28
CA GLN A 42 -2.41 2.24 -3.74
C GLN A 42 -2.33 2.23 -5.24
N LEU A 43 -2.93 3.17 -5.85
CA LEU A 43 -2.92 3.22 -7.27
C LEU A 43 -1.79 4.12 -7.71
N LEU A 44 -1.12 3.69 -8.72
CA LEU A 44 0.02 4.38 -9.25
C LEU A 44 -0.24 4.61 -10.73
N GLY A 45 0.04 5.81 -11.19
CA GLY A 45 -0.22 6.15 -12.56
C GLY A 45 -1.32 7.16 -12.65
N GLU A 46 -1.40 7.87 -13.75
CA GLU A 46 -2.39 8.91 -13.92
C GLU A 46 -3.71 8.28 -14.29
N ILE A 47 -3.62 7.13 -14.90
CA ILE A 47 -4.75 6.39 -15.36
C ILE A 47 -5.22 5.48 -14.24
N ASN A 48 -6.50 5.48 -13.97
CA ASN A 48 -7.06 4.68 -12.89
C ASN A 48 -8.28 3.93 -13.38
N TYR A 49 -8.47 3.89 -14.66
CA TYR A 49 -9.66 3.32 -15.20
C TYR A 49 -9.37 2.80 -16.59
N ARG A 50 -10.30 2.07 -17.12
CA ARG A 50 -10.29 1.68 -18.49
C ARG A 50 -11.65 1.96 -19.04
N GLU A 51 -11.75 2.78 -20.02
CA GLU A 51 -13.06 3.03 -20.60
C GLU A 51 -13.29 2.12 -21.79
N CYS A 52 -14.47 1.59 -21.91
CA CYS A 52 -14.78 0.84 -23.08
C CYS A 52 -15.35 1.75 -24.14
N ASP A 53 -14.55 2.06 -25.11
CA ASP A 53 -14.99 2.86 -26.23
C ASP A 53 -15.34 1.90 -27.32
N THR A 54 -15.62 2.37 -28.49
CA THR A 54 -16.08 1.54 -29.59
C THR A 54 -14.99 0.55 -30.09
N ASP A 55 -13.75 0.75 -29.63
CA ASP A 55 -12.64 -0.14 -29.96
C ASP A 55 -12.48 -1.18 -28.85
N GLY A 56 -13.15 -0.93 -27.75
CA GLY A 56 -13.02 -1.78 -26.60
C GLY A 56 -12.42 -1.00 -25.46
N TRP A 57 -11.85 -1.70 -24.50
CA TRP A 57 -11.18 -1.06 -23.37
C TRP A 57 -9.96 -0.24 -23.82
N THR A 58 -10.12 1.08 -23.82
CA THR A 58 -9.15 2.04 -24.31
C THR A 58 -7.84 1.99 -23.53
N ASN A 59 -7.93 2.33 -22.27
CA ASN A 59 -6.79 2.41 -21.39
C ASN A 59 -6.30 1.02 -21.09
N ASP A 60 -5.22 0.95 -20.40
CA ASP A 60 -4.67 -0.33 -19.96
C ASP A 60 -4.91 -0.44 -18.48
N ILE A 61 -4.54 -1.56 -17.90
CA ILE A 61 -4.70 -1.74 -16.47
C ILE A 61 -3.71 -0.84 -15.72
N PRO A 62 -4.21 -0.02 -14.78
CA PRO A 62 -3.37 0.85 -13.96
C PRO A 62 -2.57 0.04 -12.94
N ILE A 63 -1.62 0.66 -12.32
CA ILE A 63 -0.73 -0.05 -11.45
C ILE A 63 -1.15 0.07 -10.01
N CYS A 64 -1.24 -1.03 -9.36
CA CYS A 64 -1.46 -1.04 -7.95
C CYS A 64 -0.16 -1.32 -7.26
N GLU A 65 0.41 -0.29 -6.73
CA GLU A 65 1.66 -0.35 -6.05
C GLU A 65 1.36 -0.51 -4.61
N VAL A 66 2.23 -1.11 -3.91
CA VAL A 66 2.00 -1.39 -2.53
C VAL A 66 2.18 -0.14 -1.74
N VAL A 67 1.40 0.01 -0.71
CA VAL A 67 1.57 1.11 0.18
C VAL A 67 2.81 0.87 1.02
N LYS A 68 3.81 1.63 0.74
CA LYS A 68 5.07 1.47 1.34
C LYS A 68 5.31 2.54 2.35
N CYS A 69 5.65 2.08 3.50
CA CYS A 69 5.80 2.90 4.66
C CYS A 69 7.20 3.49 4.69
N LEU A 70 7.31 4.68 5.25
CA LEU A 70 8.59 5.35 5.38
C LEU A 70 9.63 4.51 6.15
N PRO A 71 10.82 4.42 5.59
CA PRO A 71 11.92 3.64 6.16
C PRO A 71 12.34 4.16 7.54
N VAL A 72 12.08 3.38 8.56
CA VAL A 72 12.44 3.74 9.92
C VAL A 72 13.92 3.45 10.11
N THR A 73 14.60 4.35 10.78
CA THR A 73 15.99 4.20 11.05
C THR A 73 16.25 3.23 12.23
N ALA A 74 15.99 3.73 13.45
CA ALA A 74 16.15 3.03 14.73
C ALA A 74 16.07 4.08 15.82
N PRO A 75 15.78 3.70 17.07
CA PRO A 75 15.90 4.61 18.20
C PRO A 75 17.39 4.83 18.52
N GLU A 76 17.68 5.75 19.40
CA GLU A 76 19.06 6.04 19.75
C GLU A 76 19.74 4.91 20.54
N ASN A 77 19.26 4.61 21.72
CA ASN A 77 19.85 3.54 22.53
C ASN A 77 19.11 2.24 22.32
N GLY A 78 18.71 2.02 21.09
CA GLY A 78 18.03 0.80 20.75
C GLY A 78 18.20 0.49 19.29
N LYS A 79 17.44 -0.46 18.80
CA LYS A 79 17.50 -0.90 17.43
C LYS A 79 16.14 -1.45 17.07
N ILE A 80 15.95 -1.81 15.82
CA ILE A 80 14.68 -2.32 15.40
C ILE A 80 14.67 -3.85 15.52
N VAL A 81 13.54 -4.39 15.97
CA VAL A 81 13.40 -5.83 16.11
C VAL A 81 13.15 -6.44 14.71
N SER A 82 12.39 -5.73 13.90
CA SER A 82 12.04 -6.16 12.58
C SER A 82 12.63 -5.20 11.57
N SER A 83 13.89 -5.37 11.30
CA SER A 83 14.56 -4.53 10.35
C SER A 83 14.20 -4.99 8.94
N ALA A 84 12.97 -4.68 8.53
CA ALA A 84 12.42 -5.11 7.25
C ALA A 84 12.99 -4.34 6.07
N MET A 85 13.96 -3.50 6.35
CA MET A 85 14.64 -2.66 5.37
C MET A 85 15.47 -3.50 4.40
N GLU A 86 15.72 -4.75 4.76
CA GLU A 86 16.53 -5.68 3.94
C GLU A 86 15.86 -7.00 3.56
N PRO A 87 15.35 -7.83 4.52
CA PRO A 87 14.66 -9.09 4.17
C PRO A 87 13.47 -8.84 3.25
N ASP A 88 12.91 -7.65 3.36
CA ASP A 88 11.77 -7.29 2.56
C ASP A 88 12.06 -5.97 1.87
N ARG A 89 13.19 -5.31 2.27
CA ARG A 89 13.65 -4.03 1.76
C ARG A 89 12.77 -2.82 1.97
N GLU A 90 11.58 -3.02 1.78
CA GLU A 90 10.59 -2.01 1.83
C GLU A 90 9.63 -2.31 2.96
N TYR A 91 9.15 -1.30 3.59
CA TYR A 91 8.16 -1.47 4.62
C TYR A 91 6.80 -1.43 3.97
N HIS A 92 5.99 -2.41 4.26
CA HIS A 92 4.71 -2.51 3.63
C HIS A 92 3.61 -2.50 4.69
N PHE A 93 2.40 -2.10 4.29
CA PHE A 93 1.23 -2.11 5.16
C PHE A 93 1.10 -3.47 5.84
N GLY A 94 1.12 -3.45 7.14
CA GLY A 94 1.06 -4.66 7.88
C GLY A 94 2.12 -4.68 8.94
N GLN A 95 3.23 -4.01 8.67
CA GLN A 95 4.31 -3.94 9.61
C GLN A 95 3.93 -3.24 10.89
N ALA A 96 4.22 -3.90 11.96
CA ALA A 96 4.14 -3.36 13.28
C ALA A 96 5.55 -3.43 13.79
N VAL A 97 6.30 -2.43 13.42
CA VAL A 97 7.72 -2.41 13.63
C VAL A 97 8.05 -2.07 15.07
N ARG A 98 8.57 -3.05 15.74
CA ARG A 98 8.90 -2.93 17.11
C ARG A 98 10.38 -2.62 17.28
N PHE A 99 10.68 -1.89 18.30
CA PHE A 99 12.01 -1.49 18.60
C PHE A 99 12.40 -2.13 19.89
N VAL A 100 13.65 -2.37 20.03
CA VAL A 100 14.16 -2.92 21.23
C VAL A 100 15.27 -2.04 21.70
N CYS A 101 15.33 -1.87 22.95
CA CYS A 101 16.32 -1.03 23.53
C CYS A 101 17.44 -1.86 24.06
N ASN A 102 18.57 -1.21 24.31
CA ASN A 102 19.72 -1.90 24.84
C ASN A 102 19.47 -2.40 26.22
N SER A 103 20.42 -3.15 26.70
CA SER A 103 20.37 -3.91 27.93
C SER A 103 19.77 -3.18 29.15
N GLY A 104 19.93 -1.90 29.23
CA GLY A 104 19.38 -1.20 30.36
C GLY A 104 18.50 -0.05 29.97
N TYR A 105 17.94 -0.09 28.79
CA TYR A 105 17.07 0.99 28.37
C TYR A 105 15.67 0.50 28.11
N LYS A 106 14.73 1.38 28.29
CA LYS A 106 13.35 1.10 28.09
C LYS A 106 12.91 1.96 26.95
N ILE A 107 11.87 1.60 26.30
CA ILE A 107 11.37 2.43 25.28
C ILE A 107 10.42 3.46 25.89
N GLU A 108 10.44 4.66 25.36
CA GLU A 108 9.70 5.76 25.92
C GLU A 108 8.20 5.71 25.58
N GLY A 109 7.86 5.90 24.31
CA GLY A 109 6.46 5.91 23.90
C GLY A 109 5.92 4.52 23.73
N ASP A 110 5.66 4.14 22.52
CA ASP A 110 5.21 2.79 22.26
C ASP A 110 6.43 1.98 21.90
N GLU A 111 6.26 0.73 21.69
CA GLU A 111 7.35 -0.14 21.41
C GLU A 111 7.33 -0.49 19.93
N GLU A 112 6.17 -0.28 19.32
CA GLU A 112 5.96 -0.63 17.95
C GLU A 112 5.13 0.38 17.22
N MET A 113 5.38 0.51 15.94
CA MET A 113 4.62 1.39 15.08
C MET A 113 3.93 0.54 14.04
N HIS A 114 2.66 0.69 13.93
CA HIS A 114 1.94 -0.03 12.90
C HIS A 114 1.74 0.90 11.72
N CYS A 115 2.04 0.39 10.56
CA CYS A 115 1.89 1.16 9.34
C CYS A 115 0.45 1.17 8.91
N SER A 116 -0.02 2.31 8.50
CA SER A 116 -1.36 2.46 8.04
C SER A 116 -1.39 2.43 6.50
N ASP A 117 -2.59 2.43 5.94
CA ASP A 117 -2.82 2.33 4.48
C ASP A 117 -2.33 3.56 3.72
N ASP A 118 -1.96 4.59 4.43
CA ASP A 118 -1.45 5.80 3.83
C ASP A 118 0.07 5.79 3.73
N GLY A 119 0.68 4.67 4.10
CA GLY A 119 2.14 4.54 4.03
C GLY A 119 2.86 5.21 5.19
N PHE A 120 2.12 5.60 6.20
CA PHE A 120 2.71 6.23 7.35
C PHE A 120 2.48 5.41 8.58
N TRP A 121 3.38 5.50 9.51
CA TRP A 121 3.29 4.82 10.77
C TRP A 121 2.32 5.58 11.67
N SER A 122 1.44 4.86 12.34
CA SER A 122 0.47 5.47 13.23
C SER A 122 1.15 5.93 14.55
N LYS A 123 2.33 5.42 14.80
CA LYS A 123 3.08 5.80 15.99
C LYS A 123 4.26 6.65 15.62
N GLU A 124 4.74 7.41 16.56
CA GLU A 124 5.88 8.27 16.33
C GLU A 124 7.17 7.61 16.82
N LYS A 125 8.30 8.21 16.48
CA LYS A 125 9.62 7.67 16.85
C LYS A 125 9.87 7.74 18.34
N PRO A 126 10.00 6.59 18.98
CA PRO A 126 10.25 6.51 20.40
C PRO A 126 11.74 6.56 20.74
N LYS A 127 12.03 6.73 22.00
CA LYS A 127 13.39 6.78 22.47
C LYS A 127 13.62 5.61 23.38
N CYS A 128 14.86 5.34 23.65
CA CYS A 128 15.26 4.36 24.63
C CYS A 128 15.94 5.07 25.75
N VAL A 129 15.27 5.11 26.88
CA VAL A 129 15.70 5.85 28.03
C VAL A 129 15.50 5.00 29.29
N PRO A 7 -19.77 -6.84 -24.32
CA PRO A 7 -19.24 -6.70 -25.68
C PRO A 7 -17.74 -6.34 -25.65
N CYS A 8 -17.34 -5.77 -24.54
CA CYS A 8 -15.97 -5.38 -24.31
C CYS A 8 -15.23 -6.56 -23.76
N GLY A 9 -15.92 -7.32 -22.97
CA GLY A 9 -15.41 -8.52 -22.46
C GLY A 9 -15.33 -8.44 -21.00
N HIS A 10 -14.24 -7.97 -20.59
CA HIS A 10 -13.86 -7.88 -19.21
C HIS A 10 -12.52 -7.19 -19.22
N PRO A 11 -12.28 -6.22 -18.35
CA PRO A 11 -11.02 -5.45 -18.37
C PRO A 11 -9.88 -6.16 -17.66
N GLY A 12 -10.17 -7.31 -17.14
CA GLY A 12 -9.19 -8.04 -16.41
C GLY A 12 -9.56 -8.04 -14.96
N ASP A 13 -8.58 -8.21 -14.14
CA ASP A 13 -8.74 -8.21 -12.69
C ASP A 13 -7.38 -7.85 -12.14
N THR A 14 -7.33 -7.34 -10.94
CA THR A 14 -6.07 -6.94 -10.39
C THR A 14 -5.81 -7.66 -9.06
N PRO A 15 -4.64 -8.30 -8.93
CA PRO A 15 -4.26 -9.02 -7.69
C PRO A 15 -4.10 -8.07 -6.50
N PHE A 16 -3.99 -6.79 -6.81
CA PHE A 16 -3.81 -5.77 -5.82
C PHE A 16 -5.14 -5.28 -5.26
N GLY A 17 -6.24 -5.70 -5.86
CA GLY A 17 -7.51 -5.24 -5.36
C GLY A 17 -8.67 -5.64 -6.22
N THR A 18 -9.43 -4.67 -6.61
CA THR A 18 -10.64 -4.89 -7.37
C THR A 18 -10.90 -3.68 -8.32
N PHE A 19 -12.05 -3.62 -8.93
CA PHE A 19 -12.43 -2.53 -9.78
C PHE A 19 -13.93 -2.37 -9.76
N THR A 20 -14.41 -1.25 -10.18
CA THR A 20 -15.81 -0.95 -10.25
C THR A 20 -16.11 -0.50 -11.68
N LEU A 21 -17.34 -0.51 -12.04
CA LEU A 21 -17.75 -0.10 -13.35
C LEU A 21 -18.58 1.14 -13.23
N THR A 22 -18.36 2.07 -14.11
CA THR A 22 -19.05 3.33 -14.09
C THR A 22 -19.55 3.63 -15.49
N GLY A 23 -20.75 4.12 -15.59
CA GLY A 23 -21.35 4.30 -16.90
C GLY A 23 -21.94 2.99 -17.34
N GLY A 24 -22.24 2.20 -16.35
CA GLY A 24 -22.76 0.92 -16.51
C GLY A 24 -22.22 0.08 -15.41
N ASN A 25 -22.91 -0.93 -15.06
CA ASN A 25 -22.45 -1.87 -14.04
C ASN A 25 -22.09 -3.14 -14.77
N VAL A 26 -21.67 -2.97 -16.01
CA VAL A 26 -21.41 -4.08 -16.89
C VAL A 26 -20.22 -3.74 -17.78
N PHE A 27 -19.89 -4.59 -18.72
CA PHE A 27 -18.75 -4.38 -19.57
C PHE A 27 -19.22 -4.01 -20.97
N GLU A 28 -20.16 -3.10 -21.00
CA GLU A 28 -20.75 -2.57 -22.23
C GLU A 28 -19.88 -1.46 -22.82
N TYR A 29 -20.30 -0.94 -23.93
CA TYR A 29 -19.60 0.16 -24.53
C TYR A 29 -19.91 1.43 -23.81
N GLY A 30 -18.91 2.18 -23.50
CA GLY A 30 -19.09 3.42 -22.81
C GLY A 30 -18.96 3.27 -21.31
N VAL A 31 -18.59 2.09 -20.85
CA VAL A 31 -18.44 1.88 -19.43
C VAL A 31 -16.96 2.04 -19.07
N LYS A 32 -16.71 2.59 -17.93
CA LYS A 32 -15.37 2.81 -17.47
C LYS A 32 -15.10 1.90 -16.29
N ALA A 33 -14.15 1.03 -16.45
CA ALA A 33 -13.72 0.13 -15.41
C ALA A 33 -12.76 0.85 -14.51
N VAL A 34 -13.27 1.43 -13.48
CA VAL A 34 -12.53 2.18 -12.55
C VAL A 34 -11.90 1.23 -11.53
N TYR A 35 -10.62 1.12 -11.57
CA TYR A 35 -9.89 0.26 -10.69
C TYR A 35 -9.69 0.89 -9.34
N THR A 36 -9.73 0.07 -8.34
CA THR A 36 -9.56 0.49 -6.99
C THR A 36 -8.85 -0.63 -6.22
N CYS A 37 -7.64 -0.35 -5.83
CA CYS A 37 -6.84 -1.31 -5.13
C CYS A 37 -7.38 -1.54 -3.73
N ASN A 38 -6.95 -2.63 -3.12
CA ASN A 38 -7.35 -2.96 -1.76
C ASN A 38 -6.76 -1.98 -0.78
N GLU A 39 -7.14 -2.10 0.45
CA GLU A 39 -6.75 -1.15 1.50
C GLU A 39 -5.22 -1.07 1.68
N GLY A 40 -4.58 -2.18 1.60
CA GLY A 40 -3.14 -2.23 1.75
C GLY A 40 -2.39 -1.96 0.45
N TYR A 41 -3.10 -1.53 -0.57
CA TYR A 41 -2.51 -1.25 -1.86
C TYR A 41 -2.97 0.11 -2.34
N GLN A 42 -2.30 0.66 -3.31
CA GLN A 42 -2.65 1.94 -3.85
C GLN A 42 -2.33 1.96 -5.33
N LEU A 43 -3.25 2.46 -6.09
CA LEU A 43 -3.11 2.51 -7.51
C LEU A 43 -2.04 3.53 -7.89
N LEU A 44 -1.23 3.17 -8.84
CA LEU A 44 -0.07 3.91 -9.22
C LEU A 44 -0.25 4.41 -10.67
N GLY A 45 0.18 5.60 -10.94
CA GLY A 45 0.06 6.15 -12.27
C GLY A 45 -1.00 7.23 -12.32
N GLU A 46 -1.31 7.70 -13.52
CA GLU A 46 -2.28 8.77 -13.66
C GLU A 46 -3.65 8.23 -14.06
N ILE A 47 -3.66 7.03 -14.58
CA ILE A 47 -4.87 6.39 -15.05
C ILE A 47 -5.34 5.44 -13.97
N ASN A 48 -6.64 5.43 -13.68
CA ASN A 48 -7.16 4.52 -12.68
C ASN A 48 -8.36 3.78 -13.23
N TYR A 49 -8.57 3.85 -14.52
CA TYR A 49 -9.75 3.29 -15.12
C TYR A 49 -9.42 2.72 -16.48
N ARG A 50 -10.34 2.01 -17.05
CA ARG A 50 -10.28 1.59 -18.42
C ARG A 50 -11.59 1.93 -19.03
N GLU A 51 -11.61 2.72 -20.04
CA GLU A 51 -12.87 3.03 -20.67
C GLU A 51 -13.10 2.12 -21.85
N CYS A 52 -14.29 1.61 -22.00
CA CYS A 52 -14.57 0.85 -23.17
C CYS A 52 -15.15 1.76 -24.22
N ASP A 53 -14.40 2.01 -25.24
CA ASP A 53 -14.88 2.79 -26.37
C ASP A 53 -14.99 1.79 -27.50
N THR A 54 -15.16 2.24 -28.71
CA THR A 54 -15.34 1.34 -29.84
C THR A 54 -14.03 0.53 -30.13
N ASP A 55 -12.92 0.98 -29.53
CA ASP A 55 -11.63 0.28 -29.60
C ASP A 55 -11.63 -0.91 -28.61
N GLY A 56 -12.58 -0.88 -27.71
CA GLY A 56 -12.64 -1.82 -26.64
C GLY A 56 -12.18 -1.12 -25.41
N TRP A 57 -11.68 -1.85 -24.44
CA TRP A 57 -11.07 -1.21 -23.29
C TRP A 57 -9.84 -0.43 -23.75
N THR A 58 -9.95 0.87 -23.77
CA THR A 58 -8.95 1.77 -24.28
C THR A 58 -7.67 1.68 -23.48
N ASN A 59 -7.77 2.11 -22.23
CA ASN A 59 -6.67 2.15 -21.29
C ASN A 59 -6.27 0.74 -20.96
N ASP A 60 -5.15 0.61 -20.33
CA ASP A 60 -4.68 -0.70 -19.88
C ASP A 60 -4.99 -0.82 -18.43
N ILE A 61 -4.63 -1.93 -17.82
CA ILE A 61 -4.82 -2.07 -16.40
C ILE A 61 -3.80 -1.19 -15.70
N PRO A 62 -4.25 -0.24 -14.90
CA PRO A 62 -3.36 0.67 -14.20
C PRO A 62 -2.50 -0.08 -13.19
N ILE A 63 -1.24 0.27 -13.13
CA ILE A 63 -0.30 -0.36 -12.22
C ILE A 63 -0.73 -0.05 -10.78
N CYS A 64 -0.60 -0.99 -9.93
CA CYS A 64 -0.94 -0.78 -8.56
C CYS A 64 0.20 -1.26 -7.74
N GLU A 65 0.50 -0.56 -6.71
CA GLU A 65 1.56 -0.92 -5.85
C GLU A 65 1.07 -1.07 -4.45
N VAL A 66 1.78 -1.82 -3.69
CA VAL A 66 1.48 -2.01 -2.31
C VAL A 66 1.87 -0.75 -1.55
N VAL A 67 1.02 -0.31 -0.62
CA VAL A 67 1.27 0.89 0.16
C VAL A 67 2.58 0.77 0.90
N LYS A 68 3.50 1.64 0.58
CA LYS A 68 4.79 1.67 1.19
C LYS A 68 4.74 2.64 2.34
N CYS A 69 5.41 2.29 3.39
CA CYS A 69 5.45 3.09 4.56
C CYS A 69 6.83 3.68 4.66
N LEU A 70 6.93 4.84 5.28
CA LEU A 70 8.21 5.52 5.45
C LEU A 70 9.27 4.67 6.15
N PRO A 71 10.50 4.71 5.64
CA PRO A 71 11.61 3.97 6.20
C PRO A 71 11.99 4.48 7.58
N VAL A 72 11.45 3.84 8.60
CA VAL A 72 11.69 4.25 9.96
C VAL A 72 13.13 3.97 10.37
N THR A 73 13.67 4.87 11.15
CA THR A 73 14.98 4.73 11.67
C THR A 73 14.94 4.16 13.10
N ALA A 74 16.01 4.24 13.82
CA ALA A 74 16.13 3.57 15.08
C ALA A 74 16.39 4.57 16.19
N PRO A 75 16.05 4.23 17.46
CA PRO A 75 16.37 5.07 18.61
C PRO A 75 17.89 5.15 18.86
N GLU A 76 18.27 5.95 19.80
CA GLU A 76 19.69 6.19 20.06
C GLU A 76 20.27 5.10 20.93
N ASN A 77 19.55 4.71 21.95
CA ASN A 77 20.03 3.67 22.86
C ASN A 77 19.41 2.33 22.50
N GLY A 78 18.91 2.23 21.29
CA GLY A 78 18.28 1.02 20.87
C GLY A 78 18.46 0.76 19.41
N LYS A 79 17.70 -0.17 18.90
CA LYS A 79 17.76 -0.59 17.52
C LYS A 79 16.39 -1.17 17.13
N ILE A 80 16.25 -1.61 15.90
CA ILE A 80 14.97 -2.14 15.42
C ILE A 80 14.96 -3.70 15.44
N VAL A 81 13.89 -4.31 16.00
CA VAL A 81 13.78 -5.78 16.05
C VAL A 81 13.34 -6.25 14.66
N SER A 82 12.61 -5.40 13.99
CA SER A 82 12.05 -5.66 12.69
C SER A 82 12.94 -5.05 11.60
N SER A 83 14.26 -5.17 11.78
CA SER A 83 15.20 -4.64 10.81
C SER A 83 15.07 -5.45 9.52
N ALA A 84 14.65 -6.68 9.67
CA ALA A 84 14.29 -7.51 8.57
C ALA A 84 12.76 -7.50 8.54
N MET A 85 12.21 -6.66 7.69
CA MET A 85 10.78 -6.42 7.65
C MET A 85 10.07 -7.62 7.08
N GLU A 86 10.44 -7.93 5.86
CA GLU A 86 9.82 -8.98 5.09
C GLU A 86 10.78 -9.36 3.99
N PRO A 87 10.61 -10.50 3.30
CA PRO A 87 11.50 -10.92 2.18
C PRO A 87 11.44 -9.98 0.94
N ASP A 88 10.66 -8.93 1.03
CA ASP A 88 10.54 -7.95 -0.04
C ASP A 88 11.26 -6.68 0.41
N ARG A 89 11.61 -6.70 1.69
CA ARG A 89 12.52 -5.77 2.34
C ARG A 89 12.16 -4.28 2.28
N GLU A 90 10.89 -3.99 2.24
CA GLU A 90 10.41 -2.64 2.38
C GLU A 90 9.39 -2.61 3.48
N TYR A 91 9.00 -1.44 3.88
CA TYR A 91 7.94 -1.32 4.84
C TYR A 91 6.65 -1.15 4.09
N HIS A 92 5.72 -2.01 4.35
CA HIS A 92 4.45 -1.97 3.67
C HIS A 92 3.36 -2.05 4.68
N PHE A 93 2.15 -1.72 4.27
CA PHE A 93 0.99 -1.90 5.11
C PHE A 93 0.89 -3.37 5.49
N GLY A 94 1.11 -3.62 6.74
CA GLY A 94 1.18 -4.97 7.22
C GLY A 94 2.38 -5.12 8.11
N GLN A 95 3.35 -4.26 7.94
CA GLN A 95 4.52 -4.27 8.76
C GLN A 95 4.26 -3.62 10.09
N ALA A 96 4.82 -4.22 11.10
CA ALA A 96 4.76 -3.74 12.44
C ALA A 96 6.17 -3.77 12.97
N VAL A 97 6.71 -2.62 13.15
CA VAL A 97 8.09 -2.49 13.51
C VAL A 97 8.23 -2.37 15.00
N ARG A 98 8.91 -3.30 15.59
CA ARG A 98 9.18 -3.25 16.99
C ARG A 98 10.63 -2.88 17.22
N PHE A 99 10.86 -2.13 18.25
CA PHE A 99 12.17 -1.63 18.59
C PHE A 99 12.65 -2.24 19.88
N VAL A 100 13.93 -2.20 20.07
CA VAL A 100 14.55 -2.71 21.27
C VAL A 100 15.50 -1.73 21.80
N CYS A 101 15.58 -1.70 23.06
CA CYS A 101 16.51 -0.89 23.74
C CYS A 101 17.54 -1.78 24.35
N ASN A 102 18.78 -1.39 24.24
CA ASN A 102 19.90 -2.14 24.80
C ASN A 102 19.77 -2.24 26.30
N SER A 103 20.53 -3.14 26.84
CA SER A 103 20.53 -3.50 28.24
C SER A 103 20.56 -2.28 29.18
N GLY A 104 19.44 -2.04 29.80
CA GLY A 104 19.36 -0.97 30.75
C GLY A 104 18.51 0.16 30.27
N TYR A 105 18.12 0.14 29.03
CA TYR A 105 17.30 1.17 28.49
C TYR A 105 15.93 0.68 28.25
N LYS A 106 15.00 1.57 28.24
CA LYS A 106 13.64 1.19 28.00
C LYS A 106 13.08 2.08 26.95
N ILE A 107 12.00 1.67 26.39
CA ILE A 107 11.37 2.43 25.37
C ILE A 107 10.67 3.64 26.00
N GLU A 108 10.60 4.71 25.30
CA GLU A 108 9.94 5.88 25.81
C GLU A 108 8.45 5.81 25.52
N GLY A 109 8.06 6.03 24.27
CA GLY A 109 6.68 5.97 23.90
C GLY A 109 6.19 4.54 23.71
N ASP A 110 6.15 4.10 22.48
CA ASP A 110 5.72 2.74 22.18
C ASP A 110 6.84 1.98 21.55
N GLU A 111 6.85 0.68 21.74
CA GLU A 111 7.98 -0.11 21.26
C GLU A 111 7.69 -0.69 19.91
N GLU A 112 6.53 -0.44 19.42
CA GLU A 112 6.11 -0.96 18.16
C GLU A 112 5.20 -0.01 17.43
N MET A 113 5.31 -0.02 16.14
CA MET A 113 4.52 0.82 15.28
C MET A 113 3.93 0.00 14.16
N HIS A 114 2.67 0.17 13.95
CA HIS A 114 1.98 -0.51 12.88
C HIS A 114 1.76 0.50 11.76
N CYS A 115 1.96 0.08 10.53
CA CYS A 115 1.73 0.97 9.42
C CYS A 115 0.26 1.01 9.09
N SER A 116 -0.24 2.19 8.87
CA SER A 116 -1.61 2.39 8.52
C SER A 116 -1.69 2.59 7.00
N ASP A 117 -2.90 2.48 6.43
CA ASP A 117 -3.05 2.57 4.97
C ASP A 117 -2.92 4.00 4.47
N ASP A 118 -2.59 4.90 5.40
CA ASP A 118 -2.25 6.29 5.10
C ASP A 118 -0.93 6.33 4.36
N GLY A 119 -0.06 5.39 4.68
CA GLY A 119 1.26 5.38 4.11
C GLY A 119 2.30 5.73 5.15
N PHE A 120 1.87 5.80 6.40
CA PHE A 120 2.75 6.08 7.49
C PHE A 120 2.36 5.28 8.71
N TRP A 121 3.18 5.34 9.72
CA TRP A 121 3.03 4.58 10.91
C TRP A 121 2.04 5.24 11.86
N SER A 122 1.33 4.43 12.64
CA SER A 122 0.37 4.93 13.62
C SER A 122 1.10 5.66 14.76
N LYS A 123 2.34 5.29 14.96
CA LYS A 123 3.17 5.87 15.97
C LYS A 123 4.42 6.39 15.35
N GLU A 124 4.94 7.43 15.94
CA GLU A 124 6.20 7.97 15.49
C GLU A 124 7.29 7.15 16.12
N LYS A 125 8.49 7.22 15.57
CA LYS A 125 9.57 6.43 16.10
C LYS A 125 9.90 6.84 17.54
N PRO A 126 10.13 5.86 18.39
CA PRO A 126 10.36 6.08 19.78
C PRO A 126 11.82 6.37 20.14
N LYS A 127 12.07 6.37 21.41
CA LYS A 127 13.33 6.68 21.99
C LYS A 127 13.63 5.63 23.05
N CYS A 128 14.88 5.46 23.40
CA CYS A 128 15.28 4.58 24.47
C CYS A 128 15.89 5.40 25.55
N VAL A 129 15.26 5.40 26.68
CA VAL A 129 15.64 6.20 27.79
C VAL A 129 16.28 5.34 28.86
N PRO A 7 -20.46 -6.59 -23.60
CA PRO A 7 -19.97 -6.60 -24.98
C PRO A 7 -18.45 -6.36 -25.05
N CYS A 8 -17.93 -5.72 -24.03
CA CYS A 8 -16.52 -5.44 -23.91
C CYS A 8 -15.83 -6.64 -23.29
N GLY A 9 -16.55 -7.30 -22.44
CA GLY A 9 -16.10 -8.49 -21.85
C GLY A 9 -16.04 -8.32 -20.40
N HIS A 10 -14.90 -7.94 -19.99
CA HIS A 10 -14.54 -7.76 -18.62
C HIS A 10 -13.14 -7.16 -18.70
N PRO A 11 -12.78 -6.17 -17.87
CA PRO A 11 -11.48 -5.50 -17.97
C PRO A 11 -10.36 -6.22 -17.22
N GLY A 12 -10.71 -7.31 -16.60
CA GLY A 12 -9.80 -8.05 -15.79
C GLY A 12 -10.18 -7.90 -14.35
N ASP A 13 -9.35 -8.40 -13.47
CA ASP A 13 -9.56 -8.34 -12.04
C ASP A 13 -8.20 -8.22 -11.41
N THR A 14 -8.13 -7.83 -10.17
CA THR A 14 -6.86 -7.63 -9.54
C THR A 14 -6.88 -8.10 -8.08
N PRO A 15 -5.80 -8.76 -7.62
CA PRO A 15 -5.66 -9.20 -6.23
C PRO A 15 -5.30 -8.03 -5.31
N PHE A 16 -4.90 -6.93 -5.92
CA PHE A 16 -4.44 -5.76 -5.18
C PHE A 16 -5.60 -4.87 -4.83
N GLY A 17 -6.78 -5.28 -5.18
CA GLY A 17 -7.91 -4.50 -4.88
C GLY A 17 -9.06 -4.85 -5.73
N THR A 18 -9.71 -3.85 -6.24
CA THR A 18 -10.93 -4.01 -6.98
C THR A 18 -11.04 -2.92 -8.05
N PHE A 19 -12.15 -2.85 -8.70
CA PHE A 19 -12.43 -1.80 -9.61
C PHE A 19 -13.91 -1.48 -9.51
N THR A 20 -14.28 -0.39 -10.07
CA THR A 20 -15.64 0.05 -10.09
C THR A 20 -15.96 0.43 -11.52
N LEU A 21 -17.17 0.42 -11.87
CA LEU A 21 -17.60 0.76 -13.18
C LEU A 21 -18.34 2.08 -13.17
N THR A 22 -18.08 2.89 -14.14
CA THR A 22 -18.68 4.20 -14.23
C THR A 22 -19.28 4.42 -15.61
N GLY A 23 -20.51 4.88 -15.65
CA GLY A 23 -21.20 5.01 -16.93
C GLY A 23 -22.00 3.77 -17.18
N GLY A 24 -22.19 3.03 -16.13
CA GLY A 24 -22.82 1.81 -16.15
C GLY A 24 -22.19 1.00 -15.11
N ASN A 25 -22.84 0.01 -14.69
CA ASN A 25 -22.32 -0.86 -13.66
C ASN A 25 -22.09 -2.21 -14.29
N VAL A 26 -21.65 -2.17 -15.54
CA VAL A 26 -21.46 -3.35 -16.37
C VAL A 26 -20.27 -3.14 -17.27
N PHE A 27 -20.06 -4.08 -18.16
CA PHE A 27 -18.94 -4.04 -19.07
C PHE A 27 -19.44 -3.77 -20.49
N GLU A 28 -20.32 -2.79 -20.59
CA GLU A 28 -20.88 -2.36 -21.87
C GLU A 28 -20.00 -1.32 -22.55
N TYR A 29 -20.40 -0.88 -23.70
CA TYR A 29 -19.67 0.16 -24.39
C TYR A 29 -19.92 1.49 -23.76
N GLY A 30 -18.86 2.22 -23.50
CA GLY A 30 -18.99 3.52 -22.91
C GLY A 30 -18.92 3.47 -21.40
N VAL A 31 -18.56 2.34 -20.84
CA VAL A 31 -18.40 2.25 -19.40
C VAL A 31 -16.90 2.30 -19.08
N LYS A 32 -16.57 2.85 -17.95
CA LYS A 32 -15.20 2.97 -17.55
C LYS A 32 -14.95 2.19 -16.29
N ALA A 33 -14.01 1.29 -16.37
CA ALA A 33 -13.60 0.48 -15.28
C ALA A 33 -12.55 1.22 -14.48
N VAL A 34 -13.00 1.95 -13.50
CA VAL A 34 -12.18 2.71 -12.65
C VAL A 34 -11.65 1.83 -11.53
N TYR A 35 -10.38 1.55 -11.56
CA TYR A 35 -9.75 0.69 -10.60
C TYR A 35 -9.50 1.37 -9.28
N THR A 36 -9.66 0.62 -8.21
CA THR A 36 -9.49 1.12 -6.88
C THR A 36 -8.83 0.03 -6.00
N CYS A 37 -7.62 0.29 -5.59
CA CYS A 37 -6.84 -0.63 -4.79
C CYS A 37 -7.41 -0.89 -3.41
N ASN A 38 -6.94 -1.98 -2.84
CA ASN A 38 -7.27 -2.45 -1.52
C ASN A 38 -6.69 -1.50 -0.47
N GLU A 39 -6.94 -1.83 0.77
CA GLU A 39 -6.48 -1.07 1.91
C GLU A 39 -4.95 -0.98 1.94
N GLY A 40 -4.30 -2.10 1.85
CA GLY A 40 -2.86 -2.12 1.94
C GLY A 40 -2.16 -1.90 0.61
N TYR A 41 -2.77 -1.11 -0.25
CA TYR A 41 -2.27 -0.84 -1.58
C TYR A 41 -2.69 0.54 -2.03
N GLN A 42 -2.15 0.97 -3.12
CA GLN A 42 -2.49 2.23 -3.72
C GLN A 42 -2.29 2.07 -5.21
N LEU A 43 -2.93 2.87 -5.96
CA LEU A 43 -2.81 2.77 -7.37
C LEU A 43 -1.63 3.60 -7.83
N LEU A 44 -0.86 3.06 -8.72
CA LEU A 44 0.33 3.69 -9.19
C LEU A 44 0.17 3.96 -10.68
N GLY A 45 0.45 5.17 -11.07
CA GLY A 45 0.31 5.54 -12.45
C GLY A 45 -0.67 6.67 -12.60
N GLU A 46 -0.77 7.21 -13.79
CA GLU A 46 -1.69 8.28 -14.07
C GLU A 46 -3.02 7.72 -14.48
N ILE A 47 -2.96 6.52 -14.99
CA ILE A 47 -4.12 5.80 -15.46
C ILE A 47 -4.71 5.04 -14.30
N ASN A 48 -5.99 5.20 -14.06
CA ASN A 48 -6.65 4.48 -12.97
C ASN A 48 -7.95 3.89 -13.47
N TYR A 49 -8.10 3.85 -14.78
CA TYR A 49 -9.35 3.39 -15.35
C TYR A 49 -9.11 2.81 -16.73
N ARG A 50 -10.04 2.01 -17.17
CA ARG A 50 -10.09 1.50 -18.51
C ARG A 50 -11.41 1.92 -19.08
N GLU A 51 -11.42 2.42 -20.26
CA GLU A 51 -12.64 2.91 -20.85
C GLU A 51 -13.04 2.02 -22.00
N CYS A 52 -14.23 1.51 -22.00
CA CYS A 52 -14.62 0.70 -23.12
C CYS A 52 -15.06 1.57 -24.27
N ASP A 53 -14.18 1.77 -25.21
CA ASP A 53 -14.49 2.48 -26.43
C ASP A 53 -14.82 1.42 -27.47
N THR A 54 -14.91 1.78 -28.72
CA THR A 54 -15.37 0.88 -29.75
C THR A 54 -14.43 -0.34 -29.97
N ASP A 55 -13.16 -0.19 -29.60
CA ASP A 55 -12.20 -1.29 -29.70
C ASP A 55 -12.40 -2.25 -28.53
N GLY A 56 -12.87 -1.71 -27.45
CA GLY A 56 -13.02 -2.44 -26.24
C GLY A 56 -12.42 -1.65 -25.12
N TRP A 57 -12.00 -2.32 -24.08
CA TRP A 57 -11.35 -1.66 -22.96
C TRP A 57 -10.03 -1.03 -23.37
N THR A 58 -9.99 0.28 -23.36
CA THR A 58 -8.79 1.00 -23.63
C THR A 58 -7.87 0.86 -22.44
N ASN A 59 -6.58 1.09 -22.66
CA ASN A 59 -5.57 1.00 -21.61
C ASN A 59 -5.51 -0.43 -21.12
N ASP A 60 -4.93 -0.62 -19.99
CA ASP A 60 -4.93 -1.92 -19.36
C ASP A 60 -5.10 -1.66 -17.89
N ILE A 61 -5.00 -2.67 -17.14
CA ILE A 61 -5.12 -2.63 -15.73
C ILE A 61 -3.96 -1.83 -15.16
N PRO A 62 -4.24 -0.75 -14.45
CA PRO A 62 -3.22 0.08 -13.86
C PRO A 62 -2.48 -0.64 -12.73
N ILE A 63 -1.17 -0.47 -12.68
CA ILE A 63 -0.37 -1.11 -11.66
C ILE A 63 -0.76 -0.63 -10.29
N CYS A 64 -1.06 -1.55 -9.45
CA CYS A 64 -1.38 -1.25 -8.11
C CYS A 64 -0.17 -1.57 -7.28
N GLU A 65 0.28 -0.60 -6.57
CA GLU A 65 1.48 -0.70 -5.81
C GLU A 65 1.09 -0.83 -4.37
N VAL A 66 1.93 -1.42 -3.61
CA VAL A 66 1.67 -1.56 -2.23
C VAL A 66 2.02 -0.24 -1.54
N VAL A 67 1.26 0.13 -0.55
CA VAL A 67 1.55 1.33 0.20
C VAL A 67 2.87 1.17 0.95
N LYS A 68 3.74 2.15 0.81
CA LYS A 68 5.07 2.08 1.38
C LYS A 68 5.31 3.19 2.38
N CYS A 69 6.00 2.87 3.42
CA CYS A 69 6.37 3.81 4.45
C CYS A 69 7.86 4.07 4.37
N LEU A 70 8.29 5.17 4.93
CA LEU A 70 9.66 5.55 4.93
C LEU A 70 10.49 4.76 5.92
N PRO A 71 11.76 4.58 5.60
CA PRO A 71 12.70 3.92 6.49
C PRO A 71 12.97 4.81 7.71
N VAL A 72 12.56 4.34 8.86
CA VAL A 72 12.79 5.05 10.10
C VAL A 72 14.27 4.97 10.43
N THR A 73 14.81 6.01 11.05
CA THR A 73 16.19 6.05 11.41
C THR A 73 16.51 5.08 12.56
N ALA A 74 16.22 5.51 13.78
CA ALA A 74 16.39 4.76 15.02
C ALA A 74 16.00 5.67 16.18
N PRO A 75 15.70 5.12 17.35
CA PRO A 75 15.50 5.94 18.55
C PRO A 75 16.85 6.39 19.15
N GLU A 76 16.87 6.73 20.41
CA GLU A 76 18.07 7.25 21.03
C GLU A 76 18.81 6.18 21.85
N ASN A 77 18.11 5.51 22.74
CA ASN A 77 18.76 4.49 23.58
C ASN A 77 18.34 3.12 23.13
N GLY A 78 17.98 3.02 21.89
CA GLY A 78 17.54 1.79 21.34
C GLY A 78 17.86 1.74 19.88
N LYS A 79 17.45 0.68 19.24
CA LYS A 79 17.68 0.50 17.85
C LYS A 79 16.52 -0.24 17.24
N ILE A 80 16.48 -0.29 15.95
CA ILE A 80 15.42 -0.95 15.26
C ILE A 80 15.81 -2.41 15.00
N VAL A 81 14.86 -3.31 15.11
CA VAL A 81 15.09 -4.71 14.86
C VAL A 81 14.80 -4.99 13.38
N SER A 82 13.87 -4.24 12.84
CA SER A 82 13.37 -4.42 11.50
C SER A 82 14.03 -3.47 10.50
N SER A 83 15.32 -3.19 10.68
CA SER A 83 16.02 -2.28 9.78
C SER A 83 16.38 -2.97 8.46
N ALA A 84 15.34 -3.24 7.65
CA ALA A 84 15.45 -3.94 6.37
C ALA A 84 16.31 -5.18 6.45
N MET A 85 15.72 -6.26 6.97
CA MET A 85 16.43 -7.54 7.13
C MET A 85 16.96 -8.00 5.78
N GLU A 86 16.13 -7.86 4.79
CA GLU A 86 16.47 -8.18 3.44
C GLU A 86 16.33 -6.88 2.64
N PRO A 87 17.25 -6.61 1.72
CA PRO A 87 17.28 -5.34 0.96
C PRO A 87 16.26 -5.30 -0.18
N ASP A 88 15.32 -6.18 -0.13
CA ASP A 88 14.32 -6.29 -1.16
C ASP A 88 13.04 -5.73 -0.70
N ARG A 89 12.79 -5.87 0.58
CA ARG A 89 11.54 -5.47 1.05
C ARG A 89 11.55 -4.09 1.63
N GLU A 90 10.77 -3.28 1.03
CA GLU A 90 10.50 -1.98 1.54
C GLU A 90 9.42 -2.09 2.59
N TYR A 91 9.20 -1.04 3.32
CA TYR A 91 8.20 -1.04 4.33
C TYR A 91 6.84 -0.94 3.72
N HIS A 92 6.16 -2.05 3.71
CA HIS A 92 4.86 -2.20 3.08
C HIS A 92 3.82 -2.26 4.18
N PHE A 93 2.56 -2.00 3.84
CA PHE A 93 1.44 -2.20 4.77
C PHE A 93 1.51 -3.59 5.39
N GLY A 94 1.55 -3.66 6.68
CA GLY A 94 1.58 -4.93 7.33
C GLY A 94 2.96 -5.30 7.82
N GLN A 95 3.94 -4.44 7.60
CA GLN A 95 5.25 -4.69 8.14
C GLN A 95 5.30 -4.12 9.52
N ALA A 96 6.01 -4.78 10.36
CA ALA A 96 6.16 -4.36 11.71
C ALA A 96 7.59 -3.96 11.96
N VAL A 97 7.77 -2.73 12.30
CA VAL A 97 9.07 -2.24 12.64
C VAL A 97 9.20 -2.23 14.14
N ARG A 98 9.87 -3.22 14.64
CA ARG A 98 10.06 -3.34 16.03
C ARG A 98 11.37 -2.71 16.45
N PHE A 99 11.37 -2.15 17.61
CA PHE A 99 12.49 -1.50 18.19
C PHE A 99 12.91 -2.28 19.40
N VAL A 100 14.14 -2.14 19.76
CA VAL A 100 14.68 -2.80 20.90
C VAL A 100 15.53 -1.82 21.64
N CYS A 101 15.45 -1.86 22.91
CA CYS A 101 16.15 -0.94 23.73
C CYS A 101 17.45 -1.52 24.19
N ASN A 102 18.47 -0.70 24.19
CA ASN A 102 19.79 -1.10 24.59
C ASN A 102 19.86 -1.02 26.09
N SER A 103 20.87 -1.62 26.67
CA SER A 103 21.09 -1.62 28.10
C SER A 103 19.80 -1.98 28.87
N GLY A 104 19.57 -1.35 29.98
CA GLY A 104 18.38 -1.60 30.75
C GLY A 104 17.28 -0.64 30.39
N TYR A 105 17.22 -0.21 29.15
CA TYR A 105 16.20 0.74 28.76
C TYR A 105 14.91 0.02 28.41
N LYS A 106 13.85 0.76 28.44
CA LYS A 106 12.55 0.21 28.14
C LYS A 106 11.93 1.05 27.06
N ILE A 107 11.04 0.48 26.32
CA ILE A 107 10.37 1.22 25.29
C ILE A 107 9.38 2.24 25.93
N GLU A 108 9.24 3.38 25.32
CA GLU A 108 8.34 4.39 25.81
C GLU A 108 6.93 4.16 25.27
N GLY A 109 6.77 4.28 23.97
CA GLY A 109 5.49 4.08 23.34
C GLY A 109 5.25 2.63 23.02
N ASP A 110 5.17 2.33 21.76
CA ASP A 110 4.96 0.97 21.33
C ASP A 110 6.29 0.42 20.93
N GLU A 111 6.46 -0.88 20.92
CA GLU A 111 7.75 -1.42 20.61
C GLU A 111 7.82 -1.72 19.13
N GLU A 112 6.68 -1.63 18.47
CA GLU A 112 6.61 -1.87 17.06
C GLU A 112 5.59 -0.99 16.36
N MET A 113 6.02 -0.37 15.31
CA MET A 113 5.15 0.46 14.49
C MET A 113 4.74 -0.30 13.25
N HIS A 114 3.52 -0.12 12.82
CA HIS A 114 3.00 -0.81 11.66
C HIS A 114 2.73 0.19 10.57
N CYS A 115 2.84 -0.24 9.35
CA CYS A 115 2.47 0.58 8.22
C CYS A 115 0.98 0.68 8.09
N SER A 116 0.49 1.88 8.10
CA SER A 116 -0.89 2.14 7.92
C SER A 116 -1.20 2.18 6.44
N ASP A 117 -2.46 2.16 6.11
CA ASP A 117 -2.94 2.13 4.70
C ASP A 117 -2.70 3.46 4.01
N ASP A 118 -2.24 4.42 4.76
CA ASP A 118 -1.96 5.76 4.25
C ASP A 118 -0.57 5.79 3.65
N GLY A 119 0.24 4.81 4.03
CA GLY A 119 1.63 4.79 3.63
C GLY A 119 2.46 5.54 4.64
N PHE A 120 1.98 5.54 5.85
CA PHE A 120 2.64 6.18 6.98
C PHE A 120 2.65 5.22 8.12
N TRP A 121 3.49 5.45 9.07
CA TRP A 121 3.53 4.63 10.25
C TRP A 121 2.39 5.00 11.16
N SER A 122 1.65 4.01 11.63
CA SER A 122 0.52 4.25 12.50
C SER A 122 1.01 4.77 13.87
N LYS A 123 2.10 4.21 14.33
CA LYS A 123 2.72 4.61 15.57
C LYS A 123 3.82 5.58 15.31
N GLU A 124 4.04 6.44 16.26
CA GLU A 124 5.12 7.38 16.17
C GLU A 124 6.38 6.75 16.70
N LYS A 125 7.52 7.35 16.45
CA LYS A 125 8.77 6.75 16.89
C LYS A 125 8.82 6.77 18.41
N PRO A 126 8.95 5.61 19.04
CA PRO A 126 9.03 5.54 20.47
C PRO A 126 10.43 5.90 20.98
N LYS A 127 10.61 5.75 22.25
CA LYS A 127 11.86 6.03 22.87
C LYS A 127 12.28 4.87 23.68
N CYS A 128 13.52 4.84 24.00
CA CYS A 128 14.02 3.89 24.94
C CYS A 128 14.48 4.60 26.17
N VAL A 129 13.69 4.47 27.21
CA VAL A 129 13.86 5.16 28.44
C VAL A 129 13.74 4.20 29.63
N PRO A 7 -20.06 -5.81 -24.83
CA PRO A 7 -19.57 -5.49 -26.18
C PRO A 7 -18.08 -5.09 -26.18
N CYS A 8 -17.63 -4.61 -25.05
CA CYS A 8 -16.23 -4.28 -24.85
C CYS A 8 -15.48 -5.51 -24.41
N GLY A 9 -16.17 -6.33 -23.67
CA GLY A 9 -15.67 -7.58 -23.29
C GLY A 9 -15.55 -7.67 -21.84
N HIS A 10 -14.39 -7.42 -21.40
CA HIS A 10 -14.02 -7.51 -20.02
C HIS A 10 -12.60 -6.94 -19.91
N PRO A 11 -12.36 -5.91 -19.11
CA PRO A 11 -11.07 -5.20 -19.09
C PRO A 11 -9.96 -6.01 -18.45
N GLY A 12 -10.33 -6.82 -17.50
CA GLY A 12 -9.37 -7.58 -16.76
C GLY A 12 -9.62 -7.36 -15.31
N ASP A 13 -8.91 -8.02 -14.47
CA ASP A 13 -9.12 -7.91 -13.05
C ASP A 13 -7.77 -7.76 -12.37
N THR A 14 -7.76 -7.73 -11.06
CA THR A 14 -6.53 -7.55 -10.36
C THR A 14 -6.48 -8.41 -9.09
N PRO A 15 -5.35 -9.09 -8.87
CA PRO A 15 -5.14 -9.88 -7.65
C PRO A 15 -4.92 -8.98 -6.43
N PHE A 16 -4.58 -7.73 -6.71
CA PHE A 16 -4.27 -6.76 -5.68
C PHE A 16 -5.52 -6.07 -5.19
N GLY A 17 -6.64 -6.38 -5.78
CA GLY A 17 -7.86 -5.79 -5.35
C GLY A 17 -9.00 -6.18 -6.21
N THR A 18 -9.65 -5.21 -6.74
CA THR A 18 -10.78 -5.41 -7.61
C THR A 18 -10.99 -4.19 -8.51
N PHE A 19 -12.12 -4.10 -9.14
CA PHE A 19 -12.45 -2.98 -9.96
C PHE A 19 -13.93 -2.79 -9.93
N THR A 20 -14.36 -1.65 -10.31
CA THR A 20 -15.73 -1.29 -10.33
C THR A 20 -16.03 -0.75 -11.72
N LEU A 21 -17.26 -0.71 -12.05
CA LEU A 21 -17.68 -0.24 -13.32
C LEU A 21 -18.54 0.97 -13.09
N THR A 22 -18.23 2.03 -13.77
CA THR A 22 -18.91 3.28 -13.58
C THR A 22 -19.48 3.75 -14.91
N GLY A 23 -20.70 4.19 -14.90
CA GLY A 23 -21.32 4.66 -16.12
C GLY A 23 -22.34 3.67 -16.63
N GLY A 24 -21.98 2.41 -16.65
CA GLY A 24 -22.87 1.39 -17.17
C GLY A 24 -23.01 0.19 -16.27
N ASN A 25 -22.08 0.05 -15.31
CA ASN A 25 -22.07 -1.09 -14.33
C ASN A 25 -21.85 -2.44 -14.99
N VAL A 26 -21.45 -2.42 -16.24
CA VAL A 26 -21.26 -3.62 -17.06
C VAL A 26 -20.10 -3.36 -17.99
N PHE A 27 -19.87 -4.20 -18.97
CA PHE A 27 -18.75 -3.99 -19.86
C PHE A 27 -19.23 -3.49 -21.22
N GLU A 28 -20.11 -2.53 -21.16
CA GLU A 28 -20.68 -1.88 -22.35
C GLU A 28 -19.85 -0.66 -22.79
N TYR A 29 -20.30 0.05 -23.80
CA TYR A 29 -19.58 1.21 -24.27
C TYR A 29 -19.84 2.41 -23.38
N GLY A 30 -18.79 3.15 -23.11
CA GLY A 30 -18.92 4.32 -22.29
C GLY A 30 -18.82 4.01 -20.80
N VAL A 31 -18.54 2.77 -20.46
CA VAL A 31 -18.38 2.44 -19.07
C VAL A 31 -16.91 2.52 -18.72
N LYS A 32 -16.63 2.97 -17.55
CA LYS A 32 -15.30 3.08 -17.08
C LYS A 32 -15.05 2.02 -16.04
N ALA A 33 -14.12 1.17 -16.33
CA ALA A 33 -13.68 0.15 -15.43
C ALA A 33 -12.67 0.79 -14.53
N VAL A 34 -13.15 1.26 -13.43
CA VAL A 34 -12.31 1.93 -12.49
C VAL A 34 -11.81 0.90 -11.48
N TYR A 35 -10.55 0.74 -11.46
CA TYR A 35 -9.91 -0.22 -10.62
C TYR A 35 -9.68 0.34 -9.25
N THR A 36 -9.77 -0.53 -8.28
CA THR A 36 -9.59 -0.17 -6.92
C THR A 36 -8.87 -1.31 -6.20
N CYS A 37 -7.73 -1.00 -5.70
CA CYS A 37 -6.89 -1.96 -5.05
C CYS A 37 -7.48 -2.26 -3.67
N ASN A 38 -7.08 -3.36 -3.09
CA ASN A 38 -7.54 -3.74 -1.75
C ASN A 38 -6.88 -2.88 -0.71
N GLU A 39 -7.34 -2.99 0.51
CA GLU A 39 -6.87 -2.19 1.66
C GLU A 39 -5.35 -2.12 1.80
N GLY A 40 -4.72 -3.27 1.73
CA GLY A 40 -3.29 -3.36 1.91
C GLY A 40 -2.50 -3.00 0.67
N TYR A 41 -3.19 -2.50 -0.34
CA TYR A 41 -2.57 -2.15 -1.58
C TYR A 41 -2.97 -0.76 -2.00
N GLN A 42 -2.11 -0.12 -2.70
CA GLN A 42 -2.33 1.19 -3.20
C GLN A 42 -2.27 1.11 -4.68
N LEU A 43 -2.76 2.11 -5.34
CA LEU A 43 -2.66 2.11 -6.74
C LEU A 43 -1.31 2.65 -7.12
N LEU A 44 -0.71 2.08 -8.13
CA LEU A 44 0.54 2.55 -8.54
C LEU A 44 0.39 3.18 -9.90
N GLY A 45 0.67 4.43 -9.96
CA GLY A 45 0.46 5.17 -11.15
C GLY A 45 -0.64 6.17 -11.01
N GLU A 46 -1.02 6.73 -12.10
CA GLU A 46 -1.99 7.77 -12.16
C GLU A 46 -3.32 7.19 -12.55
N ILE A 47 -3.27 6.42 -13.61
CA ILE A 47 -4.45 5.84 -14.22
C ILE A 47 -5.05 4.81 -13.28
N ASN A 48 -6.34 4.94 -12.99
CA ASN A 48 -6.99 3.93 -12.16
C ASN A 48 -8.18 3.35 -12.89
N TYR A 49 -8.39 3.75 -14.12
CA TYR A 49 -9.60 3.33 -14.80
C TYR A 49 -9.30 2.96 -16.25
N ARG A 50 -10.19 2.23 -16.85
CA ARG A 50 -10.17 1.96 -18.27
C ARG A 50 -11.51 2.35 -18.81
N GLU A 51 -11.54 3.09 -19.86
CA GLU A 51 -12.80 3.55 -20.39
C GLU A 51 -13.11 2.80 -21.67
N CYS A 52 -14.30 2.29 -21.80
CA CYS A 52 -14.61 1.65 -23.05
C CYS A 52 -14.99 2.67 -24.08
N ASP A 53 -14.06 2.90 -24.98
CA ASP A 53 -14.22 3.83 -26.08
C ASP A 53 -14.62 2.99 -27.28
N THR A 54 -14.62 3.56 -28.45
CA THR A 54 -15.07 2.90 -29.64
C THR A 54 -14.09 1.75 -30.05
N ASP A 55 -12.90 1.80 -29.49
CA ASP A 55 -11.88 0.78 -29.70
C ASP A 55 -12.06 -0.34 -28.68
N GLY A 56 -12.68 0.01 -27.58
CA GLY A 56 -12.81 -0.89 -26.50
C GLY A 56 -12.21 -0.27 -25.28
N TRP A 57 -11.78 -1.08 -24.36
CA TRP A 57 -11.16 -0.59 -23.13
C TRP A 57 -9.87 0.17 -23.40
N THR A 58 -9.88 1.44 -23.09
CA THR A 58 -8.71 2.26 -23.21
C THR A 58 -7.76 1.98 -22.07
N ASN A 59 -6.55 2.49 -22.17
CA ASN A 59 -5.53 2.35 -21.11
C ASN A 59 -5.19 0.89 -20.86
N ASP A 60 -4.45 0.66 -19.82
CA ASP A 60 -4.11 -0.67 -19.39
C ASP A 60 -4.77 -0.92 -18.10
N ILE A 61 -4.71 -2.15 -17.67
CA ILE A 61 -5.11 -2.50 -16.35
C ILE A 61 -4.11 -1.86 -15.39
N PRO A 62 -4.55 -0.90 -14.60
CA PRO A 62 -3.66 -0.18 -13.70
C PRO A 62 -3.10 -1.08 -12.63
N ILE A 63 -1.81 -1.00 -12.45
CA ILE A 63 -1.10 -1.82 -11.52
C ILE A 63 -1.21 -1.26 -10.13
N CYS A 64 -1.52 -2.11 -9.21
CA CYS A 64 -1.55 -1.77 -7.83
C CYS A 64 -0.30 -2.35 -7.18
N GLU A 65 0.17 -1.70 -6.18
CA GLU A 65 1.26 -2.19 -5.40
C GLU A 65 0.85 -2.22 -3.98
N VAL A 66 1.61 -2.84 -3.16
CA VAL A 66 1.33 -2.88 -1.75
C VAL A 66 1.51 -1.48 -1.17
N VAL A 67 0.67 -1.09 -0.21
CA VAL A 67 0.84 0.18 0.49
C VAL A 67 2.19 0.16 1.19
N LYS A 68 2.97 1.18 1.01
CA LYS A 68 4.30 1.22 1.55
C LYS A 68 4.45 2.39 2.49
N CYS A 69 5.34 2.23 3.44
CA CYS A 69 5.63 3.25 4.42
C CYS A 69 7.09 3.66 4.29
N LEU A 70 7.42 4.84 4.80
CA LEU A 70 8.79 5.33 4.77
C LEU A 70 9.72 4.54 5.68
N PRO A 71 10.97 4.37 5.25
CA PRO A 71 11.98 3.64 5.99
C PRO A 71 12.33 4.32 7.32
N VAL A 72 12.33 3.55 8.38
CA VAL A 72 12.67 4.05 9.69
C VAL A 72 14.17 3.88 9.90
N THR A 73 14.81 4.89 10.45
CA THR A 73 16.22 4.84 10.73
C THR A 73 16.54 3.93 11.93
N ALA A 74 16.45 4.51 13.13
CA ALA A 74 16.66 3.85 14.42
C ALA A 74 16.55 4.91 15.50
N PRO A 75 16.10 4.55 16.70
CA PRO A 75 16.07 5.49 17.82
C PRO A 75 17.47 5.68 18.43
N GLU A 76 17.60 6.63 19.33
CA GLU A 76 18.90 6.96 19.89
C GLU A 76 19.53 5.86 20.72
N ASN A 77 18.89 5.44 21.78
CA ASN A 77 19.45 4.41 22.65
C ASN A 77 18.72 3.11 22.45
N GLY A 78 18.22 2.93 21.27
CA GLY A 78 17.54 1.75 20.93
C GLY A 78 17.82 1.38 19.52
N LYS A 79 17.29 0.30 19.06
CA LYS A 79 17.50 -0.15 17.73
C LYS A 79 16.24 -0.82 17.26
N ILE A 80 16.14 -1.04 15.99
CA ILE A 80 14.98 -1.64 15.42
C ILE A 80 15.05 -3.16 15.54
N VAL A 81 13.95 -3.74 15.95
CA VAL A 81 13.79 -5.17 16.09
C VAL A 81 13.77 -5.81 14.70
N SER A 82 13.06 -5.19 13.78
CA SER A 82 13.02 -5.65 12.41
C SER A 82 14.28 -5.18 11.67
N SER A 83 15.34 -5.93 11.85
CA SER A 83 16.58 -5.65 11.21
C SER A 83 16.68 -6.46 9.92
N ALA A 84 17.39 -5.91 8.93
CA ALA A 84 17.56 -6.50 7.60
C ALA A 84 16.29 -6.52 6.81
N MET A 85 16.05 -5.44 6.16
CA MET A 85 14.89 -5.29 5.38
C MET A 85 15.17 -5.65 3.97
N GLU A 86 15.05 -6.91 3.72
CA GLU A 86 15.32 -7.54 2.43
C GLU A 86 14.34 -8.66 2.13
N PRO A 87 13.97 -9.54 3.12
CA PRO A 87 12.82 -10.44 2.94
C PRO A 87 11.53 -9.64 2.61
N ASP A 88 11.52 -8.37 3.01
CA ASP A 88 10.40 -7.49 2.74
C ASP A 88 10.87 -6.23 2.01
N ARG A 89 12.21 -5.94 2.13
CA ARG A 89 12.88 -4.77 1.54
C ARG A 89 12.33 -3.43 2.00
N GLU A 90 11.31 -3.08 1.39
CA GLU A 90 10.56 -1.86 1.60
C GLU A 90 9.38 -2.16 2.50
N TYR A 91 9.18 -1.31 3.49
CA TYR A 91 8.14 -1.53 4.49
C TYR A 91 6.75 -1.56 3.90
N HIS A 92 6.19 -2.73 3.91
CA HIS A 92 4.88 -2.97 3.37
C HIS A 92 3.80 -2.91 4.43
N PHE A 93 2.59 -2.54 4.03
CA PHE A 93 1.42 -2.58 4.88
C PHE A 93 1.18 -4.03 5.28
N GLY A 94 1.51 -4.29 6.52
CA GLY A 94 1.46 -5.62 7.05
C GLY A 94 2.67 -5.84 7.91
N GLN A 95 3.62 -4.92 7.79
CA GLN A 95 4.81 -4.97 8.60
C GLN A 95 4.68 -4.01 9.76
N ALA A 96 5.47 -4.23 10.76
CA ALA A 96 5.49 -3.40 11.92
C ALA A 96 6.92 -3.23 12.34
N VAL A 97 7.29 -2.03 12.67
CA VAL A 97 8.61 -1.75 13.12
C VAL A 97 8.59 -1.67 14.61
N ARG A 98 9.12 -2.67 15.22
CA ARG A 98 9.22 -2.74 16.63
C ARG A 98 10.63 -2.31 17.01
N PHE A 99 10.80 -1.89 18.21
CA PHE A 99 12.04 -1.31 18.66
C PHE A 99 12.46 -1.96 19.96
N VAL A 100 13.74 -1.97 20.20
CA VAL A 100 14.29 -2.56 21.37
C VAL A 100 15.32 -1.61 21.97
N CYS A 101 15.36 -1.58 23.25
CA CYS A 101 16.20 -0.67 23.97
C CYS A 101 17.45 -1.32 24.43
N ASN A 102 18.52 -0.55 24.44
CA ASN A 102 19.78 -1.02 24.97
C ASN A 102 19.66 -1.15 26.46
N SER A 103 20.52 -1.94 27.01
CA SER A 103 20.50 -2.27 28.41
C SER A 103 20.59 -1.03 29.31
N GLY A 104 19.51 -0.77 30.02
CA GLY A 104 19.43 0.36 30.89
C GLY A 104 18.41 1.37 30.42
N TYR A 105 17.96 1.21 29.19
CA TYR A 105 17.02 2.13 28.63
C TYR A 105 15.66 1.53 28.51
N LYS A 106 14.68 2.38 28.38
CA LYS A 106 13.30 1.96 28.22
C LYS A 106 12.75 2.72 27.05
N ILE A 107 11.78 2.20 26.38
CA ILE A 107 11.19 2.95 25.34
C ILE A 107 10.18 3.95 25.90
N GLU A 108 10.24 5.13 25.38
CA GLU A 108 9.42 6.23 25.83
C GLU A 108 8.00 6.05 25.34
N GLY A 109 7.86 5.91 24.05
CA GLY A 109 6.57 5.73 23.44
C GLY A 109 6.19 4.26 23.32
N ASP A 110 5.50 3.92 22.24
CA ASP A 110 5.07 2.56 22.00
C ASP A 110 6.25 1.78 21.48
N GLU A 111 6.23 0.47 21.61
CA GLU A 111 7.41 -0.31 21.23
C GLU A 111 7.35 -0.72 19.78
N GLU A 112 6.25 -0.44 19.14
CA GLU A 112 6.02 -0.86 17.79
C GLU A 112 5.18 0.13 17.02
N MET A 113 5.52 0.30 15.77
CA MET A 113 4.79 1.14 14.85
C MET A 113 4.31 0.28 13.70
N HIS A 114 3.08 0.45 13.32
CA HIS A 114 2.47 -0.39 12.29
C HIS A 114 2.18 0.43 11.04
N CYS A 115 2.29 -0.20 9.89
CA CYS A 115 1.91 0.44 8.65
C CYS A 115 0.41 0.60 8.56
N SER A 116 -0.05 1.81 8.45
CA SER A 116 -1.46 2.08 8.32
C SER A 116 -1.84 2.31 6.84
N ASP A 117 -3.15 2.23 6.57
CA ASP A 117 -3.80 2.38 5.22
C ASP A 117 -3.30 3.60 4.42
N ASP A 118 -2.95 4.66 5.11
CA ASP A 118 -2.47 5.89 4.48
C ASP A 118 -1.05 5.76 3.94
N GLY A 119 -0.33 4.76 4.37
CA GLY A 119 1.03 4.61 3.91
C GLY A 119 2.02 5.23 4.87
N PHE A 120 1.66 5.27 6.12
CA PHE A 120 2.54 5.78 7.14
C PHE A 120 2.43 4.94 8.39
N TRP A 121 3.29 5.19 9.32
CA TRP A 121 3.32 4.47 10.55
C TRP A 121 2.30 5.02 11.53
N SER A 122 1.69 4.12 12.30
CA SER A 122 0.71 4.46 13.33
C SER A 122 1.38 5.19 14.53
N LYS A 123 2.67 5.27 14.48
CA LYS A 123 3.46 5.88 15.51
C LYS A 123 4.56 6.64 14.89
N GLU A 124 4.99 7.68 15.56
CA GLU A 124 6.19 8.35 15.18
C GLU A 124 7.28 7.65 15.92
N LYS A 125 8.52 7.72 15.46
CA LYS A 125 9.58 6.92 16.04
C LYS A 125 9.83 7.19 17.52
N PRO A 126 9.56 6.19 18.35
CA PRO A 126 9.82 6.25 19.75
C PRO A 126 11.30 6.01 20.01
N LYS A 127 11.74 6.30 21.18
CA LYS A 127 13.11 6.11 21.50
C LYS A 127 13.29 5.56 22.86
N CYS A 128 14.44 5.05 23.08
CA CYS A 128 14.79 4.49 24.32
C CYS A 128 15.52 5.50 25.15
N VAL A 129 14.97 5.76 26.28
CA VAL A 129 15.43 6.73 27.22
C VAL A 129 15.27 6.13 28.64
N PRO A 7 -19.42 -6.66 -24.90
CA PRO A 7 -18.82 -6.44 -26.21
C PRO A 7 -17.33 -6.08 -26.10
N CYS A 8 -17.00 -5.34 -25.04
CA CYS A 8 -15.63 -4.96 -24.75
C CYS A 8 -14.91 -6.17 -24.20
N GLY A 9 -15.61 -6.93 -23.42
CA GLY A 9 -15.13 -8.14 -22.93
C GLY A 9 -15.11 -8.13 -21.47
N HIS A 10 -14.00 -7.81 -20.98
CA HIS A 10 -13.71 -7.82 -19.59
C HIS A 10 -12.31 -7.21 -19.47
N PRO A 11 -12.15 -6.15 -18.69
CA PRO A 11 -10.90 -5.38 -18.65
C PRO A 11 -9.79 -6.06 -17.87
N GLY A 12 -10.08 -7.16 -17.30
CA GLY A 12 -9.14 -7.85 -16.48
C GLY A 12 -9.63 -7.81 -15.07
N ASP A 13 -8.87 -8.32 -14.17
CA ASP A 13 -9.26 -8.40 -12.77
C ASP A 13 -8.01 -8.38 -11.93
N THR A 14 -7.89 -7.38 -11.10
CA THR A 14 -6.67 -7.16 -10.34
C THR A 14 -6.71 -7.87 -8.97
N PRO A 15 -5.61 -8.56 -8.61
CA PRO A 15 -5.46 -9.17 -7.28
C PRO A 15 -5.08 -8.11 -6.23
N PHE A 16 -4.68 -6.94 -6.69
CA PHE A 16 -4.29 -5.84 -5.82
C PHE A 16 -5.51 -5.11 -5.30
N GLY A 17 -6.64 -5.41 -5.83
CA GLY A 17 -7.82 -4.75 -5.42
C GLY A 17 -9.02 -5.25 -6.12
N THR A 18 -9.79 -4.33 -6.55
CA THR A 18 -11.04 -4.59 -7.21
C THR A 18 -11.24 -3.57 -8.32
N PHE A 19 -12.36 -3.62 -9.00
CA PHE A 19 -12.69 -2.60 -9.96
C PHE A 19 -14.18 -2.46 -10.02
N THR A 20 -14.63 -1.34 -10.45
CA THR A 20 -16.03 -1.08 -10.57
C THR A 20 -16.26 -0.49 -11.96
N LEU A 21 -17.42 -0.69 -12.47
CA LEU A 21 -17.75 -0.25 -13.78
C LEU A 21 -18.67 0.94 -13.69
N THR A 22 -18.35 1.96 -14.42
CA THR A 22 -19.08 3.19 -14.36
C THR A 22 -19.60 3.54 -15.74
N GLY A 23 -20.82 4.00 -15.79
CA GLY A 23 -21.45 4.33 -17.04
C GLY A 23 -22.40 3.23 -17.46
N GLY A 24 -21.87 2.04 -17.57
CA GLY A 24 -22.66 0.91 -17.99
C GLY A 24 -22.92 -0.08 -16.88
N ASN A 25 -21.96 -0.19 -15.94
CA ASN A 25 -22.03 -1.17 -14.80
C ASN A 25 -21.84 -2.61 -15.28
N VAL A 26 -21.43 -2.72 -16.53
CA VAL A 26 -21.17 -3.98 -17.24
C VAL A 26 -20.06 -3.72 -18.22
N PHE A 27 -19.70 -4.66 -19.06
CA PHE A 27 -18.57 -4.45 -19.97
C PHE A 27 -19.05 -4.06 -21.37
N GLU A 28 -20.03 -3.17 -21.39
CA GLU A 28 -20.61 -2.62 -22.62
C GLU A 28 -19.78 -1.44 -23.16
N TYR A 29 -20.22 -0.87 -24.25
CA TYR A 29 -19.52 0.26 -24.83
C TYR A 29 -19.76 1.53 -24.05
N GLY A 30 -18.70 2.23 -23.77
CA GLY A 30 -18.80 3.48 -23.08
C GLY A 30 -18.66 3.34 -21.59
N VAL A 31 -18.39 2.15 -21.13
CA VAL A 31 -18.24 1.94 -19.72
C VAL A 31 -16.78 2.14 -19.34
N LYS A 32 -16.57 2.70 -18.19
CA LYS A 32 -15.27 2.93 -17.67
C LYS A 32 -15.03 1.96 -16.54
N ALA A 33 -14.03 1.14 -16.70
CA ALA A 33 -13.65 0.19 -15.70
C ALA A 33 -12.70 0.86 -14.73
N VAL A 34 -13.24 1.39 -13.67
CA VAL A 34 -12.49 2.09 -12.69
C VAL A 34 -11.93 1.10 -11.70
N TYR A 35 -10.66 0.99 -11.69
CA TYR A 35 -9.96 0.11 -10.79
C TYR A 35 -9.69 0.80 -9.48
N THR A 36 -9.94 0.10 -8.42
CA THR A 36 -9.75 0.61 -7.12
C THR A 36 -8.99 -0.43 -6.29
N CYS A 37 -7.96 0.01 -5.66
CA CYS A 37 -7.07 -0.85 -4.97
C CYS A 37 -7.61 -1.21 -3.59
N ASN A 38 -7.20 -2.35 -3.05
CA ASN A 38 -7.65 -2.78 -1.73
C ASN A 38 -7.03 -1.93 -0.64
N GLU A 39 -7.42 -2.22 0.60
CA GLU A 39 -7.02 -1.43 1.77
C GLU A 39 -5.51 -1.27 1.86
N GLY A 40 -4.80 -2.37 1.83
CA GLY A 40 -3.36 -2.32 1.93
C GLY A 40 -2.67 -2.09 0.59
N TYR A 41 -3.30 -1.32 -0.26
CA TYR A 41 -2.81 -1.01 -1.58
C TYR A 41 -3.22 0.40 -1.94
N GLN A 42 -2.51 0.99 -2.83
CA GLN A 42 -2.81 2.32 -3.29
C GLN A 42 -2.71 2.30 -4.78
N LEU A 43 -3.14 3.32 -5.41
CA LEU A 43 -3.02 3.38 -6.83
C LEU A 43 -1.73 4.07 -7.19
N LEU A 44 -1.11 3.60 -8.21
CA LEU A 44 0.09 4.17 -8.69
C LEU A 44 -0.14 4.50 -10.16
N GLY A 45 0.02 5.73 -10.50
CA GLY A 45 -0.24 6.16 -11.85
C GLY A 45 -1.37 7.18 -11.90
N GLU A 46 -1.56 7.76 -13.06
CA GLU A 46 -2.55 8.82 -13.25
C GLU A 46 -3.84 8.22 -13.78
N ILE A 47 -3.72 7.10 -14.45
CA ILE A 47 -4.84 6.40 -15.02
C ILE A 47 -5.35 5.43 -13.98
N ASN A 48 -6.65 5.32 -13.82
CA ASN A 48 -7.22 4.41 -12.86
C ASN A 48 -8.39 3.68 -13.45
N TYR A 49 -8.60 3.82 -14.72
CA TYR A 49 -9.77 3.26 -15.32
C TYR A 49 -9.44 2.83 -16.71
N ARG A 50 -10.36 2.15 -17.33
CA ARG A 50 -10.24 1.78 -18.71
C ARG A 50 -11.53 2.20 -19.36
N GLU A 51 -11.48 3.06 -20.34
CA GLU A 51 -12.71 3.43 -21.03
C GLU A 51 -12.93 2.51 -22.20
N CYS A 52 -14.10 1.92 -22.31
CA CYS A 52 -14.36 1.12 -23.48
C CYS A 52 -14.85 1.98 -24.61
N ASP A 53 -14.05 2.06 -25.63
CA ASP A 53 -14.38 2.81 -26.83
C ASP A 53 -14.76 1.78 -27.88
N THR A 54 -14.95 2.21 -29.10
CA THR A 54 -15.43 1.33 -30.16
C THR A 54 -14.43 0.19 -30.48
N ASP A 55 -13.16 0.41 -30.21
CA ASP A 55 -12.14 -0.60 -30.44
C ASP A 55 -12.03 -1.55 -29.25
N GLY A 56 -12.44 -1.10 -28.10
CA GLY A 56 -12.35 -1.88 -26.91
C GLY A 56 -11.90 -1.01 -25.76
N TRP A 57 -11.34 -1.63 -24.74
CA TRP A 57 -10.84 -0.90 -23.59
C TRP A 57 -9.59 -0.09 -23.99
N THR A 58 -9.71 1.23 -23.98
CA THR A 58 -8.65 2.13 -24.40
C THR A 58 -7.44 2.03 -23.49
N ASN A 59 -7.63 2.41 -22.26
CA ASN A 59 -6.58 2.36 -21.27
C ASN A 59 -6.35 0.94 -20.90
N ASP A 60 -5.28 0.71 -20.20
CA ASP A 60 -4.98 -0.62 -19.73
C ASP A 60 -5.29 -0.63 -18.24
N ILE A 61 -4.93 -1.68 -17.60
CA ILE A 61 -5.13 -1.87 -16.22
C ILE A 61 -4.15 -0.99 -15.46
N PRO A 62 -4.65 -0.10 -14.61
CA PRO A 62 -3.81 0.76 -13.81
C PRO A 62 -3.07 -0.03 -12.75
N ILE A 63 -2.02 0.52 -12.24
CA ILE A 63 -1.22 -0.19 -11.30
C ILE A 63 -1.60 0.16 -9.89
N CYS A 64 -1.92 -0.83 -9.15
CA CYS A 64 -2.12 -0.68 -7.76
C CYS A 64 -0.86 -1.15 -7.10
N GLU A 65 -0.24 -0.29 -6.38
CA GLU A 65 0.97 -0.59 -5.73
C GLU A 65 0.64 -0.82 -4.27
N VAL A 66 1.34 -1.69 -3.63
CA VAL A 66 1.09 -1.97 -2.24
C VAL A 66 1.51 -0.76 -1.42
N VAL A 67 0.68 -0.37 -0.43
CA VAL A 67 0.99 0.77 0.41
C VAL A 67 2.30 0.56 1.13
N LYS A 68 3.16 1.52 1.01
CA LYS A 68 4.48 1.42 1.54
C LYS A 68 4.64 2.38 2.68
N CYS A 69 5.40 1.98 3.62
CA CYS A 69 5.67 2.74 4.79
C CYS A 69 7.18 2.98 4.79
N LEU A 70 7.59 4.18 5.13
CA LEU A 70 9.00 4.55 5.10
C LEU A 70 9.88 3.74 6.03
N PRO A 71 11.11 3.45 5.59
CA PRO A 71 12.09 2.72 6.39
C PRO A 71 12.51 3.57 7.59
N VAL A 72 12.34 3.01 8.76
CA VAL A 72 12.61 3.70 10.00
C VAL A 72 14.13 3.74 10.24
N THR A 73 14.59 4.79 10.89
CA THR A 73 15.98 4.91 11.25
C THR A 73 16.36 3.88 12.34
N ALA A 74 16.11 4.23 13.58
CA ALA A 74 16.32 3.40 14.78
C ALA A 74 16.22 4.35 15.94
N PRO A 75 15.97 3.88 17.16
CA PRO A 75 16.05 4.74 18.30
C PRO A 75 17.51 5.05 18.61
N GLU A 76 17.72 6.13 19.26
CA GLU A 76 19.05 6.68 19.52
C GLU A 76 19.92 5.80 20.41
N ASN A 77 19.30 5.13 21.31
CA ASN A 77 19.99 4.34 22.30
C ASN A 77 19.47 2.95 22.28
N GLY A 78 18.97 2.62 21.14
CA GLY A 78 18.45 1.33 20.92
C GLY A 78 18.72 0.89 19.52
N LYS A 79 17.91 0.00 19.04
CA LYS A 79 18.01 -0.52 17.70
C LYS A 79 16.67 -1.09 17.32
N ILE A 80 16.52 -1.51 16.10
CA ILE A 80 15.26 -2.04 15.64
C ILE A 80 15.25 -3.58 15.77
N VAL A 81 14.15 -4.11 16.32
CA VAL A 81 13.94 -5.55 16.48
C VAL A 81 13.65 -6.16 15.12
N SER A 82 12.73 -5.52 14.42
CA SER A 82 12.32 -5.95 13.13
C SER A 82 13.36 -5.49 12.10
N SER A 83 14.38 -6.27 11.93
CA SER A 83 15.44 -5.90 11.07
C SER A 83 15.65 -6.93 9.95
N ALA A 84 15.44 -8.20 10.25
CA ALA A 84 15.62 -9.24 9.26
C ALA A 84 14.29 -9.89 8.91
N MET A 85 13.63 -9.36 7.90
CA MET A 85 12.35 -9.91 7.43
C MET A 85 12.52 -10.50 6.05
N GLU A 86 13.28 -9.80 5.25
CA GLU A 86 13.56 -10.12 3.88
C GLU A 86 14.86 -9.41 3.58
N PRO A 87 15.51 -9.69 2.46
CA PRO A 87 16.64 -8.88 2.01
C PRO A 87 16.15 -7.55 1.40
N ASP A 88 14.90 -7.55 0.95
CA ASP A 88 14.30 -6.38 0.30
C ASP A 88 13.55 -5.60 1.33
N ARG A 89 12.64 -6.31 1.98
CA ARG A 89 11.78 -5.82 3.04
C ARG A 89 11.24 -4.42 2.91
N GLU A 90 10.28 -4.24 2.05
CA GLU A 90 9.61 -2.98 2.00
C GLU A 90 8.61 -2.99 3.11
N TYR A 91 8.47 -1.92 3.77
CA TYR A 91 7.50 -1.85 4.79
C TYR A 91 6.18 -1.56 4.17
N HIS A 92 5.23 -2.38 4.48
CA HIS A 92 3.93 -2.27 3.89
C HIS A 92 2.91 -2.28 4.98
N PHE A 93 1.68 -2.11 4.60
CA PHE A 93 0.56 -2.24 5.51
C PHE A 93 0.61 -3.59 6.20
N GLY A 94 0.39 -3.58 7.49
CA GLY A 94 0.39 -4.80 8.23
C GLY A 94 1.67 -5.02 8.99
N GLN A 95 2.77 -4.44 8.49
CA GLN A 95 4.04 -4.62 9.13
C GLN A 95 4.08 -3.92 10.47
N ALA A 96 4.82 -4.50 11.35
CA ALA A 96 5.01 -4.00 12.66
C ALA A 96 6.49 -3.95 12.93
N VAL A 97 7.00 -2.78 13.11
CA VAL A 97 8.40 -2.59 13.37
C VAL A 97 8.59 -2.38 14.85
N ARG A 98 9.18 -3.34 15.47
CA ARG A 98 9.41 -3.31 16.89
C ARG A 98 10.84 -2.83 17.14
N PHE A 99 11.07 -2.28 18.29
CA PHE A 99 12.34 -1.67 18.64
C PHE A 99 12.81 -2.23 19.95
N VAL A 100 14.08 -2.05 20.19
CA VAL A 100 14.71 -2.49 21.41
C VAL A 100 15.57 -1.41 21.93
N CYS A 101 15.72 -1.39 23.19
CA CYS A 101 16.56 -0.50 23.84
C CYS A 101 17.71 -1.28 24.39
N ASN A 102 18.86 -0.74 24.24
CA ASN A 102 20.08 -1.39 24.67
C ASN A 102 20.17 -1.54 26.17
N SER A 103 21.23 -2.17 26.59
CA SER A 103 21.53 -2.61 27.93
C SER A 103 21.14 -1.64 29.08
N GLY A 104 21.27 -0.38 28.87
CA GLY A 104 20.95 0.55 29.93
C GLY A 104 19.82 1.48 29.58
N TYR A 105 18.99 1.13 28.62
CA TYR A 105 17.94 2.00 28.21
C TYR A 105 16.58 1.36 28.23
N LYS A 106 15.59 2.18 28.34
CA LYS A 106 14.20 1.76 28.37
C LYS A 106 13.47 2.50 27.28
N ILE A 107 12.42 1.93 26.77
CA ILE A 107 11.63 2.60 25.75
C ILE A 107 10.84 3.76 26.39
N GLU A 108 10.64 4.82 25.66
CA GLU A 108 9.87 5.95 26.16
C GLU A 108 8.38 5.69 25.98
N GLY A 109 7.96 5.55 24.74
CA GLY A 109 6.56 5.30 24.45
C GLY A 109 6.32 3.85 24.10
N ASP A 110 5.91 3.59 22.88
CA ASP A 110 5.66 2.23 22.41
C ASP A 110 6.93 1.62 21.91
N GLU A 111 7.01 0.32 21.95
CA GLU A 111 8.19 -0.39 21.54
C GLU A 111 8.03 -0.89 20.11
N GLU A 112 6.92 -0.56 19.50
CA GLU A 112 6.62 -1.03 18.17
C GLU A 112 5.65 -0.13 17.44
N MET A 113 5.80 -0.09 16.15
CA MET A 113 4.96 0.70 15.29
C MET A 113 4.37 -0.14 14.18
N HIS A 114 3.07 -0.09 14.08
CA HIS A 114 2.31 -0.77 13.04
C HIS A 114 2.06 0.22 11.92
N CYS A 115 1.99 -0.24 10.69
CA CYS A 115 1.72 0.67 9.60
C CYS A 115 0.22 0.70 9.26
N SER A 116 -0.28 1.89 9.05
CA SER A 116 -1.65 2.13 8.67
C SER A 116 -1.78 2.01 7.13
N ASP A 117 -3.01 1.84 6.62
CA ASP A 117 -3.24 1.60 5.16
C ASP A 117 -3.02 2.86 4.34
N ASP A 118 -2.82 3.96 5.01
CA ASP A 118 -2.49 5.21 4.35
C ASP A 118 -1.01 5.20 3.97
N GLY A 119 -0.28 4.24 4.51
CA GLY A 119 1.13 4.14 4.24
C GLY A 119 1.98 4.92 5.22
N PHE A 120 1.61 4.89 6.49
CA PHE A 120 2.40 5.57 7.51
C PHE A 120 2.37 4.77 8.79
N TRP A 121 3.36 4.96 9.62
CA TRP A 121 3.43 4.27 10.88
C TRP A 121 2.44 4.89 11.86
N SER A 122 1.63 4.06 12.48
CA SER A 122 0.63 4.49 13.42
C SER A 122 1.29 5.15 14.63
N LYS A 123 2.45 4.65 14.99
CA LYS A 123 3.19 5.19 16.08
C LYS A 123 4.40 5.91 15.58
N GLU A 124 4.76 6.91 16.30
CA GLU A 124 5.89 7.75 15.95
C GLU A 124 7.17 7.17 16.52
N LYS A 125 8.28 7.83 16.22
CA LYS A 125 9.57 7.47 16.73
C LYS A 125 9.63 7.48 18.25
N PRO A 126 9.93 6.34 18.85
CA PRO A 126 10.09 6.26 20.27
C PRO A 126 11.55 6.51 20.65
N LYS A 127 11.84 6.47 21.92
CA LYS A 127 13.17 6.71 22.38
C LYS A 127 13.58 5.62 23.29
N CYS A 128 14.85 5.58 23.54
CA CYS A 128 15.41 4.71 24.50
C CYS A 128 16.15 5.58 25.48
N VAL A 129 15.55 5.74 26.62
CA VAL A 129 16.03 6.63 27.64
C VAL A 129 16.13 5.85 28.96
N PRO A 7 -20.17 -6.64 -24.17
CA PRO A 7 -19.69 -6.38 -25.54
C PRO A 7 -18.20 -5.98 -25.55
N CYS A 8 -17.76 -5.41 -24.44
CA CYS A 8 -16.38 -5.03 -24.28
C CYS A 8 -15.62 -6.24 -23.79
N GLY A 9 -16.30 -7.04 -23.02
CA GLY A 9 -15.82 -8.29 -22.62
C GLY A 9 -15.69 -8.33 -21.17
N HIS A 10 -14.54 -8.04 -20.76
CA HIS A 10 -14.11 -8.11 -19.41
C HIS A 10 -12.70 -7.54 -19.43
N PRO A 11 -12.41 -6.51 -18.64
CA PRO A 11 -11.11 -5.84 -18.67
C PRO A 11 -10.02 -6.62 -17.92
N GLY A 12 -10.44 -7.42 -17.00
CA GLY A 12 -9.51 -8.11 -16.18
C GLY A 12 -9.63 -7.57 -14.81
N ASP A 13 -8.92 -8.11 -13.90
CA ASP A 13 -9.02 -7.71 -12.52
C ASP A 13 -7.62 -7.61 -11.95
N THR A 14 -7.45 -6.83 -10.93
CA THR A 14 -6.16 -6.61 -10.37
C THR A 14 -5.98 -7.48 -9.11
N PRO A 15 -4.89 -8.28 -9.04
CA PRO A 15 -4.64 -9.17 -7.90
C PRO A 15 -4.31 -8.39 -6.62
N PHE A 16 -4.04 -7.12 -6.80
CA PHE A 16 -3.67 -6.25 -5.71
C PHE A 16 -4.89 -5.52 -5.16
N GLY A 17 -6.03 -5.80 -5.71
CA GLY A 17 -7.20 -5.12 -5.25
C GLY A 17 -8.41 -5.54 -5.97
N THR A 18 -9.13 -4.58 -6.44
CA THR A 18 -10.40 -4.81 -7.13
C THR A 18 -10.64 -3.71 -8.17
N PHE A 19 -11.78 -3.73 -8.83
CA PHE A 19 -12.16 -2.66 -9.71
C PHE A 19 -13.66 -2.45 -9.62
N THR A 20 -14.11 -1.35 -10.09
CA THR A 20 -15.50 -0.99 -10.12
C THR A 20 -15.83 -0.56 -11.54
N LEU A 21 -17.06 -0.57 -11.89
CA LEU A 21 -17.49 -0.21 -13.20
C LEU A 21 -18.38 1.01 -13.12
N THR A 22 -18.03 2.03 -13.82
CA THR A 22 -18.74 3.27 -13.75
C THR A 22 -19.35 3.61 -15.10
N GLY A 23 -20.56 4.09 -15.07
CA GLY A 23 -21.25 4.45 -16.28
C GLY A 23 -22.24 3.40 -16.67
N GLY A 24 -21.82 2.16 -16.64
CA GLY A 24 -22.68 1.09 -17.02
C GLY A 24 -22.85 0.04 -15.95
N ASN A 25 -21.89 -0.03 -15.01
CA ASN A 25 -21.88 -1.02 -13.89
C ASN A 25 -21.75 -2.47 -14.40
N VAL A 26 -21.35 -2.60 -15.65
CA VAL A 26 -21.19 -3.90 -16.34
C VAL A 26 -20.13 -3.68 -17.39
N PHE A 27 -19.88 -4.63 -18.26
CA PHE A 27 -18.84 -4.47 -19.26
C PHE A 27 -19.42 -4.06 -20.61
N GLU A 28 -20.36 -3.13 -20.56
CA GLU A 28 -21.04 -2.54 -21.73
C GLU A 28 -20.24 -1.40 -22.35
N TYR A 29 -20.74 -0.85 -23.42
CA TYR A 29 -20.09 0.29 -24.05
C TYR A 29 -20.26 1.53 -23.21
N GLY A 30 -19.19 2.28 -23.06
CA GLY A 30 -19.26 3.50 -22.31
C GLY A 30 -18.87 3.34 -20.88
N VAL A 31 -18.66 2.12 -20.44
CA VAL A 31 -18.35 1.90 -19.05
C VAL A 31 -16.86 2.07 -18.79
N LYS A 32 -16.54 2.62 -17.67
CA LYS A 32 -15.20 2.81 -17.25
C LYS A 32 -14.88 1.86 -16.12
N ALA A 33 -13.95 0.97 -16.36
CA ALA A 33 -13.50 0.02 -15.38
C ALA A 33 -12.49 0.70 -14.50
N VAL A 34 -12.93 1.27 -13.44
CA VAL A 34 -12.12 2.00 -12.54
C VAL A 34 -11.52 1.04 -11.54
N TYR A 35 -10.25 0.89 -11.57
CA TYR A 35 -9.57 -0.02 -10.69
C TYR A 35 -9.25 0.63 -9.38
N THR A 36 -9.44 -0.12 -8.34
CA THR A 36 -9.18 0.34 -7.04
C THR A 36 -8.39 -0.71 -6.27
N CYS A 37 -7.16 -0.39 -6.03
CA CYS A 37 -6.25 -1.27 -5.33
C CYS A 37 -6.70 -1.39 -3.87
N ASN A 38 -6.37 -2.51 -3.23
CA ASN A 38 -6.76 -2.73 -1.84
C ASN A 38 -6.03 -1.79 -0.90
N GLU A 39 -6.35 -1.91 0.38
CA GLU A 39 -5.81 -1.04 1.42
C GLU A 39 -4.27 -1.04 1.49
N GLY A 40 -3.67 -2.18 1.27
CA GLY A 40 -2.23 -2.29 1.33
C GLY A 40 -1.56 -1.96 0.01
N TYR A 41 -2.26 -1.29 -0.86
CA TYR A 41 -1.79 -0.98 -2.19
C TYR A 41 -2.31 0.37 -2.61
N GLN A 42 -1.76 0.89 -3.65
CA GLN A 42 -2.20 2.13 -4.22
C GLN A 42 -2.15 2.02 -5.71
N LEU A 43 -2.81 2.92 -6.36
CA LEU A 43 -2.83 2.93 -7.79
C LEU A 43 -1.61 3.74 -8.24
N LEU A 44 -0.75 3.12 -8.98
CA LEU A 44 0.46 3.74 -9.44
C LEU A 44 0.25 4.16 -10.89
N GLY A 45 0.55 5.39 -11.19
CA GLY A 45 0.38 5.89 -12.53
C GLY A 45 -0.82 6.81 -12.63
N GLU A 46 -1.11 7.28 -13.82
CA GLU A 46 -2.22 8.17 -14.05
C GLU A 46 -3.46 7.39 -14.39
N ILE A 47 -3.28 6.35 -15.15
CA ILE A 47 -4.37 5.55 -15.62
C ILE A 47 -4.82 4.66 -14.50
N ASN A 48 -6.06 4.79 -14.11
CA ASN A 48 -6.62 4.01 -13.02
C ASN A 48 -7.90 3.36 -13.46
N TYR A 49 -8.19 3.45 -14.72
CA TYR A 49 -9.44 2.96 -15.21
C TYR A 49 -9.26 2.53 -16.64
N ARG A 50 -10.23 1.87 -17.19
CA ARG A 50 -10.26 1.52 -18.59
C ARG A 50 -11.58 1.96 -19.13
N GLU A 51 -11.58 2.78 -20.14
CA GLU A 51 -12.84 3.21 -20.71
C GLU A 51 -13.20 2.33 -21.90
N CYS A 52 -14.40 1.78 -21.91
CA CYS A 52 -14.82 1.02 -23.07
C CYS A 52 -15.36 1.98 -24.10
N ASP A 53 -14.66 2.08 -25.18
CA ASP A 53 -15.03 2.94 -26.27
C ASP A 53 -15.45 2.02 -27.43
N THR A 54 -15.54 2.55 -28.62
CA THR A 54 -16.05 1.88 -29.80
C THR A 54 -15.41 0.49 -30.10
N ASP A 55 -14.15 0.34 -29.80
CA ASP A 55 -13.48 -0.93 -30.10
C ASP A 55 -13.34 -1.79 -28.86
N GLY A 56 -13.61 -1.20 -27.74
CA GLY A 56 -13.48 -1.90 -26.51
C GLY A 56 -12.76 -1.05 -25.51
N TRP A 57 -12.11 -1.69 -24.57
CA TRP A 57 -11.39 -1.00 -23.52
C TRP A 57 -10.17 -0.27 -24.11
N THR A 58 -10.13 1.03 -23.94
CA THR A 58 -9.06 1.85 -24.44
C THR A 58 -7.79 1.64 -23.64
N ASN A 59 -7.87 1.99 -22.38
CA ASN A 59 -6.78 1.87 -21.46
C ASN A 59 -6.53 0.43 -21.18
N ASP A 60 -5.39 0.14 -20.63
CA ASP A 60 -5.09 -1.24 -20.23
C ASP A 60 -5.25 -1.32 -18.72
N ILE A 61 -4.88 -2.41 -18.18
CA ILE A 61 -4.95 -2.66 -16.78
C ILE A 61 -3.94 -1.79 -16.03
N PRO A 62 -4.40 -0.95 -15.11
CA PRO A 62 -3.54 -0.08 -14.33
C PRO A 62 -2.69 -0.86 -13.33
N ILE A 63 -1.79 -0.17 -12.69
CA ILE A 63 -0.83 -0.79 -11.83
C ILE A 63 -1.12 -0.47 -10.39
N CYS A 64 -1.15 -1.48 -9.60
CA CYS A 64 -1.28 -1.33 -8.19
C CYS A 64 0.03 -1.68 -7.54
N GLU A 65 0.65 -0.71 -6.95
CA GLU A 65 1.87 -0.95 -6.26
C GLU A 65 1.53 -0.97 -4.79
N VAL A 66 2.35 -1.60 -4.02
CA VAL A 66 2.12 -1.69 -2.61
C VAL A 66 2.35 -0.32 -1.96
N VAL A 67 1.58 0.00 -0.93
CA VAL A 67 1.78 1.24 -0.23
C VAL A 67 3.06 1.13 0.59
N LYS A 68 3.85 2.14 0.55
CA LYS A 68 5.13 2.11 1.18
C LYS A 68 5.07 2.95 2.43
N CYS A 69 5.87 2.61 3.36
CA CYS A 69 5.97 3.34 4.58
C CYS A 69 7.35 3.94 4.64
N LEU A 70 7.47 5.12 5.20
CA LEU A 70 8.72 5.77 5.30
C LEU A 70 9.74 5.02 6.12
N PRO A 71 11.02 5.14 5.72
CA PRO A 71 12.11 4.45 6.38
C PRO A 71 12.38 5.02 7.76
N VAL A 72 12.36 4.17 8.74
CA VAL A 72 12.64 4.56 10.10
C VAL A 72 14.09 4.21 10.38
N THR A 73 14.80 5.10 11.05
CA THR A 73 16.16 4.83 11.42
C THR A 73 16.24 3.86 12.61
N ALA A 74 16.07 4.43 13.82
CA ALA A 74 16.09 3.71 15.09
C ALA A 74 16.06 4.74 16.21
N PRO A 75 15.58 4.38 17.42
CA PRO A 75 15.68 5.27 18.57
C PRO A 75 17.12 5.38 19.04
N GLU A 76 17.39 6.39 19.80
CA GLU A 76 18.73 6.73 20.27
C GLU A 76 19.45 5.59 20.99
N ASN A 77 18.74 4.93 21.87
CA ASN A 77 19.31 3.86 22.67
C ASN A 77 18.63 2.57 22.35
N GLY A 78 18.12 2.47 21.14
CA GLY A 78 17.44 1.28 20.73
C GLY A 78 17.70 0.91 19.29
N LYS A 79 17.03 -0.10 18.81
CA LYS A 79 17.22 -0.62 17.47
C LYS A 79 15.94 -1.28 16.99
N ILE A 80 15.82 -1.45 15.70
CA ILE A 80 14.63 -2.04 15.10
C ILE A 80 14.71 -3.58 15.16
N VAL A 81 13.61 -4.21 15.56
CA VAL A 81 13.56 -5.66 15.70
C VAL A 81 13.19 -6.32 14.34
N SER A 82 12.39 -5.61 13.57
CA SER A 82 11.83 -6.13 12.36
C SER A 82 12.84 -5.97 11.22
N SER A 83 13.50 -7.08 10.88
CA SER A 83 14.55 -7.13 9.86
C SER A 83 15.78 -6.28 10.30
N ALA A 84 16.74 -6.16 9.43
CA ALA A 84 17.90 -5.36 9.69
C ALA A 84 17.82 -4.12 8.83
N MET A 85 18.66 -3.16 9.12
CA MET A 85 18.67 -1.94 8.37
C MET A 85 19.43 -2.12 7.06
N GLU A 86 18.70 -2.51 6.07
CA GLU A 86 19.23 -2.76 4.76
C GLU A 86 18.42 -1.98 3.77
N PRO A 87 19.00 -1.59 2.63
CA PRO A 87 18.27 -0.86 1.56
C PRO A 87 17.41 -1.83 0.75
N ASP A 88 17.25 -3.00 1.30
CA ASP A 88 16.51 -4.08 0.72
C ASP A 88 15.16 -4.11 1.35
N ARG A 89 15.13 -3.85 2.64
CA ARG A 89 13.92 -3.93 3.39
C ARG A 89 13.07 -2.70 3.16
N GLU A 90 12.06 -2.86 2.37
CA GLU A 90 11.09 -1.81 2.19
C GLU A 90 10.09 -1.91 3.30
N TYR A 91 9.38 -0.86 3.54
CA TYR A 91 8.31 -0.90 4.47
C TYR A 91 7.02 -0.82 3.69
N HIS A 92 6.11 -1.70 3.97
CA HIS A 92 4.86 -1.79 3.22
C HIS A 92 3.73 -1.82 4.22
N PHE A 93 2.49 -1.62 3.76
CA PHE A 93 1.33 -1.77 4.67
C PHE A 93 1.36 -3.13 5.33
N GLY A 94 1.34 -3.13 6.62
CA GLY A 94 1.36 -4.36 7.35
C GLY A 94 2.48 -4.39 8.32
N GLN A 95 3.55 -3.64 8.02
CA GLN A 95 4.72 -3.60 8.86
C GLN A 95 4.42 -3.14 10.27
N ALA A 96 4.93 -3.89 11.19
CA ALA A 96 4.88 -3.57 12.58
C ALA A 96 6.30 -3.46 13.05
N VAL A 97 6.80 -2.27 13.08
CA VAL A 97 8.16 -2.04 13.43
C VAL A 97 8.30 -1.87 14.91
N ARG A 98 8.74 -2.93 15.53
CA ARG A 98 9.00 -2.93 16.93
C ARG A 98 10.43 -2.56 17.17
N PHE A 99 10.66 -1.89 18.25
CA PHE A 99 11.94 -1.42 18.62
C PHE A 99 12.33 -2.09 19.90
N VAL A 100 13.58 -2.27 20.06
CA VAL A 100 14.11 -2.85 21.25
C VAL A 100 15.21 -1.95 21.73
N CYS A 101 15.30 -1.82 22.99
CA CYS A 101 16.26 -0.96 23.57
C CYS A 101 17.51 -1.72 23.92
N ASN A 102 18.65 -1.05 23.86
CA ASN A 102 19.94 -1.64 24.19
C ASN A 102 19.93 -2.05 25.63
N SER A 103 20.80 -2.97 25.94
CA SER A 103 20.92 -3.62 27.24
C SER A 103 20.78 -2.65 28.43
N GLY A 104 19.63 -2.69 29.07
CA GLY A 104 19.42 -1.88 30.23
C GLY A 104 18.44 -0.74 30.02
N TYR A 105 18.07 -0.48 28.78
CA TYR A 105 17.15 0.59 28.49
C TYR A 105 15.73 0.06 28.34
N LYS A 106 14.78 0.95 28.49
CA LYS A 106 13.39 0.63 28.39
C LYS A 106 12.73 1.64 27.49
N ILE A 107 11.73 1.25 26.78
CA ILE A 107 11.14 2.12 25.85
C ILE A 107 10.18 3.10 26.55
N GLU A 108 10.14 4.28 26.03
CA GLU A 108 9.37 5.36 26.59
C GLU A 108 7.89 5.27 26.18
N GLY A 109 7.64 5.44 24.91
CA GLY A 109 6.29 5.41 24.39
C GLY A 109 5.75 4.01 24.25
N ASP A 110 5.58 3.58 23.03
CA ASP A 110 5.10 2.24 22.77
C ASP A 110 6.29 1.43 22.27
N GLU A 111 6.11 0.17 21.98
CA GLU A 111 7.23 -0.66 21.61
C GLU A 111 7.31 -0.83 20.10
N GLU A 112 6.26 -0.42 19.43
CA GLU A 112 6.16 -0.64 18.01
C GLU A 112 5.30 0.41 17.32
N MET A 113 5.43 0.45 16.02
CA MET A 113 4.64 1.31 15.16
C MET A 113 4.13 0.51 13.97
N HIS A 114 2.89 0.70 13.62
CA HIS A 114 2.29 -0.04 12.52
C HIS A 114 1.97 0.88 11.35
N CYS A 115 2.05 0.35 10.14
CA CYS A 115 1.69 1.08 8.93
C CYS A 115 0.18 1.19 8.76
N SER A 116 -0.30 2.41 8.69
CA SER A 116 -1.69 2.70 8.42
C SER A 116 -1.94 2.80 6.89
N ASP A 117 -3.18 3.16 6.50
CA ASP A 117 -3.62 3.29 5.08
C ASP A 117 -2.70 4.16 4.22
N ASP A 118 -2.14 5.18 4.82
CA ASP A 118 -1.22 6.13 4.16
C ASP A 118 0.16 5.57 4.00
N GLY A 119 0.41 4.38 4.52
CA GLY A 119 1.77 3.90 4.63
C GLY A 119 2.49 4.75 5.67
N PHE A 120 1.70 5.23 6.59
CA PHE A 120 2.16 6.11 7.61
C PHE A 120 2.24 5.35 8.90
N TRP A 121 3.16 5.71 9.73
CA TRP A 121 3.33 5.05 10.99
C TRP A 121 2.34 5.61 12.00
N SER A 122 1.54 4.73 12.58
CA SER A 122 0.52 5.11 13.56
C SER A 122 1.13 5.76 14.81
N LYS A 123 2.33 5.36 15.13
CA LYS A 123 3.02 5.85 16.30
C LYS A 123 4.27 6.57 15.83
N GLU A 124 4.76 7.47 16.61
CA GLU A 124 5.97 8.15 16.29
C GLU A 124 7.11 7.45 16.97
N LYS A 125 8.33 7.73 16.54
CA LYS A 125 9.52 7.07 17.07
C LYS A 125 9.62 7.16 18.58
N PRO A 126 9.56 6.04 19.28
CA PRO A 126 9.70 6.02 20.70
C PRO A 126 11.16 6.13 21.11
N LYS A 127 11.37 6.48 22.34
CA LYS A 127 12.68 6.70 22.88
C LYS A 127 13.00 5.55 23.84
N CYS A 128 14.25 5.32 24.09
CA CYS A 128 14.69 4.34 25.05
C CYS A 128 15.38 5.05 26.18
N VAL A 129 14.85 4.87 27.37
CA VAL A 129 15.33 5.51 28.55
C VAL A 129 15.50 4.47 29.66
N PRO A 7 -19.24 -7.24 -24.04
CA PRO A 7 -18.64 -7.06 -25.36
C PRO A 7 -17.15 -6.71 -25.29
N CYS A 8 -16.76 -5.97 -24.25
CA CYS A 8 -15.36 -5.65 -24.05
C CYS A 8 -14.66 -6.79 -23.32
N GLY A 9 -15.43 -7.53 -22.56
CA GLY A 9 -14.97 -8.72 -21.99
C GLY A 9 -14.83 -8.58 -20.55
N HIS A 10 -13.72 -8.10 -20.19
CA HIS A 10 -13.30 -7.96 -18.85
C HIS A 10 -11.95 -7.22 -18.93
N PRO A 11 -11.74 -6.17 -18.14
CA PRO A 11 -10.54 -5.30 -18.28
C PRO A 11 -9.28 -5.83 -17.60
N GLY A 12 -9.35 -7.02 -17.10
CA GLY A 12 -8.23 -7.57 -16.39
C GLY A 12 -8.57 -7.63 -14.93
N ASP A 13 -7.59 -7.86 -14.11
CA ASP A 13 -7.81 -7.99 -12.68
C ASP A 13 -6.50 -7.62 -12.00
N THR A 14 -6.56 -7.20 -10.78
CA THR A 14 -5.38 -6.83 -10.04
C THR A 14 -5.36 -7.53 -8.68
N PRO A 15 -4.24 -8.18 -8.34
CA PRO A 15 -4.10 -8.89 -7.06
C PRO A 15 -3.87 -7.92 -5.91
N PHE A 16 -3.63 -6.69 -6.25
CA PHE A 16 -3.37 -5.66 -5.29
C PHE A 16 -4.64 -4.92 -5.04
N GLY A 17 -5.25 -4.48 -6.09
CA GLY A 17 -6.41 -3.70 -5.97
C GLY A 17 -7.63 -4.44 -6.33
N THR A 18 -8.58 -3.70 -6.71
CA THR A 18 -9.87 -4.17 -7.16
C THR A 18 -10.35 -3.20 -8.23
N PHE A 19 -11.47 -3.43 -8.83
CA PHE A 19 -11.99 -2.47 -9.76
C PHE A 19 -13.50 -2.38 -9.65
N THR A 20 -14.02 -1.35 -10.20
CA THR A 20 -15.41 -1.09 -10.21
C THR A 20 -15.81 -0.81 -11.63
N LEU A 21 -17.04 -0.95 -11.91
CA LEU A 21 -17.57 -0.69 -13.21
C LEU A 21 -18.56 0.41 -13.09
N THR A 22 -18.30 1.46 -13.75
CA THR A 22 -19.08 2.64 -13.66
C THR A 22 -19.70 2.93 -15.00
N GLY A 23 -20.95 3.29 -15.01
CA GLY A 23 -21.62 3.56 -16.24
C GLY A 23 -22.22 2.31 -16.82
N GLY A 24 -22.38 1.29 -15.99
CA GLY A 24 -22.93 0.07 -16.49
C GLY A 24 -22.92 -1.05 -15.47
N ASN A 25 -21.92 -1.06 -14.58
CA ASN A 25 -21.76 -2.10 -13.54
C ASN A 25 -21.43 -3.48 -14.15
N VAL A 26 -21.16 -3.48 -15.45
CA VAL A 26 -20.89 -4.70 -16.23
C VAL A 26 -19.81 -4.36 -17.24
N PHE A 27 -19.54 -5.21 -18.21
CA PHE A 27 -18.46 -4.95 -19.16
C PHE A 27 -19.03 -4.60 -20.54
N GLU A 28 -20.15 -3.88 -20.52
CA GLU A 28 -20.86 -3.41 -21.72
C GLU A 28 -20.19 -2.18 -22.32
N TYR A 29 -20.71 -1.71 -23.41
CA TYR A 29 -20.15 -0.53 -24.04
C TYR A 29 -20.48 0.72 -23.27
N GLY A 30 -19.47 1.51 -23.02
CA GLY A 30 -19.67 2.76 -22.32
C GLY A 30 -19.40 2.64 -20.85
N VAL A 31 -19.05 1.47 -20.38
CA VAL A 31 -18.77 1.29 -18.99
C VAL A 31 -17.29 1.54 -18.75
N LYS A 32 -16.98 2.08 -17.62
CA LYS A 32 -15.65 2.37 -17.27
C LYS A 32 -15.23 1.43 -16.16
N ALA A 33 -14.15 0.77 -16.37
CA ALA A 33 -13.56 -0.09 -15.41
C ALA A 33 -12.63 0.75 -14.58
N VAL A 34 -13.17 1.36 -13.58
CA VAL A 34 -12.39 2.20 -12.73
C VAL A 34 -11.79 1.36 -11.62
N TYR A 35 -10.52 1.28 -11.64
CA TYR A 35 -9.79 0.55 -10.68
C TYR A 35 -9.68 1.31 -9.39
N THR A 36 -9.71 0.58 -8.33
CA THR A 36 -9.62 1.10 -7.02
C THR A 36 -8.79 0.14 -6.20
N CYS A 37 -7.69 0.58 -5.72
CA CYS A 37 -6.78 -0.27 -5.02
C CYS A 37 -7.31 -0.59 -3.62
N ASN A 38 -6.84 -1.67 -3.02
CA ASN A 38 -7.30 -2.02 -1.70
C ASN A 38 -6.63 -1.18 -0.65
N GLU A 39 -6.96 -1.43 0.58
CA GLU A 39 -6.48 -0.67 1.72
C GLU A 39 -4.96 -0.54 1.74
N GLY A 40 -4.28 -1.64 1.65
CA GLY A 40 -2.85 -1.63 1.70
C GLY A 40 -2.20 -1.34 0.36
N TYR A 41 -2.90 -0.67 -0.51
CA TYR A 41 -2.43 -0.38 -1.84
C TYR A 41 -2.90 0.98 -2.27
N GLN A 42 -2.16 1.58 -3.12
CA GLN A 42 -2.47 2.88 -3.62
C GLN A 42 -2.47 2.82 -5.10
N LEU A 43 -3.06 3.78 -5.73
CA LEU A 43 -3.11 3.76 -7.14
C LEU A 43 -1.96 4.54 -7.69
N LEU A 44 -1.26 3.91 -8.56
CA LEU A 44 -0.09 4.46 -9.15
C LEU A 44 -0.42 4.74 -10.60
N GLY A 45 -0.20 5.94 -11.00
CA GLY A 45 -0.56 6.35 -12.32
C GLY A 45 -1.65 7.36 -12.29
N GLU A 46 -1.87 8.04 -13.37
CA GLU A 46 -2.87 9.05 -13.42
C GLU A 46 -4.17 8.46 -13.90
N ILE A 47 -4.04 7.47 -14.73
CA ILE A 47 -5.16 6.75 -15.26
C ILE A 47 -5.58 5.73 -14.23
N ASN A 48 -6.84 5.71 -13.87
CA ASN A 48 -7.32 4.80 -12.85
C ASN A 48 -8.43 3.94 -13.41
N TYR A 49 -8.71 4.11 -14.66
CA TYR A 49 -9.88 3.49 -15.23
C TYR A 49 -9.58 3.04 -16.66
N ARG A 50 -10.41 2.21 -17.18
CA ARG A 50 -10.38 1.81 -18.56
C ARG A 50 -11.77 1.95 -19.06
N GLU A 51 -11.98 2.56 -20.18
CA GLU A 51 -13.34 2.71 -20.63
C GLU A 51 -13.63 1.78 -21.78
N CYS A 52 -14.73 1.11 -21.71
CA CYS A 52 -15.15 0.22 -22.77
C CYS A 52 -15.68 1.03 -23.92
N ASP A 53 -14.82 1.27 -24.89
CA ASP A 53 -15.20 2.00 -26.06
C ASP A 53 -15.61 0.98 -27.09
N THR A 54 -15.90 1.40 -28.27
CA THR A 54 -16.37 0.52 -29.31
C THR A 54 -15.23 -0.43 -29.75
N ASP A 55 -14.01 0.00 -29.49
CA ASP A 55 -12.83 -0.77 -29.80
C ASP A 55 -12.65 -1.84 -28.74
N GLY A 56 -12.93 -1.47 -27.53
CA GLY A 56 -12.70 -2.31 -26.40
C GLY A 56 -12.29 -1.45 -25.25
N TRP A 57 -11.65 -2.02 -24.26
CA TRP A 57 -11.19 -1.26 -23.13
C TRP A 57 -10.09 -0.33 -23.54
N THR A 58 -10.30 0.93 -23.31
CA THR A 58 -9.32 1.93 -23.58
C THR A 58 -8.24 1.88 -22.51
N ASN A 59 -7.16 2.61 -22.74
CA ASN A 59 -6.08 2.77 -21.77
C ASN A 59 -5.42 1.45 -21.44
N ASP A 60 -4.66 1.45 -20.39
CA ASP A 60 -4.01 0.26 -19.93
C ASP A 60 -4.45 0.02 -18.51
N ILE A 61 -4.15 -1.13 -17.96
CA ILE A 61 -4.46 -1.43 -16.58
C ILE A 61 -3.61 -0.55 -15.64
N PRO A 62 -4.27 0.27 -14.80
CA PRO A 62 -3.58 1.11 -13.82
C PRO A 62 -2.90 0.24 -12.76
N ILE A 63 -1.82 0.74 -12.22
CA ILE A 63 -1.04 -0.05 -11.32
C ILE A 63 -1.39 0.26 -9.88
N CYS A 64 -1.62 -0.74 -9.13
CA CYS A 64 -1.81 -0.57 -7.73
C CYS A 64 -0.52 -0.92 -7.04
N GLU A 65 0.15 0.08 -6.55
CA GLU A 65 1.35 -0.13 -5.84
C GLU A 65 1.02 -0.25 -4.41
N VAL A 66 1.83 -0.91 -3.72
CA VAL A 66 1.59 -1.16 -2.35
C VAL A 66 1.94 0.06 -1.56
N VAL A 67 1.16 0.36 -0.56
CA VAL A 67 1.39 1.54 0.26
C VAL A 67 2.67 1.36 1.08
N LYS A 68 3.70 1.95 0.60
CA LYS A 68 5.00 1.80 1.16
C LYS A 68 5.37 2.98 2.02
N CYS A 69 5.94 2.66 3.14
CA CYS A 69 6.34 3.61 4.12
C CYS A 69 7.81 3.88 3.98
N LEU A 70 8.30 4.90 4.63
CA LEU A 70 9.69 5.21 4.59
C LEU A 70 10.42 4.26 5.56
N PRO A 71 11.70 4.01 5.34
CA PRO A 71 12.46 3.10 6.14
C PRO A 71 12.92 3.73 7.46
N VAL A 72 12.48 3.18 8.55
CA VAL A 72 12.83 3.68 9.86
C VAL A 72 14.32 3.44 10.09
N THR A 73 14.96 4.35 10.76
CA THR A 73 16.35 4.20 11.10
C THR A 73 16.55 3.22 12.27
N ALA A 74 16.41 3.72 13.50
CA ALA A 74 16.52 2.95 14.75
C ALA A 74 16.45 3.92 15.91
N PRO A 75 16.18 3.44 17.13
CA PRO A 75 16.28 4.25 18.33
C PRO A 75 17.73 4.28 18.86
N GLU A 76 17.99 5.18 19.76
CA GLU A 76 19.34 5.38 20.30
C GLU A 76 19.82 4.28 21.24
N ASN A 77 19.14 4.07 22.35
CA ASN A 77 19.56 3.05 23.30
C ASN A 77 18.75 1.79 23.08
N GLY A 78 18.38 1.57 21.86
CA GLY A 78 17.63 0.43 21.48
C GLY A 78 17.95 0.09 20.06
N LYS A 79 17.20 -0.81 19.49
CA LYS A 79 17.37 -1.22 18.13
C LYS A 79 16.02 -1.68 17.61
N ILE A 80 15.91 -1.94 16.34
CA ILE A 80 14.66 -2.35 15.77
C ILE A 80 14.51 -3.89 15.77
N VAL A 81 13.34 -4.35 16.17
CA VAL A 81 12.98 -5.77 16.19
C VAL A 81 12.82 -6.25 14.75
N SER A 82 12.06 -5.50 14.01
CA SER A 82 11.70 -5.80 12.63
C SER A 82 12.82 -5.34 11.66
N SER A 83 14.05 -5.31 12.14
CA SER A 83 15.18 -4.80 11.40
C SER A 83 15.57 -5.66 10.21
N ALA A 84 16.08 -6.83 10.46
CA ALA A 84 16.57 -7.64 9.40
C ALA A 84 15.57 -8.64 8.89
N MET A 85 14.66 -8.14 8.11
CA MET A 85 13.77 -9.01 7.39
C MET A 85 14.43 -9.31 6.07
N GLU A 86 14.75 -8.21 5.39
CA GLU A 86 15.48 -8.08 4.14
C GLU A 86 15.64 -6.60 3.93
N PRO A 87 16.74 -6.15 3.36
CA PRO A 87 16.98 -4.72 3.12
C PRO A 87 16.32 -4.25 1.82
N ASP A 88 15.79 -5.21 1.06
CA ASP A 88 15.21 -4.93 -0.25
C ASP A 88 13.75 -4.81 -0.15
N ARG A 89 13.22 -5.33 0.92
CA ARG A 89 11.83 -5.26 1.09
C ARG A 89 11.47 -3.91 1.64
N GLU A 90 10.58 -3.29 0.99
CA GLU A 90 10.13 -1.98 1.36
C GLU A 90 9.01 -2.11 2.36
N TYR A 91 8.97 -1.22 3.31
CA TYR A 91 7.94 -1.21 4.30
C TYR A 91 6.64 -0.87 3.67
N HIS A 92 5.62 -1.57 4.03
CA HIS A 92 4.35 -1.44 3.38
C HIS A 92 3.26 -1.82 4.34
N PHE A 93 2.00 -1.60 3.98
CA PHE A 93 0.87 -1.91 4.85
C PHE A 93 0.96 -3.35 5.36
N GLY A 94 0.76 -3.52 6.64
CA GLY A 94 0.90 -4.82 7.24
C GLY A 94 2.16 -4.91 8.05
N GLN A 95 3.14 -4.11 7.66
CA GLN A 95 4.40 -4.08 8.36
C GLN A 95 4.26 -3.30 9.65
N ALA A 96 4.90 -3.81 10.64
CA ALA A 96 4.98 -3.22 11.92
C ALA A 96 6.41 -3.18 12.31
N VAL A 97 6.91 -2.01 12.55
CA VAL A 97 8.25 -1.86 13.01
C VAL A 97 8.21 -1.80 14.49
N ARG A 98 8.67 -2.84 15.09
CA ARG A 98 8.70 -2.94 16.49
C ARG A 98 10.14 -2.70 16.94
N PHE A 99 10.30 -2.28 18.15
CA PHE A 99 11.58 -1.83 18.66
C PHE A 99 11.91 -2.55 19.94
N VAL A 100 13.18 -2.66 20.21
CA VAL A 100 13.66 -3.31 21.40
C VAL A 100 14.61 -2.42 22.08
N CYS A 101 14.52 -2.41 23.35
CA CYS A 101 15.41 -1.67 24.12
C CYS A 101 16.52 -2.53 24.59
N ASN A 102 17.69 -2.00 24.42
CA ASN A 102 18.92 -2.65 24.81
C ASN A 102 18.98 -2.77 26.30
N SER A 103 19.94 -3.52 26.74
CA SER A 103 20.12 -3.85 28.13
C SER A 103 20.07 -2.62 29.07
N GLY A 104 19.00 -2.53 29.84
CA GLY A 104 18.89 -1.52 30.84
C GLY A 104 18.08 -0.31 30.41
N TYR A 105 17.28 -0.43 29.36
CA TYR A 105 16.47 0.72 28.92
C TYR A 105 15.02 0.37 28.76
N LYS A 106 14.19 1.38 28.67
CA LYS A 106 12.77 1.18 28.48
C LYS A 106 12.40 1.90 27.21
N ILE A 107 11.35 1.48 26.60
CA ILE A 107 10.87 2.18 25.45
C ILE A 107 10.22 3.49 25.95
N GLU A 108 10.34 4.53 25.20
CA GLU A 108 9.82 5.83 25.60
C GLU A 108 8.29 5.81 25.58
N GLY A 109 7.72 5.75 24.40
CA GLY A 109 6.29 5.71 24.29
C GLY A 109 5.80 4.36 23.84
N ASP A 110 5.83 4.15 22.55
CA ASP A 110 5.34 2.91 21.98
C ASP A 110 6.52 2.19 21.38
N GLU A 111 6.48 0.89 21.30
CA GLU A 111 7.59 0.16 20.74
C GLU A 111 7.22 -0.45 19.41
N GLU A 112 6.10 -0.07 18.89
CA GLU A 112 5.65 -0.61 17.62
C GLU A 112 4.82 0.37 16.80
N MET A 113 5.18 0.50 15.57
CA MET A 113 4.49 1.35 14.63
C MET A 113 4.02 0.52 13.45
N HIS A 114 2.87 0.84 12.92
CA HIS A 114 2.31 0.11 11.78
C HIS A 114 2.19 0.98 10.58
N CYS A 115 2.34 0.39 9.42
CA CYS A 115 2.08 1.07 8.18
C CYS A 115 0.61 1.19 7.96
N SER A 116 0.12 2.39 7.95
CA SER A 116 -1.25 2.64 7.72
C SER A 116 -1.51 2.70 6.19
N ASP A 117 -2.76 2.86 5.78
CA ASP A 117 -3.12 2.85 4.35
C ASP A 117 -2.76 4.17 3.65
N ASP A 118 -2.14 5.04 4.38
CA ASP A 118 -1.66 6.32 3.86
C ASP A 118 -0.22 6.18 3.40
N GLY A 119 0.41 5.10 3.83
CA GLY A 119 1.79 4.84 3.51
C GLY A 119 2.72 5.42 4.53
N PHE A 120 2.22 5.70 5.72
CA PHE A 120 3.04 6.23 6.78
C PHE A 120 2.90 5.43 8.05
N TRP A 121 3.78 5.70 9.00
CA TRP A 121 3.78 5.02 10.26
C TRP A 121 2.77 5.64 11.21
N SER A 122 1.96 4.79 11.80
CA SER A 122 0.89 5.17 12.71
C SER A 122 1.39 5.87 13.97
N LYS A 123 2.60 5.56 14.40
CA LYS A 123 3.17 6.13 15.57
C LYS A 123 4.52 6.71 15.21
N GLU A 124 4.99 7.65 15.99
CA GLU A 124 6.27 8.30 15.72
C GLU A 124 7.41 7.45 16.19
N LYS A 125 8.62 7.87 15.89
CA LYS A 125 9.79 7.18 16.34
C LYS A 125 9.97 7.31 17.84
N PRO A 126 10.01 6.20 18.53
CA PRO A 126 10.30 6.18 19.93
C PRO A 126 11.81 6.05 20.12
N LYS A 127 12.19 5.66 21.30
CA LYS A 127 13.55 5.44 21.64
C LYS A 127 13.58 4.71 22.92
N CYS A 128 14.73 4.32 23.31
CA CYS A 128 14.91 3.65 24.54
C CYS A 128 15.70 4.53 25.42
N VAL A 129 15.20 4.73 26.58
CA VAL A 129 15.72 5.66 27.52
C VAL A 129 15.75 5.00 28.88
N PRO A 7 -20.12 -6.46 -24.43
CA PRO A 7 -19.56 -6.29 -25.78
C PRO A 7 -18.06 -5.94 -25.75
N CYS A 8 -17.62 -5.44 -24.61
CA CYS A 8 -16.21 -5.13 -24.38
C CYS A 8 -15.55 -6.36 -23.81
N GLY A 9 -16.30 -7.09 -23.05
CA GLY A 9 -15.87 -8.35 -22.59
C GLY A 9 -15.66 -8.34 -21.15
N HIS A 10 -14.51 -7.90 -20.82
CA HIS A 10 -14.01 -7.85 -19.48
C HIS A 10 -12.61 -7.25 -19.60
N PRO A 11 -12.26 -6.23 -18.81
CA PRO A 11 -10.98 -5.50 -18.97
C PRO A 11 -9.80 -6.16 -18.28
N GLY A 12 -10.04 -7.29 -17.69
CA GLY A 12 -9.03 -7.92 -16.91
C GLY A 12 -9.22 -7.52 -15.48
N ASP A 13 -8.40 -8.00 -14.60
CA ASP A 13 -8.53 -7.69 -13.20
C ASP A 13 -7.17 -7.49 -12.58
N THR A 14 -7.15 -7.21 -11.31
CA THR A 14 -5.92 -7.00 -10.58
C THR A 14 -5.92 -7.92 -9.36
N PRO A 15 -4.77 -8.54 -9.05
CA PRO A 15 -4.66 -9.47 -7.92
C PRO A 15 -4.56 -8.73 -6.58
N PHE A 16 -4.16 -7.48 -6.64
CA PHE A 16 -3.94 -6.65 -5.46
C PHE A 16 -5.25 -6.11 -4.94
N GLY A 17 -6.00 -5.54 -5.82
CA GLY A 17 -7.25 -4.97 -5.44
C GLY A 17 -8.36 -5.56 -6.23
N THR A 18 -9.24 -4.71 -6.66
CA THR A 18 -10.43 -5.10 -7.42
C THR A 18 -10.78 -3.98 -8.41
N PHE A 19 -11.91 -4.08 -9.08
CA PHE A 19 -12.34 -3.01 -9.93
C PHE A 19 -13.85 -2.90 -9.90
N THR A 20 -14.34 -1.80 -10.34
CA THR A 20 -15.75 -1.56 -10.40
C THR A 20 -16.03 -0.93 -11.75
N LEU A 21 -17.23 -1.01 -12.18
CA LEU A 21 -17.61 -0.50 -13.47
C LEU A 21 -18.49 0.72 -13.30
N THR A 22 -18.06 1.80 -13.86
CA THR A 22 -18.73 3.06 -13.76
C THR A 22 -19.26 3.50 -15.11
N GLY A 23 -20.46 3.97 -15.16
CA GLY A 23 -21.02 4.40 -16.41
C GLY A 23 -21.86 3.34 -17.05
N GLY A 24 -22.17 2.28 -16.31
CA GLY A 24 -22.96 1.21 -16.88
C GLY A 24 -23.06 0.00 -16.00
N ASN A 25 -22.09 -0.19 -15.09
CA ASN A 25 -22.07 -1.34 -14.14
C ASN A 25 -21.90 -2.68 -14.83
N VAL A 26 -21.45 -2.65 -16.07
CA VAL A 26 -21.31 -3.85 -16.90
C VAL A 26 -20.15 -3.63 -17.83
N PHE A 27 -19.90 -4.55 -18.73
CA PHE A 27 -18.79 -4.40 -19.65
C PHE A 27 -19.29 -3.98 -21.02
N GLU A 28 -20.15 -2.99 -21.03
CA GLU A 28 -20.70 -2.41 -22.26
C GLU A 28 -19.82 -1.29 -22.79
N TYR A 29 -20.18 -0.71 -23.88
CA TYR A 29 -19.45 0.41 -24.41
C TYR A 29 -19.81 1.67 -23.65
N GLY A 30 -18.81 2.43 -23.32
CA GLY A 30 -19.03 3.65 -22.59
C GLY A 30 -18.86 3.48 -21.10
N VAL A 31 -18.52 2.28 -20.65
CA VAL A 31 -18.34 2.03 -19.25
C VAL A 31 -16.84 2.11 -18.93
N LYS A 32 -16.54 2.49 -17.74
CA LYS A 32 -15.20 2.62 -17.30
C LYS A 32 -14.95 1.59 -16.24
N ALA A 33 -13.92 0.84 -16.42
CA ALA A 33 -13.48 -0.13 -15.47
C ALA A 33 -12.51 0.55 -14.54
N VAL A 34 -13.01 1.05 -13.45
CA VAL A 34 -12.26 1.74 -12.49
C VAL A 34 -11.71 0.74 -11.50
N TYR A 35 -10.43 0.62 -11.49
CA TYR A 35 -9.76 -0.27 -10.61
C TYR A 35 -9.55 0.40 -9.28
N THR A 36 -9.86 -0.30 -8.25
CA THR A 36 -9.75 0.20 -6.93
C THR A 36 -8.89 -0.75 -6.11
N CYS A 37 -7.90 -0.22 -5.49
CA CYS A 37 -7.03 -1.02 -4.70
C CYS A 37 -7.62 -1.45 -3.37
N ASN A 38 -7.02 -2.50 -2.82
CA ASN A 38 -7.36 -3.08 -1.55
C ASN A 38 -6.96 -2.13 -0.43
N GLU A 39 -7.12 -2.55 0.80
CA GLU A 39 -6.78 -1.70 1.93
C GLU A 39 -5.27 -1.46 2.00
N GLY A 40 -4.52 -2.52 1.82
CA GLY A 40 -3.08 -2.44 1.87
C GLY A 40 -2.45 -2.01 0.56
N TYR A 41 -3.28 -1.62 -0.38
CA TYR A 41 -2.80 -1.16 -1.66
C TYR A 41 -3.39 0.19 -2.01
N GLN A 42 -2.76 0.86 -2.92
CA GLN A 42 -3.18 2.17 -3.34
C GLN A 42 -2.89 2.32 -4.80
N LEU A 43 -3.74 3.02 -5.48
CA LEU A 43 -3.62 3.12 -6.90
C LEU A 43 -2.49 4.10 -7.23
N LEU A 44 -1.58 3.63 -8.05
CA LEU A 44 -0.43 4.36 -8.42
C LEU A 44 -0.57 4.73 -9.90
N GLY A 45 -0.34 5.97 -10.20
CA GLY A 45 -0.45 6.44 -11.55
C GLY A 45 -1.63 7.36 -11.74
N GLU A 46 -1.76 7.93 -12.90
CA GLU A 46 -2.84 8.84 -13.23
C GLU A 46 -4.04 8.02 -13.61
N ILE A 47 -3.75 6.94 -14.28
CA ILE A 47 -4.74 6.07 -14.80
C ILE A 47 -5.10 5.05 -13.77
N ASN A 48 -6.38 4.95 -13.47
CA ASN A 48 -6.88 3.96 -12.55
C ASN A 48 -8.00 3.20 -13.20
N TYR A 49 -8.26 3.50 -14.44
CA TYR A 49 -9.41 2.95 -15.07
C TYR A 49 -9.13 2.64 -16.52
N ARG A 50 -9.99 1.88 -17.09
CA ARG A 50 -9.99 1.59 -18.49
C ARG A 50 -11.34 1.94 -19.00
N GLU A 51 -11.42 2.63 -20.07
CA GLU A 51 -12.70 3.02 -20.56
C GLU A 51 -13.00 2.24 -21.80
N CYS A 52 -14.18 1.71 -21.91
CA CYS A 52 -14.50 1.00 -23.10
C CYS A 52 -15.00 1.98 -24.13
N ASP A 53 -14.13 2.34 -25.03
CA ASP A 53 -14.50 3.21 -26.12
C ASP A 53 -14.62 2.34 -27.34
N THR A 54 -14.70 2.91 -28.53
CA THR A 54 -14.88 2.13 -29.75
C THR A 54 -13.65 1.23 -30.04
N ASP A 55 -12.55 1.52 -29.37
CA ASP A 55 -11.32 0.74 -29.46
C ASP A 55 -11.43 -0.49 -28.53
N GLY A 56 -12.40 -0.45 -27.67
CA GLY A 56 -12.56 -1.46 -26.67
C GLY A 56 -12.07 -0.87 -25.38
N TRP A 57 -11.71 -1.71 -24.44
CA TRP A 57 -11.09 -1.24 -23.21
C TRP A 57 -9.79 -0.53 -23.52
N THR A 58 -9.81 0.77 -23.41
CA THR A 58 -8.65 1.58 -23.65
C THR A 58 -7.67 1.38 -22.51
N ASN A 59 -6.47 1.91 -22.66
CA ASN A 59 -5.48 1.95 -21.58
C ASN A 59 -5.11 0.52 -21.19
N ASP A 60 -4.60 0.36 -20.01
CA ASP A 60 -4.33 -0.95 -19.46
C ASP A 60 -4.69 -0.90 -18.02
N ILE A 61 -4.64 -2.01 -17.41
CA ILE A 61 -4.87 -2.19 -16.02
C ILE A 61 -3.84 -1.36 -15.26
N PRO A 62 -4.31 -0.44 -14.41
CA PRO A 62 -3.45 0.47 -13.66
C PRO A 62 -2.54 -0.22 -12.67
N ILE A 63 -1.74 0.57 -12.01
CA ILE A 63 -0.78 0.05 -11.11
C ILE A 63 -1.32 0.14 -9.72
N CYS A 64 -1.27 -0.92 -9.02
CA CYS A 64 -1.73 -0.94 -7.69
C CYS A 64 -0.55 -1.19 -6.82
N GLU A 65 -0.11 -0.18 -6.14
CA GLU A 65 1.05 -0.31 -5.36
C GLU A 65 0.72 -0.54 -3.96
N VAL A 66 1.60 -1.19 -3.33
CA VAL A 66 1.47 -1.52 -1.95
C VAL A 66 1.67 -0.30 -1.15
N VAL A 67 0.83 -0.15 -0.19
CA VAL A 67 0.90 0.96 0.74
C VAL A 67 2.19 0.81 1.53
N LYS A 68 2.97 1.85 1.51
CA LYS A 68 4.27 1.81 2.12
C LYS A 68 4.42 2.89 3.14
N CYS A 69 5.39 2.71 3.97
CA CYS A 69 5.77 3.66 4.96
C CYS A 69 7.25 3.97 4.76
N LEU A 70 7.75 4.99 5.41
CA LEU A 70 9.13 5.39 5.28
C LEU A 70 10.07 4.46 6.03
N PRO A 71 11.25 4.21 5.45
CA PRO A 71 12.26 3.37 6.07
C PRO A 71 12.74 3.97 7.39
N VAL A 72 12.61 3.20 8.44
CA VAL A 72 12.94 3.68 9.77
C VAL A 72 14.38 3.35 10.10
N THR A 73 15.05 4.25 10.77
CA THR A 73 16.40 4.02 11.20
C THR A 73 16.43 3.15 12.47
N ALA A 74 16.25 3.79 13.64
CA ALA A 74 16.26 3.12 14.95
C ALA A 74 16.10 4.18 16.03
N PRO A 75 15.79 3.79 17.28
CA PRO A 75 15.88 4.69 18.42
C PRO A 75 17.34 4.88 18.82
N GLU A 76 17.59 5.93 19.55
CA GLU A 76 18.94 6.35 19.94
C GLU A 76 19.75 5.25 20.63
N ASN A 77 19.17 4.64 21.63
CA ASN A 77 19.84 3.60 22.38
C ASN A 77 19.15 2.30 22.14
N GLY A 78 18.72 2.10 20.92
CA GLY A 78 18.10 0.87 20.58
C GLY A 78 18.21 0.55 19.11
N LYS A 79 17.45 -0.42 18.67
CA LYS A 79 17.47 -0.89 17.31
C LYS A 79 16.12 -1.49 16.97
N ILE A 80 15.90 -1.77 15.73
CA ILE A 80 14.65 -2.39 15.30
C ILE A 80 14.76 -3.91 15.46
N VAL A 81 13.69 -4.54 15.97
CA VAL A 81 13.67 -5.99 16.21
C VAL A 81 13.67 -6.77 14.89
N SER A 82 13.05 -6.19 13.89
CA SER A 82 12.91 -6.77 12.61
C SER A 82 13.73 -5.91 11.63
N SER A 83 13.49 -6.05 10.36
CA SER A 83 14.18 -5.24 9.39
C SER A 83 13.32 -5.05 8.15
N ALA A 84 13.11 -6.15 7.42
CA ALA A 84 12.34 -6.17 6.16
C ALA A 84 12.99 -5.28 5.13
N MET A 85 14.26 -5.04 5.28
CA MET A 85 14.95 -4.12 4.43
C MET A 85 15.70 -4.85 3.35
N GLU A 86 15.02 -5.10 2.28
CA GLU A 86 15.57 -5.73 1.12
C GLU A 86 15.19 -4.88 -0.07
N PRO A 87 15.91 -4.97 -1.20
CA PRO A 87 15.60 -4.19 -2.41
C PRO A 87 14.13 -4.33 -2.89
N ASP A 88 13.55 -5.50 -2.72
CA ASP A 88 12.16 -5.74 -3.17
C ASP A 88 11.22 -5.45 -2.03
N ARG A 89 11.73 -5.54 -0.84
CA ARG A 89 10.95 -5.39 0.33
C ARG A 89 10.99 -3.96 0.83
N GLU A 90 10.05 -3.18 0.42
CA GLU A 90 9.86 -1.87 1.02
C GLU A 90 8.91 -2.06 2.19
N TYR A 91 8.83 -1.12 3.10
CA TYR A 91 7.91 -1.27 4.25
C TYR A 91 6.48 -1.30 3.78
N HIS A 92 5.87 -2.46 3.88
CA HIS A 92 4.54 -2.68 3.35
C HIS A 92 3.51 -2.55 4.46
N PHE A 93 2.27 -2.35 4.06
CA PHE A 93 1.16 -2.37 4.98
C PHE A 93 1.10 -3.72 5.70
N GLY A 94 0.87 -3.66 6.98
CA GLY A 94 0.82 -4.87 7.75
C GLY A 94 2.08 -5.07 8.54
N GLN A 95 3.14 -4.40 8.16
CA GLN A 95 4.37 -4.49 8.81
C GLN A 95 4.32 -3.68 10.09
N ALA A 96 4.70 -4.31 11.15
CA ALA A 96 4.86 -3.65 12.40
C ALA A 96 6.32 -3.62 12.70
N VAL A 97 6.80 -2.48 13.04
CA VAL A 97 8.18 -2.31 13.34
C VAL A 97 8.35 -2.12 14.83
N ARG A 98 8.73 -3.18 15.48
CA ARG A 98 8.97 -3.16 16.88
C ARG A 98 10.41 -2.79 17.12
N PHE A 99 10.65 -2.06 18.15
CA PHE A 99 11.97 -1.62 18.49
C PHE A 99 12.38 -2.26 19.78
N VAL A 100 13.65 -2.28 20.01
CA VAL A 100 14.20 -2.82 21.22
C VAL A 100 15.33 -1.92 21.67
N CYS A 101 15.54 -1.87 22.94
CA CYS A 101 16.52 -0.99 23.52
C CYS A 101 17.70 -1.75 24.06
N ASN A 102 18.82 -1.07 24.19
CA ASN A 102 20.02 -1.66 24.70
C ASN A 102 19.94 -1.75 26.20
N SER A 103 20.89 -2.44 26.79
CA SER A 103 20.96 -2.74 28.21
C SER A 103 20.75 -1.49 29.10
N GLY A 104 19.59 -1.41 29.69
CA GLY A 104 19.31 -0.36 30.62
C GLY A 104 18.27 0.61 30.12
N TYR A 105 17.98 0.59 28.84
CA TYR A 105 17.05 1.55 28.30
C TYR A 105 15.73 0.92 28.04
N LYS A 106 14.72 1.74 27.93
CA LYS A 106 13.40 1.29 27.60
C LYS A 106 12.87 2.25 26.57
N ILE A 107 11.95 1.82 25.77
CA ILE A 107 11.43 2.70 24.80
C ILE A 107 10.35 3.61 25.41
N GLU A 108 10.36 4.83 24.96
CA GLU A 108 9.56 5.90 25.52
C GLU A 108 8.03 5.71 25.33
N GLY A 109 7.53 6.02 24.15
CA GLY A 109 6.10 5.96 23.91
C GLY A 109 5.63 4.58 23.58
N ASP A 110 5.59 4.28 22.32
CA ASP A 110 5.19 2.98 21.84
C ASP A 110 6.44 2.16 21.64
N GLU A 111 6.29 0.89 21.33
CA GLU A 111 7.44 0.06 21.08
C GLU A 111 7.34 -0.55 19.71
N GLU A 112 6.34 -0.15 18.97
CA GLU A 112 6.06 -0.72 17.68
C GLU A 112 5.14 0.13 16.88
N MET A 113 5.63 0.53 15.77
CA MET A 113 4.88 1.32 14.84
C MET A 113 4.38 0.43 13.72
N HIS A 114 3.13 0.57 13.43
CA HIS A 114 2.49 -0.24 12.42
C HIS A 114 2.21 0.61 11.18
N CYS A 115 2.34 0.01 10.01
CA CYS A 115 1.96 0.68 8.78
C CYS A 115 0.46 0.80 8.69
N SER A 116 0.00 2.01 8.68
CA SER A 116 -1.39 2.31 8.55
C SER A 116 -1.72 2.27 7.05
N ASP A 117 -2.95 1.94 6.70
CA ASP A 117 -3.36 1.77 5.27
C ASP A 117 -3.34 3.09 4.51
N ASP A 118 -3.16 4.16 5.22
CA ASP A 118 -3.06 5.48 4.62
C ASP A 118 -1.63 5.74 4.12
N GLY A 119 -0.69 4.95 4.60
CA GLY A 119 0.68 5.08 4.16
C GLY A 119 1.56 5.84 5.13
N PHE A 120 1.35 5.63 6.41
CA PHE A 120 2.16 6.29 7.42
C PHE A 120 2.29 5.37 8.62
N TRP A 121 3.31 5.55 9.40
CA TRP A 121 3.46 4.80 10.62
C TRP A 121 2.46 5.30 11.64
N SER A 122 1.68 4.38 12.22
CA SER A 122 0.66 4.72 13.19
C SER A 122 1.21 5.60 14.33
N LYS A 123 2.44 5.35 14.72
CA LYS A 123 3.11 6.13 15.74
C LYS A 123 4.31 6.85 15.18
N GLU A 124 4.78 7.81 15.91
CA GLU A 124 5.94 8.57 15.51
C GLU A 124 7.21 7.90 16.02
N LYS A 125 8.34 8.29 15.44
CA LYS A 125 9.67 7.73 15.71
C LYS A 125 10.09 7.86 17.22
N PRO A 126 10.06 6.72 17.99
CA PRO A 126 10.35 6.68 19.42
C PRO A 126 11.83 6.48 19.73
N LYS A 127 12.16 6.63 20.99
CA LYS A 127 13.51 6.54 21.44
C LYS A 127 13.60 5.71 22.69
N CYS A 128 14.80 5.27 22.98
CA CYS A 128 15.08 4.50 24.15
C CYS A 128 15.70 5.40 25.17
N VAL A 129 15.03 5.50 26.26
CA VAL A 129 15.38 6.39 27.32
C VAL A 129 15.65 5.61 28.59
N PRO A 7 -19.32 -5.94 -24.45
CA PRO A 7 -18.64 -5.72 -25.74
C PRO A 7 -17.11 -5.53 -25.56
N CYS A 8 -16.73 -4.96 -24.43
CA CYS A 8 -15.32 -4.81 -24.12
C CYS A 8 -14.77 -6.03 -23.39
N GLY A 9 -15.62 -6.73 -22.67
CA GLY A 9 -15.23 -7.97 -22.13
C GLY A 9 -15.07 -7.89 -20.68
N HIS A 10 -13.94 -7.45 -20.31
CA HIS A 10 -13.53 -7.36 -18.94
C HIS A 10 -12.15 -6.67 -18.93
N PRO A 11 -11.96 -5.63 -18.13
CA PRO A 11 -10.74 -4.77 -18.16
C PRO A 11 -9.55 -5.34 -17.38
N GLY A 12 -9.69 -6.54 -16.93
CA GLY A 12 -8.70 -7.15 -16.11
C GLY A 12 -9.33 -7.51 -14.80
N ASP A 13 -8.69 -8.33 -14.02
CA ASP A 13 -9.26 -8.77 -12.76
C ASP A 13 -8.12 -8.95 -11.79
N THR A 14 -8.07 -8.10 -10.79
CA THR A 14 -6.95 -8.06 -9.88
C THR A 14 -7.22 -8.80 -8.56
N PRO A 15 -6.20 -9.51 -8.04
CA PRO A 15 -6.27 -10.16 -6.73
C PRO A 15 -5.90 -9.20 -5.60
N PHE A 16 -5.40 -8.03 -5.98
CA PHE A 16 -4.91 -7.03 -5.03
C PHE A 16 -6.00 -6.02 -4.71
N GLY A 17 -7.18 -6.37 -5.03
CA GLY A 17 -8.29 -5.52 -4.79
C GLY A 17 -9.38 -5.88 -5.71
N THR A 18 -9.80 -4.91 -6.49
CA THR A 18 -10.87 -5.10 -7.42
C THR A 18 -10.97 -3.83 -8.30
N PHE A 19 -12.07 -3.63 -8.93
CA PHE A 19 -12.31 -2.47 -9.73
C PHE A 19 -13.81 -2.19 -9.67
N THR A 20 -14.18 -1.03 -10.07
CA THR A 20 -15.56 -0.64 -10.12
C THR A 20 -15.84 -0.17 -11.54
N LEU A 21 -17.06 -0.13 -11.90
CA LEU A 21 -17.46 0.27 -13.21
C LEU A 21 -18.35 1.48 -13.10
N THR A 22 -18.08 2.47 -13.87
CA THR A 22 -18.81 3.70 -13.83
C THR A 22 -19.31 4.04 -15.22
N GLY A 23 -20.58 4.36 -15.32
CA GLY A 23 -21.15 4.69 -16.62
C GLY A 23 -21.65 3.47 -17.33
N GLY A 24 -21.98 2.44 -16.59
CA GLY A 24 -22.46 1.24 -17.20
C GLY A 24 -22.71 0.14 -16.20
N ASN A 25 -21.82 0.05 -15.19
CA ASN A 25 -21.87 -0.98 -14.11
C ASN A 25 -21.60 -2.38 -14.69
N VAL A 26 -21.16 -2.39 -15.93
CA VAL A 26 -20.89 -3.62 -16.69
C VAL A 26 -19.79 -3.30 -17.66
N PHE A 27 -19.52 -4.15 -18.60
CA PHE A 27 -18.40 -3.94 -19.53
C PHE A 27 -18.91 -3.48 -20.90
N GLU A 28 -19.94 -2.64 -20.86
CA GLU A 28 -20.60 -2.06 -22.03
C GLU A 28 -19.79 -0.90 -22.60
N TYR A 29 -20.22 -0.38 -23.72
CA TYR A 29 -19.54 0.75 -24.31
C TYR A 29 -19.81 2.02 -23.54
N GLY A 30 -18.75 2.76 -23.27
CA GLY A 30 -18.89 4.00 -22.56
C GLY A 30 -18.72 3.85 -21.07
N VAL A 31 -18.48 2.64 -20.61
CA VAL A 31 -18.28 2.42 -19.19
C VAL A 31 -16.80 2.57 -18.87
N LYS A 32 -16.52 3.01 -17.71
CA LYS A 32 -15.18 3.16 -17.25
C LYS A 32 -14.93 2.17 -16.14
N ALA A 33 -13.84 1.48 -16.26
CA ALA A 33 -13.40 0.56 -15.27
C ALA A 33 -12.43 1.25 -14.36
N VAL A 34 -12.92 1.74 -13.28
CA VAL A 34 -12.15 2.41 -12.32
C VAL A 34 -11.56 1.37 -11.35
N TYR A 35 -10.29 1.14 -11.48
CA TYR A 35 -9.57 0.16 -10.69
C TYR A 35 -9.40 0.70 -9.27
N THR A 36 -9.58 -0.16 -8.29
CA THR A 36 -9.43 0.25 -6.92
C THR A 36 -8.79 -0.88 -6.11
N CYS A 37 -7.61 -0.62 -5.63
CA CYS A 37 -6.86 -1.59 -4.86
C CYS A 37 -7.47 -1.80 -3.48
N ASN A 38 -7.07 -2.90 -2.85
CA ASN A 38 -7.52 -3.25 -1.52
C ASN A 38 -6.85 -2.35 -0.49
N GLU A 39 -7.08 -2.62 0.78
CA GLU A 39 -6.54 -1.79 1.85
C GLU A 39 -5.01 -1.79 1.86
N GLY A 40 -4.43 -2.96 1.73
CA GLY A 40 -2.99 -3.10 1.74
C GLY A 40 -2.32 -2.76 0.42
N TYR A 41 -3.08 -2.29 -0.52
CA TYR A 41 -2.57 -1.97 -1.82
C TYR A 41 -3.03 -0.59 -2.21
N GLN A 42 -2.44 -0.02 -3.22
CA GLN A 42 -2.80 1.30 -3.62
C GLN A 42 -2.58 1.46 -5.09
N LEU A 43 -3.21 2.44 -5.66
CA LEU A 43 -3.09 2.71 -7.05
C LEU A 43 -1.75 3.40 -7.27
N LEU A 44 -1.04 2.97 -8.23
CA LEU A 44 0.21 3.55 -8.58
C LEU A 44 0.09 4.03 -10.02
N GLY A 45 0.50 5.24 -10.26
CA GLY A 45 0.42 5.79 -11.57
C GLY A 45 -0.60 6.91 -11.62
N GLU A 46 -0.90 7.35 -12.80
CA GLU A 46 -1.86 8.42 -12.98
C GLU A 46 -3.19 7.82 -13.39
N ILE A 47 -3.09 6.79 -14.20
CA ILE A 47 -4.24 6.11 -14.75
C ILE A 47 -4.80 5.14 -13.73
N ASN A 48 -6.09 5.26 -13.43
CA ASN A 48 -6.75 4.38 -12.51
C ASN A 48 -8.05 3.89 -13.11
N TYR A 49 -8.24 4.14 -14.39
CA TYR A 49 -9.47 3.75 -15.04
C TYR A 49 -9.16 3.29 -16.46
N ARG A 50 -10.07 2.56 -17.01
CA ARG A 50 -10.03 2.17 -18.40
C ARG A 50 -11.36 2.52 -18.96
N GLU A 51 -11.40 3.06 -20.13
CA GLU A 51 -12.66 3.43 -20.71
C GLU A 51 -13.00 2.49 -21.86
N CYS A 52 -14.17 1.94 -21.84
CA CYS A 52 -14.61 1.05 -22.91
C CYS A 52 -15.00 1.88 -24.12
N ASP A 53 -14.07 2.03 -25.03
CA ASP A 53 -14.35 2.78 -26.22
C ASP A 53 -14.57 1.79 -27.35
N THR A 54 -14.66 2.26 -28.56
CA THR A 54 -15.00 1.44 -29.68
C THR A 54 -13.87 0.42 -30.04
N ASP A 55 -12.66 0.70 -29.59
CA ASP A 55 -11.52 -0.24 -29.78
C ASP A 55 -11.57 -1.30 -28.69
N GLY A 56 -12.16 -0.94 -27.60
CA GLY A 56 -12.20 -1.76 -26.43
C GLY A 56 -11.78 -0.92 -25.26
N TRP A 57 -11.26 -1.55 -24.24
CA TRP A 57 -10.80 -0.83 -23.08
C TRP A 57 -9.58 -0.02 -23.40
N THR A 58 -9.69 1.28 -23.25
CA THR A 58 -8.61 2.17 -23.44
C THR A 58 -7.64 1.96 -22.28
N ASN A 59 -6.42 2.50 -22.42
CA ASN A 59 -5.39 2.39 -21.39
C ASN A 59 -5.07 0.93 -21.13
N ASP A 60 -4.46 0.66 -20.03
CA ASP A 60 -4.22 -0.70 -19.62
C ASP A 60 -4.70 -0.79 -18.20
N ILE A 61 -4.51 -1.91 -17.61
CA ILE A 61 -4.82 -2.16 -16.26
C ILE A 61 -3.95 -1.25 -15.38
N PRO A 62 -4.57 -0.34 -14.60
CA PRO A 62 -3.83 0.56 -13.71
C PRO A 62 -2.92 -0.21 -12.75
N ILE A 63 -1.92 0.45 -12.23
CA ILE A 63 -0.94 -0.23 -11.46
C ILE A 63 -1.37 -0.30 -10.01
N CYS A 64 -1.23 -1.43 -9.45
CA CYS A 64 -1.56 -1.63 -8.09
C CYS A 64 -0.32 -2.04 -7.39
N GLU A 65 0.15 -1.20 -6.54
CA GLU A 65 1.34 -1.43 -5.81
C GLU A 65 0.94 -1.68 -4.38
N VAL A 66 1.75 -2.37 -3.66
CA VAL A 66 1.48 -2.59 -2.28
C VAL A 66 1.79 -1.29 -1.53
N VAL A 67 0.96 -0.96 -0.57
CA VAL A 67 1.17 0.25 0.21
C VAL A 67 2.51 0.15 0.93
N LYS A 68 3.29 1.20 0.81
CA LYS A 68 4.59 1.25 1.39
C LYS A 68 4.64 2.37 2.39
N CYS A 69 5.23 2.11 3.50
CA CYS A 69 5.31 3.07 4.56
C CYS A 69 6.65 3.78 4.52
N LEU A 70 6.72 4.93 5.15
CA LEU A 70 7.87 5.71 5.17
C LEU A 70 8.92 5.03 6.05
N PRO A 71 10.11 4.81 5.50
CA PRO A 71 11.21 4.11 6.16
C PRO A 71 11.63 4.75 7.47
N VAL A 72 11.73 3.94 8.49
CA VAL A 72 12.14 4.39 9.78
C VAL A 72 13.64 4.20 9.88
N THR A 73 14.31 5.14 10.47
CA THR A 73 15.73 5.08 10.64
C THR A 73 16.12 4.09 11.76
N ALA A 74 15.95 4.52 13.00
CA ALA A 74 16.22 3.76 14.21
C ALA A 74 16.12 4.71 15.37
N PRO A 75 15.89 4.24 16.60
CA PRO A 75 15.95 5.08 17.77
C PRO A 75 17.43 5.33 18.13
N GLU A 76 17.67 6.25 19.00
CA GLU A 76 19.03 6.67 19.32
C GLU A 76 19.77 5.68 20.19
N ASN A 77 19.13 5.21 21.24
CA ASN A 77 19.79 4.28 22.16
C ASN A 77 19.27 2.88 21.98
N GLY A 78 18.75 2.63 20.82
CA GLY A 78 18.21 1.36 20.51
C GLY A 78 18.45 1.01 19.06
N LYS A 79 17.64 0.13 18.55
CA LYS A 79 17.75 -0.31 17.16
C LYS A 79 16.41 -0.88 16.73
N ILE A 80 16.24 -1.14 15.46
CA ILE A 80 14.99 -1.67 14.96
C ILE A 80 15.04 -3.19 14.84
N VAL A 81 14.09 -3.83 15.49
CA VAL A 81 13.93 -5.27 15.51
C VAL A 81 13.53 -5.76 14.11
N SER A 82 12.58 -5.08 13.52
CA SER A 82 11.99 -5.49 12.26
C SER A 82 12.85 -5.15 11.03
N SER A 83 14.01 -4.63 11.25
CA SER A 83 14.91 -4.36 10.17
C SER A 83 15.82 -5.55 9.94
N ALA A 84 16.06 -6.31 10.98
CA ALA A 84 16.94 -7.44 10.85
C ALA A 84 16.18 -8.67 10.45
N MET A 85 15.93 -8.73 9.17
CA MET A 85 15.23 -9.82 8.49
C MET A 85 15.61 -9.73 7.04
N GLU A 86 15.86 -8.50 6.60
CA GLU A 86 16.25 -8.18 5.26
C GLU A 86 16.77 -6.76 5.24
N PRO A 87 17.76 -6.45 4.41
CA PRO A 87 18.27 -5.09 4.30
C PRO A 87 17.41 -4.20 3.39
N ASP A 88 16.47 -4.83 2.71
CA ASP A 88 15.68 -4.17 1.68
C ASP A 88 14.58 -3.38 2.33
N ARG A 89 13.69 -4.13 2.99
CA ARG A 89 12.56 -3.65 3.77
C ARG A 89 12.00 -2.26 3.44
N GLU A 90 11.15 -2.23 2.43
CA GLU A 90 10.48 -0.99 2.00
C GLU A 90 9.38 -0.61 2.94
N TYR A 91 9.05 -1.54 3.79
CA TYR A 91 7.98 -1.47 4.75
C TYR A 91 6.65 -1.47 4.06
N HIS A 92 6.17 -2.64 3.77
CA HIS A 92 4.90 -2.80 3.09
C HIS A 92 3.80 -2.85 4.12
N PHE A 93 2.58 -2.49 3.70
CA PHE A 93 1.42 -2.56 4.57
C PHE A 93 1.27 -3.94 5.14
N GLY A 94 1.44 -4.02 6.42
CA GLY A 94 1.38 -5.24 7.12
C GLY A 94 2.56 -5.35 8.04
N GLN A 95 3.63 -4.66 7.71
CA GLN A 95 4.83 -4.71 8.52
C GLN A 95 4.62 -4.06 9.87
N ALA A 96 5.13 -4.72 10.85
CA ALA A 96 5.14 -4.25 12.19
C ALA A 96 6.57 -3.99 12.54
N VAL A 97 6.89 -2.78 12.82
CA VAL A 97 8.23 -2.40 13.13
C VAL A 97 8.41 -2.30 14.62
N ARG A 98 9.06 -3.28 15.15
CA ARG A 98 9.35 -3.31 16.54
C ARG A 98 10.74 -2.73 16.77
N PHE A 99 10.94 -2.19 17.92
CA PHE A 99 12.15 -1.50 18.30
C PHE A 99 12.68 -2.12 19.55
N VAL A 100 13.94 -1.94 19.76
CA VAL A 100 14.57 -2.40 20.97
C VAL A 100 15.40 -1.33 21.57
N CYS A 101 15.52 -1.41 22.83
CA CYS A 101 16.35 -0.58 23.62
C CYS A 101 17.36 -1.43 24.29
N ASN A 102 18.59 -0.97 24.25
CA ASN A 102 19.68 -1.68 24.88
C ASN A 102 19.46 -1.76 26.37
N SER A 103 20.15 -2.67 26.99
CA SER A 103 19.98 -2.97 28.40
C SER A 103 20.33 -1.74 29.26
N GLY A 104 19.30 -1.15 29.85
CA GLY A 104 19.49 0.04 30.63
C GLY A 104 18.62 1.16 30.11
N TYR A 105 18.20 1.03 28.87
CA TYR A 105 17.36 2.00 28.25
C TYR A 105 15.97 1.45 28.11
N LYS A 106 15.03 2.32 27.93
CA LYS A 106 13.66 1.92 27.77
C LYS A 106 12.99 2.82 26.79
N ILE A 107 12.08 2.29 26.05
CA ILE A 107 11.45 3.03 25.05
C ILE A 107 10.35 3.93 25.62
N GLU A 108 10.27 5.11 25.10
CA GLU A 108 9.35 6.12 25.56
C GLU A 108 8.00 5.89 24.92
N GLY A 109 8.01 5.76 23.63
CA GLY A 109 6.81 5.41 22.92
C GLY A 109 6.60 3.90 22.97
N ASP A 110 5.84 3.37 22.05
CA ASP A 110 5.64 1.94 22.00
C ASP A 110 6.79 1.28 21.34
N GLU A 111 6.96 0.00 21.56
CA GLU A 111 8.11 -0.68 21.02
C GLU A 111 7.79 -1.25 19.66
N GLU A 112 6.66 -0.88 19.13
CA GLU A 112 6.22 -1.36 17.86
C GLU A 112 5.26 -0.40 17.22
N MET A 113 5.43 -0.23 15.94
CA MET A 113 4.60 0.62 15.12
C MET A 113 4.13 -0.25 13.94
N HIS A 114 2.95 -0.05 13.48
CA HIS A 114 2.42 -0.90 12.42
C HIS A 114 1.92 -0.07 11.25
N CYS A 115 2.14 -0.56 10.04
CA CYS A 115 1.64 0.10 8.83
C CYS A 115 0.13 0.24 8.83
N SER A 116 -0.30 1.46 8.66
CA SER A 116 -1.70 1.80 8.62
C SER A 116 -2.12 2.06 7.16
N ASP A 117 -3.43 2.10 6.91
CA ASP A 117 -4.01 2.36 5.55
C ASP A 117 -3.48 3.64 4.93
N ASP A 118 -3.16 4.58 5.79
CA ASP A 118 -2.61 5.89 5.44
C ASP A 118 -1.35 5.76 4.59
N GLY A 119 -0.62 4.67 4.81
CA GLY A 119 0.66 4.49 4.16
C GLY A 119 1.76 4.90 5.10
N PHE A 120 1.38 5.08 6.33
CA PHE A 120 2.27 5.49 7.36
C PHE A 120 2.11 4.58 8.57
N TRP A 121 2.72 4.94 9.66
CA TRP A 121 2.73 4.12 10.82
C TRP A 121 1.63 4.54 11.80
N SER A 122 1.20 3.59 12.60
CA SER A 122 0.23 3.81 13.65
C SER A 122 0.85 4.54 14.83
N LYS A 123 2.17 4.52 14.88
CA LYS A 123 2.92 5.17 15.91
C LYS A 123 3.98 6.05 15.32
N GLU A 124 4.43 6.99 16.07
CA GLU A 124 5.49 7.90 15.62
C GLU A 124 6.83 7.27 15.93
N LYS A 125 7.92 8.00 15.67
CA LYS A 125 9.24 7.53 16.05
C LYS A 125 9.35 7.66 17.55
N PRO A 126 9.49 6.55 18.27
CA PRO A 126 9.65 6.59 19.69
C PRO A 126 11.07 6.96 20.05
N LYS A 127 11.31 7.08 21.29
CA LYS A 127 12.60 7.42 21.76
C LYS A 127 13.05 6.43 22.79
N CYS A 128 14.31 6.27 22.93
CA CYS A 128 14.88 5.37 23.88
C CYS A 128 15.58 6.21 24.93
N VAL A 129 15.12 6.09 26.15
CA VAL A 129 15.59 6.90 27.24
C VAL A 129 16.11 6.02 28.36
N PRO A 7 -20.13 -6.64 -23.98
CA PRO A 7 -19.64 -6.47 -25.36
C PRO A 7 -18.15 -6.08 -25.40
N CYS A 8 -17.70 -5.43 -24.35
CA CYS A 8 -16.31 -5.05 -24.21
C CYS A 8 -15.53 -6.23 -23.70
N GLY A 9 -16.23 -7.06 -22.98
CA GLY A 9 -15.71 -8.28 -22.54
C GLY A 9 -15.63 -8.26 -21.08
N HIS A 10 -14.51 -7.86 -20.65
CA HIS A 10 -14.14 -7.82 -19.28
C HIS A 10 -12.73 -7.25 -19.31
N PRO A 11 -12.45 -6.17 -18.58
CA PRO A 11 -11.14 -5.47 -18.65
C PRO A 11 -10.02 -6.19 -17.91
N GLY A 12 -10.34 -7.35 -17.41
CA GLY A 12 -9.44 -8.06 -16.59
C GLY A 12 -9.84 -7.80 -15.18
N ASP A 13 -8.98 -8.01 -14.26
CA ASP A 13 -9.31 -7.76 -12.86
C ASP A 13 -7.99 -7.51 -12.15
N THR A 14 -7.97 -7.48 -10.86
CA THR A 14 -6.77 -7.22 -10.15
C THR A 14 -6.70 -8.05 -8.88
N PRO A 15 -5.67 -8.91 -8.77
CA PRO A 15 -5.47 -9.75 -7.58
C PRO A 15 -4.92 -8.93 -6.41
N PHE A 16 -4.73 -7.65 -6.66
CA PHE A 16 -4.24 -6.70 -5.67
C PHE A 16 -5.36 -5.80 -5.21
N GLY A 17 -6.57 -6.14 -5.52
CA GLY A 17 -7.67 -5.33 -5.09
C GLY A 17 -8.93 -5.64 -5.82
N THR A 18 -9.54 -4.62 -6.36
CA THR A 18 -10.85 -4.71 -6.99
C THR A 18 -10.98 -3.64 -8.07
N PHE A 19 -12.05 -3.68 -8.82
CA PHE A 19 -12.37 -2.59 -9.70
C PHE A 19 -13.86 -2.36 -9.68
N THR A 20 -14.25 -1.22 -10.10
CA THR A 20 -15.62 -0.83 -10.14
C THR A 20 -15.91 -0.38 -11.57
N LEU A 21 -17.14 -0.36 -11.93
CA LEU A 21 -17.54 0.04 -13.25
C LEU A 21 -18.39 1.26 -13.17
N THR A 22 -17.98 2.28 -13.84
CA THR A 22 -18.64 3.55 -13.80
C THR A 22 -19.19 3.87 -15.18
N GLY A 23 -20.47 4.08 -15.24
CA GLY A 23 -21.11 4.35 -16.48
C GLY A 23 -22.33 3.50 -16.64
N GLY A 24 -22.13 2.21 -16.55
CA GLY A 24 -23.22 1.30 -16.73
C GLY A 24 -23.18 0.12 -15.80
N ASN A 25 -22.20 0.11 -14.87
CA ASN A 25 -22.02 -1.00 -13.89
C ASN A 25 -21.75 -2.35 -14.54
N VAL A 26 -21.36 -2.33 -15.79
CA VAL A 26 -21.20 -3.56 -16.58
C VAL A 26 -20.07 -3.34 -17.56
N PHE A 27 -19.83 -4.28 -18.46
CA PHE A 27 -18.75 -4.15 -19.42
C PHE A 27 -19.31 -3.75 -20.78
N GLU A 28 -20.21 -2.77 -20.74
CA GLU A 28 -20.85 -2.21 -21.95
C GLU A 28 -19.99 -1.09 -22.56
N TYR A 29 -20.50 -0.44 -23.57
CA TYR A 29 -19.78 0.63 -24.20
C TYR A 29 -19.91 1.91 -23.42
N GLY A 30 -18.81 2.61 -23.29
CA GLY A 30 -18.81 3.87 -22.59
C GLY A 30 -18.56 3.72 -21.12
N VAL A 31 -18.41 2.50 -20.65
CA VAL A 31 -18.24 2.27 -19.23
C VAL A 31 -16.75 2.30 -18.91
N LYS A 32 -16.45 2.76 -17.74
CA LYS A 32 -15.11 2.86 -17.30
C LYS A 32 -14.89 1.87 -16.17
N ALA A 33 -13.89 1.06 -16.35
CA ALA A 33 -13.48 0.13 -15.35
C ALA A 33 -12.45 0.82 -14.50
N VAL A 34 -12.91 1.40 -13.43
CA VAL A 34 -12.09 2.11 -12.52
C VAL A 34 -11.57 1.14 -11.49
N TYR A 35 -10.30 0.98 -11.47
CA TYR A 35 -9.69 0.05 -10.57
C TYR A 35 -9.39 0.70 -9.24
N THR A 36 -9.58 -0.05 -8.20
CA THR A 36 -9.32 0.41 -6.87
C THR A 36 -8.64 -0.73 -6.08
N CYS A 37 -7.40 -0.51 -5.79
CA CYS A 37 -6.56 -1.49 -5.15
C CYS A 37 -6.98 -1.75 -3.71
N ASN A 38 -6.51 -2.86 -3.16
CA ASN A 38 -6.80 -3.30 -1.81
C ASN A 38 -6.21 -2.33 -0.80
N GLU A 39 -6.46 -2.61 0.45
CA GLU A 39 -6.01 -1.78 1.56
C GLU A 39 -4.47 -1.65 1.60
N GLY A 40 -3.77 -2.77 1.45
CA GLY A 40 -2.32 -2.75 1.47
C GLY A 40 -1.69 -2.40 0.12
N TYR A 41 -2.42 -1.71 -0.69
CA TYR A 41 -2.01 -1.36 -2.01
C TYR A 41 -2.59 -0.01 -2.33
N GLN A 42 -2.10 0.60 -3.34
CA GLN A 42 -2.60 1.85 -3.79
C GLN A 42 -2.48 1.87 -5.28
N LEU A 43 -3.07 2.84 -5.88
CA LEU A 43 -3.01 2.98 -7.30
C LEU A 43 -1.72 3.73 -7.61
N LEU A 44 -0.91 3.15 -8.42
CA LEU A 44 0.32 3.75 -8.84
C LEU A 44 0.13 4.09 -10.31
N GLY A 45 0.40 5.31 -10.65
CA GLY A 45 0.22 5.75 -12.01
C GLY A 45 -0.93 6.74 -12.12
N GLU A 46 -1.02 7.39 -13.26
CA GLU A 46 -1.99 8.44 -13.48
C GLU A 46 -3.30 7.83 -13.96
N ILE A 47 -3.17 6.69 -14.58
CA ILE A 47 -4.30 5.97 -15.11
C ILE A 47 -4.79 5.01 -14.05
N ASN A 48 -6.07 5.03 -13.77
CA ASN A 48 -6.64 4.15 -12.78
C ASN A 48 -7.86 3.46 -13.35
N TYR A 49 -8.07 3.59 -14.63
CA TYR A 49 -9.29 3.08 -15.20
C TYR A 49 -9.06 2.68 -16.65
N ARG A 50 -9.98 1.93 -17.16
CA ARG A 50 -10.01 1.56 -18.54
C ARG A 50 -11.35 2.00 -19.06
N GLU A 51 -11.41 2.61 -20.18
CA GLU A 51 -12.70 3.03 -20.69
C GLU A 51 -13.04 2.20 -21.89
N CYS A 52 -14.23 1.70 -21.96
CA CYS A 52 -14.60 0.97 -23.12
C CYS A 52 -15.12 1.92 -24.19
N ASP A 53 -14.34 2.09 -25.22
CA ASP A 53 -14.73 2.91 -26.32
C ASP A 53 -15.17 1.98 -27.44
N THR A 54 -15.36 2.48 -28.63
CA THR A 54 -15.87 1.72 -29.74
C THR A 54 -14.86 0.62 -30.19
N ASP A 55 -13.61 0.74 -29.75
CA ASP A 55 -12.59 -0.25 -30.06
C ASP A 55 -12.41 -1.23 -28.88
N GLY A 56 -13.08 -0.93 -27.79
CA GLY A 56 -12.98 -1.73 -26.60
C GLY A 56 -12.32 -0.97 -25.48
N TRP A 57 -11.86 -1.68 -24.47
CA TRP A 57 -11.17 -1.07 -23.35
C TRP A 57 -9.88 -0.38 -23.81
N THR A 58 -9.89 0.94 -23.79
CA THR A 58 -8.83 1.81 -24.25
C THR A 58 -7.51 1.57 -23.51
N ASN A 59 -7.48 2.03 -22.28
CA ASN A 59 -6.31 1.96 -21.44
C ASN A 59 -6.06 0.57 -20.95
N ASP A 60 -5.00 0.42 -20.20
CA ASP A 60 -4.60 -0.85 -19.65
C ASP A 60 -5.01 -0.91 -18.21
N ILE A 61 -4.80 -2.05 -17.60
CA ILE A 61 -5.04 -2.21 -16.19
C ILE A 61 -3.99 -1.41 -15.43
N PRO A 62 -4.42 -0.51 -14.53
CA PRO A 62 -3.52 0.30 -13.73
C PRO A 62 -2.69 -0.53 -12.74
N ILE A 63 -1.75 0.11 -12.11
CA ILE A 63 -0.82 -0.60 -11.27
C ILE A 63 -1.17 -0.45 -9.82
N CYS A 64 -1.32 -1.56 -9.18
CA CYS A 64 -1.54 -1.58 -7.76
C CYS A 64 -0.23 -1.84 -7.08
N GLU A 65 0.38 -0.81 -6.61
CA GLU A 65 1.62 -0.94 -5.93
C GLU A 65 1.33 -1.10 -4.47
N VAL A 66 2.14 -1.86 -3.81
CA VAL A 66 1.97 -2.10 -2.40
C VAL A 66 2.36 -0.84 -1.64
N VAL A 67 1.48 -0.40 -0.74
CA VAL A 67 1.70 0.83 0.01
C VAL A 67 2.99 0.81 0.82
N LYS A 68 3.67 1.93 0.84
CA LYS A 68 4.95 2.02 1.47
C LYS A 68 4.92 3.07 2.56
N CYS A 69 5.51 2.75 3.66
CA CYS A 69 5.70 3.67 4.73
C CYS A 69 7.15 4.12 4.70
N LEU A 70 7.43 5.32 5.18
CA LEU A 70 8.78 5.86 5.16
C LEU A 70 9.75 4.97 5.98
N PRO A 71 11.03 5.00 5.64
CA PRO A 71 12.01 4.16 6.28
C PRO A 71 12.43 4.69 7.65
N VAL A 72 11.91 4.06 8.67
CA VAL A 72 12.26 4.42 10.02
C VAL A 72 13.68 3.92 10.33
N THR A 73 14.48 4.78 10.92
CA THR A 73 15.83 4.47 11.27
C THR A 73 15.93 3.55 12.49
N ALA A 74 15.70 4.13 13.66
CA ALA A 74 15.78 3.48 14.96
C ALA A 74 15.64 4.57 16.00
N PRO A 75 15.28 4.25 17.24
CA PRO A 75 15.32 5.22 18.31
C PRO A 75 16.76 5.45 18.75
N GLU A 76 16.99 6.55 19.41
CA GLU A 76 18.35 6.99 19.76
C GLU A 76 19.14 5.98 20.60
N ASN A 77 18.51 5.36 21.55
CA ASN A 77 19.22 4.39 22.40
C ASN A 77 18.68 3.00 22.16
N GLY A 78 18.10 2.81 21.00
CA GLY A 78 17.53 1.53 20.68
C GLY A 78 17.80 1.14 19.27
N LYS A 79 17.07 0.17 18.78
CA LYS A 79 17.20 -0.32 17.43
C LYS A 79 15.93 -1.06 17.05
N ILE A 80 15.87 -1.53 15.83
CA ILE A 80 14.67 -2.17 15.32
C ILE A 80 14.74 -3.68 15.46
N VAL A 81 13.61 -4.30 15.81
CA VAL A 81 13.51 -5.74 15.89
C VAL A 81 13.00 -6.26 14.54
N SER A 82 12.12 -5.51 13.93
CA SER A 82 11.50 -5.87 12.68
C SER A 82 12.34 -5.37 11.51
N SER A 83 13.51 -5.90 11.36
CA SER A 83 14.40 -5.47 10.34
C SER A 83 14.06 -6.16 9.02
N ALA A 84 13.19 -5.51 8.28
CA ALA A 84 12.71 -6.02 7.03
C ALA A 84 13.28 -5.21 5.87
N MET A 85 14.45 -4.64 6.09
CA MET A 85 15.10 -3.70 5.17
C MET A 85 15.54 -4.36 3.84
N GLU A 86 15.32 -5.65 3.75
CA GLU A 86 15.63 -6.45 2.58
C GLU A 86 14.58 -7.49 2.27
N PRO A 87 14.12 -8.35 3.24
CA PRO A 87 13.00 -9.27 2.96
C PRO A 87 11.74 -8.54 2.47
N ASP A 88 11.61 -7.26 2.83
CA ASP A 88 10.51 -6.46 2.37
C ASP A 88 11.05 -5.20 1.69
N ARG A 89 12.39 -5.01 1.84
CA ARG A 89 13.19 -3.90 1.29
C ARG A 89 12.87 -2.54 1.83
N GLU A 90 11.67 -2.31 1.90
CA GLU A 90 11.09 -1.11 2.35
C GLU A 90 10.21 -1.50 3.51
N TYR A 91 9.37 -0.61 3.93
CA TYR A 91 8.39 -0.96 4.92
C TYR A 91 7.03 -0.88 4.28
N HIS A 92 6.49 -2.01 3.93
CA HIS A 92 5.19 -2.05 3.31
C HIS A 92 4.11 -2.31 4.35
N PHE A 93 2.84 -2.12 3.96
CA PHE A 93 1.69 -2.37 4.83
C PHE A 93 1.78 -3.75 5.46
N GLY A 94 1.55 -3.80 6.74
CA GLY A 94 1.60 -5.04 7.43
C GLY A 94 2.75 -5.08 8.37
N GLN A 95 3.84 -4.41 7.99
CA GLN A 95 4.99 -4.36 8.82
C GLN A 95 4.76 -3.53 10.05
N ALA A 96 4.82 -4.22 11.14
CA ALA A 96 4.75 -3.64 12.43
C ALA A 96 6.16 -3.60 12.94
N VAL A 97 6.73 -2.46 12.91
CA VAL A 97 8.11 -2.29 13.27
C VAL A 97 8.23 -2.08 14.78
N ARG A 98 8.75 -3.08 15.44
CA ARG A 98 8.94 -3.04 16.85
C ARG A 98 10.38 -2.71 17.18
N PHE A 99 10.59 -2.01 18.24
CA PHE A 99 11.89 -1.58 18.64
C PHE A 99 12.35 -2.28 19.89
N VAL A 100 13.60 -2.12 20.16
CA VAL A 100 14.25 -2.63 21.33
C VAL A 100 15.14 -1.61 21.85
N CYS A 101 15.34 -1.68 23.10
CA CYS A 101 16.19 -0.80 23.77
C CYS A 101 17.35 -1.58 24.25
N ASN A 102 18.51 -1.15 23.81
CA ASN A 102 19.80 -1.78 24.15
C ASN A 102 20.00 -1.92 25.64
N SER A 103 21.01 -2.67 25.98
CA SER A 103 21.36 -3.02 27.33
C SER A 103 21.42 -1.80 28.26
N GLY A 104 20.41 -1.65 29.10
CA GLY A 104 20.38 -0.56 30.03
C GLY A 104 19.35 0.49 29.69
N TYR A 105 18.58 0.27 28.64
CA TYR A 105 17.55 1.19 28.26
C TYR A 105 16.23 0.51 28.19
N LYS A 106 15.20 1.29 28.29
CA LYS A 106 13.85 0.79 28.22
C LYS A 106 13.11 1.68 27.28
N ILE A 107 11.99 1.25 26.79
CA ILE A 107 11.24 2.06 25.89
C ILE A 107 10.52 3.14 26.73
N GLU A 108 10.32 4.27 26.15
CA GLU A 108 9.65 5.35 26.81
C GLU A 108 8.14 5.16 26.74
N GLY A 109 7.63 5.07 25.54
CA GLY A 109 6.22 4.88 25.37
C GLY A 109 5.91 3.58 24.69
N ASP A 110 5.45 3.66 23.49
CA ASP A 110 5.15 2.54 22.65
C ASP A 110 6.44 1.98 22.10
N GLU A 111 6.48 0.71 21.85
CA GLU A 111 7.68 0.08 21.34
C GLU A 111 7.53 -0.28 19.86
N GLU A 112 6.43 0.11 19.27
CA GLU A 112 6.15 -0.36 17.92
C GLU A 112 5.29 0.62 17.11
N MET A 113 5.46 0.57 15.80
CA MET A 113 4.71 1.37 14.85
C MET A 113 4.15 0.43 13.78
N HIS A 114 2.94 0.64 13.41
CA HIS A 114 2.30 -0.15 12.37
C HIS A 114 2.20 0.67 11.10
N CYS A 115 2.65 0.09 9.99
CA CYS A 115 2.52 0.72 8.68
C CYS A 115 1.05 0.70 8.29
N SER A 116 0.47 1.87 8.20
CA SER A 116 -0.94 2.04 7.91
C SER A 116 -1.21 2.05 6.40
N ASP A 117 -2.48 1.85 6.02
CA ASP A 117 -2.89 1.68 4.60
C ASP A 117 -2.73 2.96 3.76
N ASP A 118 -2.46 4.07 4.42
CA ASP A 118 -2.23 5.33 3.70
C ASP A 118 -0.75 5.50 3.42
N GLY A 119 0.04 4.55 3.88
CA GLY A 119 1.45 4.60 3.65
C GLY A 119 2.18 5.48 4.64
N PHE A 120 1.82 5.40 5.90
CA PHE A 120 2.52 6.13 6.94
C PHE A 120 2.44 5.35 8.23
N TRP A 121 3.23 5.72 9.19
CA TRP A 121 3.24 5.03 10.45
C TRP A 121 2.15 5.54 11.35
N SER A 122 1.32 4.63 11.83
CA SER A 122 0.25 4.94 12.76
C SER A 122 0.84 5.61 14.01
N LYS A 123 1.98 5.13 14.44
CA LYS A 123 2.69 5.68 15.56
C LYS A 123 3.84 6.54 15.12
N GLU A 124 4.51 7.10 16.07
CA GLU A 124 5.65 7.95 15.83
C GLU A 124 6.85 7.24 16.37
N LYS A 125 8.00 7.82 16.24
CA LYS A 125 9.20 7.20 16.74
C LYS A 125 9.33 7.38 18.23
N PRO A 126 9.26 6.28 18.99
CA PRO A 126 9.46 6.32 20.41
C PRO A 126 10.94 6.45 20.75
N LYS A 127 11.25 6.33 21.99
CA LYS A 127 12.57 6.52 22.44
C LYS A 127 12.91 5.54 23.53
N CYS A 128 14.18 5.24 23.64
CA CYS A 128 14.70 4.41 24.69
C CYS A 128 15.39 5.29 25.69
N VAL A 129 14.93 5.24 26.90
CA VAL A 129 15.40 6.08 27.98
C VAL A 129 15.84 5.23 29.16
N PRO A 7 -19.59 -6.46 -24.86
CA PRO A 7 -19.08 -6.15 -26.21
C PRO A 7 -17.61 -5.70 -26.18
N CYS A 8 -17.21 -5.13 -25.07
CA CYS A 8 -15.84 -4.70 -24.87
C CYS A 8 -15.03 -5.90 -24.43
N GLY A 9 -15.66 -6.74 -23.66
CA GLY A 9 -15.10 -7.96 -23.26
C GLY A 9 -15.05 -8.03 -21.79
N HIS A 10 -13.97 -7.62 -21.30
CA HIS A 10 -13.62 -7.65 -19.91
C HIS A 10 -12.25 -6.99 -19.85
N PRO A 11 -12.04 -6.01 -18.98
CA PRO A 11 -10.79 -5.23 -18.96
C PRO A 11 -9.66 -5.95 -18.23
N GLY A 12 -9.91 -7.13 -17.80
CA GLY A 12 -8.96 -7.84 -17.02
C GLY A 12 -9.20 -7.56 -15.56
N ASP A 13 -8.40 -8.11 -14.72
CA ASP A 13 -8.59 -7.92 -13.29
C ASP A 13 -7.26 -7.74 -12.62
N THR A 14 -7.29 -7.17 -11.45
CA THR A 14 -6.11 -6.90 -10.70
C THR A 14 -6.03 -7.84 -9.49
N PRO A 15 -4.84 -8.37 -9.17
CA PRO A 15 -4.66 -9.25 -8.02
C PRO A 15 -4.51 -8.46 -6.73
N PHE A 16 -4.27 -7.18 -6.89
CA PHE A 16 -4.02 -6.27 -5.77
C PHE A 16 -5.30 -5.73 -5.18
N GLY A 17 -6.39 -6.11 -5.77
CA GLY A 17 -7.64 -5.64 -5.32
C GLY A 17 -8.70 -6.07 -6.25
N THR A 18 -9.52 -5.15 -6.63
CA THR A 18 -10.65 -5.44 -7.51
C THR A 18 -10.91 -4.24 -8.44
N PHE A 19 -11.94 -4.31 -9.23
CA PHE A 19 -12.35 -3.18 -10.01
C PHE A 19 -13.86 -3.07 -9.96
N THR A 20 -14.37 -1.96 -10.39
CA THR A 20 -15.78 -1.74 -10.45
C THR A 20 -16.08 -1.11 -11.81
N LEU A 21 -17.31 -1.16 -12.22
CA LEU A 21 -17.69 -0.63 -13.50
C LEU A 21 -18.70 0.47 -13.32
N THR A 22 -18.41 1.61 -13.84
CA THR A 22 -19.25 2.76 -13.70
C THR A 22 -19.91 3.07 -15.03
N GLY A 23 -21.13 3.52 -15.00
CA GLY A 23 -21.82 3.80 -16.23
C GLY A 23 -22.80 2.71 -16.53
N GLY A 24 -22.28 1.57 -16.89
CA GLY A 24 -23.14 0.46 -17.25
C GLY A 24 -23.09 -0.64 -16.23
N ASN A 25 -22.04 -0.63 -15.41
CA ASN A 25 -21.82 -1.66 -14.37
C ASN A 25 -21.59 -3.04 -14.99
N VAL A 26 -21.17 -3.04 -16.24
CA VAL A 26 -20.92 -4.26 -17.05
C VAL A 26 -19.84 -3.91 -18.05
N PHE A 27 -19.55 -4.76 -18.99
CA PHE A 27 -18.47 -4.48 -19.94
C PHE A 27 -19.04 -4.01 -21.27
N GLU A 28 -20.03 -3.13 -21.17
CA GLU A 28 -20.71 -2.51 -22.32
C GLU A 28 -19.94 -1.29 -22.85
N TYR A 29 -20.46 -0.66 -23.86
CA TYR A 29 -19.85 0.55 -24.38
C TYR A 29 -20.15 1.74 -23.50
N GLY A 30 -19.14 2.52 -23.23
CA GLY A 30 -19.30 3.71 -22.43
C GLY A 30 -19.15 3.41 -20.95
N VAL A 31 -18.72 2.22 -20.62
CA VAL A 31 -18.54 1.87 -19.24
C VAL A 31 -17.08 2.09 -18.87
N LYS A 32 -16.87 2.44 -17.65
CA LYS A 32 -15.56 2.69 -17.16
C LYS A 32 -15.21 1.65 -16.12
N ALA A 33 -14.15 0.94 -16.37
CA ALA A 33 -13.65 -0.04 -15.44
C ALA A 33 -12.71 0.66 -14.50
N VAL A 34 -13.23 1.07 -13.39
CA VAL A 34 -12.54 1.78 -12.42
C VAL A 34 -11.94 0.79 -11.43
N TYR A 35 -10.65 0.74 -11.40
CA TYR A 35 -9.94 -0.18 -10.55
C TYR A 35 -9.76 0.38 -9.15
N THR A 36 -9.93 -0.49 -8.18
CA THR A 36 -9.81 -0.12 -6.80
C THR A 36 -8.99 -1.16 -6.04
N CYS A 37 -7.83 -0.78 -5.62
CA CYS A 37 -6.95 -1.66 -4.88
C CYS A 37 -7.50 -1.97 -3.48
N ASN A 38 -7.07 -3.09 -2.94
CA ASN A 38 -7.43 -3.49 -1.59
C ASN A 38 -6.80 -2.57 -0.56
N GLU A 39 -7.17 -2.75 0.68
CA GLU A 39 -6.78 -1.88 1.79
C GLU A 39 -5.26 -1.69 1.90
N GLY A 40 -4.53 -2.78 1.83
CA GLY A 40 -3.09 -2.71 1.94
C GLY A 40 -2.40 -2.42 0.62
N TYR A 41 -3.14 -1.97 -0.35
CA TYR A 41 -2.63 -1.65 -1.65
C TYR A 41 -3.09 -0.29 -2.06
N GLN A 42 -2.44 0.28 -3.02
CA GLN A 42 -2.77 1.57 -3.50
C GLN A 42 -2.54 1.63 -4.96
N LEU A 43 -3.35 2.36 -5.64
CA LEU A 43 -3.23 2.46 -7.03
C LEU A 43 -2.13 3.46 -7.33
N LEU A 44 -1.35 3.17 -8.32
CA LEU A 44 -0.20 3.94 -8.64
C LEU A 44 -0.42 4.59 -9.99
N GLY A 45 -0.14 5.86 -10.08
CA GLY A 45 -0.30 6.55 -11.35
C GLY A 45 -1.54 7.42 -11.38
N GLU A 46 -1.87 7.90 -12.56
CA GLU A 46 -3.03 8.78 -12.73
C GLU A 46 -4.21 7.94 -13.13
N ILE A 47 -3.96 7.08 -14.09
CA ILE A 47 -4.98 6.25 -14.67
C ILE A 47 -5.42 5.21 -13.66
N ASN A 48 -6.70 5.18 -13.38
CA ASN A 48 -7.24 4.25 -12.41
C ASN A 48 -8.40 3.52 -13.03
N TYR A 49 -8.63 3.75 -14.30
CA TYR A 49 -9.79 3.21 -14.94
C TYR A 49 -9.51 2.96 -16.41
N ARG A 50 -10.34 2.16 -17.01
CA ARG A 50 -10.31 1.93 -18.43
C ARG A 50 -11.67 2.31 -18.95
N GLU A 51 -11.75 3.05 -20.00
CA GLU A 51 -13.03 3.46 -20.51
C GLU A 51 -13.30 2.72 -21.80
N CYS A 52 -14.43 2.10 -21.91
CA CYS A 52 -14.75 1.44 -23.15
C CYS A 52 -15.35 2.41 -24.11
N ASP A 53 -14.59 2.78 -25.09
CA ASP A 53 -15.01 3.67 -26.12
C ASP A 53 -15.30 2.83 -27.36
N THR A 54 -15.52 3.45 -28.48
CA THR A 54 -15.86 2.80 -29.72
C THR A 54 -14.84 1.70 -30.15
N ASP A 55 -13.58 1.86 -29.77
CA ASP A 55 -12.57 0.83 -30.07
C ASP A 55 -12.63 -0.28 -29.06
N GLY A 56 -13.02 0.06 -27.89
CA GLY A 56 -13.02 -0.84 -26.79
C GLY A 56 -12.39 -0.16 -25.61
N TRP A 57 -11.80 -0.93 -24.73
CA TRP A 57 -11.12 -0.37 -23.57
C TRP A 57 -9.92 0.46 -24.02
N THR A 58 -10.00 1.76 -23.81
CA THR A 58 -8.98 2.69 -24.21
C THR A 58 -7.67 2.45 -23.46
N ASN A 59 -7.69 2.78 -22.18
CA ASN A 59 -6.56 2.61 -21.32
C ASN A 59 -6.34 1.17 -21.04
N ASP A 60 -5.27 0.88 -20.38
CA ASP A 60 -4.90 -0.49 -20.07
C ASP A 60 -5.08 -0.71 -18.59
N ILE A 61 -4.68 -1.87 -18.09
CA ILE A 61 -4.80 -2.16 -16.67
C ILE A 61 -3.86 -1.23 -15.88
N PRO A 62 -4.43 -0.39 -15.00
CA PRO A 62 -3.65 0.54 -14.19
C PRO A 62 -2.74 -0.19 -13.22
N ILE A 63 -1.69 0.47 -12.82
CA ILE A 63 -0.71 -0.10 -11.94
C ILE A 63 -1.15 0.05 -10.50
N CYS A 64 -0.99 -0.99 -9.74
CA CYS A 64 -1.30 -0.95 -8.35
C CYS A 64 -0.10 -1.41 -7.59
N GLU A 65 0.20 -0.76 -6.53
CA GLU A 65 1.35 -1.08 -5.76
C GLU A 65 0.96 -1.28 -4.32
N VAL A 66 1.75 -2.01 -3.61
CA VAL A 66 1.52 -2.23 -2.23
C VAL A 66 1.86 -0.97 -1.41
N VAL A 67 0.99 -0.62 -0.46
CA VAL A 67 1.18 0.53 0.43
C VAL A 67 2.45 0.34 1.23
N LYS A 68 3.32 1.34 1.28
CA LYS A 68 4.58 1.20 1.98
C LYS A 68 4.86 2.35 2.90
N CYS A 69 5.71 2.07 3.84
CA CYS A 69 6.19 3.01 4.78
C CYS A 69 7.71 3.03 4.67
N LEU A 70 8.31 4.16 4.93
CA LEU A 70 9.75 4.31 4.86
C LEU A 70 10.48 3.45 5.89
N PRO A 71 11.70 3.01 5.53
CA PRO A 71 12.54 2.21 6.42
C PRO A 71 12.90 3.01 7.65
N VAL A 72 12.57 2.48 8.79
CA VAL A 72 12.77 3.18 10.03
C VAL A 72 14.18 2.98 10.50
N THR A 73 14.73 3.99 11.11
CA THR A 73 15.98 3.88 11.75
C THR A 73 15.75 3.38 13.21
N ALA A 74 16.71 3.50 14.02
CA ALA A 74 16.66 2.95 15.35
C ALA A 74 16.64 4.05 16.38
N PRO A 75 16.13 3.77 17.59
CA PRO A 75 16.18 4.70 18.69
C PRO A 75 17.62 4.95 19.11
N GLU A 76 17.82 6.05 19.76
CA GLU A 76 19.13 6.54 20.16
C GLU A 76 19.97 5.54 20.97
N ASN A 77 19.32 4.79 21.79
CA ASN A 77 19.99 3.81 22.61
C ASN A 77 19.34 2.48 22.44
N GLY A 78 18.91 2.24 21.23
CA GLY A 78 18.30 0.98 20.94
C GLY A 78 18.44 0.58 19.49
N LYS A 79 17.59 -0.34 19.07
CA LYS A 79 17.61 -0.90 17.73
C LYS A 79 16.23 -1.52 17.41
N ILE A 80 16.05 -2.01 16.19
CA ILE A 80 14.77 -2.59 15.77
C ILE A 80 14.78 -4.12 15.97
N VAL A 81 13.64 -4.68 16.38
CA VAL A 81 13.49 -6.13 16.59
C VAL A 81 12.79 -6.78 15.38
N SER A 82 12.05 -5.98 14.68
CA SER A 82 11.14 -6.46 13.68
C SER A 82 11.56 -6.19 12.25
N SER A 83 11.46 -7.23 11.44
CA SER A 83 11.53 -7.12 9.99
C SER A 83 12.82 -6.44 9.46
N ALA A 84 13.92 -6.66 10.13
CA ALA A 84 15.18 -6.08 9.71
C ALA A 84 16.06 -7.15 9.11
N MET A 85 15.43 -8.22 8.65
CA MET A 85 16.13 -9.37 8.06
C MET A 85 16.99 -8.96 6.87
N GLU A 86 16.44 -8.12 6.02
CA GLU A 86 17.13 -7.70 4.83
C GLU A 86 17.21 -6.19 4.86
N PRO A 87 18.29 -5.60 4.35
CA PRO A 87 18.46 -4.15 4.35
C PRO A 87 17.74 -3.45 3.17
N ASP A 88 17.29 -4.22 2.20
CA ASP A 88 16.69 -3.67 0.97
C ASP A 88 15.21 -3.80 1.00
N ARG A 89 14.72 -4.55 1.94
CA ARG A 89 13.32 -4.78 2.02
C ARG A 89 12.66 -3.64 2.75
N GLU A 90 11.72 -3.07 2.11
CA GLU A 90 10.97 -1.96 2.68
C GLU A 90 9.92 -2.48 3.65
N TYR A 91 9.10 -1.61 4.13
CA TYR A 91 8.08 -1.99 5.05
C TYR A 91 6.76 -1.64 4.47
N HIS A 92 6.05 -2.63 4.06
CA HIS A 92 4.77 -2.40 3.47
C HIS A 92 3.66 -2.56 4.50
N PHE A 93 2.45 -2.20 4.12
CA PHE A 93 1.27 -2.30 4.97
C PHE A 93 1.14 -3.70 5.56
N GLY A 94 1.06 -3.75 6.86
CA GLY A 94 0.97 -4.99 7.55
C GLY A 94 2.20 -5.21 8.41
N GLN A 95 3.20 -4.36 8.23
CA GLN A 95 4.41 -4.50 9.00
C GLN A 95 4.31 -3.81 10.33
N ALA A 96 4.81 -4.50 11.32
CA ALA A 96 4.88 -4.00 12.66
C ALA A 96 6.32 -3.88 13.01
N VAL A 97 6.76 -2.70 13.34
CA VAL A 97 8.14 -2.48 13.70
C VAL A 97 8.26 -2.23 15.18
N ARG A 98 8.85 -3.17 15.88
CA ARG A 98 9.04 -3.08 17.30
C ARG A 98 10.51 -2.79 17.58
N PHE A 99 10.78 -2.06 18.62
CA PHE A 99 12.13 -1.63 18.94
C PHE A 99 12.58 -2.17 20.28
N VAL A 100 13.85 -2.08 20.51
CA VAL A 100 14.45 -2.43 21.76
C VAL A 100 15.34 -1.34 22.22
N CYS A 101 15.56 -1.32 23.48
CA CYS A 101 16.50 -0.48 24.11
C CYS A 101 17.58 -1.38 24.64
N ASN A 102 18.81 -0.92 24.57
CA ASN A 102 20.01 -1.67 24.98
C ASN A 102 19.86 -2.39 26.28
N SER A 103 20.02 -1.72 27.37
CA SER A 103 19.92 -2.40 28.64
C SER A 103 19.39 -1.53 29.77
N GLY A 104 19.84 -0.32 29.83
CA GLY A 104 19.48 0.53 30.95
C GLY A 104 18.41 1.55 30.65
N TYR A 105 17.88 1.55 29.44
CA TYR A 105 16.90 2.56 29.06
C TYR A 105 15.56 1.96 28.89
N LYS A 106 14.60 2.80 28.63
CA LYS A 106 13.28 2.31 28.32
C LYS A 106 12.79 3.12 27.17
N ILE A 107 11.94 2.57 26.39
CA ILE A 107 11.50 3.25 25.23
C ILE A 107 10.57 4.45 25.57
N GLU A 108 10.74 5.48 24.77
CA GLU A 108 10.04 6.74 24.79
C GLU A 108 8.55 6.59 25.07
N GLY A 109 7.88 5.87 24.22
CA GLY A 109 6.47 5.72 24.38
C GLY A 109 6.03 4.37 23.96
N ASP A 110 5.71 4.22 22.71
CA ASP A 110 5.30 2.92 22.22
C ASP A 110 6.53 2.26 21.63
N GLU A 111 6.51 0.96 21.52
CA GLU A 111 7.65 0.25 21.04
C GLU A 111 7.36 -0.35 19.68
N GLU A 112 6.11 -0.31 19.26
CA GLU A 112 5.73 -0.89 18.00
C GLU A 112 4.88 0.03 17.15
N MET A 113 5.34 0.26 15.95
CA MET A 113 4.65 1.10 14.99
C MET A 113 4.08 0.23 13.86
N HIS A 114 2.99 0.67 13.27
CA HIS A 114 2.34 -0.07 12.18
C HIS A 114 2.14 0.81 10.99
N CYS A 115 2.03 0.18 9.85
CA CYS A 115 1.75 0.87 8.62
C CYS A 115 0.28 1.16 8.48
N SER A 116 -0.07 2.41 8.44
CA SER A 116 -1.43 2.82 8.22
C SER A 116 -1.75 2.78 6.72
N ASP A 117 -3.02 2.57 6.38
CA ASP A 117 -3.46 2.42 4.98
C ASP A 117 -3.43 3.75 4.23
N ASP A 118 -2.23 4.09 3.86
CA ASP A 118 -1.88 5.31 3.14
C ASP A 118 -0.43 5.20 2.83
N GLY A 119 0.33 4.82 3.84
CA GLY A 119 1.74 4.71 3.70
C GLY A 119 2.48 5.60 4.66
N PHE A 120 2.36 5.30 5.94
CA PHE A 120 3.06 6.01 6.99
C PHE A 120 2.93 5.22 8.26
N TRP A 121 3.78 5.50 9.21
CA TRP A 121 3.78 4.82 10.47
C TRP A 121 2.80 5.46 11.43
N SER A 122 2.09 4.64 12.15
CA SER A 122 1.10 5.06 13.13
C SER A 122 1.75 5.71 14.37
N LYS A 123 3.02 5.45 14.56
CA LYS A 123 3.74 5.98 15.68
C LYS A 123 4.92 6.73 15.15
N GLU A 124 5.36 7.69 15.91
CA GLU A 124 6.54 8.45 15.55
C GLU A 124 7.74 7.59 15.86
N LYS A 125 8.92 7.95 15.42
CA LYS A 125 10.10 7.19 15.77
C LYS A 125 10.40 7.36 17.26
N PRO A 126 10.32 6.29 18.06
CA PRO A 126 10.58 6.38 19.46
C PRO A 126 12.07 6.29 19.76
N LYS A 127 12.42 6.63 20.96
CA LYS A 127 13.78 6.64 21.39
C LYS A 127 13.88 5.89 22.71
N CYS A 128 15.05 5.80 23.25
CA CYS A 128 15.25 5.14 24.52
C CYS A 128 15.72 6.13 25.53
N VAL A 129 14.89 6.34 26.51
CA VAL A 129 15.08 7.34 27.52
C VAL A 129 14.85 6.72 28.91
N PRO A 7 -19.58 -6.57 -24.46
CA PRO A 7 -19.11 -6.26 -25.83
C PRO A 7 -17.68 -5.69 -25.79
N CYS A 8 -17.30 -5.25 -24.62
CA CYS A 8 -15.96 -4.77 -24.35
C CYS A 8 -15.14 -5.91 -23.85
N GLY A 9 -15.80 -6.79 -23.14
CA GLY A 9 -15.20 -7.98 -22.69
C GLY A 9 -15.11 -7.95 -21.23
N HIS A 10 -14.02 -7.49 -20.80
CA HIS A 10 -13.65 -7.43 -19.42
C HIS A 10 -12.32 -6.67 -19.38
N PRO A 11 -12.15 -5.69 -18.49
CA PRO A 11 -10.97 -4.81 -18.50
C PRO A 11 -9.76 -5.42 -17.81
N GLY A 12 -9.90 -6.65 -17.41
CA GLY A 12 -8.86 -7.32 -16.70
C GLY A 12 -9.31 -7.61 -15.31
N ASP A 13 -8.43 -8.11 -14.49
CA ASP A 13 -8.71 -8.40 -13.11
C ASP A 13 -7.41 -8.27 -12.37
N THR A 14 -7.45 -8.11 -11.09
CA THR A 14 -6.26 -7.86 -10.34
C THR A 14 -6.25 -8.61 -9.01
N PRO A 15 -5.08 -9.09 -8.57
CA PRO A 15 -4.93 -9.70 -7.26
C PRO A 15 -4.74 -8.64 -6.19
N PHE A 16 -4.40 -7.45 -6.62
CA PHE A 16 -4.08 -6.34 -5.71
C PHE A 16 -5.31 -5.58 -5.31
N GLY A 17 -6.45 -6.02 -5.76
CA GLY A 17 -7.66 -5.37 -5.42
C GLY A 17 -8.76 -5.77 -6.31
N THR A 18 -9.39 -4.81 -6.87
CA THR A 18 -10.53 -5.03 -7.73
C THR A 18 -10.76 -3.77 -8.60
N PHE A 19 -11.92 -3.65 -9.16
CA PHE A 19 -12.28 -2.51 -9.95
C PHE A 19 -13.79 -2.38 -9.92
N THR A 20 -14.27 -1.22 -10.21
CA THR A 20 -15.66 -0.93 -10.23
C THR A 20 -16.00 -0.44 -11.64
N LEU A 21 -17.24 -0.42 -11.97
CA LEU A 21 -17.69 -0.02 -13.27
C LEU A 21 -18.64 1.13 -13.15
N THR A 22 -18.38 2.16 -13.89
CA THR A 22 -19.15 3.37 -13.83
C THR A 22 -19.67 3.72 -15.20
N GLY A 23 -20.93 4.00 -15.29
CA GLY A 23 -21.52 4.31 -16.57
C GLY A 23 -22.12 3.09 -17.22
N GLY A 24 -22.41 2.07 -16.41
CA GLY A 24 -23.02 0.88 -16.94
C GLY A 24 -23.08 -0.24 -15.94
N ASN A 25 -22.09 -0.30 -15.04
CA ASN A 25 -21.96 -1.39 -14.02
C ASN A 25 -21.65 -2.74 -14.65
N VAL A 26 -21.33 -2.72 -15.92
CA VAL A 26 -21.06 -3.91 -16.72
C VAL A 26 -19.96 -3.59 -17.69
N PHE A 27 -19.67 -4.48 -18.61
CA PHE A 27 -18.58 -4.27 -19.54
C PHE A 27 -19.13 -3.87 -20.91
N GLU A 28 -20.07 -2.95 -20.89
CA GLU A 28 -20.72 -2.40 -22.09
C GLU A 28 -19.93 -1.21 -22.64
N TYR A 29 -20.35 -0.70 -23.75
CA TYR A 29 -19.70 0.44 -24.33
C TYR A 29 -20.03 1.71 -23.59
N GLY A 30 -19.00 2.48 -23.26
CA GLY A 30 -19.18 3.73 -22.59
C GLY A 30 -18.98 3.62 -21.09
N VAL A 31 -18.70 2.42 -20.61
CA VAL A 31 -18.52 2.22 -19.19
C VAL A 31 -17.04 2.41 -18.85
N LYS A 32 -16.79 2.92 -17.69
CA LYS A 32 -15.45 3.14 -17.22
C LYS A 32 -15.15 2.17 -16.11
N ALA A 33 -14.11 1.40 -16.30
CA ALA A 33 -13.63 0.47 -15.33
C ALA A 33 -12.69 1.19 -14.40
N VAL A 34 -13.23 1.67 -13.32
CA VAL A 34 -12.50 2.40 -12.36
C VAL A 34 -11.88 1.41 -11.39
N TYR A 35 -10.62 1.29 -11.51
CA TYR A 35 -9.82 0.36 -10.79
C TYR A 35 -9.57 0.86 -9.37
N THR A 36 -9.60 -0.05 -8.41
CA THR A 36 -9.40 0.31 -7.04
C THR A 36 -8.60 -0.81 -6.32
N CYS A 37 -7.60 -0.43 -5.62
CA CYS A 37 -6.74 -1.37 -4.98
C CYS A 37 -7.30 -1.78 -3.62
N ASN A 38 -6.86 -2.91 -3.12
CA ASN A 38 -7.28 -3.43 -1.81
C ASN A 38 -6.80 -2.54 -0.67
N GLU A 39 -7.19 -2.89 0.54
CA GLU A 39 -6.90 -2.10 1.74
C GLU A 39 -5.40 -1.84 1.92
N GLY A 40 -4.62 -2.89 1.82
CA GLY A 40 -3.19 -2.76 2.00
C GLY A 40 -2.46 -2.43 0.71
N TYR A 41 -3.11 -1.69 -0.14
CA TYR A 41 -2.61 -1.30 -1.42
C TYR A 41 -3.10 0.07 -1.76
N GLN A 42 -2.43 0.72 -2.63
CA GLN A 42 -2.79 2.01 -3.10
C GLN A 42 -2.59 1.98 -4.58
N LEU A 43 -3.05 2.97 -5.28
CA LEU A 43 -2.85 2.99 -6.68
C LEU A 43 -1.51 3.63 -6.96
N LEU A 44 -0.92 3.27 -8.06
CA LEU A 44 0.30 3.85 -8.50
C LEU A 44 0.11 4.23 -9.95
N GLY A 45 0.37 5.46 -10.25
CA GLY A 45 0.16 5.97 -11.57
C GLY A 45 -0.99 6.96 -11.60
N GLU A 46 -1.23 7.57 -12.74
CA GLU A 46 -2.26 8.58 -12.88
C GLU A 46 -3.54 7.97 -13.36
N ILE A 47 -3.42 6.92 -14.11
CA ILE A 47 -4.55 6.24 -14.67
C ILE A 47 -5.16 5.34 -13.63
N ASN A 48 -6.46 5.43 -13.43
CA ASN A 48 -7.14 4.57 -12.47
C ASN A 48 -8.39 3.99 -13.10
N TYR A 49 -8.55 4.17 -14.38
CA TYR A 49 -9.74 3.72 -15.03
C TYR A 49 -9.42 3.32 -16.45
N ARG A 50 -10.28 2.52 -16.99
CA ARG A 50 -10.22 2.15 -18.37
C ARG A 50 -11.56 2.47 -18.94
N GLU A 51 -11.61 3.13 -20.03
CA GLU A 51 -12.88 3.50 -20.58
C GLU A 51 -13.18 2.66 -21.78
N CYS A 52 -14.35 2.09 -21.84
CA CYS A 52 -14.67 1.32 -23.00
C CYS A 52 -15.14 2.22 -24.11
N ASP A 53 -14.26 2.48 -25.03
CA ASP A 53 -14.58 3.24 -26.20
C ASP A 53 -14.82 2.21 -27.29
N THR A 54 -14.92 2.64 -28.52
CA THR A 54 -15.22 1.75 -29.62
C THR A 54 -14.06 0.73 -29.85
N ASP A 55 -12.86 1.10 -29.41
CA ASP A 55 -11.67 0.23 -29.44
C ASP A 55 -11.80 -0.89 -28.41
N GLY A 56 -12.59 -0.64 -27.43
CA GLY A 56 -12.73 -1.50 -26.31
C GLY A 56 -12.23 -0.76 -25.12
N TRP A 57 -11.68 -1.45 -24.18
CA TRP A 57 -11.13 -0.82 -23.01
C TRP A 57 -9.87 -0.06 -23.35
N THR A 58 -9.95 1.23 -23.25
CA THR A 58 -8.82 2.08 -23.47
C THR A 58 -7.84 1.89 -22.32
N ASN A 59 -6.64 2.42 -22.51
CA ASN A 59 -5.59 2.39 -21.51
C ASN A 59 -5.21 0.95 -21.23
N ASP A 60 -4.55 0.76 -20.15
CA ASP A 60 -4.24 -0.56 -19.69
C ASP A 60 -4.73 -0.65 -18.30
N ILE A 61 -4.56 -1.80 -17.69
CA ILE A 61 -4.90 -1.97 -16.30
C ILE A 61 -3.95 -1.10 -15.48
N PRO A 62 -4.48 -0.13 -14.70
CA PRO A 62 -3.66 0.71 -13.84
C PRO A 62 -2.86 -0.11 -12.82
N ILE A 63 -1.89 0.48 -12.21
CA ILE A 63 -1.00 -0.24 -11.35
C ILE A 63 -1.33 -0.03 -9.89
N CYS A 64 -1.33 -1.09 -9.13
CA CYS A 64 -1.46 -0.97 -7.71
C CYS A 64 -0.12 -1.18 -7.11
N GLU A 65 0.13 -0.54 -6.04
CA GLU A 65 1.31 -0.71 -5.29
C GLU A 65 0.86 -0.97 -3.89
N VAL A 66 1.62 -1.67 -3.14
CA VAL A 66 1.27 -1.96 -1.78
C VAL A 66 1.43 -0.68 -0.98
N VAL A 67 0.62 -0.47 0.04
CA VAL A 67 0.83 0.70 0.85
C VAL A 67 2.14 0.57 1.60
N LYS A 68 3.00 1.53 1.37
CA LYS A 68 4.35 1.46 1.88
C LYS A 68 4.62 2.55 2.87
N CYS A 69 5.36 2.22 3.86
CA CYS A 69 5.75 3.14 4.87
C CYS A 69 7.22 3.40 4.71
N LEU A 70 7.64 4.62 4.93
CA LEU A 70 9.02 4.99 4.81
C LEU A 70 9.94 4.23 5.76
N PRO A 71 11.16 3.94 5.27
CA PRO A 71 12.19 3.26 6.04
C PRO A 71 12.52 4.01 7.33
N VAL A 72 12.78 3.28 8.36
CA VAL A 72 13.11 3.84 9.66
C VAL A 72 14.58 3.51 9.92
N THR A 73 15.27 4.38 10.64
CA THR A 73 16.65 4.17 10.98
C THR A 73 16.79 3.21 12.18
N ALA A 74 16.67 3.77 13.38
CA ALA A 74 16.75 3.08 14.67
C ALA A 74 16.74 4.15 15.74
N PRO A 75 16.28 3.84 16.96
CA PRO A 75 16.36 4.79 18.04
C PRO A 75 17.78 4.98 18.54
N GLU A 76 18.00 6.05 19.23
CA GLU A 76 19.33 6.48 19.68
C GLU A 76 19.97 5.55 20.70
N ASN A 77 19.17 4.94 21.52
CA ASN A 77 19.67 4.04 22.54
C ASN A 77 18.97 2.72 22.41
N GLY A 78 18.64 2.38 21.20
CA GLY A 78 18.00 1.13 20.92
C GLY A 78 18.22 0.69 19.50
N LYS A 79 17.49 -0.30 19.05
CA LYS A 79 17.62 -0.80 17.71
C LYS A 79 16.27 -1.36 17.24
N ILE A 80 16.20 -1.69 15.98
CA ILE A 80 15.00 -2.25 15.39
C ILE A 80 15.09 -3.77 15.40
N VAL A 81 14.06 -4.42 15.92
CA VAL A 81 14.02 -5.88 16.04
C VAL A 81 13.61 -6.52 14.72
N SER A 82 12.90 -5.76 13.92
CA SER A 82 12.39 -6.22 12.65
C SER A 82 13.46 -6.13 11.57
N SER A 83 14.57 -5.51 11.95
CA SER A 83 15.75 -5.24 11.12
C SER A 83 15.47 -4.45 9.82
N ALA A 84 16.51 -3.88 9.28
CA ALA A 84 16.39 -3.19 8.02
C ALA A 84 16.60 -4.20 6.93
N MET A 85 15.59 -4.41 6.11
CA MET A 85 15.64 -5.40 5.04
C MET A 85 16.68 -5.01 4.03
N GLU A 86 16.34 -4.07 3.21
CA GLU A 86 17.20 -3.55 2.19
C GLU A 86 16.91 -2.08 2.09
N PRO A 87 17.89 -1.26 1.72
CA PRO A 87 17.71 0.19 1.60
C PRO A 87 16.69 0.62 0.53
N ASP A 88 16.39 -0.28 -0.40
CA ASP A 88 15.42 0.01 -1.47
C ASP A 88 14.06 -0.51 -1.08
N ARG A 89 14.06 -1.50 -0.24
CA ARG A 89 12.86 -2.16 0.15
C ARG A 89 12.20 -1.41 1.27
N GLU A 90 11.06 -0.87 0.97
CA GLU A 90 10.31 -0.11 1.91
C GLU A 90 9.52 -1.08 2.77
N TYR A 91 8.94 -0.59 3.82
CA TYR A 91 8.12 -1.43 4.66
C TYR A 91 6.72 -1.40 4.11
N HIS A 92 6.06 -2.51 4.10
CA HIS A 92 4.77 -2.61 3.45
C HIS A 92 3.68 -2.98 4.46
N PHE A 93 2.40 -2.67 4.14
CA PHE A 93 1.20 -3.01 4.97
C PHE A 93 1.33 -4.35 5.69
N GLY A 94 1.09 -4.31 6.98
CA GLY A 94 1.11 -5.50 7.77
C GLY A 94 2.38 -5.62 8.59
N GLN A 95 3.48 -5.10 8.08
CA GLN A 95 4.71 -5.22 8.74
C GLN A 95 4.74 -4.33 9.98
N ALA A 96 5.41 -4.80 10.98
CA ALA A 96 5.56 -4.09 12.20
C ALA A 96 7.02 -3.91 12.47
N VAL A 97 7.42 -2.70 12.61
CA VAL A 97 8.76 -2.39 12.98
C VAL A 97 8.77 -2.23 14.47
N ARG A 98 9.29 -3.20 15.12
CA ARG A 98 9.34 -3.19 16.52
C ARG A 98 10.73 -2.84 16.96
N PHE A 99 10.82 -2.16 18.04
CA PHE A 99 12.07 -1.67 18.50
C PHE A 99 12.41 -2.29 19.83
N VAL A 100 13.62 -2.12 20.22
CA VAL A 100 14.08 -2.54 21.48
C VAL A 100 15.11 -1.55 21.96
N CYS A 101 15.06 -1.24 23.20
CA CYS A 101 15.95 -0.32 23.82
C CYS A 101 16.98 -1.10 24.56
N ASN A 102 18.12 -0.49 24.79
CA ASN A 102 19.15 -1.17 25.55
C ASN A 102 18.67 -1.39 26.96
N SER A 103 19.32 -2.27 27.67
CA SER A 103 18.90 -2.80 28.98
C SER A 103 18.44 -1.72 29.98
N GLY A 104 19.02 -0.57 29.93
CA GLY A 104 18.68 0.46 30.87
C GLY A 104 17.89 1.61 30.27
N TYR A 105 17.30 1.43 29.11
CA TYR A 105 16.55 2.49 28.51
C TYR A 105 15.12 2.10 28.34
N LYS A 106 14.27 3.06 28.20
CA LYS A 106 12.88 2.78 28.00
C LYS A 106 12.51 3.39 26.69
N ILE A 107 11.57 2.84 26.03
CA ILE A 107 11.12 3.44 24.86
C ILE A 107 10.08 4.49 25.23
N GLU A 108 10.19 5.60 24.60
CA GLU A 108 9.37 6.74 24.89
C GLU A 108 8.10 6.64 24.09
N GLY A 109 8.24 6.33 22.84
CA GLY A 109 7.10 6.07 22.01
C GLY A 109 6.56 4.67 22.26
N ASP A 110 5.84 4.10 21.33
CA ASP A 110 5.36 2.72 21.52
C ASP A 110 6.50 1.78 21.15
N GLU A 111 6.38 0.49 21.45
CA GLU A 111 7.49 -0.40 21.23
C GLU A 111 7.56 -0.84 19.78
N GLU A 112 6.51 -0.57 19.05
CA GLU A 112 6.47 -0.95 17.67
C GLU A 112 5.65 0.04 16.86
N MET A 113 5.72 -0.12 15.58
CA MET A 113 4.95 0.64 14.65
C MET A 113 4.51 -0.26 13.53
N HIS A 114 3.25 -0.28 13.30
CA HIS A 114 2.68 -1.08 12.23
C HIS A 114 2.41 -0.22 11.02
N CYS A 115 2.54 -0.82 9.86
CA CYS A 115 2.13 -0.16 8.64
C CYS A 115 0.64 -0.13 8.55
N SER A 116 0.08 1.05 8.68
CA SER A 116 -1.33 1.23 8.62
C SER A 116 -1.78 1.33 7.16
N ASP A 117 -3.07 1.09 6.90
CA ASP A 117 -3.61 1.08 5.52
C ASP A 117 -3.65 2.48 4.89
N ASP A 118 -3.18 3.47 5.63
CA ASP A 118 -3.04 4.84 5.15
C ASP A 118 -1.72 4.99 4.40
N GLY A 119 -0.79 4.06 4.62
CA GLY A 119 0.53 4.20 4.06
C GLY A 119 1.46 4.94 5.01
N PHE A 120 1.11 4.91 6.27
CA PHE A 120 1.88 5.56 7.31
C PHE A 120 2.12 4.59 8.44
N TRP A 121 3.04 4.93 9.29
CA TRP A 121 3.30 4.18 10.47
C TRP A 121 2.26 4.54 11.53
N SER A 122 1.85 3.56 12.30
CA SER A 122 0.89 3.78 13.38
C SER A 122 1.48 4.71 14.46
N LYS A 123 2.80 4.80 14.50
CA LYS A 123 3.50 5.59 15.47
C LYS A 123 4.56 6.42 14.82
N GLU A 124 4.93 7.46 15.52
CA GLU A 124 6.05 8.27 15.14
C GLU A 124 7.32 7.57 15.57
N LYS A 125 8.45 8.06 15.10
CA LYS A 125 9.74 7.54 15.48
C LYS A 125 9.89 7.59 17.01
N PRO A 126 10.04 6.43 17.66
CA PRO A 126 10.19 6.37 19.06
C PRO A 126 11.64 6.52 19.50
N LYS A 127 11.80 6.90 20.71
CA LYS A 127 13.08 7.17 21.26
C LYS A 127 13.32 6.30 22.47
N CYS A 128 14.55 5.96 22.71
CA CYS A 128 14.93 5.18 23.89
C CYS A 128 15.66 6.10 24.83
N VAL A 129 15.08 6.31 25.96
CA VAL A 129 15.56 7.22 26.94
C VAL A 129 15.78 6.49 28.25
N PRO A 7 -19.70 -7.10 -24.65
CA PRO A 7 -19.18 -6.85 -26.00
C PRO A 7 -17.69 -6.45 -25.94
N CYS A 8 -17.32 -5.90 -24.81
CA CYS A 8 -15.96 -5.54 -24.52
C CYS A 8 -15.24 -6.73 -23.90
N GLY A 9 -15.96 -7.47 -23.09
CA GLY A 9 -15.45 -8.68 -22.54
C GLY A 9 -15.34 -8.56 -21.09
N HIS A 10 -14.25 -8.06 -20.70
CA HIS A 10 -13.85 -7.93 -19.32
C HIS A 10 -12.49 -7.23 -19.36
N PRO A 11 -12.30 -6.13 -18.63
CA PRO A 11 -11.08 -5.29 -18.73
C PRO A 11 -9.87 -5.83 -17.97
N GLY A 12 -9.96 -7.04 -17.55
CA GLY A 12 -8.94 -7.63 -16.76
C GLY A 12 -9.39 -7.73 -15.35
N ASP A 13 -8.51 -8.06 -14.45
CA ASP A 13 -8.83 -8.13 -13.05
C ASP A 13 -7.54 -8.04 -12.27
N THR A 14 -7.53 -7.33 -11.18
CA THR A 14 -6.31 -7.12 -10.45
C THR A 14 -6.33 -7.86 -9.10
N PRO A 15 -5.26 -8.60 -8.78
CA PRO A 15 -5.11 -9.29 -7.48
C PRO A 15 -4.90 -8.31 -6.33
N PHE A 16 -4.49 -7.09 -6.69
CA PHE A 16 -4.17 -6.05 -5.72
C PHE A 16 -5.42 -5.31 -5.26
N GLY A 17 -6.53 -5.67 -5.81
CA GLY A 17 -7.75 -5.07 -5.45
C GLY A 17 -8.86 -5.54 -6.31
N THR A 18 -9.52 -4.63 -6.92
CA THR A 18 -10.62 -4.96 -7.81
C THR A 18 -10.97 -3.73 -8.67
N PHE A 19 -12.10 -3.74 -9.30
CA PHE A 19 -12.52 -2.63 -10.10
C PHE A 19 -14.02 -2.48 -10.03
N THR A 20 -14.48 -1.37 -10.46
CA THR A 20 -15.87 -1.08 -10.54
C THR A 20 -16.16 -0.64 -11.97
N LEU A 21 -17.39 -0.66 -12.35
CA LEU A 21 -17.77 -0.26 -13.67
C LEU A 21 -18.62 0.96 -13.57
N THR A 22 -18.33 1.93 -14.36
CA THR A 22 -19.02 3.18 -14.34
C THR A 22 -19.46 3.51 -15.74
N GLY A 23 -20.71 3.82 -15.90
CA GLY A 23 -21.21 4.10 -17.21
C GLY A 23 -21.79 2.87 -17.85
N GLY A 24 -22.32 1.98 -17.04
CA GLY A 24 -22.95 0.81 -17.58
C GLY A 24 -23.13 -0.25 -16.55
N ASN A 25 -22.18 -0.34 -15.63
CA ASN A 25 -22.20 -1.33 -14.52
C ASN A 25 -22.01 -2.75 -15.02
N VAL A 26 -21.57 -2.86 -16.26
CA VAL A 26 -21.33 -4.13 -16.97
C VAL A 26 -20.17 -3.90 -17.93
N PHE A 27 -19.89 -4.81 -18.84
CA PHE A 27 -18.76 -4.65 -19.75
C PHE A 27 -19.25 -4.30 -21.15
N GLU A 28 -20.22 -3.41 -21.17
CA GLU A 28 -20.82 -2.88 -22.40
C GLU A 28 -19.93 -1.82 -23.06
N TYR A 29 -20.31 -1.38 -24.22
CA TYR A 29 -19.58 -0.30 -24.88
C TYR A 29 -19.93 1.02 -24.23
N GLY A 30 -18.91 1.75 -23.86
CA GLY A 30 -19.12 3.03 -23.24
C GLY A 30 -18.90 2.99 -21.76
N VAL A 31 -18.70 1.80 -21.20
CA VAL A 31 -18.52 1.70 -19.77
C VAL A 31 -17.05 1.86 -19.44
N LYS A 32 -16.79 2.39 -18.29
CA LYS A 32 -15.46 2.60 -17.82
C LYS A 32 -15.19 1.69 -16.64
N ALA A 33 -14.17 0.91 -16.77
CA ALA A 33 -13.72 0.03 -15.73
C ALA A 33 -12.79 0.81 -14.85
N VAL A 34 -13.30 1.30 -13.79
CA VAL A 34 -12.53 2.08 -12.88
C VAL A 34 -12.03 1.18 -11.77
N TYR A 35 -10.78 1.00 -11.78
CA TYR A 35 -10.11 0.16 -10.86
C TYR A 35 -9.90 0.83 -9.53
N THR A 36 -9.89 0.04 -8.50
CA THR A 36 -9.65 0.49 -7.17
C THR A 36 -8.87 -0.59 -6.41
N CYS A 37 -7.84 -0.19 -5.76
CA CYS A 37 -6.97 -1.09 -5.08
C CYS A 37 -7.52 -1.43 -3.71
N ASN A 38 -7.05 -2.52 -3.15
CA ASN A 38 -7.47 -2.95 -1.82
C ASN A 38 -6.89 -2.07 -0.73
N GLU A 39 -7.20 -2.44 0.51
CA GLU A 39 -6.83 -1.69 1.72
C GLU A 39 -5.34 -1.40 1.81
N GLY A 40 -4.52 -2.40 1.70
CA GLY A 40 -3.09 -2.22 1.84
C GLY A 40 -2.43 -1.87 0.52
N TYR A 41 -3.14 -1.19 -0.32
CA TYR A 41 -2.70 -0.87 -1.64
C TYR A 41 -3.23 0.48 -2.01
N GLN A 42 -2.55 1.12 -2.87
CA GLN A 42 -2.97 2.37 -3.40
C GLN A 42 -2.78 2.28 -4.87
N LEU A 43 -3.24 3.23 -5.59
CA LEU A 43 -3.07 3.18 -7.00
C LEU A 43 -1.73 3.80 -7.35
N LEU A 44 -1.14 3.34 -8.39
CA LEU A 44 0.07 3.87 -8.86
C LEU A 44 -0.17 4.32 -10.28
N GLY A 45 0.07 5.57 -10.52
CA GLY A 45 -0.22 6.13 -11.81
C GLY A 45 -1.46 7.00 -11.79
N GLU A 46 -1.69 7.69 -12.89
CA GLU A 46 -2.80 8.62 -13.01
C GLU A 46 -4.03 7.87 -13.47
N ILE A 47 -3.81 6.88 -14.28
CA ILE A 47 -4.86 6.12 -14.87
C ILE A 47 -5.41 5.14 -13.86
N ASN A 48 -6.72 5.17 -13.66
CA ASN A 48 -7.36 4.23 -12.76
C ASN A 48 -8.50 3.56 -13.49
N TYR A 49 -8.69 3.88 -14.73
CA TYR A 49 -9.87 3.42 -15.42
C TYR A 49 -9.50 2.93 -16.83
N ARG A 50 -10.38 2.17 -17.40
CA ARG A 50 -10.31 1.79 -18.79
C ARG A 50 -11.66 2.07 -19.38
N GLU A 51 -11.72 2.73 -20.50
CA GLU A 51 -13.01 3.00 -21.11
C GLU A 51 -13.22 2.07 -22.27
N CYS A 52 -14.36 1.45 -22.35
CA CYS A 52 -14.60 0.66 -23.51
C CYS A 52 -15.08 1.54 -24.64
N ASP A 53 -14.16 1.88 -25.49
CA ASP A 53 -14.46 2.68 -26.65
C ASP A 53 -14.68 1.73 -27.80
N THR A 54 -14.84 2.23 -28.99
CA THR A 54 -15.17 1.42 -30.16
C THR A 54 -14.01 0.47 -30.53
N ASP A 55 -12.86 0.74 -29.95
CA ASP A 55 -11.69 -0.08 -30.17
C ASP A 55 -11.70 -1.22 -29.17
N GLY A 56 -12.30 -0.97 -28.03
CA GLY A 56 -12.32 -1.90 -26.94
C GLY A 56 -11.95 -1.16 -25.70
N TRP A 57 -11.60 -1.87 -24.64
CA TRP A 57 -11.14 -1.22 -23.42
C TRP A 57 -9.85 -0.44 -23.68
N THR A 58 -9.93 0.85 -23.58
CA THR A 58 -8.79 1.72 -23.73
C THR A 58 -7.86 1.55 -22.54
N ASN A 59 -6.65 2.08 -22.67
CA ASN A 59 -5.66 2.04 -21.59
C ASN A 59 -5.33 0.59 -21.26
N ASP A 60 -4.74 0.40 -20.14
CA ASP A 60 -4.47 -0.93 -19.65
C ASP A 60 -4.94 -0.97 -18.25
N ILE A 61 -4.81 -2.10 -17.67
CA ILE A 61 -5.10 -2.34 -16.31
C ILE A 61 -4.14 -1.48 -15.46
N PRO A 62 -4.68 -0.53 -14.71
CA PRO A 62 -3.87 0.37 -13.90
C PRO A 62 -3.15 -0.36 -12.81
N ILE A 63 -2.03 0.18 -12.43
CA ILE A 63 -1.16 -0.44 -11.49
C ILE A 63 -1.55 -0.07 -10.08
N CYS A 64 -1.60 -1.02 -9.23
CA CYS A 64 -1.78 -0.78 -7.83
C CYS A 64 -0.46 -1.07 -7.18
N GLU A 65 -0.16 -0.37 -6.14
CA GLU A 65 1.07 -0.56 -5.43
C GLU A 65 0.74 -0.71 -3.98
N VAL A 66 1.48 -1.54 -3.28
CA VAL A 66 1.24 -1.74 -1.88
C VAL A 66 1.70 -0.51 -1.10
N VAL A 67 0.81 -0.01 -0.25
CA VAL A 67 1.05 1.23 0.50
C VAL A 67 2.36 1.19 1.28
N LYS A 68 3.16 2.22 1.12
CA LYS A 68 4.47 2.31 1.71
C LYS A 68 4.50 3.40 2.77
N CYS A 69 5.58 3.44 3.51
CA CYS A 69 5.80 4.45 4.51
C CYS A 69 7.31 4.69 4.67
N LEU A 70 7.66 5.85 5.21
CA LEU A 70 9.00 6.31 5.43
C LEU A 70 9.81 5.32 6.26
N PRO A 71 11.00 4.98 5.79
CA PRO A 71 11.91 4.11 6.51
C PRO A 71 12.44 4.76 7.78
N VAL A 72 11.87 4.39 8.90
CA VAL A 72 12.31 4.87 10.19
C VAL A 72 13.75 4.35 10.45
N THR A 73 14.58 5.17 11.02
CA THR A 73 15.99 4.85 11.20
C THR A 73 16.22 3.80 12.30
N ALA A 74 16.26 4.26 13.55
CA ALA A 74 16.46 3.43 14.74
C ALA A 74 16.54 4.36 15.95
N PRO A 75 16.37 3.84 17.17
CA PRO A 75 16.63 4.62 18.36
C PRO A 75 18.15 4.77 18.57
N GLU A 76 18.53 5.41 19.62
CA GLU A 76 19.93 5.69 19.88
C GLU A 76 20.55 4.61 20.75
N ASN A 77 19.82 4.17 21.75
CA ASN A 77 20.33 3.13 22.64
C ASN A 77 19.62 1.81 22.38
N GLY A 78 19.05 1.70 21.21
CA GLY A 78 18.32 0.53 20.86
C GLY A 78 18.41 0.24 19.38
N LYS A 79 17.66 -0.73 18.94
CA LYS A 79 17.68 -1.16 17.57
C LYS A 79 16.30 -1.59 17.15
N ILE A 80 16.08 -1.72 15.87
CA ILE A 80 14.81 -2.17 15.36
C ILE A 80 14.80 -3.69 15.27
N VAL A 81 13.72 -4.30 15.70
CA VAL A 81 13.60 -5.75 15.71
C VAL A 81 13.13 -6.26 14.34
N SER A 82 12.44 -5.43 13.61
CA SER A 82 11.85 -5.80 12.36
C SER A 82 12.24 -4.82 11.29
N SER A 83 13.32 -5.10 10.59
CA SER A 83 13.79 -4.22 9.57
C SER A 83 14.46 -5.02 8.47
N ALA A 84 13.72 -5.28 7.42
CA ALA A 84 14.26 -5.96 6.28
C ALA A 84 14.56 -4.92 5.24
N MET A 85 15.78 -4.43 5.26
CA MET A 85 16.19 -3.41 4.35
C MET A 85 16.63 -4.04 3.04
N GLU A 86 15.66 -4.28 2.22
CA GLU A 86 15.86 -4.92 0.95
C GLU A 86 15.62 -3.88 -0.15
N PRO A 87 16.08 -4.16 -1.39
CA PRO A 87 15.79 -3.26 -2.53
C PRO A 87 14.35 -3.43 -3.00
N ASP A 88 13.71 -4.47 -2.52
CA ASP A 88 12.36 -4.78 -2.90
C ASP A 88 11.42 -4.39 -1.80
N ARG A 89 11.85 -4.62 -0.60
CA ARG A 89 11.04 -4.41 0.54
C ARG A 89 11.28 -3.10 1.22
N GLU A 90 10.41 -2.19 0.94
CA GLU A 90 10.31 -0.96 1.68
C GLU A 90 9.28 -1.23 2.76
N TYR A 91 8.98 -0.28 3.59
CA TYR A 91 7.97 -0.51 4.60
C TYR A 91 6.60 -0.42 3.99
N HIS A 92 5.72 -1.33 4.39
CA HIS A 92 4.39 -1.47 3.80
C HIS A 92 3.35 -1.65 4.87
N PHE A 93 2.09 -1.57 4.46
CA PHE A 93 0.94 -1.86 5.32
C PHE A 93 1.12 -3.21 6.01
N GLY A 94 0.95 -3.21 7.30
CA GLY A 94 1.02 -4.44 8.02
C GLY A 94 2.33 -4.65 8.71
N GLN A 95 3.34 -3.87 8.36
CA GLN A 95 4.61 -4.00 9.03
C GLN A 95 4.53 -3.35 10.39
N ALA A 96 5.19 -3.95 11.31
CA ALA A 96 5.22 -3.49 12.66
C ALA A 96 6.65 -3.31 13.07
N VAL A 97 7.10 -2.09 13.05
CA VAL A 97 8.43 -1.77 13.45
C VAL A 97 8.49 -1.70 14.94
N ARG A 98 8.90 -2.78 15.51
CA ARG A 98 9.07 -2.86 16.90
C ARG A 98 10.53 -2.62 17.20
N PHE A 99 10.78 -1.95 18.27
CA PHE A 99 12.09 -1.58 18.65
C PHE A 99 12.46 -2.31 19.89
N VAL A 100 13.72 -2.36 20.15
CA VAL A 100 14.22 -2.95 21.34
C VAL A 100 15.40 -2.16 21.80
N CYS A 101 15.45 -1.94 23.03
CA CYS A 101 16.53 -1.22 23.62
C CYS A 101 17.56 -2.21 24.08
N ASN A 102 18.80 -1.78 24.13
CA ASN A 102 19.86 -2.66 24.56
C ASN A 102 19.74 -2.92 26.03
N SER A 103 20.45 -3.90 26.49
CA SER A 103 20.41 -4.34 27.86
C SER A 103 20.66 -3.17 28.83
N GLY A 104 19.63 -2.78 29.54
CA GLY A 104 19.74 -1.72 30.49
C GLY A 104 18.88 -0.52 30.12
N TYR A 105 18.38 -0.48 28.91
CA TYR A 105 17.58 0.63 28.49
C TYR A 105 16.14 0.22 28.30
N LYS A 106 15.28 1.19 28.26
CA LYS A 106 13.88 0.94 28.03
C LYS A 106 13.38 1.94 27.05
N ILE A 107 12.32 1.62 26.39
CA ILE A 107 11.81 2.51 25.43
C ILE A 107 10.89 3.55 26.07
N GLU A 108 11.05 4.76 25.63
CA GLU A 108 10.33 5.92 26.14
C GLU A 108 8.88 5.89 25.69
N GLY A 109 8.69 5.76 24.42
CA GLY A 109 7.35 5.77 23.88
C GLY A 109 6.80 4.39 23.72
N ASP A 110 6.20 4.12 22.58
CA ASP A 110 5.65 2.81 22.32
C ASP A 110 6.81 1.94 21.86
N GLU A 111 6.61 0.68 21.75
CA GLU A 111 7.68 -0.20 21.40
C GLU A 111 7.57 -0.54 19.94
N GLU A 112 6.41 -0.27 19.37
CA GLU A 112 6.14 -0.63 18.02
C GLU A 112 5.29 0.38 17.30
N MET A 113 5.65 0.64 16.07
CA MET A 113 4.90 1.49 15.18
C MET A 113 4.44 0.67 14.00
N HIS A 114 3.19 0.77 13.71
CA HIS A 114 2.58 0.01 12.65
C HIS A 114 2.38 0.87 11.44
N CYS A 115 2.68 0.34 10.27
CA CYS A 115 2.42 1.03 9.03
C CYS A 115 1.01 0.68 8.63
N SER A 116 0.13 1.62 8.76
CA SER A 116 -1.28 1.38 8.60
C SER A 116 -1.82 1.86 7.25
N ASP A 117 -3.14 1.73 7.07
CA ASP A 117 -3.92 2.05 5.83
C ASP A 117 -3.52 3.37 5.21
N ASP A 118 -3.28 4.35 6.05
CA ASP A 118 -2.94 5.71 5.65
C ASP A 118 -1.61 5.78 4.87
N GLY A 119 -0.81 4.72 4.96
CA GLY A 119 0.50 4.74 4.37
C GLY A 119 1.47 5.52 5.25
N PHE A 120 1.23 5.46 6.55
CA PHE A 120 2.03 6.15 7.54
C PHE A 120 2.15 5.28 8.77
N TRP A 121 2.98 5.70 9.69
CA TRP A 121 3.13 5.03 10.96
C TRP A 121 2.10 5.59 11.91
N SER A 122 1.46 4.75 12.68
CA SER A 122 0.46 5.21 13.63
C SER A 122 1.08 5.70 14.96
N LYS A 123 2.39 5.58 15.06
CA LYS A 123 3.12 6.00 16.23
C LYS A 123 4.27 6.89 15.85
N GLU A 124 4.78 7.61 16.81
CA GLU A 124 5.89 8.52 16.59
C GLU A 124 7.20 7.82 16.96
N LYS A 125 8.32 8.41 16.56
CA LYS A 125 9.65 7.90 16.85
C LYS A 125 9.95 7.93 18.36
N PRO A 126 10.16 6.76 19.00
CA PRO A 126 10.51 6.69 20.40
C PRO A 126 12.03 6.71 20.65
N LYS A 127 12.41 6.69 21.90
CA LYS A 127 13.79 6.77 22.37
C LYS A 127 14.06 5.67 23.38
N CYS A 128 15.30 5.28 23.54
CA CYS A 128 15.69 4.33 24.58
C CYS A 128 16.36 5.09 25.70
N VAL A 129 15.78 5.00 26.85
CA VAL A 129 16.19 5.73 28.02
C VAL A 129 16.64 4.78 29.12
N PRO A 7 -19.88 -5.63 -25.05
CA PRO A 7 -19.34 -5.25 -26.36
C PRO A 7 -17.86 -4.89 -26.25
N CYS A 8 -17.46 -4.47 -25.07
CA CYS A 8 -16.09 -4.17 -24.77
C CYS A 8 -15.41 -5.43 -24.29
N GLY A 9 -16.17 -6.26 -23.63
CA GLY A 9 -15.74 -7.54 -23.27
C GLY A 9 -15.59 -7.64 -21.83
N HIS A 10 -14.47 -7.24 -21.40
CA HIS A 10 -14.05 -7.35 -20.05
C HIS A 10 -12.72 -6.61 -19.98
N PRO A 11 -12.49 -5.74 -18.99
CA PRO A 11 -11.26 -4.94 -18.91
C PRO A 11 -10.13 -5.67 -18.18
N GLY A 12 -10.43 -6.82 -17.67
CA GLY A 12 -9.49 -7.60 -16.95
C GLY A 12 -10.06 -7.94 -15.60
N ASP A 13 -9.20 -8.32 -14.71
CA ASP A 13 -9.52 -8.66 -13.33
C ASP A 13 -8.22 -8.49 -12.58
N THR A 14 -8.27 -8.16 -11.32
CA THR A 14 -7.05 -7.95 -10.60
C THR A 14 -7.03 -8.69 -9.26
N PRO A 15 -5.99 -9.49 -9.01
CA PRO A 15 -5.83 -10.20 -7.74
C PRO A 15 -5.47 -9.25 -6.60
N PHE A 16 -5.03 -8.05 -6.96
CA PHE A 16 -4.61 -7.05 -6.00
C PHE A 16 -5.78 -6.28 -5.44
N GLY A 17 -6.95 -6.50 -5.97
CA GLY A 17 -8.07 -5.79 -5.47
C GLY A 17 -9.30 -5.98 -6.27
N THR A 18 -9.91 -4.90 -6.61
CA THR A 18 -11.18 -4.91 -7.30
C THR A 18 -11.24 -3.81 -8.35
N PHE A 19 -12.35 -3.74 -9.06
CA PHE A 19 -12.61 -2.65 -9.95
C PHE A 19 -14.10 -2.43 -9.99
N THR A 20 -14.49 -1.25 -10.32
CA THR A 20 -15.87 -0.88 -10.36
C THR A 20 -16.15 -0.34 -11.75
N LEU A 21 -17.35 -0.46 -12.16
CA LEU A 21 -17.75 0.00 -13.45
C LEU A 21 -18.65 1.19 -13.28
N THR A 22 -18.32 2.26 -13.94
CA THR A 22 -19.05 3.50 -13.81
C THR A 22 -19.60 3.93 -15.16
N GLY A 23 -20.84 4.32 -15.18
CA GLY A 23 -21.46 4.78 -16.40
C GLY A 23 -22.45 3.77 -16.93
N GLY A 24 -22.05 2.53 -16.94
CA GLY A 24 -22.93 1.49 -17.42
C GLY A 24 -23.07 0.34 -16.45
N ASN A 25 -22.13 0.24 -15.50
CA ASN A 25 -22.09 -0.82 -14.45
C ASN A 25 -21.91 -2.23 -15.09
N VAL A 26 -21.49 -2.23 -16.34
CA VAL A 26 -21.28 -3.45 -17.14
C VAL A 26 -20.14 -3.18 -18.08
N PHE A 27 -19.87 -4.05 -19.02
CA PHE A 27 -18.75 -3.84 -19.92
C PHE A 27 -19.24 -3.34 -21.28
N GLU A 28 -20.15 -2.38 -21.23
CA GLU A 28 -20.72 -1.72 -22.40
C GLU A 28 -19.86 -0.53 -22.86
N TYR A 29 -20.31 0.19 -23.84
CA TYR A 29 -19.58 1.34 -24.31
C TYR A 29 -19.81 2.55 -23.43
N GLY A 30 -18.77 3.29 -23.16
CA GLY A 30 -18.87 4.47 -22.35
C GLY A 30 -18.73 4.17 -20.89
N VAL A 31 -18.45 2.93 -20.54
CA VAL A 31 -18.30 2.59 -19.15
C VAL A 31 -16.83 2.67 -18.77
N LYS A 32 -16.58 3.13 -17.59
CA LYS A 32 -15.25 3.22 -17.09
C LYS A 32 -15.03 2.16 -16.06
N ALA A 33 -14.07 1.34 -16.30
CA ALA A 33 -13.65 0.33 -15.39
C ALA A 33 -12.64 0.96 -14.46
N VAL A 34 -13.13 1.50 -13.40
CA VAL A 34 -12.34 2.17 -12.45
C VAL A 34 -11.80 1.16 -11.48
N TYR A 35 -10.51 0.99 -11.46
CA TYR A 35 -9.90 0.00 -10.62
C TYR A 35 -9.64 0.55 -9.24
N THR A 36 -9.76 -0.29 -8.26
CA THR A 36 -9.50 0.08 -6.90
C THR A 36 -8.90 -1.12 -6.16
N CYS A 37 -7.68 -0.93 -5.72
CA CYS A 37 -6.90 -1.96 -5.09
C CYS A 37 -7.42 -2.25 -3.68
N ASN A 38 -6.98 -3.36 -3.14
CA ASN A 38 -7.33 -3.73 -1.78
C ASN A 38 -6.56 -2.91 -0.79
N GLU A 39 -6.92 -3.04 0.47
CA GLU A 39 -6.36 -2.22 1.55
C GLU A 39 -4.85 -2.35 1.68
N GLY A 40 -4.33 -3.55 1.51
CA GLY A 40 -2.89 -3.78 1.60
C GLY A 40 -2.13 -3.27 0.38
N TYR A 41 -2.80 -2.50 -0.45
CA TYR A 41 -2.26 -1.98 -1.67
C TYR A 41 -2.86 -0.63 -1.92
N GLN A 42 -2.33 0.03 -2.87
CA GLN A 42 -2.82 1.28 -3.31
C GLN A 42 -2.70 1.28 -4.78
N LEU A 43 -3.20 2.28 -5.40
CA LEU A 43 -3.14 2.34 -6.80
C LEU A 43 -2.00 3.26 -7.19
N LEU A 44 -1.25 2.85 -8.17
CA LEU A 44 -0.11 3.57 -8.61
C LEU A 44 -0.23 3.78 -10.11
N GLY A 45 0.08 4.97 -10.52
CA GLY A 45 0.05 5.30 -11.91
C GLY A 45 -0.74 6.56 -12.11
N GLU A 46 -0.84 6.99 -13.33
CA GLU A 46 -1.61 8.16 -13.66
C GLU A 46 -3.00 7.73 -14.10
N ILE A 47 -3.08 6.47 -14.43
CA ILE A 47 -4.29 5.85 -14.85
C ILE A 47 -4.86 5.06 -13.67
N ASN A 48 -6.17 5.05 -13.54
CA ASN A 48 -6.83 4.29 -12.49
C ASN A 48 -8.08 3.66 -13.03
N TYR A 49 -8.25 3.74 -14.31
CA TYR A 49 -9.48 3.32 -14.92
C TYR A 49 -9.24 2.99 -16.36
N ARG A 50 -10.12 2.23 -16.91
CA ARG A 50 -10.12 1.95 -18.32
C ARG A 50 -11.44 2.42 -18.85
N GLU A 51 -11.44 3.17 -19.87
CA GLU A 51 -12.67 3.68 -20.40
C GLU A 51 -12.99 2.92 -21.67
N CYS A 52 -14.18 2.43 -21.80
CA CYS A 52 -14.51 1.77 -23.03
C CYS A 52 -14.91 2.78 -24.06
N ASP A 53 -14.01 3.02 -24.97
CA ASP A 53 -14.21 3.92 -26.08
C ASP A 53 -14.68 3.09 -27.23
N THR A 54 -14.89 3.69 -28.36
CA THR A 54 -15.40 3.04 -29.53
C THR A 54 -14.40 1.97 -30.03
N ASP A 55 -13.15 2.14 -29.63
CA ASP A 55 -12.07 1.21 -29.95
C ASP A 55 -12.17 -0.02 -29.06
N GLY A 56 -12.57 0.22 -27.84
CA GLY A 56 -12.59 -0.79 -26.82
C GLY A 56 -12.10 -0.18 -25.53
N TRP A 57 -11.66 -0.98 -24.59
CA TRP A 57 -11.12 -0.45 -23.36
C TRP A 57 -9.83 0.30 -23.62
N THR A 58 -9.81 1.53 -23.23
CA THR A 58 -8.64 2.33 -23.34
C THR A 58 -7.74 2.00 -22.16
N ASN A 59 -6.48 2.37 -22.27
CA ASN A 59 -5.50 2.23 -21.19
C ASN A 59 -5.31 0.77 -20.84
N ASP A 60 -4.70 0.54 -19.73
CA ASP A 60 -4.54 -0.80 -19.21
C ASP A 60 -5.00 -0.84 -17.80
N ILE A 61 -4.89 -1.99 -17.21
CA ILE A 61 -5.16 -2.15 -15.81
C ILE A 61 -4.08 -1.39 -15.04
N PRO A 62 -4.46 -0.45 -14.18
CA PRO A 62 -3.53 0.33 -13.39
C PRO A 62 -2.81 -0.55 -12.36
N ILE A 63 -1.67 -0.10 -11.91
CA ILE A 63 -0.83 -0.90 -11.06
C ILE A 63 -1.25 -0.76 -9.61
N CYS A 64 -1.38 -1.86 -8.95
CA CYS A 64 -1.64 -1.84 -7.54
C CYS A 64 -0.35 -2.06 -6.82
N GLU A 65 0.20 -1.00 -6.32
CA GLU A 65 1.41 -1.06 -5.58
C GLU A 65 1.10 -1.32 -4.17
N VAL A 66 2.03 -1.88 -3.53
CA VAL A 66 1.87 -2.25 -2.18
C VAL A 66 2.07 -1.05 -1.33
N VAL A 67 1.23 -0.92 -0.36
CA VAL A 67 1.35 0.16 0.58
C VAL A 67 2.57 -0.06 1.45
N LYS A 68 3.61 0.61 1.07
CA LYS A 68 4.87 0.49 1.70
C LYS A 68 4.96 1.47 2.82
N CYS A 69 5.38 1.01 3.93
CA CYS A 69 5.55 1.84 5.07
C CYS A 69 6.99 2.28 5.07
N LEU A 70 7.22 3.58 5.16
CA LEU A 70 8.53 4.16 5.10
C LEU A 70 9.55 3.53 6.03
N PRO A 71 10.78 3.35 5.53
CA PRO A 71 11.83 2.67 6.24
C PRO A 71 12.34 3.48 7.43
N VAL A 72 12.28 2.89 8.58
CA VAL A 72 12.75 3.50 9.78
C VAL A 72 14.20 3.09 9.96
N THR A 73 15.07 4.05 10.21
CA THR A 73 16.45 3.80 10.36
C THR A 73 16.77 3.14 11.71
N ALA A 74 16.57 3.90 12.80
CA ALA A 74 16.83 3.47 14.17
C ALA A 74 16.65 4.68 15.07
N PRO A 75 16.24 4.48 16.33
CA PRO A 75 16.16 5.55 17.30
C PRO A 75 17.56 5.90 17.82
N GLU A 76 17.62 6.94 18.61
CA GLU A 76 18.88 7.49 19.13
C GLU A 76 19.68 6.51 20.01
N ASN A 77 19.04 5.93 21.00
CA ASN A 77 19.72 5.11 22.00
C ASN A 77 19.12 3.75 22.03
N GLY A 78 18.51 3.41 20.95
CA GLY A 78 17.90 2.14 20.79
C GLY A 78 18.14 1.63 19.40
N LYS A 79 17.61 0.49 19.08
CA LYS A 79 17.82 -0.11 17.80
C LYS A 79 16.55 -0.81 17.37
N ILE A 80 16.44 -1.11 16.11
CA ILE A 80 15.27 -1.77 15.60
C ILE A 80 15.48 -3.28 15.63
N VAL A 81 14.46 -4.00 16.08
CA VAL A 81 14.52 -5.45 16.26
C VAL A 81 14.54 -6.18 14.91
N SER A 82 14.05 -5.52 13.92
CA SER A 82 13.96 -6.05 12.59
C SER A 82 14.72 -5.09 11.66
N SER A 83 14.87 -5.45 10.41
CA SER A 83 15.53 -4.61 9.40
C SER A 83 15.18 -5.09 8.00
N ALA A 84 15.27 -6.39 7.81
CA ALA A 84 14.96 -6.99 6.54
C ALA A 84 14.45 -8.39 6.76
N MET A 85 13.21 -8.47 7.14
CA MET A 85 12.56 -9.73 7.41
C MET A 85 12.06 -10.39 6.13
N GLU A 86 11.84 -9.59 5.11
CA GLU A 86 11.38 -10.10 3.85
C GLU A 86 12.48 -9.96 2.83
N PRO A 87 12.57 -10.86 1.83
CA PRO A 87 13.59 -10.77 0.75
C PRO A 87 13.23 -9.67 -0.25
N ASP A 88 12.08 -9.07 -0.03
CA ASP A 88 11.56 -8.00 -0.85
C ASP A 88 12.10 -6.72 -0.25
N ARG A 89 12.36 -6.83 1.07
CA ARG A 89 13.05 -5.87 1.92
C ARG A 89 12.31 -4.61 2.24
N GLU A 90 11.33 -4.38 1.50
CA GLU A 90 10.45 -3.25 1.69
C GLU A 90 9.51 -3.54 2.83
N TYR A 91 9.01 -2.52 3.45
CA TYR A 91 8.05 -2.69 4.51
C TYR A 91 6.67 -2.60 3.90
N HIS A 92 5.80 -3.49 4.27
CA HIS A 92 4.48 -3.56 3.64
C HIS A 92 3.43 -3.59 4.73
N PHE A 93 2.19 -3.27 4.38
CA PHE A 93 1.04 -3.36 5.29
C PHE A 93 0.98 -4.75 5.93
N GLY A 94 1.31 -4.79 7.20
CA GLY A 94 1.39 -6.02 7.93
C GLY A 94 2.59 -6.00 8.82
N GLN A 95 3.56 -5.18 8.43
CA GLN A 95 4.77 -5.06 9.17
C GLN A 95 4.63 -4.19 10.39
N ALA A 96 5.56 -4.36 11.29
CA ALA A 96 5.61 -3.64 12.53
C ALA A 96 7.06 -3.46 12.93
N VAL A 97 7.48 -2.24 13.02
CA VAL A 97 8.82 -1.93 13.42
C VAL A 97 8.87 -1.87 14.93
N ARG A 98 9.47 -2.87 15.52
CA ARG A 98 9.63 -2.91 16.92
C ARG A 98 11.03 -2.47 17.27
N PHE A 99 11.15 -1.73 18.33
CA PHE A 99 12.40 -1.17 18.74
C PHE A 99 12.81 -1.77 20.06
N VAL A 100 14.07 -1.65 20.35
CA VAL A 100 14.60 -2.09 21.59
C VAL A 100 15.65 -1.11 22.07
N CYS A 101 15.49 -0.70 23.27
CA CYS A 101 16.36 0.25 23.91
C CYS A 101 17.48 -0.47 24.59
N ASN A 102 18.62 0.20 24.72
CA ASN A 102 19.75 -0.42 25.40
C ASN A 102 19.50 -0.58 26.89
N SER A 103 20.48 -1.12 27.56
CA SER A 103 20.45 -1.54 28.95
C SER A 103 19.86 -0.53 29.93
N GLY A 104 20.16 0.71 29.74
CA GLY A 104 19.71 1.71 30.65
C GLY A 104 18.65 2.62 30.08
N TYR A 105 18.04 2.22 28.99
CA TYR A 105 17.06 3.06 28.39
C TYR A 105 15.71 2.43 28.41
N LYS A 106 14.71 3.25 28.32
CA LYS A 106 13.36 2.79 28.22
C LYS A 106 12.77 3.43 27.02
N ILE A 107 11.74 2.88 26.49
CA ILE A 107 11.17 3.45 25.36
C ILE A 107 10.06 4.43 25.75
N GLU A 108 10.05 5.52 25.04
CA GLU A 108 9.16 6.64 25.21
C GLU A 108 7.67 6.23 25.30
N GLY A 109 7.19 5.58 24.27
CA GLY A 109 5.81 5.19 24.26
C GLY A 109 5.66 3.74 23.94
N ASP A 110 5.27 3.47 22.73
CA ASP A 110 5.12 2.09 22.25
C ASP A 110 6.46 1.58 21.87
N GLU A 111 6.62 0.29 21.82
CA GLU A 111 7.90 -0.25 21.42
C GLU A 111 7.81 -0.74 19.99
N GLU A 112 6.68 -0.51 19.38
CA GLU A 112 6.41 -0.99 18.06
C GLU A 112 5.51 -0.05 17.32
N MET A 113 5.72 0.03 16.04
CA MET A 113 4.88 0.78 15.15
C MET A 113 4.38 -0.13 14.06
N HIS A 114 3.10 -0.23 13.96
CA HIS A 114 2.46 -1.11 13.01
C HIS A 114 2.01 -0.33 11.78
N CYS A 115 2.07 -0.97 10.63
CA CYS A 115 1.63 -0.37 9.37
C CYS A 115 0.16 -0.04 9.34
N SER A 116 -0.15 0.99 8.61
CA SER A 116 -1.49 1.38 8.34
C SER A 116 -1.62 1.53 6.81
N ASP A 117 -2.84 1.49 6.29
CA ASP A 117 -3.09 1.45 4.82
C ASP A 117 -2.75 2.76 4.12
N ASP A 118 -2.32 3.74 4.87
CA ASP A 118 -1.87 5.02 4.31
C ASP A 118 -0.48 4.87 3.70
N GLY A 119 0.19 3.77 4.05
CA GLY A 119 1.57 3.60 3.65
C GLY A 119 2.47 4.23 4.69
N PHE A 120 1.95 4.37 5.87
CA PHE A 120 2.67 4.94 6.98
C PHE A 120 2.42 4.09 8.20
N TRP A 121 3.17 4.36 9.23
CA TRP A 121 3.04 3.66 10.47
C TRP A 121 1.98 4.35 11.31
N SER A 122 1.33 3.60 12.16
CA SER A 122 0.34 4.14 13.06
C SER A 122 1.04 4.97 14.13
N LYS A 123 2.04 4.39 14.75
CA LYS A 123 2.75 5.08 15.77
C LYS A 123 3.89 5.88 15.21
N GLU A 124 4.18 6.95 15.87
CA GLU A 124 5.28 7.82 15.51
C GLU A 124 6.50 7.32 16.23
N LYS A 125 7.68 7.52 15.66
CA LYS A 125 8.90 6.93 16.23
C LYS A 125 9.19 7.34 17.66
N PRO A 126 9.10 6.36 18.60
CA PRO A 126 9.44 6.56 20.00
C PRO A 126 10.94 6.68 20.17
N LYS A 127 11.34 7.02 21.34
CA LYS A 127 12.73 7.22 21.62
C LYS A 127 13.12 6.33 22.75
N CYS A 128 14.39 6.22 22.92
CA CYS A 128 14.94 5.55 24.06
C CYS A 128 15.50 6.59 24.99
N VAL A 129 14.77 6.81 26.04
CA VAL A 129 15.04 7.88 26.96
C VAL A 129 15.60 7.38 28.29
N PRO A 7 -19.71 -6.65 -25.01
CA PRO A 7 -19.09 -6.52 -26.33
C PRO A 7 -17.61 -6.14 -26.22
N CYS A 8 -17.28 -5.53 -25.10
CA CYS A 8 -15.93 -5.11 -24.82
C CYS A 8 -15.19 -6.29 -24.26
N GLY A 9 -15.91 -7.11 -23.55
CA GLY A 9 -15.42 -8.34 -23.08
C GLY A 9 -15.36 -8.32 -21.62
N HIS A 10 -14.28 -7.81 -21.17
CA HIS A 10 -13.90 -7.73 -19.80
C HIS A 10 -12.53 -7.06 -19.83
N PRO A 11 -12.30 -6.01 -19.03
CA PRO A 11 -11.03 -5.27 -19.10
C PRO A 11 -9.87 -6.03 -18.47
N GLY A 12 -10.18 -6.78 -17.47
CA GLY A 12 -9.24 -7.50 -16.70
C GLY A 12 -9.59 -7.29 -15.26
N ASP A 13 -8.89 -7.89 -14.37
CA ASP A 13 -9.17 -7.72 -12.96
C ASP A 13 -7.89 -7.52 -12.22
N THR A 14 -7.99 -7.02 -11.03
CA THR A 14 -6.86 -6.74 -10.24
C THR A 14 -6.90 -7.56 -8.94
N PRO A 15 -5.80 -8.24 -8.61
CA PRO A 15 -5.70 -9.02 -7.38
C PRO A 15 -5.48 -8.11 -6.16
N PHE A 16 -5.18 -6.86 -6.42
CA PHE A 16 -4.90 -5.90 -5.39
C PHE A 16 -6.18 -5.22 -4.91
N GLY A 17 -7.28 -5.54 -5.52
CA GLY A 17 -8.48 -4.93 -5.12
C GLY A 17 -9.66 -5.29 -5.96
N THR A 18 -10.33 -4.29 -6.42
CA THR A 18 -11.56 -4.44 -7.16
C THR A 18 -11.61 -3.48 -8.34
N PHE A 19 -12.57 -3.65 -9.19
CA PHE A 19 -12.82 -2.68 -10.22
C PHE A 19 -14.31 -2.54 -10.38
N THR A 20 -14.73 -1.38 -10.67
CA THR A 20 -16.11 -1.06 -10.79
C THR A 20 -16.35 -0.57 -12.20
N LEU A 21 -17.56 -0.58 -12.63
CA LEU A 21 -17.90 -0.19 -13.95
C LEU A 21 -18.85 0.98 -13.91
N THR A 22 -18.45 2.06 -14.51
CA THR A 22 -19.19 3.27 -14.47
C THR A 22 -19.80 3.60 -15.83
N GLY A 23 -21.08 3.87 -15.83
CA GLY A 23 -21.77 4.21 -17.04
C GLY A 23 -22.76 3.15 -17.40
N GLY A 24 -22.29 1.95 -17.51
CA GLY A 24 -23.16 0.86 -17.87
C GLY A 24 -23.20 -0.24 -16.84
N ASN A 25 -22.26 -0.21 -15.89
CA ASN A 25 -22.13 -1.24 -14.81
C ASN A 25 -21.86 -2.63 -15.39
N VAL A 26 -21.41 -2.68 -16.62
CA VAL A 26 -21.18 -3.92 -17.37
C VAL A 26 -20.07 -3.64 -18.36
N PHE A 27 -19.75 -4.58 -19.22
CA PHE A 27 -18.65 -4.39 -20.16
C PHE A 27 -19.17 -3.97 -21.53
N GLU A 28 -20.10 -3.03 -21.51
CA GLU A 28 -20.68 -2.45 -22.73
C GLU A 28 -19.84 -1.29 -23.25
N TYR A 29 -20.27 -0.70 -24.33
CA TYR A 29 -19.59 0.45 -24.87
C TYR A 29 -19.89 1.70 -24.06
N GLY A 30 -18.86 2.48 -23.81
CA GLY A 30 -19.00 3.72 -23.08
C GLY A 30 -18.72 3.57 -21.61
N VAL A 31 -18.55 2.35 -21.15
CA VAL A 31 -18.39 2.11 -19.73
C VAL A 31 -16.92 2.24 -19.37
N LYS A 32 -16.68 2.70 -18.19
CA LYS A 32 -15.35 2.84 -17.69
C LYS A 32 -15.12 1.83 -16.59
N ALA A 33 -14.11 1.05 -16.75
CA ALA A 33 -13.68 0.10 -15.77
C ALA A 33 -12.74 0.82 -14.83
N VAL A 34 -13.28 1.28 -13.76
CA VAL A 34 -12.57 2.01 -12.79
C VAL A 34 -12.00 1.05 -11.77
N TYR A 35 -10.72 0.96 -11.74
CA TYR A 35 -10.02 0.09 -10.84
C TYR A 35 -9.77 0.79 -9.52
N THR A 36 -10.01 0.11 -8.44
CA THR A 36 -9.81 0.64 -7.14
C THR A 36 -9.28 -0.47 -6.20
N CYS A 37 -8.16 -0.22 -5.61
CA CYS A 37 -7.45 -1.17 -4.80
C CYS A 37 -8.08 -1.37 -3.43
N ASN A 38 -7.66 -2.43 -2.74
CA ASN A 38 -8.13 -2.76 -1.42
C ASN A 38 -7.34 -2.03 -0.36
N GLU A 39 -7.65 -2.32 0.88
CA GLU A 39 -7.08 -1.71 2.09
C GLU A 39 -5.57 -1.52 2.05
N GLY A 40 -4.85 -2.57 1.79
CA GLY A 40 -3.42 -2.49 1.83
C GLY A 40 -2.82 -2.17 0.51
N TYR A 41 -3.61 -1.68 -0.41
CA TYR A 41 -3.12 -1.39 -1.74
C TYR A 41 -3.56 -0.03 -2.22
N GLN A 42 -2.75 0.61 -3.00
CA GLN A 42 -3.05 1.91 -3.48
C GLN A 42 -2.69 1.98 -4.94
N LEU A 43 -3.23 2.89 -5.64
CA LEU A 43 -2.97 2.93 -7.03
C LEU A 43 -1.67 3.65 -7.30
N LEU A 44 -0.93 3.16 -8.24
CA LEU A 44 0.30 3.75 -8.59
C LEU A 44 0.21 4.19 -10.05
N GLY A 45 0.43 5.45 -10.27
CA GLY A 45 0.30 6.00 -11.61
C GLY A 45 -0.79 7.07 -11.66
N GLU A 46 -1.27 7.34 -12.86
CA GLU A 46 -2.29 8.35 -13.08
C GLU A 46 -3.61 7.65 -13.39
N ILE A 47 -3.53 6.71 -14.30
CA ILE A 47 -4.68 6.01 -14.83
C ILE A 47 -5.25 5.04 -13.81
N ASN A 48 -6.55 5.12 -13.58
CA ASN A 48 -7.21 4.20 -12.67
C ASN A 48 -8.43 3.60 -13.33
N TYR A 49 -8.55 3.77 -14.63
CA TYR A 49 -9.71 3.28 -15.32
C TYR A 49 -9.37 2.90 -16.75
N ARG A 50 -10.23 2.12 -17.34
CA ARG A 50 -10.15 1.79 -18.74
C ARG A 50 -11.49 2.11 -19.31
N GLU A 51 -11.55 2.80 -20.40
CA GLU A 51 -12.84 3.13 -20.95
C GLU A 51 -13.09 2.32 -22.18
N CYS A 52 -14.25 1.73 -22.29
CA CYS A 52 -14.55 1.02 -23.49
C CYS A 52 -15.01 1.98 -24.55
N ASP A 53 -14.11 2.33 -25.41
CA ASP A 53 -14.39 3.22 -26.49
C ASP A 53 -14.69 2.35 -27.71
N THR A 54 -14.72 2.92 -28.89
CA THR A 54 -15.10 2.21 -30.10
C THR A 54 -14.18 1.00 -30.39
N ASP A 55 -12.93 1.08 -29.96
CA ASP A 55 -11.98 -0.01 -30.18
C ASP A 55 -12.11 -1.04 -29.08
N GLY A 56 -12.61 -0.61 -27.97
CA GLY A 56 -12.70 -1.45 -26.81
C GLY A 56 -12.11 -0.75 -25.65
N TRP A 57 -11.64 -1.51 -24.69
CA TRP A 57 -11.04 -0.96 -23.50
C TRP A 57 -9.76 -0.20 -23.79
N THR A 58 -9.80 1.09 -23.58
CA THR A 58 -8.66 1.94 -23.74
C THR A 58 -7.70 1.69 -22.58
N ASN A 59 -6.52 2.29 -22.65
CA ASN A 59 -5.52 2.20 -21.57
C ASN A 59 -5.17 0.75 -21.33
N ASP A 60 -4.69 0.45 -20.17
CA ASP A 60 -4.46 -0.93 -19.80
C ASP A 60 -4.86 -1.04 -18.36
N ILE A 61 -4.69 -2.18 -17.83
CA ILE A 61 -4.90 -2.45 -16.45
C ILE A 61 -3.88 -1.63 -15.66
N PRO A 62 -4.34 -0.70 -14.83
CA PRO A 62 -3.46 0.19 -14.09
C PRO A 62 -2.68 -0.54 -13.02
N ILE A 63 -1.61 0.06 -12.58
CA ILE A 63 -0.74 -0.55 -11.62
C ILE A 63 -1.17 -0.20 -10.21
N CYS A 64 -1.27 -1.18 -9.40
CA CYS A 64 -1.57 -0.98 -8.02
C CYS A 64 -0.36 -1.40 -7.26
N GLU A 65 0.01 -0.65 -6.29
CA GLU A 65 1.14 -0.94 -5.51
C GLU A 65 0.66 -1.13 -4.10
N VAL A 66 1.42 -1.81 -3.35
CA VAL A 66 1.10 -2.10 -2.01
C VAL A 66 1.43 -0.89 -1.19
N VAL A 67 0.55 -0.59 -0.28
CA VAL A 67 0.74 0.55 0.61
C VAL A 67 2.01 0.33 1.39
N LYS A 68 2.89 1.26 1.27
CA LYS A 68 4.16 1.18 1.93
C LYS A 68 4.33 2.37 2.86
N CYS A 69 5.16 2.20 3.84
CA CYS A 69 5.45 3.20 4.83
C CYS A 69 6.88 3.75 4.63
N LEU A 70 7.35 4.55 5.56
CA LEU A 70 8.62 5.16 5.46
C LEU A 70 9.66 4.33 6.22
N PRO A 71 10.82 4.11 5.59
CA PRO A 71 11.93 3.38 6.21
C PRO A 71 12.39 4.05 7.52
N VAL A 72 12.34 3.30 8.60
CA VAL A 72 12.69 3.82 9.90
C VAL A 72 14.19 3.68 10.10
N THR A 73 14.79 4.63 10.74
CA THR A 73 16.17 4.55 11.07
C THR A 73 16.41 3.63 12.28
N ALA A 74 16.25 4.18 13.49
CA ALA A 74 16.42 3.47 14.77
C ALA A 74 16.37 4.50 15.88
N PRO A 75 16.02 4.10 17.13
CA PRO A 75 16.09 5.02 18.27
C PRO A 75 17.55 5.33 18.63
N GLU A 76 17.73 6.37 19.38
CA GLU A 76 19.05 6.88 19.73
C GLU A 76 19.89 5.89 20.53
N ASN A 77 19.32 5.36 21.57
CA ASN A 77 20.02 4.43 22.44
C ASN A 77 19.38 3.09 22.33
N GLY A 78 18.98 2.76 21.13
CA GLY A 78 18.39 1.49 20.88
C GLY A 78 18.59 1.07 19.46
N LYS A 79 17.84 0.09 19.02
CA LYS A 79 17.93 -0.44 17.69
C LYS A 79 16.61 -1.08 17.34
N ILE A 80 16.47 -1.50 16.12
CA ILE A 80 15.24 -2.11 15.68
C ILE A 80 15.28 -3.63 15.93
N VAL A 81 14.19 -4.15 16.45
CA VAL A 81 14.02 -5.57 16.73
C VAL A 81 13.80 -6.32 15.43
N SER A 82 12.98 -5.76 14.61
CA SER A 82 12.67 -6.34 13.35
C SER A 82 13.76 -5.95 12.34
N SER A 83 14.81 -6.73 12.27
CA SER A 83 15.93 -6.42 11.40
C SER A 83 15.68 -6.91 9.96
N ALA A 84 14.95 -7.97 9.83
CA ALA A 84 14.63 -8.52 8.53
C ALA A 84 13.20 -8.98 8.52
N MET A 85 12.32 -8.13 8.06
CA MET A 85 10.91 -8.45 8.04
C MET A 85 10.47 -8.79 6.61
N GLU A 86 11.04 -8.10 5.64
CA GLU A 86 10.75 -8.32 4.24
C GLU A 86 12.01 -8.02 3.44
N PRO A 87 12.25 -8.73 2.32
CA PRO A 87 13.47 -8.53 1.48
C PRO A 87 13.36 -7.30 0.57
N ASP A 88 12.25 -6.61 0.66
CA ASP A 88 11.96 -5.43 -0.16
C ASP A 88 12.38 -4.22 0.63
N ARG A 89 12.19 -4.35 1.95
CA ARG A 89 12.59 -3.39 2.96
C ARG A 89 12.01 -2.00 2.80
N GLU A 90 10.98 -1.89 2.03
CA GLU A 90 10.34 -0.61 1.78
C GLU A 90 9.24 -0.38 2.79
N TYR A 91 8.96 -1.43 3.52
CA TYR A 91 8.00 -1.50 4.62
C TYR A 91 6.60 -1.39 4.12
N HIS A 92 5.99 -2.50 3.87
CA HIS A 92 4.65 -2.48 3.37
C HIS A 92 3.63 -2.65 4.48
N PHE A 93 2.43 -2.22 4.19
CA PHE A 93 1.27 -2.33 5.05
C PHE A 93 1.13 -3.76 5.54
N GLY A 94 1.12 -3.91 6.84
CA GLY A 94 1.03 -5.20 7.43
C GLY A 94 2.27 -5.58 8.20
N GLN A 95 3.35 -4.79 8.07
CA GLN A 95 4.56 -5.09 8.80
C GLN A 95 4.57 -4.42 10.14
N ALA A 96 5.13 -5.12 11.07
CA ALA A 96 5.27 -4.64 12.41
C ALA A 96 6.74 -4.44 12.67
N VAL A 97 7.10 -3.28 13.09
CA VAL A 97 8.46 -3.03 13.38
C VAL A 97 8.61 -2.72 14.86
N ARG A 98 9.34 -3.54 15.54
CA ARG A 98 9.54 -3.35 16.96
C ARG A 98 10.93 -2.80 17.19
N PHE A 99 11.13 -2.16 18.31
CA PHE A 99 12.37 -1.49 18.65
C PHE A 99 12.78 -1.95 20.02
N VAL A 100 14.04 -1.89 20.28
CA VAL A 100 14.56 -2.30 21.55
C VAL A 100 15.56 -1.27 21.97
N CYS A 101 15.73 -1.12 23.23
CA CYS A 101 16.66 -0.20 23.78
C CYS A 101 17.84 -0.96 24.29
N ASN A 102 19.00 -0.35 24.18
CA ASN A 102 20.25 -0.98 24.59
C ASN A 102 20.27 -1.20 26.08
N SER A 103 21.27 -1.88 26.53
CA SER A 103 21.46 -2.25 27.90
C SER A 103 21.41 -1.04 28.85
N GLY A 104 20.31 -0.91 29.56
CA GLY A 104 20.16 0.15 30.52
C GLY A 104 19.17 1.20 30.07
N TYR A 105 18.64 1.05 28.87
CA TYR A 105 17.69 1.99 28.38
C TYR A 105 16.35 1.36 28.26
N LYS A 106 15.35 2.15 28.40
CA LYS A 106 14.01 1.69 28.31
C LYS A 106 13.33 2.49 27.25
N ILE A 107 12.26 1.97 26.75
CA ILE A 107 11.53 2.65 25.74
C ILE A 107 10.73 3.79 26.39
N GLU A 108 10.65 4.88 25.70
CA GLU A 108 9.95 6.03 26.19
C GLU A 108 8.51 5.91 25.78
N GLY A 109 8.27 6.04 24.48
CA GLY A 109 6.93 5.88 23.97
C GLY A 109 6.55 4.40 23.87
N ASP A 110 6.09 3.99 22.72
CA ASP A 110 5.69 2.60 22.53
C ASP A 110 6.86 1.88 21.85
N GLU A 111 6.91 0.57 21.89
CA GLU A 111 8.12 -0.11 21.42
C GLU A 111 7.98 -0.63 20.02
N GLU A 112 6.85 -0.42 19.41
CA GLU A 112 6.61 -0.94 18.10
C GLU A 112 5.63 -0.09 17.32
N MET A 113 5.75 -0.15 16.02
CA MET A 113 4.89 0.56 15.11
C MET A 113 4.40 -0.36 14.02
N HIS A 114 3.21 -0.10 13.54
CA HIS A 114 2.62 -0.88 12.47
C HIS A 114 2.44 0.00 11.26
N CYS A 115 2.60 -0.57 10.10
CA CYS A 115 2.41 0.16 8.87
C CYS A 115 0.92 0.17 8.60
N SER A 116 0.29 1.29 8.89
CA SER A 116 -1.13 1.34 8.91
C SER A 116 -1.73 2.37 7.95
N ASP A 117 -3.00 2.09 7.62
CA ASP A 117 -3.97 2.89 6.82
C ASP A 117 -3.38 3.92 5.86
N ASP A 118 -2.95 5.03 6.42
CA ASP A 118 -2.49 6.22 5.69
C ASP A 118 -1.27 5.97 4.82
N GLY A 119 -0.53 4.95 5.12
CA GLY A 119 0.68 4.72 4.39
C GLY A 119 1.88 5.16 5.18
N PHE A 120 1.69 5.26 6.46
CA PHE A 120 2.77 5.57 7.36
C PHE A 120 2.53 4.87 8.68
N TRP A 121 3.50 4.94 9.54
CA TRP A 121 3.47 4.24 10.79
C TRP A 121 2.43 4.80 11.72
N SER A 122 1.74 3.91 12.38
CA SER A 122 0.72 4.27 13.32
C SER A 122 1.34 4.92 14.56
N LYS A 123 2.52 4.50 14.91
CA LYS A 123 3.21 5.03 16.04
C LYS A 123 4.36 5.89 15.63
N GLU A 124 4.63 6.85 16.47
CA GLU A 124 5.75 7.75 16.27
C GLU A 124 7.02 7.06 16.73
N LYS A 125 8.18 7.58 16.34
CA LYS A 125 9.43 6.98 16.73
C LYS A 125 9.65 7.04 18.22
N PRO A 126 9.95 5.91 18.84
CA PRO A 126 10.19 5.85 20.25
C PRO A 126 11.58 6.33 20.61
N LYS A 127 11.77 6.54 21.86
CA LYS A 127 13.00 7.01 22.37
C LYS A 127 13.49 6.01 23.40
N CYS A 128 14.78 6.00 23.63
CA CYS A 128 15.36 5.14 24.64
C CYS A 128 16.03 5.98 25.70
N VAL A 129 15.51 5.88 26.88
CA VAL A 129 15.95 6.65 28.02
C VAL A 129 16.40 5.72 29.12
N PRO A 7 -19.46 -6.96 -24.17
CA PRO A 7 -18.90 -6.83 -25.54
C PRO A 7 -17.40 -6.46 -25.52
N CYS A 8 -16.99 -5.77 -24.47
CA CYS A 8 -15.60 -5.38 -24.27
C CYS A 8 -14.85 -6.57 -23.71
N GLY A 9 -15.57 -7.34 -22.95
CA GLY A 9 -15.08 -8.55 -22.46
C GLY A 9 -14.99 -8.49 -21.01
N HIS A 10 -13.88 -8.03 -20.61
CA HIS A 10 -13.48 -7.95 -19.24
C HIS A 10 -12.12 -7.25 -19.24
N PRO A 11 -11.90 -6.26 -18.38
CA PRO A 11 -10.66 -5.46 -18.38
C PRO A 11 -9.50 -6.13 -17.65
N GLY A 12 -9.74 -7.30 -17.16
CA GLY A 12 -8.76 -7.96 -16.37
C GLY A 12 -9.10 -7.80 -14.92
N ASP A 13 -8.19 -8.17 -14.07
CA ASP A 13 -8.39 -8.05 -12.64
C ASP A 13 -7.05 -7.86 -12.00
N THR A 14 -7.03 -7.70 -10.70
CA THR A 14 -5.79 -7.46 -10.01
C THR A 14 -5.78 -8.17 -8.66
N PRO A 15 -4.63 -8.75 -8.29
CA PRO A 15 -4.47 -9.40 -6.97
C PRO A 15 -4.32 -8.35 -5.86
N PHE A 16 -4.11 -7.12 -6.26
CA PHE A 16 -3.88 -6.04 -5.32
C PHE A 16 -5.20 -5.38 -4.91
N GLY A 17 -6.28 -5.82 -5.50
CA GLY A 17 -7.54 -5.26 -5.16
C GLY A 17 -8.62 -5.76 -6.03
N THR A 18 -9.30 -4.86 -6.65
CA THR A 18 -10.38 -5.17 -7.54
C THR A 18 -10.70 -3.91 -8.38
N PHE A 19 -11.84 -3.87 -9.00
CA PHE A 19 -12.24 -2.73 -9.78
C PHE A 19 -13.74 -2.55 -9.66
N THR A 20 -14.22 -1.51 -10.23
CA THR A 20 -15.62 -1.21 -10.28
C THR A 20 -15.91 -0.75 -11.70
N LEU A 21 -17.15 -0.75 -12.07
CA LEU A 21 -17.53 -0.35 -13.39
C LEU A 21 -18.44 0.85 -13.32
N THR A 22 -18.03 1.89 -13.95
CA THR A 22 -18.72 3.14 -13.90
C THR A 22 -19.25 3.47 -15.28
N GLY A 23 -20.51 3.78 -15.36
CA GLY A 23 -21.08 4.09 -16.63
C GLY A 23 -21.78 2.89 -17.22
N GLY A 24 -22.11 1.93 -16.39
CA GLY A 24 -22.77 0.77 -16.88
C GLY A 24 -22.90 -0.35 -15.90
N ASN A 25 -21.91 -0.49 -15.00
CA ASN A 25 -21.86 -1.60 -14.02
C ASN A 25 -21.67 -2.94 -14.70
N VAL A 26 -21.19 -2.90 -15.94
CA VAL A 26 -21.03 -4.09 -16.80
C VAL A 26 -19.86 -3.84 -17.72
N PHE A 27 -19.54 -4.75 -18.62
CA PHE A 27 -18.42 -4.54 -19.51
C PHE A 27 -18.91 -4.16 -20.90
N GLU A 28 -19.81 -3.21 -20.90
CA GLU A 28 -20.43 -2.66 -22.11
C GLU A 28 -19.56 -1.58 -22.74
N TYR A 29 -20.01 -1.06 -23.83
CA TYR A 29 -19.35 0.06 -24.46
C TYR A 29 -19.71 1.31 -23.73
N GLY A 30 -18.71 2.07 -23.40
CA GLY A 30 -18.94 3.30 -22.70
C GLY A 30 -18.91 3.14 -21.20
N VAL A 31 -18.37 2.03 -20.75
CA VAL A 31 -18.21 1.82 -19.34
C VAL A 31 -16.74 1.98 -18.99
N LYS A 32 -16.48 2.43 -17.81
CA LYS A 32 -15.15 2.62 -17.35
C LYS A 32 -14.88 1.66 -16.21
N ALA A 33 -13.84 0.90 -16.35
CA ALA A 33 -13.42 -0.02 -15.34
C ALA A 33 -12.46 0.68 -14.42
N VAL A 34 -12.99 1.29 -13.41
CA VAL A 34 -12.20 2.00 -12.46
C VAL A 34 -11.68 1.04 -11.41
N TYR A 35 -10.42 0.84 -11.41
CA TYR A 35 -9.78 -0.03 -10.51
C TYR A 35 -9.60 0.61 -9.16
N THR A 36 -9.76 -0.18 -8.15
CA THR A 36 -9.64 0.27 -6.82
C THR A 36 -8.89 -0.79 -6.01
N CYS A 37 -7.82 -0.38 -5.43
CA CYS A 37 -7.00 -1.28 -4.66
C CYS A 37 -7.64 -1.63 -3.34
N ASN A 38 -7.18 -2.72 -2.76
CA ASN A 38 -7.68 -3.19 -1.47
C ASN A 38 -7.13 -2.36 -0.32
N GLU A 39 -7.47 -2.74 0.89
CA GLU A 39 -7.09 -2.05 2.13
C GLU A 39 -5.60 -1.79 2.25
N GLY A 40 -4.79 -2.80 2.02
CA GLY A 40 -3.36 -2.61 2.16
C GLY A 40 -2.70 -2.12 0.91
N TYR A 41 -3.48 -1.72 -0.06
CA TYR A 41 -2.93 -1.32 -1.33
C TYR A 41 -3.43 0.05 -1.74
N GLN A 42 -2.74 0.67 -2.65
CA GLN A 42 -3.10 1.97 -3.15
C GLN A 42 -2.85 2.01 -4.62
N LEU A 43 -3.62 2.79 -5.31
CA LEU A 43 -3.49 2.90 -6.71
C LEU A 43 -2.27 3.78 -6.97
N LEU A 44 -1.43 3.37 -7.86
CA LEU A 44 -0.25 4.09 -8.14
C LEU A 44 -0.36 4.63 -9.56
N GLY A 45 -0.15 5.90 -9.69
CA GLY A 45 -0.23 6.55 -10.97
C GLY A 45 -1.32 7.58 -11.01
N GLU A 46 -1.70 7.98 -12.19
CA GLU A 46 -2.76 8.94 -12.39
C GLU A 46 -3.97 8.24 -12.96
N ILE A 47 -3.72 7.19 -13.71
CA ILE A 47 -4.75 6.42 -14.34
C ILE A 47 -5.19 5.34 -13.39
N ASN A 48 -6.48 5.24 -13.13
CA ASN A 48 -6.98 4.18 -12.28
C ASN A 48 -8.13 3.47 -12.96
N TYR A 49 -8.36 3.75 -14.21
CA TYR A 49 -9.54 3.23 -14.87
C TYR A 49 -9.20 2.76 -16.28
N ARG A 50 -10.10 2.01 -16.88
CA ARG A 50 -10.01 1.65 -18.27
C ARG A 50 -11.34 1.99 -18.91
N GLU A 51 -11.33 2.73 -19.98
CA GLU A 51 -12.59 3.06 -20.62
C GLU A 51 -12.83 2.13 -21.79
N CYS A 52 -14.01 1.58 -21.90
CA CYS A 52 -14.31 0.79 -23.06
C CYS A 52 -14.87 1.66 -24.15
N ASP A 53 -14.11 1.83 -25.18
CA ASP A 53 -14.54 2.54 -26.35
C ASP A 53 -14.61 1.53 -27.48
N THR A 54 -14.72 1.95 -28.71
CA THR A 54 -14.81 1.04 -29.85
C THR A 54 -13.45 0.30 -30.02
N ASP A 55 -12.41 0.90 -29.44
CA ASP A 55 -11.08 0.33 -29.38
C ASP A 55 -11.07 -0.85 -28.43
N GLY A 56 -12.03 -0.84 -27.54
CA GLY A 56 -12.11 -1.78 -26.47
C GLY A 56 -11.71 -1.08 -25.22
N TRP A 57 -11.23 -1.80 -24.25
CA TRP A 57 -10.67 -1.18 -23.07
C TRP A 57 -9.40 -0.38 -23.44
N THR A 58 -9.57 0.93 -23.59
CA THR A 58 -8.56 1.84 -24.09
C THR A 58 -7.29 1.85 -23.23
N ASN A 59 -7.43 2.33 -22.03
CA ASN A 59 -6.35 2.40 -21.06
C ASN A 59 -6.03 1.00 -20.60
N ASP A 60 -4.91 0.86 -19.93
CA ASP A 60 -4.49 -0.43 -19.42
C ASP A 60 -4.86 -0.52 -17.97
N ILE A 61 -4.63 -1.64 -17.42
CA ILE A 61 -4.81 -1.91 -16.05
C ILE A 61 -3.84 -1.02 -15.28
N PRO A 62 -4.34 -0.18 -14.38
CA PRO A 62 -3.51 0.71 -13.60
C PRO A 62 -2.53 -0.03 -12.67
N ILE A 63 -1.69 0.72 -12.04
CA ILE A 63 -0.66 0.15 -11.22
C ILE A 63 -1.12 0.20 -9.79
N CYS A 64 -0.85 -0.81 -9.04
CA CYS A 64 -1.26 -0.83 -7.68
C CYS A 64 -0.09 -1.17 -6.81
N GLU A 65 0.23 -0.27 -5.96
CA GLU A 65 1.36 -0.37 -5.12
C GLU A 65 0.83 -0.76 -3.76
N VAL A 66 1.52 -1.61 -3.07
CA VAL A 66 1.14 -1.91 -1.73
C VAL A 66 1.48 -0.67 -0.91
N VAL A 67 0.60 -0.29 0.00
CA VAL A 67 0.80 0.93 0.77
C VAL A 67 2.10 0.83 1.53
N LYS A 68 3.03 1.67 1.18
CA LYS A 68 4.32 1.67 1.78
C LYS A 68 4.56 2.93 2.56
N CYS A 69 5.27 2.77 3.64
CA CYS A 69 5.60 3.85 4.52
C CYS A 69 7.10 4.09 4.45
N LEU A 70 7.52 5.27 4.89
CA LEU A 70 8.92 5.66 4.86
C LEU A 70 9.77 4.80 5.76
N PRO A 71 10.95 4.42 5.29
CA PRO A 71 11.90 3.60 6.05
C PRO A 71 12.37 4.34 7.30
N VAL A 72 12.24 3.69 8.41
CA VAL A 72 12.65 4.28 9.66
C VAL A 72 14.13 4.02 9.87
N THR A 73 14.81 4.99 10.43
CA THR A 73 16.19 4.87 10.74
C THR A 73 16.44 3.83 11.84
N ALA A 74 16.27 4.27 13.08
CA ALA A 74 16.44 3.46 14.30
C ALA A 74 16.45 4.42 15.47
N PRO A 75 16.18 3.96 16.69
CA PRO A 75 16.30 4.79 17.86
C PRO A 75 17.76 4.85 18.36
N GLU A 76 18.01 5.75 19.28
CA GLU A 76 19.35 6.00 19.83
C GLU A 76 19.98 4.78 20.53
N ASN A 77 19.30 4.26 21.52
CA ASN A 77 19.84 3.20 22.38
C ASN A 77 19.08 1.92 22.14
N GLY A 78 18.54 1.83 20.97
CA GLY A 78 17.81 0.67 20.58
C GLY A 78 17.98 0.40 19.11
N LYS A 79 17.24 -0.54 18.60
CA LYS A 79 17.28 -0.89 17.21
C LYS A 79 15.93 -1.39 16.76
N ILE A 80 15.75 -1.52 15.48
CA ILE A 80 14.52 -2.00 14.92
C ILE A 80 14.54 -3.54 14.84
N VAL A 81 13.49 -4.18 15.33
CA VAL A 81 13.38 -5.64 15.31
C VAL A 81 12.78 -6.09 13.98
N SER A 82 11.97 -5.23 13.42
CA SER A 82 11.21 -5.52 12.22
C SER A 82 11.82 -4.81 11.03
N SER A 83 13.14 -4.81 10.96
CA SER A 83 13.83 -4.15 9.90
C SER A 83 13.59 -4.85 8.56
N ALA A 84 13.86 -4.13 7.48
CA ALA A 84 13.68 -4.61 6.12
C ALA A 84 14.27 -6.00 5.93
N MET A 85 13.37 -6.95 5.81
CA MET A 85 13.68 -8.36 5.61
C MET A 85 14.45 -8.50 4.31
N GLU A 86 13.88 -7.96 3.29
CA GLU A 86 14.48 -7.89 1.99
C GLU A 86 14.36 -6.44 1.59
N PRO A 87 15.27 -5.89 0.80
CA PRO A 87 15.19 -4.47 0.36
C PRO A 87 14.12 -4.31 -0.73
N ASP A 88 13.57 -5.42 -1.14
CA ASP A 88 12.54 -5.48 -2.15
C ASP A 88 11.21 -5.41 -1.45
N ARG A 89 11.17 -6.05 -0.30
CA ARG A 89 10.01 -6.10 0.53
C ARG A 89 10.08 -4.97 1.53
N GLU A 90 9.56 -3.85 1.12
CA GLU A 90 9.67 -2.61 1.84
C GLU A 90 8.59 -2.51 2.91
N TYR A 91 8.65 -1.47 3.73
CA TYR A 91 7.69 -1.29 4.81
C TYR A 91 6.36 -0.97 4.24
N HIS A 92 5.46 -1.87 4.41
CA HIS A 92 4.17 -1.76 3.83
C HIS A 92 3.11 -1.99 4.86
N PHE A 93 1.87 -1.67 4.51
CA PHE A 93 0.71 -1.84 5.37
C PHE A 93 0.70 -3.22 5.97
N GLY A 94 0.48 -3.25 7.25
CA GLY A 94 0.46 -4.49 7.93
C GLY A 94 1.66 -4.68 8.81
N GLN A 95 2.77 -4.03 8.46
CA GLN A 95 3.95 -4.17 9.25
C GLN A 95 3.85 -3.38 10.49
N ALA A 96 4.21 -4.00 11.54
CA ALA A 96 4.33 -3.39 12.80
C ALA A 96 5.76 -3.34 13.10
N VAL A 97 6.38 -2.27 12.72
CA VAL A 97 7.79 -2.14 12.88
C VAL A 97 8.11 -1.92 14.35
N ARG A 98 8.62 -2.97 14.96
CA ARG A 98 8.87 -2.94 16.35
C ARG A 98 10.33 -2.62 16.63
N PHE A 99 10.57 -2.04 17.78
CA PHE A 99 11.86 -1.62 18.21
C PHE A 99 12.21 -2.32 19.50
N VAL A 100 13.46 -2.47 19.73
CA VAL A 100 13.96 -3.12 20.90
C VAL A 100 15.09 -2.31 21.44
N CYS A 101 15.26 -2.33 22.70
CA CYS A 101 16.32 -1.63 23.30
C CYS A 101 17.56 -2.51 23.40
N ASN A 102 18.70 -1.90 23.17
CA ASN A 102 19.98 -2.60 23.12
C ASN A 102 20.42 -3.07 24.44
N SER A 103 20.44 -2.19 25.35
CA SER A 103 20.89 -2.47 26.64
C SER A 103 19.72 -2.29 27.58
N GLY A 104 19.98 -2.08 28.86
CA GLY A 104 18.93 -1.93 29.86
C GLY A 104 18.19 -0.61 29.76
N TYR A 105 17.73 -0.32 28.59
CA TYR A 105 16.95 0.86 28.33
C TYR A 105 15.49 0.49 28.20
N LYS A 106 14.64 1.47 28.14
CA LYS A 106 13.25 1.18 27.94
C LYS A 106 12.77 1.99 26.75
N ILE A 107 11.79 1.47 26.07
CA ILE A 107 11.19 2.18 24.98
C ILE A 107 10.47 3.46 25.51
N GLU A 108 10.56 4.52 24.73
CA GLU A 108 9.98 5.81 25.08
C GLU A 108 8.47 5.75 25.09
N GLY A 109 7.91 5.37 23.97
CA GLY A 109 6.49 5.29 23.87
C GLY A 109 6.08 3.91 23.50
N ASP A 110 5.59 3.75 22.30
CA ASP A 110 5.16 2.47 21.82
C ASP A 110 6.34 1.80 21.18
N GLU A 111 6.43 0.50 21.31
CA GLU A 111 7.59 -0.20 20.80
C GLU A 111 7.40 -0.58 19.36
N GLU A 112 6.26 -0.21 18.80
CA GLU A 112 5.95 -0.53 17.43
C GLU A 112 5.16 0.58 16.78
N MET A 113 5.31 0.69 15.48
CA MET A 113 4.57 1.65 14.67
C MET A 113 3.87 0.85 13.59
N HIS A 114 2.66 1.21 13.27
CA HIS A 114 1.94 0.55 12.20
C HIS A 114 2.00 1.36 10.94
N CYS A 115 2.16 0.71 9.83
CA CYS A 115 2.10 1.37 8.55
C CYS A 115 0.65 1.41 8.13
N SER A 116 0.07 2.58 8.26
CA SER A 116 -1.32 2.80 7.96
C SER A 116 -1.56 2.84 6.45
N ASP A 117 -2.81 2.56 6.04
CA ASP A 117 -3.22 2.42 4.62
C ASP A 117 -3.20 3.73 3.83
N ASP A 118 -2.78 4.80 4.46
CA ASP A 118 -2.61 6.08 3.78
C ASP A 118 -1.13 6.32 3.48
N GLY A 119 -0.27 5.57 4.17
CA GLY A 119 1.16 5.70 3.97
C GLY A 119 1.83 6.52 5.05
N PHE A 120 1.62 6.14 6.29
CA PHE A 120 2.23 6.83 7.41
C PHE A 120 2.35 5.89 8.59
N TRP A 121 3.27 6.20 9.47
CA TRP A 121 3.41 5.44 10.68
C TRP A 121 2.43 5.96 11.71
N SER A 122 1.69 5.06 12.31
CA SER A 122 0.70 5.42 13.32
C SER A 122 1.37 6.07 14.56
N LYS A 123 2.60 5.69 14.85
CA LYS A 123 3.29 6.21 15.96
C LYS A 123 4.50 6.96 15.54
N GLU A 124 4.88 7.90 16.36
CA GLU A 124 6.11 8.67 16.17
C GLU A 124 7.29 7.75 16.46
N LYS A 125 8.49 8.14 16.07
CA LYS A 125 9.66 7.36 16.41
C LYS A 125 9.82 7.29 17.92
N PRO A 126 9.90 6.11 18.47
CA PRO A 126 10.20 5.94 19.85
C PRO A 126 11.71 5.88 20.05
N LYS A 127 12.11 5.82 21.27
CA LYS A 127 13.51 5.83 21.60
C LYS A 127 13.71 4.82 22.68
N CYS A 128 14.92 4.63 23.07
CA CYS A 128 15.23 3.83 24.21
C CYS A 128 15.91 4.72 25.19
N VAL A 129 15.18 5.08 26.19
CA VAL A 129 15.58 6.04 27.16
C VAL A 129 15.86 5.39 28.51
N PRO A 7 -19.78 -5.83 -24.76
CA PRO A 7 -19.30 -5.38 -26.06
C PRO A 7 -17.79 -5.11 -26.07
N CYS A 8 -17.25 -4.73 -24.92
CA CYS A 8 -15.82 -4.55 -24.79
C CYS A 8 -15.14 -5.82 -24.27
N GLY A 9 -15.89 -6.64 -23.58
CA GLY A 9 -15.41 -7.90 -23.18
C GLY A 9 -15.36 -7.98 -21.73
N HIS A 10 -14.23 -7.66 -21.24
CA HIS A 10 -13.90 -7.75 -19.86
C HIS A 10 -12.55 -7.03 -19.77
N PRO A 11 -12.33 -6.12 -18.82
CA PRO A 11 -11.11 -5.31 -18.79
C PRO A 11 -9.92 -6.02 -18.17
N GLY A 12 -10.20 -7.05 -17.42
CA GLY A 12 -9.16 -7.75 -16.74
C GLY A 12 -9.50 -7.91 -15.29
N ASP A 13 -8.52 -8.28 -14.52
CA ASP A 13 -8.67 -8.52 -13.07
C ASP A 13 -7.34 -8.21 -12.42
N THR A 14 -7.34 -7.79 -11.18
CA THR A 14 -6.11 -7.49 -10.51
C THR A 14 -6.06 -8.17 -9.14
N PRO A 15 -4.98 -8.92 -8.86
CA PRO A 15 -4.81 -9.60 -7.57
C PRO A 15 -4.49 -8.60 -6.46
N PHE A 16 -4.04 -7.42 -6.85
CA PHE A 16 -3.63 -6.37 -5.94
C PHE A 16 -4.84 -5.64 -5.37
N GLY A 17 -5.96 -5.79 -5.99
CA GLY A 17 -7.13 -5.12 -5.54
C GLY A 17 -8.34 -5.63 -6.23
N THR A 18 -9.08 -4.74 -6.78
CA THR A 18 -10.28 -5.09 -7.52
C THR A 18 -10.63 -3.92 -8.45
N PHE A 19 -11.79 -3.96 -9.05
CA PHE A 19 -12.22 -2.88 -9.90
C PHE A 19 -13.72 -2.74 -9.80
N THR A 20 -14.20 -1.64 -10.27
CA THR A 20 -15.59 -1.34 -10.30
C THR A 20 -15.90 -0.83 -11.70
N LEU A 21 -17.12 -0.85 -12.05
CA LEU A 21 -17.56 -0.36 -13.31
C LEU A 21 -18.34 0.90 -13.08
N THR A 22 -18.11 1.86 -13.90
CA THR A 22 -18.69 3.19 -13.73
C THR A 22 -19.24 3.67 -15.05
N GLY A 23 -20.36 4.33 -15.01
CA GLY A 23 -21.04 4.74 -16.23
C GLY A 23 -22.17 3.77 -16.46
N GLY A 24 -21.84 2.53 -16.25
CA GLY A 24 -22.77 1.48 -16.34
C GLY A 24 -22.51 0.53 -15.23
N ASN A 25 -22.65 -0.73 -15.47
CA ASN A 25 -22.44 -1.73 -14.40
C ASN A 25 -21.98 -3.04 -15.02
N VAL A 26 -21.56 -2.97 -16.24
CA VAL A 26 -21.17 -4.15 -17.00
C VAL A 26 -20.06 -3.73 -17.94
N PHE A 27 -19.67 -4.58 -18.86
CA PHE A 27 -18.58 -4.26 -19.76
C PHE A 27 -19.12 -3.70 -21.08
N GLU A 28 -20.16 -2.88 -20.91
CA GLU A 28 -20.90 -2.16 -21.95
C GLU A 28 -20.09 -1.01 -22.54
N TYR A 29 -20.65 -0.33 -23.50
CA TYR A 29 -19.99 0.82 -24.07
C TYR A 29 -20.15 2.04 -23.20
N GLY A 30 -19.08 2.77 -23.01
CA GLY A 30 -19.13 3.96 -22.21
C GLY A 30 -18.90 3.69 -20.74
N VAL A 31 -18.63 2.44 -20.42
CA VAL A 31 -18.40 2.11 -19.04
C VAL A 31 -16.90 2.18 -18.77
N LYS A 32 -16.58 2.63 -17.63
CA LYS A 32 -15.22 2.72 -17.20
C LYS A 32 -14.97 1.67 -16.18
N ALA A 33 -13.98 0.90 -16.41
CA ALA A 33 -13.54 -0.08 -15.49
C ALA A 33 -12.53 0.57 -14.60
N VAL A 34 -13.01 1.16 -13.57
CA VAL A 34 -12.16 1.85 -12.64
C VAL A 34 -11.61 0.85 -11.63
N TYR A 35 -10.35 0.70 -11.64
CA TYR A 35 -9.69 -0.19 -10.76
C TYR A 35 -9.43 0.51 -9.47
N THR A 36 -9.56 -0.21 -8.40
CA THR A 36 -9.37 0.31 -7.12
C THR A 36 -8.58 -0.71 -6.29
N CYS A 37 -7.50 -0.27 -5.76
CA CYS A 37 -6.60 -1.12 -5.03
C CYS A 37 -7.14 -1.48 -3.66
N ASN A 38 -6.67 -2.61 -3.14
CA ASN A 38 -7.05 -3.09 -1.81
C ASN A 38 -6.52 -2.19 -0.73
N GLU A 39 -6.93 -2.47 0.51
CA GLU A 39 -6.55 -1.68 1.68
C GLU A 39 -5.03 -1.46 1.79
N GLY A 40 -4.28 -2.51 1.63
CA GLY A 40 -2.85 -2.42 1.74
C GLY A 40 -2.17 -2.11 0.42
N TYR A 41 -2.84 -1.38 -0.43
CA TYR A 41 -2.34 -1.08 -1.76
C TYR A 41 -2.82 0.29 -2.18
N GLN A 42 -2.12 0.90 -3.10
CA GLN A 42 -2.48 2.18 -3.64
C GLN A 42 -2.30 2.19 -5.15
N LEU A 43 -3.09 2.99 -5.83
CA LEU A 43 -3.07 3.01 -7.28
C LEU A 43 -1.82 3.73 -7.75
N LEU A 44 -1.01 3.01 -8.44
CA LEU A 44 0.22 3.51 -8.93
C LEU A 44 0.01 3.77 -10.41
N GLY A 45 0.31 4.96 -10.81
CA GLY A 45 0.11 5.35 -12.17
C GLY A 45 -0.84 6.52 -12.28
N GLU A 46 -1.03 7.00 -13.49
CA GLU A 46 -1.88 8.14 -13.76
C GLU A 46 -3.27 7.64 -14.11
N ILE A 47 -3.33 6.43 -14.60
CA ILE A 47 -4.54 5.82 -15.05
C ILE A 47 -5.02 4.81 -14.01
N ASN A 48 -6.28 4.90 -13.61
CA ASN A 48 -6.83 3.94 -12.65
C ASN A 48 -7.97 3.19 -13.28
N TYR A 49 -8.30 3.53 -14.48
CA TYR A 49 -9.51 3.05 -15.09
C TYR A 49 -9.27 2.67 -16.54
N ARG A 50 -10.14 1.91 -17.08
CA ARG A 50 -10.14 1.64 -18.51
C ARG A 50 -11.48 2.04 -19.01
N GLU A 51 -11.56 2.72 -20.10
CA GLU A 51 -12.86 3.13 -20.57
C GLU A 51 -13.23 2.37 -21.83
N CYS A 52 -14.40 1.84 -21.85
CA CYS A 52 -14.89 1.12 -23.01
C CYS A 52 -15.29 2.11 -24.09
N ASP A 53 -14.40 2.30 -25.03
CA ASP A 53 -14.63 3.17 -26.15
C ASP A 53 -15.01 2.28 -27.32
N THR A 54 -15.17 2.85 -28.47
CA THR A 54 -15.51 2.11 -29.66
C THR A 54 -14.32 1.24 -30.08
N ASP A 55 -13.17 1.62 -29.58
CA ASP A 55 -11.90 0.96 -29.82
C ASP A 55 -11.75 -0.24 -28.87
N GLY A 56 -12.62 -0.27 -27.88
CA GLY A 56 -12.57 -1.28 -26.87
C GLY A 56 -12.15 -0.64 -25.57
N TRP A 57 -11.73 -1.44 -24.60
CA TRP A 57 -11.22 -0.89 -23.36
C TRP A 57 -9.96 -0.12 -23.62
N THR A 58 -10.01 1.16 -23.40
CA THR A 58 -8.89 1.99 -23.56
C THR A 58 -7.89 1.71 -22.45
N ASN A 59 -6.66 2.17 -22.63
CA ASN A 59 -5.62 2.09 -21.60
C ASN A 59 -5.29 0.63 -21.34
N ASP A 60 -4.72 0.38 -20.20
CA ASP A 60 -4.42 -0.97 -19.77
C ASP A 60 -4.81 -1.08 -18.35
N ILE A 61 -4.67 -2.27 -17.81
CA ILE A 61 -4.91 -2.52 -16.41
C ILE A 61 -3.89 -1.72 -15.59
N PRO A 62 -4.36 -0.81 -14.72
CA PRO A 62 -3.49 0.02 -13.89
C PRO A 62 -2.73 -0.78 -12.83
N ILE A 63 -1.88 -0.12 -12.10
CA ILE A 63 -1.02 -0.81 -11.20
C ILE A 63 -1.40 -0.49 -9.78
N CYS A 64 -1.41 -1.47 -8.96
CA CYS A 64 -1.60 -1.28 -7.57
C CYS A 64 -0.34 -1.65 -6.88
N GLU A 65 0.30 -0.69 -6.35
CA GLU A 65 1.51 -0.89 -5.64
C GLU A 65 1.11 -1.03 -4.20
N VAL A 66 1.87 -1.75 -3.46
CA VAL A 66 1.55 -1.96 -2.09
C VAL A 66 1.86 -0.67 -1.32
N VAL A 67 1.02 -0.34 -0.36
CA VAL A 67 1.28 0.84 0.44
C VAL A 67 2.52 0.63 1.29
N LYS A 68 3.60 1.19 0.83
CA LYS A 68 4.82 1.07 1.52
C LYS A 68 4.93 2.10 2.58
N CYS A 69 5.14 1.62 3.75
CA CYS A 69 5.33 2.44 4.88
C CYS A 69 6.78 2.84 4.88
N LEU A 70 7.02 4.13 4.87
CA LEU A 70 8.35 4.68 4.77
C LEU A 70 9.31 4.14 5.82
N PRO A 71 10.51 3.71 5.38
CA PRO A 71 11.52 3.14 6.24
C PRO A 71 11.88 4.09 7.37
N VAL A 72 11.69 3.64 8.56
CA VAL A 72 11.89 4.44 9.72
C VAL A 72 13.34 4.33 10.18
N THR A 73 13.84 5.37 10.78
CA THR A 73 15.15 5.35 11.34
C THR A 73 15.09 4.70 12.75
N ALA A 74 16.18 4.72 13.43
CA ALA A 74 16.30 4.02 14.69
C ALA A 74 16.70 5.00 15.78
N PRO A 75 16.39 4.69 17.04
CA PRO A 75 16.77 5.57 18.15
C PRO A 75 18.27 5.44 18.52
N GLU A 76 18.73 6.34 19.37
CA GLU A 76 20.12 6.39 19.82
C GLU A 76 20.53 5.17 20.63
N ASN A 77 19.82 4.92 21.70
CA ASN A 77 20.15 3.87 22.66
C ASN A 77 19.34 2.64 22.38
N GLY A 78 18.85 2.58 21.19
CA GLY A 78 18.07 1.47 20.77
C GLY A 78 18.35 1.12 19.35
N LYS A 79 17.58 0.23 18.84
CA LYS A 79 17.72 -0.26 17.49
C LYS A 79 16.37 -0.82 17.08
N ILE A 80 16.25 -1.29 15.87
CA ILE A 80 15.00 -1.80 15.37
C ILE A 80 14.97 -3.35 15.39
N VAL A 81 13.83 -3.95 15.80
CA VAL A 81 13.69 -5.42 15.81
C VAL A 81 13.27 -5.85 14.40
N SER A 82 12.48 -5.00 13.77
CA SER A 82 11.88 -5.27 12.48
C SER A 82 12.73 -4.67 11.37
N SER A 83 14.03 -4.93 11.41
CA SER A 83 14.94 -4.40 10.42
C SER A 83 14.71 -5.07 9.07
N ALA A 84 13.89 -4.41 8.23
CA ALA A 84 13.46 -4.91 6.94
C ALA A 84 12.76 -6.28 7.11
N MET A 85 12.57 -6.98 6.04
CA MET A 85 12.06 -8.33 6.06
C MET A 85 12.90 -9.11 5.11
N GLU A 86 12.85 -8.68 3.89
CA GLU A 86 13.69 -9.15 2.85
C GLU A 86 14.24 -7.91 2.23
N PRO A 87 15.44 -7.94 1.63
CA PRO A 87 16.08 -6.74 1.05
C PRO A 87 15.26 -6.13 -0.10
N ASP A 88 14.32 -6.87 -0.61
CA ASP A 88 13.47 -6.41 -1.69
C ASP A 88 12.11 -6.05 -1.18
N ARG A 89 11.70 -6.72 -0.12
CA ARG A 89 10.38 -6.53 0.41
C ARG A 89 10.41 -5.49 1.49
N GLU A 90 10.02 -4.29 1.13
CA GLU A 90 10.00 -3.17 2.04
C GLU A 90 8.81 -3.25 2.98
N TYR A 91 8.68 -2.25 3.83
CA TYR A 91 7.57 -2.20 4.78
C TYR A 91 6.27 -2.02 4.04
N HIS A 92 5.32 -2.82 4.37
CA HIS A 92 4.04 -2.80 3.71
C HIS A 92 3.00 -2.64 4.78
N PHE A 93 1.79 -2.29 4.40
CA PHE A 93 0.66 -2.31 5.32
C PHE A 93 0.60 -3.67 6.01
N GLY A 94 0.42 -3.65 7.29
CA GLY A 94 0.37 -4.87 8.03
C GLY A 94 1.57 -5.04 8.91
N GLN A 95 2.56 -4.19 8.73
CA GLN A 95 3.74 -4.31 9.52
C GLN A 95 3.76 -3.33 10.68
N ALA A 96 4.56 -3.66 11.65
CA ALA A 96 4.79 -2.85 12.78
C ALA A 96 6.27 -2.90 13.09
N VAL A 97 6.89 -1.78 13.14
CA VAL A 97 8.29 -1.72 13.43
C VAL A 97 8.47 -1.64 14.91
N ARG A 98 8.96 -2.70 15.48
CA ARG A 98 9.21 -2.73 16.87
C ARG A 98 10.67 -2.41 17.11
N PHE A 99 10.92 -1.70 18.16
CA PHE A 99 12.25 -1.26 18.48
C PHE A 99 12.74 -1.99 19.72
N VAL A 100 14.02 -2.02 19.89
CA VAL A 100 14.64 -2.66 21.03
C VAL A 100 15.61 -1.74 21.63
N CYS A 101 15.64 -1.71 22.90
CA CYS A 101 16.62 -0.97 23.57
C CYS A 101 17.88 -1.79 23.70
N ASN A 102 19.00 -1.19 23.31
CA ASN A 102 20.34 -1.83 23.26
C ASN A 102 20.71 -2.45 24.53
N SER A 103 20.61 -1.70 25.55
CA SER A 103 20.99 -2.12 26.83
C SER A 103 19.79 -1.96 27.74
N GLY A 104 20.01 -1.79 29.02
CA GLY A 104 18.94 -1.71 29.99
C GLY A 104 18.20 -0.38 29.95
N TYR A 105 17.78 0.01 28.78
CA TYR A 105 16.99 1.21 28.62
C TYR A 105 15.55 0.83 28.47
N LYS A 106 14.68 1.79 28.54
CA LYS A 106 13.29 1.52 28.36
C LYS A 106 12.82 2.35 27.21
N ILE A 107 11.91 1.84 26.46
CA ILE A 107 11.37 2.60 25.41
C ILE A 107 10.37 3.64 25.97
N GLU A 108 10.40 4.80 25.36
CA GLU A 108 9.61 5.96 25.74
C GLU A 108 8.09 5.67 25.83
N GLY A 109 7.50 5.27 24.73
CA GLY A 109 6.07 5.00 24.74
C GLY A 109 5.73 3.62 24.27
N ASP A 110 5.38 3.50 23.03
CA ASP A 110 5.10 2.20 22.44
C ASP A 110 6.39 1.64 22.00
N GLU A 111 6.48 0.36 21.82
CA GLU A 111 7.74 -0.19 21.39
C GLU A 111 7.68 -0.49 19.93
N GLU A 112 6.58 -0.14 19.33
CA GLU A 112 6.34 -0.43 17.96
C GLU A 112 5.43 0.57 17.30
N MET A 113 5.68 0.79 16.04
CA MET A 113 4.87 1.64 15.19
C MET A 113 4.21 0.79 14.14
N HIS A 114 2.92 0.92 14.02
CA HIS A 114 2.15 0.07 13.11
C HIS A 114 1.63 0.89 11.93
N CYS A 115 1.54 0.25 10.77
CA CYS A 115 1.02 0.89 9.56
C CYS A 115 -0.50 1.05 9.58
N SER A 116 -0.97 2.01 8.84
CA SER A 116 -2.37 2.19 8.54
C SER A 116 -2.54 2.25 7.03
N ASP A 117 -3.79 2.24 6.54
CA ASP A 117 -4.01 2.13 5.10
C ASP A 117 -3.81 3.43 4.39
N ASP A 118 -2.58 3.60 3.95
CA ASP A 118 -2.10 4.72 3.16
C ASP A 118 -0.62 4.53 3.02
N GLY A 119 -0.01 4.06 4.09
CA GLY A 119 1.43 3.84 4.10
C GLY A 119 2.16 4.66 5.15
N PHE A 120 1.44 5.14 6.15
CA PHE A 120 2.07 5.86 7.24
C PHE A 120 2.03 5.03 8.50
N TRP A 121 2.92 5.35 9.38
CA TRP A 121 2.99 4.74 10.67
C TRP A 121 2.08 5.49 11.61
N SER A 122 1.45 4.79 12.50
CA SER A 122 0.52 5.40 13.43
C SER A 122 1.22 5.78 14.74
N LYS A 123 2.52 5.65 14.72
CA LYS A 123 3.34 6.02 15.82
C LYS A 123 4.57 6.69 15.26
N GLU A 124 5.14 7.53 16.03
CA GLU A 124 6.33 8.24 15.67
C GLU A 124 7.46 7.62 16.43
N LYS A 125 8.68 8.01 16.14
CA LYS A 125 9.82 7.37 16.76
C LYS A 125 9.90 7.54 18.27
N PRO A 126 9.83 6.42 19.01
CA PRO A 126 10.05 6.42 20.44
C PRO A 126 11.55 6.38 20.71
N LYS A 127 11.94 6.55 21.94
CA LYS A 127 13.35 6.52 22.26
C LYS A 127 13.60 5.45 23.28
N CYS A 128 14.85 5.24 23.57
CA CYS A 128 15.26 4.37 24.63
C CYS A 128 15.95 5.19 25.66
N VAL A 129 15.26 5.36 26.73
CA VAL A 129 15.66 6.22 27.78
C VAL A 129 15.91 5.40 29.05
N PRO A 7 -19.79 -6.80 -24.27
CA PRO A 7 -19.22 -6.59 -25.61
C PRO A 7 -17.74 -6.15 -25.56
N CYS A 8 -17.38 -5.45 -24.51
CA CYS A 8 -16.01 -5.02 -24.32
C CYS A 8 -15.11 -6.19 -23.94
N GLY A 9 -15.72 -7.17 -23.33
CA GLY A 9 -15.04 -8.41 -23.04
C GLY A 9 -14.52 -8.54 -21.64
N HIS A 10 -14.97 -7.64 -20.73
CA HIS A 10 -14.54 -7.61 -19.30
C HIS A 10 -13.04 -7.19 -19.23
N PRO A 11 -12.71 -6.15 -18.46
CA PRO A 11 -11.35 -5.54 -18.44
C PRO A 11 -10.30 -6.35 -17.68
N GLY A 12 -10.64 -7.51 -17.28
CA GLY A 12 -9.77 -8.30 -16.48
C GLY A 12 -10.13 -8.15 -15.03
N ASP A 13 -9.27 -8.57 -14.16
CA ASP A 13 -9.50 -8.52 -12.74
C ASP A 13 -8.17 -8.20 -12.10
N THR A 14 -8.15 -7.36 -11.11
CA THR A 14 -6.91 -7.00 -10.48
C THR A 14 -6.71 -7.75 -9.16
N PRO A 15 -5.55 -8.39 -8.96
CA PRO A 15 -5.24 -9.09 -7.70
C PRO A 15 -4.94 -8.11 -6.55
N PHE A 16 -4.79 -6.85 -6.91
CA PHE A 16 -4.46 -5.81 -5.95
C PHE A 16 -5.73 -5.21 -5.33
N GLY A 17 -6.87 -5.67 -5.77
CA GLY A 17 -8.10 -5.18 -5.23
C GLY A 17 -9.28 -5.58 -6.05
N THR A 18 -9.99 -4.62 -6.53
CA THR A 18 -11.16 -4.86 -7.36
C THR A 18 -11.38 -3.69 -8.34
N PHE A 19 -12.48 -3.70 -9.05
CA PHE A 19 -12.83 -2.62 -9.94
C PHE A 19 -14.33 -2.45 -9.96
N THR A 20 -14.75 -1.30 -10.29
CA THR A 20 -16.14 -0.95 -10.41
C THR A 20 -16.35 -0.47 -11.85
N LEU A 21 -17.57 -0.36 -12.27
CA LEU A 21 -17.89 0.09 -13.60
C LEU A 21 -18.72 1.34 -13.51
N THR A 22 -18.32 2.36 -14.21
CA THR A 22 -19.01 3.61 -14.18
C THR A 22 -19.59 3.92 -15.54
N GLY A 23 -20.82 4.38 -15.56
CA GLY A 23 -21.46 4.69 -16.80
C GLY A 23 -22.62 3.77 -17.02
N GLY A 24 -22.33 2.51 -17.19
CA GLY A 24 -23.37 1.55 -17.43
C GLY A 24 -23.45 0.46 -16.38
N ASN A 25 -22.48 0.47 -15.45
CA ASN A 25 -22.39 -0.57 -14.36
C ASN A 25 -22.24 -1.99 -14.92
N VAL A 26 -21.82 -2.06 -16.17
CA VAL A 26 -21.71 -3.33 -16.90
C VAL A 26 -20.53 -3.21 -17.84
N PHE A 27 -20.33 -4.15 -18.72
CA PHE A 27 -19.17 -4.15 -19.59
C PHE A 27 -19.56 -3.76 -21.01
N GLU A 28 -20.47 -2.80 -21.11
CA GLU A 28 -20.96 -2.29 -22.38
C GLU A 28 -20.05 -1.18 -22.93
N TYR A 29 -20.43 -0.59 -24.02
CA TYR A 29 -19.67 0.48 -24.59
C TYR A 29 -19.87 1.76 -23.81
N GLY A 30 -18.81 2.47 -23.58
CA GLY A 30 -18.87 3.72 -22.88
C GLY A 30 -18.75 3.58 -21.40
N VAL A 31 -18.50 2.37 -20.93
CA VAL A 31 -18.36 2.17 -19.51
C VAL A 31 -16.89 2.23 -19.13
N LYS A 32 -16.62 2.74 -17.97
CA LYS A 32 -15.29 2.84 -17.48
C LYS A 32 -15.09 1.88 -16.35
N ALA A 33 -14.12 1.02 -16.49
CA ALA A 33 -13.75 0.09 -15.46
C ALA A 33 -12.80 0.77 -14.53
N VAL A 34 -13.32 1.33 -13.49
CA VAL A 34 -12.59 2.05 -12.53
C VAL A 34 -12.05 1.08 -11.49
N TYR A 35 -10.78 0.90 -11.51
CA TYR A 35 -10.10 0.02 -10.62
C TYR A 35 -9.83 0.70 -9.30
N THR A 36 -10.02 -0.02 -8.24
CA THR A 36 -9.79 0.48 -6.94
C THR A 36 -9.05 -0.60 -6.13
N CYS A 37 -7.97 -0.22 -5.53
CA CYS A 37 -7.13 -1.18 -4.85
C CYS A 37 -7.65 -1.49 -3.46
N ASN A 38 -7.22 -2.62 -2.92
CA ASN A 38 -7.56 -3.02 -1.56
C ASN A 38 -6.82 -2.15 -0.56
N GLU A 39 -7.09 -2.37 0.71
CA GLU A 39 -6.50 -1.55 1.78
C GLU A 39 -4.98 -1.53 1.73
N GLY A 40 -4.38 -2.70 1.60
CA GLY A 40 -2.93 -2.81 1.57
C GLY A 40 -2.30 -2.43 0.23
N TYR A 41 -3.06 -1.82 -0.64
CA TYR A 41 -2.57 -1.43 -1.93
C TYR A 41 -2.99 -0.02 -2.25
N GLN A 42 -2.26 0.61 -3.12
CA GLN A 42 -2.53 1.95 -3.55
C GLN A 42 -2.20 2.06 -5.02
N LEU A 43 -2.92 2.87 -5.71
CA LEU A 43 -2.77 2.95 -7.14
C LEU A 43 -1.52 3.72 -7.51
N LEU A 44 -0.89 3.29 -8.57
CA LEU A 44 0.31 3.93 -9.02
C LEU A 44 0.08 4.39 -10.45
N GLY A 45 0.30 5.64 -10.68
CA GLY A 45 0.00 6.22 -11.98
C GLY A 45 -1.21 7.12 -11.91
N GLU A 46 -1.62 7.65 -13.04
CA GLU A 46 -2.78 8.53 -13.09
C GLU A 46 -4.00 7.79 -13.59
N ILE A 47 -3.74 6.74 -14.32
CA ILE A 47 -4.78 5.93 -14.90
C ILE A 47 -5.29 4.98 -13.84
N ASN A 48 -6.59 4.97 -13.63
CA ASN A 48 -7.19 4.11 -12.62
C ASN A 48 -8.40 3.45 -13.20
N TYR A 49 -8.55 3.53 -14.48
CA TYR A 49 -9.74 3.07 -15.11
C TYR A 49 -9.40 2.58 -16.49
N ARG A 50 -10.34 1.91 -17.08
CA ARG A 50 -10.26 1.52 -18.46
C ARG A 50 -11.54 1.96 -19.10
N GLU A 51 -11.47 2.81 -20.08
CA GLU A 51 -12.69 3.23 -20.74
C GLU A 51 -12.98 2.33 -21.93
N CYS A 52 -14.17 1.81 -22.01
CA CYS A 52 -14.52 1.04 -23.16
C CYS A 52 -15.05 1.94 -24.25
N ASP A 53 -14.26 2.14 -25.25
CA ASP A 53 -14.64 2.91 -26.40
C ASP A 53 -15.02 1.88 -27.45
N THR A 54 -15.20 2.29 -28.68
CA THR A 54 -15.52 1.38 -29.75
C THR A 54 -14.28 0.49 -30.04
N ASP A 55 -13.14 0.97 -29.58
CA ASP A 55 -11.85 0.29 -29.69
C ASP A 55 -11.74 -0.78 -28.58
N GLY A 56 -12.72 -0.77 -27.69
CA GLY A 56 -12.71 -1.65 -26.56
C GLY A 56 -12.17 -0.91 -25.38
N TRP A 57 -11.69 -1.62 -24.40
CA TRP A 57 -11.07 -0.99 -23.25
C TRP A 57 -9.79 -0.27 -23.71
N THR A 58 -9.83 1.04 -23.73
CA THR A 58 -8.74 1.87 -24.21
C THR A 58 -7.50 1.71 -23.36
N ASN A 59 -7.67 1.94 -22.09
CA ASN A 59 -6.61 1.85 -21.12
C ASN A 59 -6.36 0.40 -20.80
N ASP A 60 -5.26 0.15 -20.14
CA ASP A 60 -4.93 -1.19 -19.65
C ASP A 60 -5.28 -1.28 -18.19
N ILE A 61 -5.06 -2.43 -17.58
CA ILE A 61 -5.25 -2.57 -16.15
C ILE A 61 -4.20 -1.70 -15.47
N PRO A 62 -4.64 -0.71 -14.69
CA PRO A 62 -3.73 0.24 -14.06
C PRO A 62 -2.83 -0.42 -13.02
N ILE A 63 -1.63 0.10 -12.92
CA ILE A 63 -0.68 -0.41 -11.99
C ILE A 63 -1.07 -0.03 -10.57
N CYS A 64 -1.06 -0.98 -9.73
CA CYS A 64 -1.33 -0.77 -8.37
C CYS A 64 -0.12 -1.26 -7.61
N GLU A 65 0.23 -0.57 -6.58
CA GLU A 65 1.42 -0.86 -5.86
C GLU A 65 1.03 -1.15 -4.42
N VAL A 66 1.83 -1.92 -3.74
CA VAL A 66 1.55 -2.24 -2.37
C VAL A 66 1.87 -1.02 -1.52
N VAL A 67 1.04 -0.78 -0.52
CA VAL A 67 1.27 0.33 0.38
C VAL A 67 2.61 0.13 1.08
N LYS A 68 3.48 1.08 0.88
CA LYS A 68 4.81 1.03 1.42
C LYS A 68 5.10 2.26 2.22
N CYS A 69 5.74 2.07 3.32
CA CYS A 69 6.07 3.14 4.21
C CYS A 69 7.58 3.39 4.25
N LEU A 70 7.93 4.58 4.70
CA LEU A 70 9.26 5.09 4.70
C LEU A 70 10.09 4.48 5.84
N PRO A 71 11.33 4.07 5.54
CA PRO A 71 12.25 3.48 6.51
C PRO A 71 12.49 4.39 7.72
N VAL A 72 12.30 3.83 8.89
CA VAL A 72 12.48 4.55 10.12
C VAL A 72 13.93 4.35 10.61
N THR A 73 14.46 5.33 11.32
CA THR A 73 15.83 5.29 11.79
C THR A 73 16.06 4.26 12.91
N ALA A 74 15.88 4.70 14.16
CA ALA A 74 16.04 3.90 15.38
C ALA A 74 15.92 4.85 16.55
N PRO A 75 15.71 4.35 17.78
CA PRO A 75 15.77 5.19 18.96
C PRO A 75 17.23 5.46 19.36
N GLU A 76 17.42 6.43 20.22
CA GLU A 76 18.77 6.77 20.67
C GLU A 76 19.45 5.65 21.46
N ASN A 77 18.88 5.25 22.58
CA ASN A 77 19.48 4.18 23.39
C ASN A 77 18.91 2.83 22.99
N GLY A 78 18.65 2.66 21.73
CA GLY A 78 18.16 1.41 21.25
C GLY A 78 18.42 1.21 19.78
N LYS A 79 17.70 0.29 19.20
CA LYS A 79 17.84 -0.07 17.81
C LYS A 79 16.56 -0.75 17.35
N ILE A 80 16.50 -1.18 16.12
CA ILE A 80 15.31 -1.80 15.57
C ILE A 80 15.42 -3.34 15.63
N VAL A 81 14.30 -4.01 15.95
CA VAL A 81 14.24 -5.47 15.96
C VAL A 81 13.86 -5.97 14.54
N SER A 82 13.07 -5.16 13.86
CA SER A 82 12.54 -5.48 12.56
C SER A 82 13.45 -4.96 11.45
N SER A 83 14.40 -5.76 11.05
CA SER A 83 15.33 -5.40 10.01
C SER A 83 14.58 -5.01 8.73
N ALA A 84 15.02 -3.94 8.09
CA ALA A 84 14.38 -3.38 6.91
C ALA A 84 14.45 -4.32 5.71
N MET A 85 13.72 -3.96 4.65
CA MET A 85 13.69 -4.74 3.39
C MET A 85 14.94 -4.46 2.55
N GLU A 86 15.86 -3.80 3.18
CA GLU A 86 17.25 -3.48 2.75
C GLU A 86 17.52 -3.19 1.26
N PRO A 87 17.62 -4.19 0.32
CA PRO A 87 17.75 -3.88 -1.11
C PRO A 87 16.56 -3.04 -1.62
N ASP A 88 15.47 -3.10 -0.88
CA ASP A 88 14.28 -2.31 -1.15
C ASP A 88 14.22 -1.20 -0.15
N ARG A 89 14.60 -1.56 1.11
CA ARG A 89 14.51 -0.75 2.32
C ARG A 89 13.19 0.01 2.58
N GLU A 90 12.21 -0.25 1.79
CA GLU A 90 10.89 0.29 1.96
C GLU A 90 10.02 -0.77 2.55
N TYR A 91 9.25 -0.39 3.52
CA TYR A 91 8.46 -1.36 4.27
C TYR A 91 7.12 -1.62 3.63
N HIS A 92 6.73 -2.87 3.64
CA HIS A 92 5.48 -3.34 3.09
C HIS A 92 4.40 -3.21 4.16
N PHE A 93 3.20 -2.91 3.72
CA PHE A 93 2.04 -2.83 4.59
C PHE A 93 1.89 -4.13 5.39
N GLY A 94 1.75 -4.00 6.67
CA GLY A 94 1.65 -5.17 7.50
C GLY A 94 2.84 -5.32 8.41
N GLN A 95 3.95 -4.70 8.04
CA GLN A 95 5.15 -4.76 8.88
C GLN A 95 4.95 -3.95 10.14
N ALA A 96 5.61 -4.36 11.18
CA ALA A 96 5.55 -3.68 12.44
C ALA A 96 6.93 -3.55 12.99
N VAL A 97 7.48 -2.37 12.88
CA VAL A 97 8.82 -2.11 13.31
C VAL A 97 8.84 -2.00 14.81
N ARG A 98 9.40 -2.98 15.42
CA ARG A 98 9.53 -2.98 16.83
C ARG A 98 10.95 -2.60 17.20
N PHE A 99 11.09 -1.85 18.25
CA PHE A 99 12.37 -1.32 18.66
C PHE A 99 12.81 -1.93 19.97
N VAL A 100 14.08 -1.97 20.16
CA VAL A 100 14.67 -2.50 21.36
C VAL A 100 15.49 -1.47 22.01
N CYS A 101 15.61 -1.61 23.28
CA CYS A 101 16.47 -0.82 24.06
C CYS A 101 17.72 -1.63 24.31
N ASN A 102 18.84 -0.96 24.22
CA ASN A 102 20.16 -1.60 24.33
C ASN A 102 20.37 -2.38 25.58
N SER A 103 20.12 -1.79 26.68
CA SER A 103 20.34 -2.45 27.92
C SER A 103 19.39 -1.97 29.02
N GLY A 104 19.86 -1.10 29.87
CA GLY A 104 19.07 -0.61 30.99
C GLY A 104 18.24 0.59 30.62
N TYR A 105 17.62 0.50 29.48
CA TYR A 105 16.79 1.55 29.01
C TYR A 105 15.44 1.03 28.74
N LYS A 106 14.49 1.90 28.71
CA LYS A 106 13.14 1.53 28.44
C LYS A 106 12.56 2.45 27.42
N ILE A 107 11.76 1.93 26.56
CA ILE A 107 11.19 2.71 25.51
C ILE A 107 10.12 3.70 26.06
N GLU A 108 10.10 4.87 25.49
CA GLU A 108 9.23 5.96 25.91
C GLU A 108 7.77 5.74 25.45
N GLY A 109 7.60 5.60 24.16
CA GLY A 109 6.27 5.44 23.62
C GLY A 109 5.88 4.00 23.48
N ASP A 110 5.47 3.63 22.32
CA ASP A 110 5.14 2.25 22.02
C ASP A 110 6.37 1.61 21.46
N GLU A 111 6.47 0.30 21.52
CA GLU A 111 7.70 -0.32 21.09
C GLU A 111 7.62 -0.76 19.66
N GLU A 112 6.46 -0.65 19.09
CA GLU A 112 6.23 -1.10 17.76
C GLU A 112 5.36 -0.15 16.97
N MET A 113 5.77 0.11 15.75
CA MET A 113 5.02 0.93 14.83
C MET A 113 4.58 0.09 13.65
N HIS A 114 3.32 0.07 13.41
CA HIS A 114 2.77 -0.76 12.36
C HIS A 114 2.55 0.08 11.10
N CYS A 115 2.92 -0.46 9.97
CA CYS A 115 2.75 0.23 8.71
C CYS A 115 1.27 0.26 8.38
N SER A 116 0.74 1.46 8.27
CA SER A 116 -0.68 1.65 8.05
C SER A 116 -0.95 1.89 6.56
N ASP A 117 -2.22 1.79 6.18
CA ASP A 117 -2.70 1.92 4.78
C ASP A 117 -2.50 3.34 4.24
N ASP A 118 -2.08 4.22 5.11
CA ASP A 118 -1.75 5.58 4.76
C ASP A 118 -0.41 5.60 4.02
N GLY A 119 0.38 4.57 4.23
CA GLY A 119 1.71 4.54 3.69
C GLY A 119 2.68 5.08 4.69
N PHE A 120 2.24 5.20 5.92
CA PHE A 120 3.05 5.71 6.99
C PHE A 120 2.87 4.86 8.23
N TRP A 121 3.60 5.18 9.25
CA TRP A 121 3.58 4.44 10.48
C TRP A 121 2.45 4.91 11.36
N SER A 122 1.97 4.02 12.19
CA SER A 122 0.90 4.29 13.10
C SER A 122 1.40 5.03 14.34
N LYS A 123 2.69 5.02 14.53
CA LYS A 123 3.27 5.56 15.73
C LYS A 123 4.28 6.61 15.48
N GLU A 124 4.59 7.29 16.53
CA GLU A 124 5.59 8.30 16.54
C GLU A 124 6.91 7.69 16.93
N LYS A 125 7.99 8.42 16.71
CA LYS A 125 9.33 7.98 17.05
C LYS A 125 9.54 7.84 18.53
N PRO A 126 9.68 6.60 19.01
CA PRO A 126 9.93 6.33 20.38
C PRO A 126 11.43 6.24 20.63
N LYS A 127 11.83 6.46 21.84
CA LYS A 127 13.20 6.37 22.19
C LYS A 127 13.35 5.63 23.47
N CYS A 128 14.50 5.06 23.65
CA CYS A 128 14.79 4.35 24.86
C CYS A 128 15.46 5.28 25.82
N VAL A 129 14.80 5.47 26.91
CA VAL A 129 15.20 6.33 27.96
C VAL A 129 15.01 5.55 29.29
N PRO A 7 -18.41 -6.15 -25.02
CA PRO A 7 -17.82 -5.73 -26.30
C PRO A 7 -16.36 -5.27 -26.12
N CYS A 8 -16.03 -4.83 -24.92
CA CYS A 8 -14.66 -4.49 -24.61
C CYS A 8 -13.94 -5.68 -23.99
N GLY A 9 -14.73 -6.59 -23.53
CA GLY A 9 -14.23 -7.82 -23.07
C GLY A 9 -14.26 -7.84 -21.62
N HIS A 10 -13.24 -7.36 -21.08
CA HIS A 10 -13.01 -7.43 -19.69
C HIS A 10 -11.79 -6.56 -19.42
N PRO A 11 -11.77 -5.76 -18.37
CA PRO A 11 -10.64 -4.88 -18.10
C PRO A 11 -9.55 -5.55 -17.29
N GLY A 12 -9.75 -6.80 -16.99
CA GLY A 12 -8.79 -7.54 -16.23
C GLY A 12 -9.41 -8.03 -14.96
N ASP A 13 -8.59 -8.48 -14.05
CA ASP A 13 -8.99 -8.96 -12.74
C ASP A 13 -7.78 -8.89 -11.82
N THR A 14 -7.92 -8.21 -10.73
CA THR A 14 -6.84 -8.05 -9.81
C THR A 14 -7.09 -8.82 -8.50
N PRO A 15 -6.07 -9.49 -7.98
CA PRO A 15 -6.14 -10.15 -6.69
C PRO A 15 -5.86 -9.18 -5.52
N PHE A 16 -5.41 -7.97 -5.87
CA PHE A 16 -5.07 -6.94 -4.88
C PHE A 16 -6.28 -6.09 -4.54
N GLY A 17 -7.41 -6.48 -5.04
CA GLY A 17 -8.60 -5.74 -4.80
C GLY A 17 -9.63 -6.09 -5.79
N THR A 18 -10.13 -5.10 -6.46
CA THR A 18 -11.17 -5.29 -7.43
C THR A 18 -11.26 -4.01 -8.32
N PHE A 19 -12.37 -3.82 -8.97
CA PHE A 19 -12.61 -2.66 -9.78
C PHE A 19 -14.11 -2.43 -9.80
N THR A 20 -14.53 -1.29 -10.22
CA THR A 20 -15.92 -0.97 -10.34
C THR A 20 -16.15 -0.46 -11.76
N LEU A 21 -17.35 -0.49 -12.21
CA LEU A 21 -17.68 -0.07 -13.54
C LEU A 21 -18.61 1.11 -13.47
N THR A 22 -18.31 2.12 -14.22
CA THR A 22 -19.06 3.34 -14.19
C THR A 22 -19.53 3.69 -15.59
N GLY A 23 -20.80 3.97 -15.75
CA GLY A 23 -21.32 4.29 -17.06
C GLY A 23 -21.67 3.05 -17.84
N GLY A 24 -22.00 1.99 -17.14
CA GLY A 24 -22.32 0.77 -17.81
C GLY A 24 -22.65 -0.34 -16.86
N ASN A 25 -21.80 -0.50 -15.83
CA ASN A 25 -21.91 -1.57 -14.79
C ASN A 25 -21.56 -2.93 -15.40
N VAL A 26 -21.07 -2.88 -16.62
CA VAL A 26 -20.71 -4.04 -17.43
C VAL A 26 -19.58 -3.60 -18.31
N PHE A 27 -19.11 -4.43 -19.20
CA PHE A 27 -17.94 -4.09 -20.03
C PHE A 27 -18.39 -3.61 -21.41
N GLU A 28 -19.48 -2.84 -21.40
CA GLU A 28 -20.09 -2.28 -22.61
C GLU A 28 -19.36 -1.03 -23.08
N TYR A 29 -19.77 -0.50 -24.19
CA TYR A 29 -19.15 0.70 -24.73
C TYR A 29 -19.57 1.92 -23.96
N GLY A 30 -18.59 2.66 -23.49
CA GLY A 30 -18.86 3.86 -22.75
C GLY A 30 -18.68 3.68 -21.26
N VAL A 31 -18.34 2.47 -20.86
CA VAL A 31 -18.16 2.22 -19.45
C VAL A 31 -16.70 2.43 -19.08
N LYS A 32 -16.48 2.86 -17.88
CA LYS A 32 -15.17 3.06 -17.37
C LYS A 32 -14.94 2.09 -16.24
N ALA A 33 -13.91 1.32 -16.36
CA ALA A 33 -13.53 0.37 -15.34
C ALA A 33 -12.62 1.05 -14.36
N VAL A 34 -13.19 1.54 -13.31
CA VAL A 34 -12.51 2.21 -12.30
C VAL A 34 -11.93 1.19 -11.33
N TYR A 35 -10.65 1.04 -11.37
CA TYR A 35 -9.94 0.09 -10.58
C TYR A 35 -9.87 0.58 -9.13
N THR A 36 -10.01 -0.33 -8.20
CA THR A 36 -9.97 0.02 -6.81
C THR A 36 -9.29 -1.10 -6.00
N CYS A 37 -8.13 -0.79 -5.49
CA CYS A 37 -7.40 -1.74 -4.68
C CYS A 37 -8.08 -1.92 -3.32
N ASN A 38 -7.74 -3.00 -2.66
CA ASN A 38 -8.23 -3.27 -1.31
C ASN A 38 -7.51 -2.37 -0.31
N GLU A 39 -7.79 -2.52 0.96
CA GLU A 39 -7.21 -1.63 1.97
C GLU A 39 -5.70 -1.80 2.11
N GLY A 40 -5.25 -3.02 1.95
CA GLY A 40 -3.83 -3.32 2.04
C GLY A 40 -3.06 -2.84 0.81
N TYR A 41 -3.77 -2.36 -0.19
CA TYR A 41 -3.17 -1.94 -1.43
C TYR A 41 -3.65 -0.55 -1.80
N GLN A 42 -3.03 0.06 -2.75
CA GLN A 42 -3.39 1.39 -3.14
C GLN A 42 -3.20 1.58 -4.62
N LEU A 43 -3.90 2.54 -5.15
CA LEU A 43 -3.79 2.87 -6.53
C LEU A 43 -2.53 3.68 -6.68
N LEU A 44 -1.68 3.26 -7.55
CA LEU A 44 -0.48 3.95 -7.82
C LEU A 44 -0.58 4.42 -9.26
N GLY A 45 -0.23 5.64 -9.49
CA GLY A 45 -0.31 6.18 -10.82
C GLY A 45 -1.43 7.17 -10.92
N GLU A 46 -1.63 7.70 -12.08
CA GLU A 46 -2.65 8.70 -12.30
C GLU A 46 -3.88 8.02 -12.83
N ILE A 47 -3.66 7.08 -13.72
CA ILE A 47 -4.72 6.34 -14.36
C ILE A 47 -5.27 5.31 -13.39
N ASN A 48 -6.55 5.37 -13.15
CA ASN A 48 -7.21 4.50 -12.18
C ASN A 48 -8.44 3.90 -12.81
N TYR A 49 -8.58 4.09 -14.09
CA TYR A 49 -9.75 3.66 -14.78
C TYR A 49 -9.35 3.20 -16.14
N ARG A 50 -10.25 2.53 -16.81
CA ARG A 50 -10.08 2.17 -18.18
C ARG A 50 -11.34 2.55 -18.88
N GLU A 51 -11.28 3.37 -19.88
CA GLU A 51 -12.48 3.73 -20.61
C GLU A 51 -12.70 2.80 -21.81
N CYS A 52 -13.87 2.19 -21.85
CA CYS A 52 -14.25 1.37 -22.98
C CYS A 52 -14.71 2.27 -24.09
N ASP A 53 -13.89 2.42 -25.07
CA ASP A 53 -14.19 3.27 -26.17
C ASP A 53 -14.21 2.42 -27.41
N THR A 54 -14.27 3.04 -28.57
CA THR A 54 -14.43 2.35 -29.86
C THR A 54 -13.28 1.32 -30.11
N ASP A 55 -12.13 1.55 -29.50
CA ASP A 55 -10.96 0.68 -29.64
C ASP A 55 -11.05 -0.49 -28.67
N GLY A 56 -11.76 -0.27 -27.62
CA GLY A 56 -11.80 -1.18 -26.53
C GLY A 56 -11.45 -0.41 -25.31
N TRP A 57 -10.89 -1.05 -24.30
CA TRP A 57 -10.44 -0.34 -23.15
C TRP A 57 -9.21 0.47 -23.56
N THR A 58 -9.34 1.77 -23.51
CA THR A 58 -8.30 2.69 -23.93
C THR A 58 -7.08 2.57 -23.03
N ASN A 59 -7.31 2.74 -21.77
CA ASN A 59 -6.29 2.70 -20.77
C ASN A 59 -5.94 1.27 -20.49
N ASP A 60 -4.87 1.08 -19.80
CA ASP A 60 -4.48 -0.25 -19.36
C ASP A 60 -4.90 -0.43 -17.95
N ILE A 61 -4.62 -1.58 -17.40
CA ILE A 61 -4.93 -1.86 -16.01
C ILE A 61 -4.08 -0.92 -15.14
N PRO A 62 -4.74 -0.07 -14.30
CA PRO A 62 -4.04 0.83 -13.38
C PRO A 62 -3.11 0.08 -12.42
N ILE A 63 -2.25 0.80 -11.76
CA ILE A 63 -1.22 0.18 -10.99
C ILE A 63 -1.67 0.02 -9.56
N CYS A 64 -1.48 -1.14 -9.02
CA CYS A 64 -1.82 -1.35 -7.65
C CYS A 64 -0.53 -1.58 -6.91
N GLU A 65 -0.27 -0.74 -5.99
CA GLU A 65 0.88 -0.84 -5.19
C GLU A 65 0.41 -1.25 -3.86
N VAL A 66 1.24 -1.84 -3.12
CA VAL A 66 0.91 -2.22 -1.82
C VAL A 66 1.05 -1.00 -0.98
N VAL A 67 0.28 -0.90 0.04
CA VAL A 67 0.42 0.22 0.93
C VAL A 67 1.75 0.09 1.64
N LYS A 68 2.62 1.04 1.39
CA LYS A 68 3.98 0.98 1.88
C LYS A 68 4.27 2.22 2.70
N CYS A 69 5.23 2.10 3.55
CA CYS A 69 5.62 3.17 4.41
C CYS A 69 7.14 3.31 4.42
N LEU A 70 7.61 4.51 4.74
CA LEU A 70 9.01 4.86 4.75
C LEU A 70 9.89 3.96 5.61
N PRO A 71 11.15 3.77 5.17
CA PRO A 71 12.10 2.92 5.86
C PRO A 71 12.58 3.54 7.15
N VAL A 72 12.53 2.79 8.21
CA VAL A 72 12.94 3.26 9.50
C VAL A 72 14.38 2.83 9.72
N THR A 73 15.21 3.74 10.09
CA THR A 73 16.59 3.46 10.38
C THR A 73 16.70 2.73 11.73
N ALA A 74 16.52 3.48 12.80
CA ALA A 74 16.56 3.01 14.17
C ALA A 74 16.40 4.20 15.09
N PRO A 75 15.94 4.02 16.34
CA PRO A 75 15.95 5.09 17.32
C PRO A 75 17.39 5.43 17.68
N GLU A 76 17.57 6.53 18.33
CA GLU A 76 18.88 7.05 18.65
C GLU A 76 19.69 6.12 19.56
N ASN A 77 19.07 5.59 20.60
CA ASN A 77 19.78 4.69 21.51
C ASN A 77 19.16 3.32 21.45
N GLY A 78 18.57 3.03 20.33
CA GLY A 78 17.95 1.76 20.17
C GLY A 78 18.14 1.21 18.79
N LYS A 79 17.47 0.14 18.49
CA LYS A 79 17.58 -0.54 17.21
C LYS A 79 16.29 -1.29 16.91
N ILE A 80 16.16 -1.80 15.70
CA ILE A 80 14.94 -2.48 15.27
C ILE A 80 15.03 -4.00 15.45
N VAL A 81 13.95 -4.61 15.92
CA VAL A 81 13.88 -6.05 16.11
C VAL A 81 13.16 -6.71 14.90
N SER A 82 12.27 -5.95 14.29
CA SER A 82 11.39 -6.46 13.27
C SER A 82 11.73 -5.93 11.90
N SER A 83 12.18 -6.77 11.04
CA SER A 83 12.45 -6.38 9.69
C SER A 83 12.30 -7.59 8.79
N ALA A 84 11.29 -7.57 7.94
CA ALA A 84 11.12 -8.61 6.96
C ALA A 84 12.21 -8.47 5.93
N MET A 85 13.28 -9.21 6.12
CA MET A 85 14.47 -9.10 5.30
C MET A 85 14.48 -10.18 4.26
N GLU A 86 13.29 -10.58 3.90
CA GLU A 86 13.00 -11.53 2.85
C GLU A 86 13.61 -11.01 1.52
N PRO A 87 13.71 -11.83 0.45
CA PRO A 87 14.27 -11.39 -0.87
C PRO A 87 13.57 -10.15 -1.47
N ASP A 88 12.45 -9.79 -0.90
CA ASP A 88 11.66 -8.66 -1.32
C ASP A 88 12.02 -7.45 -0.50
N ARG A 89 12.05 -7.70 0.82
CA ARG A 89 12.35 -6.74 1.88
C ARG A 89 11.80 -5.33 1.74
N GLU A 90 10.65 -5.22 1.14
CA GLU A 90 9.97 -3.97 1.06
C GLU A 90 9.01 -3.85 2.23
N TYR A 91 8.75 -2.64 2.63
CA TYR A 91 7.81 -2.38 3.68
C TYR A 91 6.43 -2.44 3.12
N HIS A 92 5.58 -3.17 3.78
CA HIS A 92 4.22 -3.33 3.33
C HIS A 92 3.29 -3.18 4.51
N PHE A 93 2.05 -2.91 4.21
CA PHE A 93 1.00 -2.90 5.20
C PHE A 93 0.92 -4.32 5.77
N GLY A 94 1.24 -4.42 7.02
CA GLY A 94 1.28 -5.68 7.67
C GLY A 94 2.52 -5.78 8.52
N GLN A 95 3.49 -4.95 8.17
CA GLN A 95 4.71 -4.88 8.88
C GLN A 95 4.52 -4.10 10.18
N ALA A 96 4.86 -4.73 11.26
CA ALA A 96 4.92 -4.09 12.53
C ALA A 96 6.38 -4.06 12.91
N VAL A 97 6.89 -2.88 13.08
CA VAL A 97 8.29 -2.70 13.40
C VAL A 97 8.46 -2.48 14.89
N ARG A 98 9.09 -3.41 15.56
CA ARG A 98 9.30 -3.33 16.96
C ARG A 98 10.75 -2.94 17.23
N PHE A 99 10.98 -2.25 18.29
CA PHE A 99 12.28 -1.72 18.61
C PHE A 99 12.76 -2.21 19.95
N VAL A 100 14.03 -2.06 20.14
CA VAL A 100 14.70 -2.35 21.38
C VAL A 100 15.54 -1.19 21.75
N CYS A 101 15.68 -1.03 23.02
CA CYS A 101 16.50 -0.03 23.56
C CYS A 101 17.65 -0.72 24.22
N ASN A 102 18.82 -0.27 23.87
CA ASN A 102 20.09 -0.75 24.42
C ASN A 102 20.07 -0.75 25.94
N SER A 103 20.96 -1.52 26.51
CA SER A 103 21.08 -1.73 27.95
C SER A 103 21.05 -0.42 28.74
N GLY A 104 20.00 -0.24 29.50
CA GLY A 104 19.88 0.93 30.32
C GLY A 104 18.82 1.89 29.83
N TYR A 105 18.38 1.77 28.60
CA TYR A 105 17.40 2.68 28.08
C TYR A 105 16.04 2.08 28.14
N LYS A 106 15.06 2.93 28.09
CA LYS A 106 13.71 2.47 28.03
C LYS A 106 13.11 3.11 26.82
N ILE A 107 12.17 2.45 26.23
CA ILE A 107 11.50 3.05 25.15
C ILE A 107 10.55 4.11 25.73
N GLU A 108 10.55 5.26 25.17
CA GLU A 108 9.77 6.33 25.66
C GLU A 108 8.32 6.15 25.25
N GLY A 109 8.11 5.98 23.98
CA GLY A 109 6.77 5.74 23.47
C GLY A 109 6.44 4.26 23.46
N ASP A 110 5.88 3.81 22.37
CA ASP A 110 5.50 2.42 22.18
C ASP A 110 6.70 1.73 21.61
N GLU A 111 6.78 0.44 21.73
CA GLU A 111 7.97 -0.24 21.27
C GLU A 111 7.78 -0.79 19.88
N GLU A 112 6.66 -0.47 19.29
CA GLU A 112 6.32 -0.97 17.99
C GLU A 112 5.51 0.03 17.19
N MET A 113 5.72 0.02 15.90
CA MET A 113 4.99 0.85 14.97
C MET A 113 4.39 -0.02 13.88
N HIS A 114 3.13 0.17 13.60
CA HIS A 114 2.42 -0.61 12.62
C HIS A 114 2.20 0.21 11.36
N CYS A 115 2.43 -0.37 10.20
CA CYS A 115 2.18 0.35 8.97
C CYS A 115 0.66 0.42 8.75
N SER A 116 0.16 1.62 8.61
CA SER A 116 -1.26 1.85 8.47
C SER A 116 -1.66 1.98 6.99
N ASP A 117 -2.97 2.02 6.72
CA ASP A 117 -3.57 1.99 5.36
C ASP A 117 -3.31 3.24 4.53
N ASP A 118 -2.79 4.27 5.14
CA ASP A 118 -2.46 5.49 4.38
C ASP A 118 -0.99 5.45 3.95
N GLY A 119 -0.30 4.43 4.39
CA GLY A 119 1.08 4.29 4.06
C GLY A 119 1.95 5.09 4.97
N PHE A 120 1.73 4.94 6.24
CA PHE A 120 2.49 5.62 7.24
C PHE A 120 2.49 4.76 8.47
N TRP A 121 3.43 4.96 9.33
CA TRP A 121 3.47 4.26 10.56
C TRP A 121 2.45 4.85 11.50
N SER A 122 1.69 4.00 12.17
CA SER A 122 0.62 4.40 13.07
C SER A 122 1.15 5.25 14.22
N LYS A 123 2.38 5.00 14.55
CA LYS A 123 3.05 5.67 15.61
C LYS A 123 4.15 6.52 15.10
N GLU A 124 4.57 7.42 15.94
CA GLU A 124 5.74 8.22 15.67
C GLU A 124 6.93 7.30 15.89
N LYS A 125 8.13 7.71 15.57
CA LYS A 125 9.20 6.83 15.82
C LYS A 125 9.64 7.03 17.26
N PRO A 126 9.51 5.99 18.10
CA PRO A 126 9.79 6.09 19.53
C PRO A 126 11.26 6.32 19.83
N LYS A 127 11.52 6.69 21.03
CA LYS A 127 12.82 7.09 21.46
C LYS A 127 13.26 6.22 22.61
N CYS A 128 14.54 6.06 22.77
CA CYS A 128 15.09 5.32 23.87
C CYS A 128 15.77 6.27 24.81
N VAL A 129 15.21 6.39 25.98
CA VAL A 129 15.69 7.30 27.00
C VAL A 129 16.04 6.51 28.24
N PRO A 7 -19.27 -6.98 -24.66
CA PRO A 7 -18.64 -6.71 -25.96
C PRO A 7 -17.16 -6.32 -25.80
N CYS A 8 -16.87 -5.75 -24.65
CA CYS A 8 -15.53 -5.34 -24.30
C CYS A 8 -14.83 -6.48 -23.60
N GLY A 9 -15.59 -7.25 -22.87
CA GLY A 9 -15.14 -8.48 -22.35
C GLY A 9 -14.96 -8.41 -20.90
N HIS A 10 -13.89 -7.81 -20.54
CA HIS A 10 -13.45 -7.66 -19.18
C HIS A 10 -12.13 -6.88 -19.27
N PRO A 11 -11.99 -5.80 -18.52
CA PRO A 11 -10.84 -4.84 -18.64
C PRO A 11 -9.54 -5.36 -18.03
N GLY A 12 -9.61 -6.51 -17.47
CA GLY A 12 -8.52 -7.04 -16.75
C GLY A 12 -8.98 -7.24 -15.36
N ASP A 13 -8.14 -7.72 -14.52
CA ASP A 13 -8.53 -7.99 -13.17
C ASP A 13 -7.29 -7.82 -12.33
N THR A 14 -7.44 -7.62 -11.06
CA THR A 14 -6.29 -7.38 -10.23
C THR A 14 -6.44 -8.06 -8.85
N PRO A 15 -5.36 -8.72 -8.38
CA PRO A 15 -5.33 -9.34 -7.05
C PRO A 15 -5.09 -8.32 -5.93
N PHE A 16 -4.77 -7.11 -6.31
CA PHE A 16 -4.45 -6.06 -5.37
C PHE A 16 -5.68 -5.25 -5.02
N GLY A 17 -6.78 -5.65 -5.53
CA GLY A 17 -7.96 -4.96 -5.27
C GLY A 17 -9.05 -5.44 -6.13
N THR A 18 -9.72 -4.53 -6.73
CA THR A 18 -10.83 -4.84 -7.60
C THR A 18 -11.13 -3.63 -8.49
N PHE A 19 -12.26 -3.63 -9.15
CA PHE A 19 -12.66 -2.53 -9.98
C PHE A 19 -14.17 -2.39 -9.97
N THR A 20 -14.63 -1.27 -10.39
CA THR A 20 -16.02 -0.96 -10.47
C THR A 20 -16.29 -0.58 -11.94
N LEU A 21 -17.51 -0.64 -12.33
CA LEU A 21 -17.90 -0.31 -13.67
C LEU A 21 -18.87 0.83 -13.64
N THR A 22 -18.48 1.91 -14.21
CA THR A 22 -19.24 3.11 -14.15
C THR A 22 -19.89 3.39 -15.49
N GLY A 23 -21.16 3.67 -15.46
CA GLY A 23 -21.90 3.93 -16.65
C GLY A 23 -22.90 2.84 -16.89
N GLY A 24 -22.41 1.66 -17.18
CA GLY A 24 -23.30 0.57 -17.52
C GLY A 24 -23.28 -0.55 -16.51
N ASN A 25 -22.34 -0.49 -15.56
CA ASN A 25 -22.15 -1.53 -14.51
C ASN A 25 -21.82 -2.91 -15.11
N VAL A 26 -21.37 -2.91 -16.34
CA VAL A 26 -21.08 -4.14 -17.11
C VAL A 26 -19.95 -3.85 -18.06
N PHE A 27 -19.58 -4.79 -18.89
CA PHE A 27 -18.44 -4.61 -19.79
C PHE A 27 -18.93 -4.23 -21.19
N GLU A 28 -19.89 -3.34 -21.20
CA GLU A 28 -20.47 -2.79 -22.44
C GLU A 28 -19.62 -1.65 -23.00
N TYR A 29 -20.09 -1.03 -24.06
CA TYR A 29 -19.42 0.11 -24.61
C TYR A 29 -19.76 1.35 -23.82
N GLY A 30 -18.77 2.19 -23.62
CA GLY A 30 -18.99 3.43 -22.92
C GLY A 30 -18.81 3.33 -21.43
N VAL A 31 -18.60 2.13 -20.95
CA VAL A 31 -18.46 1.93 -19.54
C VAL A 31 -17.00 2.12 -19.16
N LYS A 32 -16.79 2.59 -17.98
CA LYS A 32 -15.47 2.76 -17.47
C LYS A 32 -15.22 1.76 -16.39
N ALA A 33 -14.15 1.07 -16.52
CA ALA A 33 -13.71 0.14 -15.53
C ALA A 33 -12.80 0.87 -14.59
N VAL A 34 -13.36 1.40 -13.57
CA VAL A 34 -12.61 2.17 -12.63
C VAL A 34 -12.09 1.26 -11.52
N TYR A 35 -10.83 1.06 -11.51
CA TYR A 35 -10.18 0.21 -10.58
C TYR A 35 -10.03 0.86 -9.22
N THR A 36 -10.15 0.04 -8.21
CA THR A 36 -10.06 0.46 -6.86
C THR A 36 -9.26 -0.59 -6.07
N CYS A 37 -8.14 -0.18 -5.56
CA CYS A 37 -7.28 -1.06 -4.81
C CYS A 37 -7.83 -1.43 -3.45
N ASN A 38 -7.30 -2.51 -2.90
CA ASN A 38 -7.64 -3.01 -1.58
C ASN A 38 -7.04 -2.14 -0.49
N GLU A 39 -7.23 -2.54 0.74
CA GLU A 39 -6.76 -1.81 1.92
C GLU A 39 -5.26 -1.54 1.89
N GLY A 40 -4.48 -2.57 1.65
CA GLY A 40 -3.05 -2.42 1.65
C GLY A 40 -2.49 -2.06 0.30
N TYR A 41 -3.31 -1.53 -0.58
CA TYR A 41 -2.86 -1.15 -1.91
C TYR A 41 -3.47 0.18 -2.30
N GLN A 42 -2.87 0.85 -3.24
CA GLN A 42 -3.38 2.10 -3.70
C GLN A 42 -3.14 2.27 -5.16
N LEU A 43 -3.88 3.12 -5.77
CA LEU A 43 -3.79 3.31 -7.17
C LEU A 43 -2.60 4.23 -7.44
N LEU A 44 -1.69 3.75 -8.22
CA LEU A 44 -0.53 4.47 -8.57
C LEU A 44 -0.68 4.88 -10.03
N GLY A 45 -0.51 6.13 -10.28
CA GLY A 45 -0.67 6.65 -11.61
C GLY A 45 -1.85 7.57 -11.69
N GLU A 46 -2.08 8.11 -12.85
CA GLU A 46 -3.16 9.05 -13.06
C GLU A 46 -4.39 8.30 -13.55
N ILE A 47 -4.12 7.23 -14.25
CA ILE A 47 -5.15 6.41 -14.81
C ILE A 47 -5.58 5.37 -13.79
N ASN A 48 -6.85 5.35 -13.45
CA ASN A 48 -7.36 4.38 -12.50
C ASN A 48 -8.48 3.62 -13.13
N TYR A 49 -8.76 3.91 -14.35
CA TYR A 49 -9.92 3.40 -14.99
C TYR A 49 -9.59 3.00 -16.42
N ARG A 50 -10.43 2.25 -17.04
CA ARG A 50 -10.31 1.96 -18.44
C ARG A 50 -11.63 2.28 -19.08
N GLU A 51 -11.63 2.96 -20.17
CA GLU A 51 -12.88 3.33 -20.81
C GLU A 51 -13.10 2.43 -22.01
N CYS A 52 -14.24 1.79 -22.12
CA CYS A 52 -14.45 0.99 -23.30
C CYS A 52 -14.92 1.85 -24.45
N ASP A 53 -14.02 2.10 -25.37
CA ASP A 53 -14.32 2.86 -26.56
C ASP A 53 -14.61 1.86 -27.66
N THR A 54 -14.69 2.29 -28.89
CA THR A 54 -15.05 1.44 -30.00
C THR A 54 -13.97 0.36 -30.27
N ASP A 55 -12.75 0.63 -29.83
CA ASP A 55 -11.65 -0.31 -30.00
C ASP A 55 -11.58 -1.26 -28.81
N GLY A 56 -12.36 -0.97 -27.80
CA GLY A 56 -12.35 -1.75 -26.60
C GLY A 56 -11.85 -0.93 -25.46
N TRP A 57 -11.41 -1.60 -24.41
CA TRP A 57 -10.91 -0.93 -23.21
C TRP A 57 -9.66 -0.12 -23.49
N THR A 58 -9.77 1.18 -23.37
CA THR A 58 -8.65 2.06 -23.55
C THR A 58 -7.73 1.96 -22.35
N ASN A 59 -6.61 2.66 -22.42
CA ASN A 59 -5.61 2.71 -21.36
C ASN A 59 -5.10 1.28 -21.17
N ASP A 60 -4.73 0.96 -19.98
CA ASP A 60 -4.41 -0.40 -19.65
C ASP A 60 -4.88 -0.58 -18.25
N ILE A 61 -4.58 -1.69 -17.69
CA ILE A 61 -4.85 -1.98 -16.33
C ILE A 61 -3.99 -1.04 -15.47
N PRO A 62 -4.64 -0.20 -14.64
CA PRO A 62 -3.94 0.76 -13.80
C PRO A 62 -3.03 0.07 -12.80
N ILE A 63 -2.14 0.83 -12.25
CA ILE A 63 -1.16 0.26 -11.40
C ILE A 63 -1.61 0.34 -9.98
N CYS A 64 -1.66 -0.77 -9.38
CA CYS A 64 -2.00 -0.85 -8.01
C CYS A 64 -0.74 -1.16 -7.28
N GLU A 65 -0.28 -0.20 -6.56
CA GLU A 65 0.94 -0.30 -5.87
C GLU A 65 0.64 -0.60 -4.44
N VAL A 66 1.52 -1.27 -3.80
CA VAL A 66 1.35 -1.67 -2.45
C VAL A 66 1.55 -0.48 -1.57
N VAL A 67 0.70 -0.36 -0.61
CA VAL A 67 0.81 0.66 0.39
C VAL A 67 2.03 0.31 1.21
N LYS A 68 3.03 1.12 1.09
CA LYS A 68 4.27 0.86 1.74
C LYS A 68 4.70 2.08 2.48
N CYS A 69 5.57 1.92 3.37
CA CYS A 69 6.03 2.98 4.18
C CYS A 69 7.54 3.04 4.20
N LEU A 70 8.07 4.15 4.64
CA LEU A 70 9.50 4.38 4.63
C LEU A 70 10.26 3.55 5.64
N PRO A 71 11.46 3.11 5.24
CA PRO A 71 12.36 2.37 6.10
C PRO A 71 12.80 3.25 7.27
N VAL A 72 12.49 2.81 8.45
CA VAL A 72 12.73 3.57 9.65
C VAL A 72 14.18 3.46 10.06
N THR A 73 14.66 4.48 10.70
CA THR A 73 15.93 4.44 11.32
C THR A 73 15.75 3.87 12.76
N ALA A 74 16.67 4.12 13.62
CA ALA A 74 16.65 3.49 14.94
C ALA A 74 16.78 4.55 16.01
N PRO A 75 16.24 4.33 17.22
CA PRO A 75 16.36 5.27 18.31
C PRO A 75 17.80 5.41 18.80
N GLU A 76 18.03 6.50 19.48
CA GLU A 76 19.33 6.93 19.99
C GLU A 76 20.10 5.86 20.75
N ASN A 77 19.44 5.16 21.63
CA ASN A 77 20.08 4.14 22.43
C ASN A 77 19.33 2.86 22.29
N GLY A 78 18.69 2.73 21.17
CA GLY A 78 17.93 1.55 20.91
C GLY A 78 18.23 1.01 19.55
N LYS A 79 17.46 0.07 19.11
CA LYS A 79 17.63 -0.58 17.85
C LYS A 79 16.30 -1.20 17.44
N ILE A 80 16.22 -1.69 16.23
CA ILE A 80 14.98 -2.26 15.72
C ILE A 80 14.97 -3.80 15.88
N VAL A 81 13.87 -4.36 16.41
CA VAL A 81 13.74 -5.82 16.57
C VAL A 81 13.46 -6.44 15.19
N SER A 82 12.65 -5.72 14.40
CA SER A 82 12.18 -6.12 13.09
C SER A 82 13.22 -5.70 12.03
N SER A 83 14.48 -5.76 12.44
CA SER A 83 15.61 -5.34 11.65
C SER A 83 15.78 -6.24 10.42
N ALA A 84 16.63 -5.80 9.49
CA ALA A 84 16.87 -6.46 8.22
C ALA A 84 15.65 -6.41 7.34
N MET A 85 15.65 -5.46 6.49
CA MET A 85 14.61 -5.24 5.57
C MET A 85 15.17 -5.63 4.27
N GLU A 86 14.73 -6.70 3.81
CA GLU A 86 15.28 -7.33 2.67
C GLU A 86 14.74 -6.68 1.39
N PRO A 87 15.49 -6.76 0.26
CA PRO A 87 15.08 -6.14 -1.02
C PRO A 87 13.72 -6.62 -1.53
N ASP A 88 13.26 -7.77 -1.08
CA ASP A 88 11.96 -8.27 -1.50
C ASP A 88 10.96 -7.93 -0.44
N ARG A 89 11.41 -8.03 0.79
CA ARG A 89 10.55 -7.83 1.90
C ARG A 89 10.73 -6.44 2.49
N GLU A 90 10.26 -5.45 1.77
CA GLU A 90 10.29 -4.10 2.28
C GLU A 90 9.05 -3.88 3.12
N TYR A 91 9.00 -2.77 3.83
CA TYR A 91 7.89 -2.48 4.71
C TYR A 91 6.61 -2.22 3.94
N HIS A 92 5.74 -3.20 3.96
CA HIS A 92 4.47 -3.11 3.30
C HIS A 92 3.41 -2.90 4.36
N PHE A 93 2.24 -2.47 3.96
CA PHE A 93 1.09 -2.35 4.84
C PHE A 93 0.87 -3.65 5.58
N GLY A 94 0.77 -3.57 6.87
CA GLY A 94 0.57 -4.75 7.65
C GLY A 94 1.75 -5.02 8.53
N GLN A 95 2.94 -4.68 8.05
CA GLN A 95 4.15 -4.89 8.81
C GLN A 95 4.20 -3.92 9.98
N ALA A 96 4.87 -4.33 11.01
CA ALA A 96 5.02 -3.55 12.20
C ALA A 96 6.45 -3.61 12.66
N VAL A 97 7.01 -2.48 12.94
CA VAL A 97 8.39 -2.38 13.35
C VAL A 97 8.44 -2.22 14.85
N ARG A 98 9.00 -3.21 15.51
CA ARG A 98 9.15 -3.13 16.92
C ARG A 98 10.59 -2.77 17.26
N PHE A 99 10.76 -1.99 18.28
CA PHE A 99 12.06 -1.49 18.69
C PHE A 99 12.47 -2.09 20.02
N VAL A 100 13.75 -2.03 20.27
CA VAL A 100 14.34 -2.52 21.49
C VAL A 100 15.25 -1.48 22.04
N CYS A 101 15.28 -1.38 23.31
CA CYS A 101 16.19 -0.52 23.98
C CYS A 101 17.32 -1.34 24.53
N ASN A 102 18.53 -0.89 24.28
CA ASN A 102 19.72 -1.61 24.72
C ASN A 102 19.76 -1.73 26.21
N SER A 103 20.57 -2.64 26.65
CA SER A 103 20.73 -3.01 28.02
C SER A 103 20.86 -1.79 28.97
N GLY A 104 19.81 -1.53 29.72
CA GLY A 104 19.79 -0.45 30.65
C GLY A 104 18.77 0.62 30.31
N TYR A 105 18.28 0.61 29.09
CA TYR A 105 17.34 1.63 28.68
C TYR A 105 15.94 1.09 28.63
N LYS A 106 15.01 1.98 28.76
CA LYS A 106 13.62 1.66 28.70
C LYS A 106 13.00 2.53 27.65
N ILE A 107 12.02 2.02 26.99
CA ILE A 107 11.44 2.76 25.96
C ILE A 107 10.46 3.80 26.50
N GLU A 108 10.54 4.96 25.94
CA GLU A 108 9.74 6.09 26.35
C GLU A 108 8.38 5.99 25.69
N GLY A 109 8.41 5.81 24.40
CA GLY A 109 7.20 5.66 23.64
C GLY A 109 6.75 4.23 23.62
N ASP A 110 6.06 3.86 22.60
CA ASP A 110 5.60 2.51 22.43
C ASP A 110 6.65 1.80 21.61
N GLU A 111 6.65 0.51 21.60
CA GLU A 111 7.74 -0.16 20.98
C GLU A 111 7.44 -0.64 19.60
N GLU A 112 6.27 -0.34 19.09
CA GLU A 112 5.90 -0.90 17.81
C GLU A 112 5.08 0.02 16.92
N MET A 113 5.61 0.28 15.75
CA MET A 113 4.92 1.11 14.78
C MET A 113 4.35 0.26 13.67
N HIS A 114 3.11 0.48 13.35
CA HIS A 114 2.41 -0.31 12.34
C HIS A 114 2.23 0.50 11.07
N CYS A 115 2.49 -0.12 9.94
CA CYS A 115 2.31 0.54 8.66
C CYS A 115 0.81 0.66 8.41
N SER A 116 0.32 1.88 8.42
CA SER A 116 -1.10 2.15 8.34
C SER A 116 -1.55 2.43 6.89
N ASP A 117 -2.89 2.54 6.72
CA ASP A 117 -3.62 2.63 5.42
C ASP A 117 -2.99 3.56 4.41
N ASP A 118 -2.55 4.71 4.85
CA ASP A 118 -2.04 5.72 3.91
C ASP A 118 -0.53 5.63 3.69
N GLY A 119 0.07 4.55 4.13
CA GLY A 119 1.49 4.34 3.90
C GLY A 119 2.35 5.12 4.84
N PHE A 120 2.03 5.08 6.09
CA PHE A 120 2.79 5.78 7.09
C PHE A 120 2.80 4.94 8.34
N TRP A 121 3.74 5.20 9.20
CA TRP A 121 3.79 4.50 10.45
C TRP A 121 2.83 5.15 11.43
N SER A 122 2.04 4.33 12.09
CA SER A 122 1.05 4.79 13.05
C SER A 122 1.71 5.42 14.27
N LYS A 123 2.94 5.05 14.47
CA LYS A 123 3.69 5.50 15.59
C LYS A 123 4.92 6.21 15.13
N GLU A 124 5.35 7.12 15.94
CA GLU A 124 6.55 7.85 15.66
C GLU A 124 7.70 7.10 16.27
N LYS A 125 8.91 7.46 15.89
CA LYS A 125 10.08 6.79 16.43
C LYS A 125 10.20 7.03 17.93
N PRO A 126 10.16 5.96 18.72
CA PRO A 126 10.26 6.05 20.15
C PRO A 126 11.70 6.27 20.62
N LYS A 127 11.85 6.61 21.87
CA LYS A 127 13.12 6.93 22.42
C LYS A 127 13.44 5.96 23.56
N CYS A 128 14.70 5.71 23.77
CA CYS A 128 15.19 4.86 24.84
C CYS A 128 15.90 5.73 25.85
N VAL A 129 15.39 5.72 27.05
CA VAL A 129 15.89 6.57 28.10
C VAL A 129 16.17 5.73 29.34
N PRO A 7 -19.12 -7.42 -24.43
CA PRO A 7 -18.56 -7.29 -25.80
C PRO A 7 -17.10 -6.85 -25.75
N CYS A 8 -16.74 -6.19 -24.67
CA CYS A 8 -15.39 -5.71 -24.46
C CYS A 8 -14.57 -6.85 -23.90
N GLY A 9 -15.22 -7.66 -23.14
CA GLY A 9 -14.64 -8.84 -22.64
C GLY A 9 -14.62 -8.80 -21.18
N HIS A 10 -13.59 -8.24 -20.70
CA HIS A 10 -13.28 -8.21 -19.32
C HIS A 10 -12.02 -7.35 -19.16
N PRO A 11 -12.00 -6.43 -18.18
CA PRO A 11 -10.86 -5.53 -17.98
C PRO A 11 -9.85 -6.07 -16.99
N GLY A 12 -10.17 -7.16 -16.38
CA GLY A 12 -9.28 -7.77 -15.43
C GLY A 12 -9.80 -7.57 -14.05
N ASP A 13 -9.15 -8.14 -13.09
CA ASP A 13 -9.50 -7.99 -11.70
C ASP A 13 -8.25 -8.15 -10.91
N THR A 14 -8.22 -7.54 -9.77
CA THR A 14 -7.04 -7.54 -8.97
C THR A 14 -7.30 -8.06 -7.56
N PRO A 15 -6.35 -8.83 -7.01
CA PRO A 15 -6.39 -9.29 -5.62
C PRO A 15 -5.92 -8.18 -4.65
N PHE A 16 -5.31 -7.13 -5.21
CA PHE A 16 -4.78 -6.00 -4.42
C PHE A 16 -5.85 -4.97 -4.15
N GLY A 17 -7.02 -5.26 -4.60
CA GLY A 17 -8.10 -4.37 -4.44
C GLY A 17 -9.27 -4.88 -5.15
N THR A 18 -9.81 -4.07 -5.96
CA THR A 18 -10.94 -4.43 -6.77
C THR A 18 -11.08 -3.39 -7.89
N PHE A 19 -12.20 -3.38 -8.56
CA PHE A 19 -12.46 -2.43 -9.60
C PHE A 19 -13.96 -2.23 -9.68
N THR A 20 -14.36 -1.14 -10.23
CA THR A 20 -15.75 -0.81 -10.38
C THR A 20 -15.97 -0.46 -11.85
N LEU A 21 -17.17 -0.54 -12.28
CA LEU A 21 -17.53 -0.24 -13.62
C LEU A 21 -18.45 0.95 -13.62
N THR A 22 -18.12 1.92 -14.40
CA THR A 22 -18.85 3.15 -14.44
C THR A 22 -19.44 3.38 -15.83
N GLY A 23 -20.73 3.60 -15.86
CA GLY A 23 -21.43 3.81 -17.09
C GLY A 23 -22.53 2.80 -17.28
N GLY A 24 -22.14 1.52 -17.28
CA GLY A 24 -23.11 0.46 -17.50
C GLY A 24 -23.02 -0.66 -16.47
N ASN A 25 -22.05 -0.56 -15.56
CA ASN A 25 -21.76 -1.54 -14.49
C ASN A 25 -21.56 -2.98 -15.05
N VAL A 26 -21.08 -3.06 -16.28
CA VAL A 26 -20.82 -4.33 -16.96
C VAL A 26 -19.67 -4.10 -17.90
N PHE A 27 -19.32 -5.08 -18.71
CA PHE A 27 -18.18 -4.92 -19.62
C PHE A 27 -18.66 -4.60 -21.02
N GLU A 28 -19.63 -3.70 -21.09
CA GLU A 28 -20.22 -3.22 -22.34
C GLU A 28 -19.41 -2.08 -22.95
N TYR A 29 -19.83 -1.62 -24.09
CA TYR A 29 -19.18 -0.49 -24.73
C TYR A 29 -19.55 0.82 -24.07
N GLY A 30 -18.55 1.63 -23.79
CA GLY A 30 -18.76 2.91 -23.17
C GLY A 30 -18.64 2.85 -21.67
N VAL A 31 -18.25 1.71 -21.15
CA VAL A 31 -18.12 1.58 -19.71
C VAL A 31 -16.65 1.76 -19.35
N LYS A 32 -16.41 2.31 -18.20
CA LYS A 32 -15.10 2.49 -17.71
C LYS A 32 -14.87 1.55 -16.56
N ALA A 33 -13.79 0.85 -16.62
CA ALA A 33 -13.39 -0.02 -15.56
C ALA A 33 -12.44 0.74 -14.67
N VAL A 34 -12.96 1.30 -13.63
CA VAL A 34 -12.25 2.08 -12.72
C VAL A 34 -11.71 1.18 -11.63
N TYR A 35 -10.44 1.05 -11.61
CA TYR A 35 -9.73 0.21 -10.68
C TYR A 35 -9.58 0.96 -9.36
N THR A 36 -9.78 0.26 -8.28
CA THR A 36 -9.62 0.85 -7.00
C THR A 36 -8.90 -0.13 -6.08
N CYS A 37 -7.78 0.28 -5.58
CA CYS A 37 -6.99 -0.55 -4.71
C CYS A 37 -7.61 -0.66 -3.32
N ASN A 38 -7.23 -1.68 -2.58
CA ASN A 38 -7.69 -1.85 -1.21
C ASN A 38 -6.94 -0.92 -0.29
N GLU A 39 -7.31 -0.94 0.98
CA GLU A 39 -6.74 -0.07 2.05
C GLU A 39 -5.20 0.03 2.03
N GLY A 40 -4.54 -1.10 1.90
CA GLY A 40 -3.10 -1.10 1.95
C GLY A 40 -2.44 -0.81 0.63
N TYR A 41 -3.23 -0.49 -0.35
CA TYR A 41 -2.73 -0.26 -1.67
C TYR A 41 -3.27 1.03 -2.19
N GLN A 42 -2.68 1.54 -3.23
CA GLN A 42 -3.12 2.77 -3.81
C GLN A 42 -2.89 2.76 -5.29
N LEU A 43 -3.65 3.55 -5.96
CA LEU A 43 -3.54 3.66 -7.38
C LEU A 43 -2.32 4.53 -7.65
N LEU A 44 -1.47 4.09 -8.51
CA LEU A 44 -0.30 4.82 -8.84
C LEU A 44 -0.35 5.13 -10.33
N GLY A 45 -0.14 6.36 -10.67
CA GLY A 45 -0.18 6.76 -12.04
C GLY A 45 -1.44 7.51 -12.37
N GLU A 46 -1.61 7.83 -13.62
CA GLU A 46 -2.75 8.58 -14.08
C GLU A 46 -3.86 7.63 -14.50
N ILE A 47 -3.46 6.47 -14.93
CA ILE A 47 -4.39 5.49 -15.40
C ILE A 47 -4.97 4.73 -14.22
N ASN A 48 -6.24 4.89 -14.02
CA ASN A 48 -6.96 4.25 -12.94
C ASN A 48 -8.20 3.61 -13.53
N TYR A 49 -8.29 3.63 -14.83
CA TYR A 49 -9.48 3.19 -15.49
C TYR A 49 -9.14 2.66 -16.86
N ARG A 50 -9.99 1.83 -17.35
CA ARG A 50 -9.94 1.36 -18.70
C ARG A 50 -11.24 1.75 -19.30
N GLU A 51 -11.22 2.44 -20.37
CA GLU A 51 -12.44 2.86 -21.00
C GLU A 51 -12.70 1.95 -22.17
N CYS A 52 -13.87 1.37 -22.24
CA CYS A 52 -14.17 0.57 -23.39
C CYS A 52 -14.71 1.44 -24.50
N ASP A 53 -13.87 1.76 -25.45
CA ASP A 53 -14.26 2.52 -26.64
C ASP A 53 -14.45 1.47 -27.73
N THR A 54 -14.52 1.87 -28.97
CA THR A 54 -14.77 0.93 -30.06
C THR A 54 -13.64 -0.10 -30.20
N ASP A 55 -12.45 0.22 -29.72
CA ASP A 55 -11.32 -0.71 -29.72
C ASP A 55 -11.43 -1.70 -28.56
N GLY A 56 -12.30 -1.40 -27.64
CA GLY A 56 -12.44 -2.18 -26.46
C GLY A 56 -11.83 -1.44 -25.33
N TRP A 57 -11.28 -2.15 -24.37
CA TRP A 57 -10.62 -1.50 -23.27
C TRP A 57 -9.35 -0.85 -23.80
N THR A 58 -9.35 0.46 -23.84
CA THR A 58 -8.24 1.21 -24.35
C THR A 58 -6.97 0.98 -23.53
N ASN A 59 -6.98 1.45 -22.31
CA ASN A 59 -5.87 1.27 -21.40
C ASN A 59 -5.87 -0.14 -20.88
N ASP A 60 -4.90 -0.46 -20.09
CA ASP A 60 -4.81 -1.79 -19.51
C ASP A 60 -5.13 -1.65 -18.04
N ILE A 61 -4.90 -2.67 -17.31
CA ILE A 61 -5.08 -2.69 -15.89
C ILE A 61 -4.17 -1.63 -15.23
N PRO A 62 -4.79 -0.64 -14.56
CA PRO A 62 -4.07 0.44 -13.85
C PRO A 62 -3.01 -0.06 -12.87
N ILE A 63 -2.17 0.84 -12.44
CA ILE A 63 -1.05 0.49 -11.59
C ILE A 63 -1.47 0.60 -10.14
N CYS A 64 -1.19 -0.41 -9.39
CA CYS A 64 -1.53 -0.41 -8.00
C CYS A 64 -0.28 -0.65 -7.21
N GLU A 65 0.10 0.31 -6.46
CA GLU A 65 1.28 0.23 -5.71
C GLU A 65 0.88 0.14 -4.26
N VAL A 66 1.67 -0.52 -3.48
CA VAL A 66 1.38 -0.67 -2.10
C VAL A 66 1.65 0.65 -1.41
N VAL A 67 0.84 0.98 -0.43
CA VAL A 67 1.05 2.19 0.32
C VAL A 67 2.32 2.00 1.13
N LYS A 68 3.26 2.87 0.96
CA LYS A 68 4.52 2.75 1.62
C LYS A 68 4.67 3.81 2.67
N CYS A 69 5.22 3.42 3.77
CA CYS A 69 5.41 4.33 4.86
C CYS A 69 6.89 4.75 4.87
N LEU A 70 7.13 6.01 5.26
CA LEU A 70 8.44 6.60 5.35
C LEU A 70 9.39 5.70 6.13
N PRO A 71 10.56 5.45 5.57
CA PRO A 71 11.57 4.59 6.17
C PRO A 71 12.01 5.04 7.55
N VAL A 72 11.63 4.27 8.54
CA VAL A 72 12.02 4.53 9.89
C VAL A 72 13.39 3.96 10.13
N THR A 73 14.16 4.66 10.89
CA THR A 73 15.46 4.23 11.28
C THR A 73 15.43 3.77 12.76
N ALA A 74 16.54 3.79 13.42
CA ALA A 74 16.66 3.20 14.72
C ALA A 74 16.60 4.29 15.74
N PRO A 75 16.12 4.00 16.94
CA PRO A 75 16.10 4.95 18.01
C PRO A 75 17.52 5.12 18.60
N GLU A 76 17.68 6.12 19.45
CA GLU A 76 18.97 6.49 20.05
C GLU A 76 19.74 5.32 20.68
N ASN A 77 19.11 4.62 21.59
CA ASN A 77 19.76 3.53 22.29
C ASN A 77 19.13 2.21 21.93
N GLY A 78 18.56 2.16 20.77
CA GLY A 78 17.94 0.94 20.33
C GLY A 78 18.10 0.73 18.86
N LYS A 79 17.45 -0.26 18.34
CA LYS A 79 17.55 -0.62 16.95
C LYS A 79 16.27 -1.31 16.54
N ILE A 80 16.13 -1.56 15.28
CA ILE A 80 14.92 -2.16 14.77
C ILE A 80 14.98 -3.69 14.86
N VAL A 81 13.91 -4.27 15.38
CA VAL A 81 13.74 -5.71 15.49
C VAL A 81 13.39 -6.29 14.14
N SER A 82 12.56 -5.57 13.43
CA SER A 82 12.12 -5.94 12.10
C SER A 82 13.16 -5.47 11.05
N SER A 83 14.43 -5.48 11.46
CA SER A 83 15.48 -4.93 10.65
C SER A 83 15.93 -5.87 9.54
N ALA A 84 15.20 -5.84 8.50
CA ALA A 84 15.57 -6.49 7.30
C ALA A 84 15.74 -5.40 6.29
N MET A 85 16.80 -4.67 6.45
CA MET A 85 17.07 -3.54 5.60
C MET A 85 17.73 -3.98 4.34
N GLU A 86 16.90 -4.40 3.45
CA GLU A 86 17.29 -4.94 2.19
C GLU A 86 16.64 -4.10 1.10
N PRO A 87 17.22 -4.07 -0.12
CA PRO A 87 16.67 -3.28 -1.25
C PRO A 87 15.22 -3.63 -1.61
N ASP A 88 14.81 -4.85 -1.30
CA ASP A 88 13.47 -5.32 -1.59
C ASP A 88 12.55 -5.06 -0.42
N ARG A 89 13.13 -5.16 0.76
CA ARG A 89 12.41 -5.00 1.97
C ARG A 89 12.25 -3.53 2.31
N GLU A 90 11.28 -2.93 1.69
CA GLU A 90 10.93 -1.56 1.95
C GLU A 90 9.68 -1.55 2.82
N TYR A 91 9.35 -0.43 3.41
CA TYR A 91 8.24 -0.38 4.33
C TYR A 91 6.91 -0.32 3.61
N HIS A 92 6.25 -1.44 3.60
CA HIS A 92 4.98 -1.60 2.95
C HIS A 92 3.90 -1.48 4.01
N PHE A 93 2.70 -1.11 3.61
CA PHE A 93 1.56 -1.13 4.51
C PHE A 93 1.40 -2.53 5.05
N GLY A 94 1.24 -2.63 6.33
CA GLY A 94 1.13 -3.90 6.96
C GLY A 94 2.31 -4.18 7.83
N GLN A 95 3.37 -3.41 7.67
CA GLN A 95 4.54 -3.61 8.48
C GLN A 95 4.34 -3.11 9.88
N ALA A 96 4.74 -3.92 10.79
CA ALA A 96 4.78 -3.61 12.17
C ALA A 96 6.24 -3.62 12.57
N VAL A 97 6.83 -2.47 12.54
CA VAL A 97 8.23 -2.31 12.82
C VAL A 97 8.43 -2.29 14.30
N ARG A 98 9.00 -3.32 14.81
CA ARG A 98 9.26 -3.38 16.19
C ARG A 98 10.70 -2.97 16.45
N PHE A 99 10.96 -2.52 17.65
CA PHE A 99 12.23 -1.98 18.05
C PHE A 99 12.70 -2.69 19.29
N VAL A 100 13.97 -2.67 19.49
CA VAL A 100 14.59 -3.28 20.62
C VAL A 100 15.57 -2.30 21.18
N CYS A 101 15.64 -2.26 22.45
CA CYS A 101 16.55 -1.41 23.14
C CYS A 101 17.69 -2.23 23.62
N ASN A 102 18.84 -1.61 23.80
CA ASN A 102 19.98 -2.33 24.32
C ASN A 102 19.70 -2.76 25.74
N SER A 103 20.49 -3.68 26.19
CA SER A 103 20.32 -4.41 27.45
C SER A 103 19.91 -3.58 28.68
N GLY A 104 20.35 -2.37 28.74
CA GLY A 104 20.03 -1.53 29.88
C GLY A 104 19.15 -0.36 29.53
N TYR A 105 18.43 -0.44 28.42
CA TYR A 105 17.56 0.62 28.03
C TYR A 105 16.16 0.14 27.87
N LYS A 106 15.24 1.02 28.10
CA LYS A 106 13.86 0.69 28.00
C LYS A 106 13.17 1.61 27.03
N ILE A 107 12.24 1.08 26.30
CA ILE A 107 11.58 1.84 25.31
C ILE A 107 10.58 2.82 25.93
N GLU A 108 10.53 3.99 25.35
CA GLU A 108 9.71 5.07 25.82
C GLU A 108 8.21 4.75 25.65
N GLY A 109 7.78 4.61 24.41
CA GLY A 109 6.40 4.32 24.14
C GLY A 109 6.18 2.88 23.77
N ASP A 110 5.59 2.64 22.61
CA ASP A 110 5.30 1.30 22.18
C ASP A 110 6.45 0.81 21.38
N GLU A 111 6.65 -0.49 21.35
CA GLU A 111 7.85 -1.02 20.74
C GLU A 111 7.63 -1.32 19.29
N GLU A 112 6.43 -1.15 18.84
CA GLU A 112 6.09 -1.46 17.48
C GLU A 112 5.26 -0.38 16.82
N MET A 113 5.67 0.00 15.64
CA MET A 113 4.94 0.95 14.84
C MET A 113 4.38 0.25 13.62
N HIS A 114 3.12 0.33 13.47
CA HIS A 114 2.44 -0.35 12.39
C HIS A 114 1.92 0.69 11.39
N CYS A 115 2.05 0.38 10.11
CA CYS A 115 1.51 1.22 9.05
C CYS A 115 -0.01 1.31 9.13
N SER A 116 -0.51 2.52 9.07
CA SER A 116 -1.92 2.81 9.09
C SER A 116 -2.39 3.14 7.65
N ASP A 117 -3.73 3.16 7.43
CA ASP A 117 -4.37 3.48 6.09
C ASP A 117 -3.82 4.78 5.55
N ASP A 118 -3.53 5.66 6.48
CA ASP A 118 -2.99 6.99 6.24
C ASP A 118 -1.68 6.94 5.46
N GLY A 119 -0.96 5.83 5.57
CA GLY A 119 0.34 5.72 4.95
C GLY A 119 1.41 6.19 5.90
N PHE A 120 1.04 6.30 7.15
CA PHE A 120 1.92 6.75 8.18
C PHE A 120 1.97 5.73 9.28
N TRP A 121 2.88 5.92 10.20
CA TRP A 121 3.08 5.01 11.28
C TRP A 121 2.13 5.31 12.43
N SER A 122 1.65 4.27 13.08
CA SER A 122 0.79 4.38 14.25
C SER A 122 1.53 5.12 15.37
N LYS A 123 2.75 4.67 15.68
CA LYS A 123 3.58 5.37 16.63
C LYS A 123 4.64 6.10 15.88
N GLU A 124 5.15 7.12 16.50
CA GLU A 124 6.32 7.79 15.97
C GLU A 124 7.54 7.09 16.56
N LYS A 125 8.76 7.41 16.10
CA LYS A 125 9.93 6.69 16.59
C LYS A 125 10.09 6.89 18.10
N PRO A 126 10.11 5.80 18.86
CA PRO A 126 10.28 5.87 20.28
C PRO A 126 11.74 6.08 20.65
N LYS A 127 12.01 6.02 21.91
CA LYS A 127 13.35 6.16 22.38
C LYS A 127 13.65 4.99 23.23
N CYS A 128 14.87 4.76 23.42
CA CYS A 128 15.34 3.80 24.36
C CYS A 128 16.10 4.55 25.39
N VAL A 129 15.51 4.72 26.51
CA VAL A 129 16.03 5.53 27.55
C VAL A 129 16.46 4.67 28.71
#